data_7XJ6
#
_entry.id   7XJ6
#
_cell.length_a   1.00
_cell.length_b   1.00
_cell.length_c   1.00
_cell.angle_alpha   90.00
_cell.angle_beta   90.00
_cell.angle_gamma   90.00
#
_symmetry.space_group_name_H-M   'P 1'
#
loop_
_entity.id
_entity.type
_entity.pdbx_description
1 polymer 'Spike glycoprotein'
2 polymer '55A8 light chain'
3 polymer '55A8 heavy chain'
4 polymer '58G6 light chain'
5 polymer '58G6 heavy chain'
6 branched 2-acetamido-2-deoxy-beta-D-glucopyranose-(1-4)-2-acetamido-2-deoxy-beta-D-glucopyranose
7 non-polymer 2-acetamido-2-deoxy-beta-D-glucopyranose
#
loop_
_entity_poly.entity_id
_entity_poly.type
_entity_poly.pdbx_seq_one_letter_code
_entity_poly.pdbx_strand_id
1 'polypeptide(L)'
;MFVFLVLLPLVSSQCVNLTTRTQLPPAYTNSFTRGVYYPDKVFRSSVLHSTQDLFLPFFSNVTWFHVISGTNGTKRFDNP
VLPFNDGVYFASIEKSNIIRGWIFGTTLDSKTQSLLIVNNATNVVIKVCEFQFCNDPFLDHKNNKSWMESEFRVYSSANN
CTFEYVSQPFLMDLEGKQGNFKNLREFVFKNIDGYFKIYSKHTPIIVREPEDLPQGFSALEPLVDLPIGINITRFQTLLA
LHRSYLTPGDSSSGWTAGAAAYYVGYLQPRTFLLKYNENGTITDAVDCALDPLSETKCTLKSFTVEKGIYQTSNFRVQPT
ESIVRFPNITNLCPFDEVFNATRFASVYAWNRKRISNCVADYSVLYNLAPFFTFKCYGVSPTKLNDLCFTNVYADSFVIR
GDEVRQIAPGQTGNIADYNYKLPDDFTGCVIAWNSNKLDSKVSGNYNYLYRLFRKSNLKPFERDISTEIYQAGNKPCNGV
AGFNCYFPLRSYSFRPTYGVGHQPYRVVVLSFELLHAPATVCGPKKSTNLVKNKCVNFNFNGLKGTGVLTESNKKFLPFQ
QFGRDIADTTDAVRDPQTLEILDITPCSFGGVSVITPGTNTSNQVAVLYQGVNCTEVPVAIHADQLTPTWRVYSTGSNVF
QTRAGCLIGAEYVNNSYECDIPIGAGICASYQTQTKSHGSASSVASQSIIAYTMSLGAENSVAYSNNSIAIPTNFTISVT
TEILPVSMTKTSVDCTMYICGDSTECSNLLLQYGSFCTQLKRALTGIAVEQDKNTQEVFAQVKQIYKTPPIKYFGGFNFS
QILPDPSKPSKRSPIEDLLFNKVTLADAGFIKQYGDCLGDIAARDLICAQKFKGLTVLPPLLTDEMIAQYTSALLAGTIT
SGWTFGAGPALQIPFPMQMAYRFNGIGVTQNVLYENQKLIANQFNSAIGKIQDSLSSTPSALGKLQDVVNHNAQALNTLV
KQLSSKFGAISSVLNDIFSRLDPPEAEVQIDRLITGRLQSLQTYVTQQLIRAAEIRASANLAATKMSECVLGQSKRVDFC
GKGYHLMSFPQSAPHGVVFLHVTYVPAQEKNFTTAPAICHDGKAHFPREGVFVSNGTHWFVTQRNFYEPQIITTDNTFVS
GNCDVVIGIVNNTVYDPLQPELDSFKEELDKYFKNHTSPDVDLGDISGINASVVNIQKEIDRLNEVAKNLNESLIDLQEL
GKYEQGSGYIPEAPRDGQAYVRKDGEWVFLSTFLSGLEVLFQGPGGWSHPQFEKGGGSGGGSGGSAWSHPQFEKGGSHHH
HHHHH
;
A,B,C
2 'polypeptide(L)'
;DIQMTQSPSTLSASVGDRVTITCRASQSISSWLAWYQQKPGKAPKLLIYKASSLESGVPSRFSGSGSGTEFTLTISSLQP
DDFATYYCQQYNSYSHTFGQGTKLEIKR
;
D,F,H
3 'polypeptide(L)'
;QVQLVQSGAEVKKPGSSVKVSCKASGGTFSSYSFIWVRQAPGQGLEWMGRIIPILGIANYAQKFQGRVTITADKSTTTAY
MELSSLRSEDTAVYYCARGTEYGDYDVSHDWGQGTLVTVSS
;
E,G,I
4 'polypeptide(L)'
;EIVLTQSPGTLSLSPGERATLSCRASQSVRSSYLGWYQQKPGQAPRLLIYGASSRATGIPDRFSGSGSGTDFTLTISRLE
SEDFAVYYCQQYDNSPWTFGQGTKVE
;
J
5 'polypeptide(L)'
;QMQLVQSGPEVKKPGTSVKVSCKASGFTFSSSAVQWVRQARGQHLEWIGWIVVGSGNTNYAQKFQERVTLTRDMSTRTAY
MELSSLRSEDTAVYYCAAPNCNSTTCHDGFDIWGQGTVVTVSS
;
K
#
# COMPACT_ATOMS: atom_id res chain seq x y z
N CYS A 15 26.78 54.31 5.26
CA CYS A 15 25.98 54.02 6.44
C CYS A 15 26.15 55.13 7.48
N VAL A 16 25.10 55.34 8.28
CA VAL A 16 25.10 56.37 9.32
C VAL A 16 24.68 55.73 10.63
N ASN A 17 25.46 55.93 11.68
CA ASN A 17 25.11 55.43 12.99
C ASN A 17 24.27 56.45 13.73
N LEU A 18 23.12 56.03 14.24
CA LEU A 18 22.18 56.90 14.92
C LEU A 18 22.26 56.65 16.43
N THR A 19 22.52 57.70 17.19
CA THR A 19 22.58 57.64 18.65
C THR A 19 21.48 58.47 19.30
N THR A 20 20.55 59.00 18.51
CA THR A 20 19.45 59.81 19.02
C THR A 20 18.29 58.97 19.52
N ARG A 21 18.50 57.66 19.69
CA ARG A 21 17.43 56.78 20.12
C ARG A 21 17.03 57.07 21.57
N THR A 22 15.72 56.99 21.82
CA THR A 22 15.16 57.06 23.16
C THR A 22 14.77 55.65 23.57
N GLN A 23 15.44 55.11 24.58
CA GLN A 23 15.27 53.70 24.96
C GLN A 23 14.03 53.53 25.80
N LEU A 24 13.05 52.80 25.29
CA LEU A 24 11.85 52.43 26.01
C LEU A 24 11.56 50.96 25.78
N PRO A 25 10.98 50.26 26.75
CA PRO A 25 10.61 48.87 26.54
C PRO A 25 9.48 48.77 25.54
N PRO A 26 9.44 47.70 24.73
CA PRO A 26 8.33 47.52 23.79
C PRO A 26 7.04 47.22 24.54
N ALA A 27 6.03 48.03 24.27
CA ALA A 27 4.72 47.88 24.90
C ALA A 27 3.99 46.67 24.33
N TYR A 28 2.84 46.36 24.94
CA TYR A 28 2.01 45.24 24.54
C TYR A 28 0.56 45.68 24.44
N THR A 29 -0.23 44.92 23.68
CA THR A 29 -1.67 45.16 23.57
C THR A 29 -2.35 43.85 23.19
N ASN A 30 -3.62 43.95 22.82
CA ASN A 30 -4.46 42.77 22.59
C ASN A 30 -4.73 42.59 21.10
N SER A 31 -4.57 41.36 20.62
CA SER A 31 -4.77 41.05 19.22
C SER A 31 -6.24 40.99 18.81
N PHE A 32 -7.14 40.74 19.76
CA PHE A 32 -8.58 40.62 19.51
C PHE A 32 -8.79 39.50 18.49
N THR A 33 -9.53 39.72 17.42
CA THR A 33 -9.84 38.70 16.43
C THR A 33 -9.32 39.08 15.05
N ARG A 34 -8.07 39.54 14.99
CA ARG A 34 -7.47 39.97 13.74
C ARG A 34 -6.46 38.93 13.26
N GLY A 35 -6.18 38.98 11.95
CA GLY A 35 -5.12 38.16 11.39
C GLY A 35 -5.60 36.84 10.81
N VAL A 36 -6.68 36.86 10.05
CA VAL A 36 -7.22 35.68 9.40
C VAL A 36 -7.20 35.88 7.89
N TYR A 37 -6.67 34.89 7.17
CA TYR A 37 -6.48 34.99 5.73
C TYR A 37 -7.11 33.80 5.04
N TYR A 38 -7.20 33.89 3.72
CA TYR A 38 -7.75 32.78 2.93
C TYR A 38 -6.73 31.65 2.85
N PRO A 39 -7.04 30.46 3.34
CA PRO A 39 -6.03 29.38 3.33
C PRO A 39 -5.57 28.97 1.95
N ASP A 40 -6.45 28.99 0.95
CA ASP A 40 -6.09 28.45 -0.36
C ASP A 40 -6.92 29.16 -1.43
N LYS A 41 -6.82 28.66 -2.66
CA LYS A 41 -7.40 29.31 -3.83
C LYS A 41 -8.84 28.88 -4.10
N VAL A 42 -9.33 27.85 -3.41
CA VAL A 42 -10.63 27.28 -3.71
C VAL A 42 -11.74 28.21 -3.24
N PHE A 43 -12.90 28.07 -3.85
CA PHE A 43 -14.04 28.93 -3.56
C PHE A 43 -15.16 28.12 -2.92
N ARG A 44 -15.68 28.61 -1.80
CA ARG A 44 -16.77 27.97 -1.09
C ARG A 44 -17.82 29.01 -0.75
N SER A 45 -19.09 28.59 -0.73
CA SER A 45 -20.20 29.49 -0.48
C SER A 45 -21.16 28.86 0.50
N SER A 46 -21.49 29.59 1.57
CA SER A 46 -22.46 29.15 2.58
C SER A 46 -22.06 27.82 3.20
N VAL A 47 -20.75 27.64 3.40
CA VAL A 47 -20.22 26.42 3.99
C VAL A 47 -19.29 26.79 5.14
N LEU A 48 -19.45 26.11 6.27
CA LEU A 48 -18.51 26.24 7.38
C LEU A 48 -17.39 25.21 7.20
N HIS A 49 -16.16 25.70 7.16
CA HIS A 49 -15.01 24.85 6.87
C HIS A 49 -14.02 24.91 8.01
N SER A 50 -13.46 23.76 8.36
CA SER A 50 -12.45 23.64 9.40
C SER A 50 -11.11 23.33 8.77
N THR A 51 -10.11 24.15 9.07
CA THR A 51 -8.79 24.02 8.47
C THR A 51 -7.73 24.04 9.56
N GLN A 52 -6.63 23.33 9.32
CA GLN A 52 -5.47 23.36 10.21
C GLN A 52 -4.32 24.01 9.46
N ASP A 53 -3.87 25.15 9.95
CA ASP A 53 -2.83 25.93 9.28
C ASP A 53 -2.25 26.92 10.28
N LEU A 54 -1.22 27.63 9.86
CA LEU A 54 -0.57 28.63 10.70
C LEU A 54 -1.48 29.86 10.79
N PHE A 55 -1.91 30.19 12.00
CA PHE A 55 -2.81 31.31 12.23
C PHE A 55 -2.33 32.12 13.43
N LEU A 56 -2.92 33.29 13.60
CA LEU A 56 -2.61 34.15 14.73
C LEU A 56 -3.65 33.91 15.82
N PRO A 57 -3.25 33.45 17.01
CA PRO A 57 -4.23 33.15 18.05
C PRO A 57 -5.03 34.38 18.48
N PHE A 58 -6.29 34.15 18.80
CA PHE A 58 -7.16 35.23 19.23
C PHE A 58 -6.81 35.68 20.65
N PHE A 59 -6.98 36.99 20.88
CA PHE A 59 -6.77 37.59 22.21
C PHE A 59 -5.38 37.29 22.75
N SER A 60 -4.36 37.49 21.92
CA SER A 60 -2.98 37.20 22.30
C SER A 60 -2.16 38.48 22.39
N ASN A 61 -1.04 38.39 23.10
CA ASN A 61 -0.08 39.49 23.14
C ASN A 61 0.44 39.80 21.74
N VAL A 62 0.43 41.07 21.38
CA VAL A 62 1.05 41.54 20.16
C VAL A 62 1.92 42.76 20.49
N THR A 63 3.17 42.72 20.07
CA THR A 63 4.13 43.74 20.45
C THR A 63 3.74 45.09 19.85
N TRP A 64 4.12 46.17 20.53
CA TRP A 64 3.79 47.53 20.10
C TRP A 64 5.08 48.33 19.99
N PHE A 65 5.24 49.01 18.85
CA PHE A 65 6.41 49.83 18.59
C PHE A 65 5.97 51.25 18.23
N HIS A 66 6.71 52.24 18.72
CA HIS A 66 6.44 53.64 18.44
C HIS A 66 7.64 54.29 17.77
N VAL A 67 7.36 55.10 16.75
CA VAL A 67 8.38 55.90 16.07
C VAL A 67 7.84 57.32 15.94
N ILE A 68 8.62 58.28 16.42
CA ILE A 68 8.24 59.68 16.36
C ILE A 68 9.47 60.58 16.53
N LYS A 75 11.73 61.67 20.39
CA LYS A 75 12.39 61.20 19.18
C LYS A 75 12.53 59.67 19.20
N ARG A 76 11.40 58.98 19.13
CA ARG A 76 11.39 57.53 19.15
C ARG A 76 11.87 56.99 17.80
N PHE A 77 12.84 56.08 17.84
CA PHE A 77 13.41 55.45 16.66
C PHE A 77 13.59 53.97 16.97
N ASP A 78 12.64 53.14 16.54
CA ASP A 78 12.65 51.71 16.85
C ASP A 78 12.88 50.93 15.56
N ASN A 79 14.11 50.42 15.40
CA ASN A 79 14.46 49.52 14.31
C ASN A 79 15.22 48.32 14.87
N PRO A 80 14.55 47.49 15.67
CA PRO A 80 15.21 46.31 16.23
C PRO A 80 15.17 45.14 15.25
N VAL A 81 16.02 44.16 15.53
CA VAL A 81 16.15 42.98 14.68
C VAL A 81 15.26 41.89 15.28
N LEU A 82 14.01 41.83 14.82
CA LEU A 82 13.04 40.88 15.33
C LEU A 82 13.24 39.51 14.69
N PRO A 83 12.96 38.43 15.41
CA PRO A 83 13.06 37.10 14.82
C PRO A 83 11.82 36.74 14.01
N PHE A 84 12.00 35.80 13.10
CA PHE A 84 10.93 35.41 12.18
C PHE A 84 10.12 34.23 12.69
N ASN A 85 10.77 33.21 13.23
CA ASN A 85 10.12 31.96 13.66
C ASN A 85 9.41 31.37 12.44
N ASP A 86 8.21 30.83 12.59
CA ASP A 86 7.49 30.19 11.49
C ASP A 86 6.57 31.15 10.73
N GLY A 87 6.53 32.41 11.13
CA GLY A 87 5.68 33.39 10.46
C GLY A 87 5.58 34.65 11.26
N VAL A 88 4.94 35.66 10.66
CA VAL A 88 4.77 36.95 11.29
C VAL A 88 3.54 37.63 10.72
N TYR A 89 2.77 38.29 11.59
CA TYR A 89 1.65 39.14 11.20
C TYR A 89 2.06 40.58 11.48
N PHE A 90 2.17 41.38 10.42
CA PHE A 90 2.69 42.74 10.52
C PHE A 90 1.55 43.71 10.24
N ALA A 91 1.02 44.31 11.30
CA ALA A 91 0.02 45.36 11.18
C ALA A 91 0.65 46.70 11.55
N SER A 92 0.26 47.74 10.81
CA SER A 92 0.86 49.06 10.99
C SER A 92 -0.19 50.13 10.72
N ILE A 93 -0.59 50.84 11.76
CA ILE A 93 -1.42 52.02 11.61
C ILE A 93 -0.47 53.17 11.28
N GLU A 94 -0.86 54.00 10.31
CA GLU A 94 0.06 55.00 9.78
C GLU A 94 -0.70 55.98 8.91
N LYS A 95 0.00 57.03 8.49
CA LYS A 95 -0.50 57.95 7.49
C LYS A 95 0.70 58.58 6.80
N SER A 96 0.47 59.10 5.60
CA SER A 96 1.50 59.69 4.75
C SER A 96 2.60 58.70 4.37
N ASN A 97 2.38 57.42 4.62
CA ASN A 97 3.24 56.33 4.15
C ASN A 97 4.66 56.46 4.70
N ILE A 98 4.76 56.39 6.02
CA ILE A 98 6.06 56.42 6.69
C ILE A 98 6.83 55.13 6.46
N ILE A 99 6.16 53.98 6.54
CA ILE A 99 6.82 52.70 6.34
C ILE A 99 6.98 52.44 4.86
N ARG A 100 8.08 51.78 4.48
CA ARG A 100 8.38 51.60 3.07
C ARG A 100 8.57 50.14 2.68
N GLY A 101 9.30 49.38 3.49
CA GLY A 101 9.65 48.03 3.08
C GLY A 101 10.27 47.24 4.21
N TRP A 102 10.92 46.14 3.84
CA TRP A 102 11.42 45.18 4.81
C TRP A 102 12.70 44.53 4.28
N ILE A 103 13.36 43.79 5.17
CA ILE A 103 14.57 43.04 4.85
C ILE A 103 14.46 41.67 5.51
N PHE A 104 14.86 40.63 4.78
CA PHE A 104 14.80 39.26 5.29
C PHE A 104 16.11 38.55 5.01
N GLY A 105 16.55 37.74 5.97
CA GLY A 105 17.80 37.02 5.84
C GLY A 105 18.16 36.33 7.13
N THR A 106 19.36 35.77 7.15
CA THR A 106 19.87 35.04 8.30
C THR A 106 20.79 35.90 9.16
N THR A 107 21.89 36.39 8.60
CA THR A 107 22.79 37.28 9.30
C THR A 107 22.75 38.70 8.78
N LEU A 108 21.97 38.96 7.74
CA LEU A 108 21.85 40.30 7.14
C LEU A 108 23.22 40.82 6.69
N ASP A 109 24.02 39.93 6.10
CA ASP A 109 25.35 40.28 5.64
C ASP A 109 25.63 39.59 4.32
N SER A 110 26.77 39.93 3.71
CA SER A 110 27.17 39.32 2.46
C SER A 110 27.59 37.86 2.61
N LYS A 111 27.78 37.40 3.85
CA LYS A 111 28.20 36.01 4.06
C LYS A 111 27.13 35.03 3.55
N THR A 112 25.87 35.30 3.81
CA THR A 112 24.77 34.45 3.38
C THR A 112 23.87 35.22 2.42
N GLN A 113 22.89 34.53 1.86
CA GLN A 113 21.94 35.15 0.97
C GLN A 113 20.90 35.96 1.75
N SER A 114 20.37 37.00 1.13
CA SER A 114 19.39 37.86 1.77
C SER A 114 18.33 38.29 0.77
N LEU A 115 17.17 38.67 1.30
CA LEU A 115 16.05 39.14 0.50
C LEU A 115 15.72 40.57 0.90
N LEU A 116 15.21 41.34 -0.05
CA LEU A 116 14.81 42.73 0.21
C LEU A 116 13.50 43.02 -0.50
N ILE A 117 12.59 43.70 0.21
CA ILE A 117 11.34 44.17 -0.35
C ILE A 117 11.19 45.65 -0.01
N VAL A 118 11.07 46.49 -1.03
CA VAL A 118 10.91 47.92 -0.83
C VAL A 118 9.82 48.42 -1.76
N ASN A 119 9.39 49.65 -1.54
CA ASN A 119 8.43 50.33 -2.42
C ASN A 119 8.81 51.81 -2.39
N ASN A 120 9.54 52.27 -3.40
CA ASN A 120 9.87 53.67 -3.54
C ASN A 120 8.67 54.39 -4.17
N ALA A 121 8.84 55.66 -4.52
CA ALA A 121 7.76 56.41 -5.15
C ALA A 121 7.41 55.88 -6.54
N THR A 122 8.27 55.06 -7.14
CA THR A 122 8.04 54.57 -8.50
C THR A 122 7.25 53.26 -8.52
N ASN A 123 7.79 52.22 -7.88
CA ASN A 123 7.21 50.89 -7.97
C ASN A 123 7.72 50.05 -6.79
N VAL A 124 7.46 48.75 -6.86
CA VAL A 124 7.90 47.80 -5.84
C VAL A 124 9.01 46.94 -6.42
N VAL A 125 10.11 46.81 -5.67
CA VAL A 125 11.29 46.08 -6.12
C VAL A 125 11.57 44.95 -5.14
N ILE A 126 11.84 43.76 -5.68
CA ILE A 126 12.23 42.60 -4.89
C ILE A 126 13.52 42.05 -5.48
N LYS A 127 14.49 41.77 -4.61
CA LYS A 127 15.77 41.22 -5.02
C LYS A 127 16.19 40.11 -4.07
N VAL A 128 17.05 39.23 -4.56
CA VAL A 128 17.65 38.18 -3.75
C VAL A 128 19.16 38.25 -4.01
N CYS A 129 19.86 39.00 -3.17
CA CYS A 129 21.29 39.21 -3.36
C CYS A 129 22.00 39.09 -2.02
N GLU A 130 23.33 39.11 -2.07
CA GLU A 130 24.16 39.07 -0.86
C GLU A 130 24.51 40.51 -0.46
N PHE A 131 23.49 41.23 -0.01
CA PHE A 131 23.65 42.62 0.38
C PHE A 131 24.55 42.74 1.60
N GLN A 132 25.28 43.86 1.67
CA GLN A 132 26.00 44.25 2.87
C GLN A 132 25.19 45.37 3.53
N PHE A 133 24.19 44.96 4.32
CA PHE A 133 23.27 45.92 4.90
C PHE A 133 23.95 46.81 5.92
N CYS A 134 23.53 48.07 5.98
CA CYS A 134 24.04 48.98 6.99
C CYS A 134 23.49 48.61 8.36
N ASN A 135 24.19 49.05 9.40
CA ASN A 135 23.74 48.78 10.77
C ASN A 135 22.41 49.47 11.04
N ASP A 136 22.18 50.63 10.44
CA ASP A 136 20.94 51.39 10.60
C ASP A 136 20.39 51.74 9.22
N PRO A 137 19.71 50.80 8.57
CA PRO A 137 19.16 51.08 7.24
C PRO A 137 17.83 51.80 7.30
N PHE A 138 17.65 52.75 6.40
CA PHE A 138 16.41 53.51 6.30
C PHE A 138 16.39 54.22 4.94
N LEU A 139 15.39 55.05 4.75
CA LEU A 139 15.24 55.87 3.54
C LEU A 139 15.12 57.34 3.94
N ASP A 140 15.80 58.19 3.19
CA ASP A 140 15.75 59.64 3.43
C ASP A 140 15.33 60.37 2.17
N MET A 148 11.11 65.35 -1.21
CA MET A 148 11.78 64.33 -1.99
C MET A 148 12.64 63.42 -1.11
N GLU A 149 12.66 62.13 -1.42
CA GLU A 149 13.42 61.15 -0.67
C GLU A 149 14.28 60.36 -1.65
N SER A 150 15.58 60.65 -1.67
CA SER A 150 16.49 60.02 -2.63
C SER A 150 17.82 59.64 -1.99
N GLU A 151 17.82 59.30 -0.71
CA GLU A 151 19.02 58.87 0.00
C GLU A 151 18.73 57.48 0.58
N PHE A 152 19.16 56.45 -0.14
CA PHE A 152 18.87 55.06 0.22
C PHE A 152 20.11 54.44 0.86
N ARG A 153 20.22 54.58 2.18
CA ARG A 153 21.30 53.96 2.95
C ARG A 153 20.77 52.62 3.48
N VAL A 154 20.77 51.62 2.61
CA VAL A 154 20.29 50.29 2.94
C VAL A 154 21.39 49.25 2.87
N TYR A 155 22.24 49.31 1.84
CA TYR A 155 23.34 48.38 1.70
C TYR A 155 24.49 49.08 0.98
N SER A 156 25.69 48.51 1.11
CA SER A 156 26.87 49.07 0.47
C SER A 156 27.24 48.34 -0.81
N SER A 157 26.84 47.09 -0.98
CA SER A 157 27.19 46.32 -2.17
C SER A 157 26.19 45.20 -2.37
N ALA A 158 26.17 44.67 -3.60
CA ALA A 158 25.32 43.53 -3.95
C ALA A 158 26.17 42.60 -4.82
N ASN A 159 26.70 41.54 -4.21
CA ASN A 159 27.67 40.68 -4.87
C ASN A 159 27.01 39.68 -5.81
N ASN A 160 26.18 38.78 -5.28
CA ASN A 160 25.57 37.71 -6.06
C ASN A 160 24.05 37.88 -6.02
N CYS A 161 23.48 38.33 -7.13
CA CYS A 161 22.04 38.49 -7.27
C CYS A 161 21.48 37.31 -8.05
N THR A 162 20.46 36.65 -7.49
CA THR A 162 19.91 35.44 -8.08
C THR A 162 18.44 35.55 -8.45
N PHE A 163 17.76 36.65 -8.13
CA PHE A 163 16.35 36.78 -8.46
C PHE A 163 15.97 38.26 -8.42
N GLU A 164 15.16 38.68 -9.39
CA GLU A 164 14.67 40.05 -9.46
C GLU A 164 13.19 40.04 -9.80
N TYR A 165 12.49 41.10 -9.42
CA TYR A 165 11.05 41.17 -9.60
C TYR A 165 10.60 42.60 -9.34
N VAL A 166 9.65 43.07 -10.15
CA VAL A 166 9.09 44.42 -10.05
C VAL A 166 7.58 44.33 -10.22
N SER A 167 6.83 45.07 -9.40
CA SER A 167 5.38 45.08 -9.51
C SER A 167 4.83 46.39 -8.96
N GLN A 168 3.50 46.48 -8.97
CA GLN A 168 2.80 47.69 -8.56
C GLN A 168 2.99 47.95 -7.07
N PRO A 169 2.93 49.21 -6.64
CA PRO A 169 3.02 49.50 -5.21
C PRO A 169 1.89 48.83 -4.43
N PHE A 170 2.23 48.33 -3.25
CA PHE A 170 1.23 47.70 -2.39
C PHE A 170 0.27 48.72 -1.84
N LEU A 171 0.76 49.91 -1.52
CA LEU A 171 -0.05 50.98 -0.95
C LEU A 171 -0.90 51.61 -2.05
N ASN A 180 -5.13 62.74 12.51
CA ASN A 180 -5.99 61.56 12.59
C ASN A 180 -5.45 60.43 11.73
N PHE A 181 -5.09 59.32 12.39
CA PHE A 181 -4.64 58.14 11.65
C PHE A 181 -5.80 57.57 10.84
N LYS A 182 -5.53 57.23 9.58
CA LYS A 182 -6.57 56.74 8.69
C LYS A 182 -6.22 55.43 8.01
N ASN A 183 -4.94 55.13 7.79
CA ASN A 183 -4.52 53.91 7.11
C ASN A 183 -4.23 52.82 8.13
N LEU A 184 -4.89 51.68 7.97
CA LEU A 184 -4.60 50.47 8.74
C LEU A 184 -4.18 49.39 7.74
N ARG A 185 -2.92 48.98 7.80
CA ARG A 185 -2.35 48.04 6.85
C ARG A 185 -2.00 46.76 7.58
N GLU A 186 -2.44 45.63 7.03
CA GLU A 186 -2.18 44.33 7.63
C GLU A 186 -1.48 43.43 6.61
N PHE A 187 -0.43 42.76 7.06
CA PHE A 187 0.35 41.87 6.20
C PHE A 187 0.65 40.59 6.93
N VAL A 188 0.74 39.50 6.17
CA VAL A 188 1.12 38.19 6.70
C VAL A 188 2.18 37.61 5.78
N PHE A 189 3.34 37.28 6.34
CA PHE A 189 4.45 36.71 5.59
C PHE A 189 4.69 35.28 6.04
N LYS A 190 4.72 34.35 5.10
CA LYS A 190 4.96 32.95 5.38
C LYS A 190 6.01 32.40 4.44
N ASN A 191 6.91 31.57 4.99
CA ASN A 191 7.96 30.92 4.22
C ASN A 191 7.81 29.41 4.42
N ILE A 192 7.34 28.73 3.38
CA ILE A 192 7.13 27.29 3.41
C ILE A 192 7.86 26.66 2.24
N ASP A 193 8.55 25.54 2.51
CA ASP A 193 9.28 24.71 1.55
C ASP A 193 9.92 25.51 0.42
N GLY A 194 10.61 26.58 0.80
CA GLY A 194 11.29 27.41 -0.16
C GLY A 194 10.39 28.33 -0.96
N TYR A 195 9.19 28.58 -0.45
CA TYR A 195 8.23 29.48 -1.14
C TYR A 195 7.85 30.64 -0.22
N PHE A 196 7.88 31.86 -0.75
CA PHE A 196 7.56 33.05 0.02
C PHE A 196 6.14 33.48 -0.30
N LYS A 197 5.29 33.54 0.71
CA LYS A 197 3.88 33.87 0.56
C LYS A 197 3.61 35.21 1.24
N ILE A 198 2.81 36.05 0.60
CA ILE A 198 2.45 37.37 1.12
C ILE A 198 0.94 37.53 0.99
N TYR A 199 0.29 37.87 2.10
CA TYR A 199 -1.11 38.27 2.12
C TYR A 199 -1.19 39.70 2.60
N SER A 200 -2.25 40.40 2.22
CA SER A 200 -2.34 41.83 2.49
C SER A 200 -3.80 42.25 2.64
N LYS A 201 -3.97 43.44 3.22
CA LYS A 201 -5.29 44.03 3.42
C LYS A 201 -5.10 45.48 3.83
N HIS A 202 -5.95 46.36 3.31
CA HIS A 202 -5.92 47.78 3.62
C HIS A 202 -7.34 48.24 3.93
N THR A 203 -7.52 48.87 5.09
CA THR A 203 -8.83 49.38 5.47
C THR A 203 -8.70 50.75 6.13
N PRO A 204 -9.55 51.70 5.72
CA PRO A 204 -9.49 53.04 6.33
C PRO A 204 -10.36 53.17 7.57
N ILE A 205 -9.82 53.73 8.64
CA ILE A 205 -10.60 53.96 9.85
C ILE A 205 -10.59 55.44 10.21
N ASP A 212 -4.57 52.12 19.40
CA ASP A 212 -4.65 50.68 19.63
C ASP A 212 -5.31 49.98 18.44
N LEU A 213 -5.25 48.66 18.45
CA LEU A 213 -5.83 47.89 17.35
C LEU A 213 -7.35 47.98 17.38
N PRO A 214 -7.99 48.37 16.29
CA PRO A 214 -9.45 48.48 16.29
C PRO A 214 -10.12 47.12 16.36
N GLN A 215 -11.36 47.11 16.83
CA GLN A 215 -12.14 45.90 16.96
C GLN A 215 -12.93 45.67 15.67
N GLY A 216 -12.87 44.47 15.15
CA GLY A 216 -13.59 44.15 13.93
C GLY A 216 -13.10 42.86 13.34
N PHE A 217 -13.63 42.53 12.15
CA PHE A 217 -13.24 41.33 11.44
C PHE A 217 -13.01 41.67 9.98
N SER A 218 -11.89 41.19 9.43
CA SER A 218 -11.54 41.46 8.04
C SER A 218 -10.55 40.41 7.59
N ALA A 219 -10.89 39.67 6.54
CA ALA A 219 -10.02 38.64 6.01
C ALA A 219 -8.87 39.27 5.22
N LEU A 220 -7.83 38.47 4.99
CA LEU A 220 -6.66 38.91 4.24
C LEU A 220 -6.55 38.09 2.96
N GLU A 221 -6.35 38.79 1.84
CA GLU A 221 -6.36 38.11 0.54
C GLU A 221 -4.93 37.87 0.05
N PRO A 222 -4.71 36.79 -0.69
CA PRO A 222 -3.37 36.54 -1.24
C PRO A 222 -2.93 37.68 -2.15
N LEU A 223 -1.63 37.99 -2.11
CA LEU A 223 -1.08 39.07 -2.92
C LEU A 223 -0.04 38.58 -3.91
N VAL A 224 0.99 37.86 -3.46
CA VAL A 224 2.13 37.50 -4.30
C VAL A 224 2.69 36.16 -3.82
N ASP A 225 3.06 35.31 -4.76
CA ASP A 225 3.75 34.06 -4.48
C ASP A 225 5.15 34.12 -5.07
N LEU A 226 6.16 33.81 -4.24
CA LEU A 226 7.54 33.96 -4.64
C LEU A 226 8.35 32.68 -4.41
N PRO A 227 9.02 32.16 -5.43
CA PRO A 227 9.89 30.98 -5.28
C PRO A 227 11.32 31.35 -4.92
N ILE A 228 11.53 31.77 -3.68
CA ILE A 228 12.84 32.25 -3.26
C ILE A 228 13.77 31.08 -2.94
N GLY A 229 13.28 30.11 -2.18
CA GLY A 229 14.10 28.96 -1.83
C GLY A 229 15.29 29.25 -0.94
N ILE A 230 15.10 30.09 0.09
CA ILE A 230 16.15 30.40 1.06
C ILE A 230 15.58 30.19 2.46
N ASN A 231 16.47 30.08 3.44
CA ASN A 231 16.08 29.95 4.83
C ASN A 231 16.23 31.31 5.50
N ILE A 232 15.16 31.77 6.14
CA ILE A 232 15.12 33.06 6.81
C ILE A 232 14.76 32.84 8.27
N THR A 233 15.52 33.47 9.17
CA THR A 233 15.26 33.37 10.59
C THR A 233 15.14 34.73 11.27
N ARG A 234 15.26 35.83 10.53
CA ARG A 234 15.26 37.15 11.13
C ARG A 234 14.87 38.17 10.06
N PHE A 235 14.43 39.34 10.50
CA PHE A 235 13.97 40.36 9.57
C PHE A 235 14.07 41.73 10.23
N GLN A 236 14.03 42.76 9.38
CA GLN A 236 14.14 44.15 9.80
C GLN A 236 13.19 44.99 8.97
N THR A 237 12.75 46.12 9.53
CA THR A 237 11.87 47.04 8.84
C THR A 237 12.62 48.28 8.38
N LEU A 238 11.96 49.06 7.52
CA LEU A 238 12.55 50.26 6.94
C LEU A 238 11.56 51.41 7.06
N LEU A 239 12.06 52.61 7.33
CA LEU A 239 11.25 53.80 7.46
C LEU A 239 11.76 54.90 6.52
N ALA A 240 10.89 55.85 6.23
CA ALA A 240 11.22 57.01 5.42
C ALA A 240 11.29 58.23 6.33
N LEU A 241 12.43 58.91 6.31
CA LEU A 241 12.67 60.06 7.18
C LEU A 241 12.68 61.33 6.35
N HIS A 242 11.85 62.30 6.74
CA HIS A 242 11.74 63.57 6.05
C HIS A 242 12.84 64.51 6.57
N ARG A 243 13.69 64.97 5.68
CA ARG A 243 14.80 65.85 6.04
C ARG A 243 14.33 67.29 6.05
N SER A 244 14.57 67.98 7.16
CA SER A 244 14.15 69.38 7.29
C SER A 244 15.34 70.27 7.66
N GLY A 254 18.13 67.96 11.35
CA GLY A 254 18.41 67.37 10.05
C GLY A 254 17.21 66.67 9.44
N TRP A 255 16.68 65.68 10.15
CA TRP A 255 15.53 64.92 9.70
C TRP A 255 14.51 64.82 10.83
N THR A 256 13.24 64.72 10.44
CA THR A 256 12.14 64.62 11.38
C THR A 256 11.42 63.30 11.20
N ALA A 257 11.05 62.67 12.31
CA ALA A 257 10.33 61.41 12.30
C ALA A 257 8.86 61.66 12.61
N GLY A 258 7.99 61.20 11.72
CA GLY A 258 6.56 61.40 11.89
C GLY A 258 5.95 60.42 12.88
N ALA A 259 4.69 60.65 13.19
CA ALA A 259 3.97 59.80 14.13
C ALA A 259 3.52 58.52 13.43
N ALA A 260 3.95 57.38 13.97
CA ALA A 260 3.60 56.08 13.41
C ALA A 260 3.77 55.01 14.47
N ALA A 261 3.03 53.92 14.31
CA ALA A 261 3.12 52.80 15.24
C ALA A 261 2.73 51.52 14.51
N TYR A 262 3.52 50.47 14.70
CA TYR A 262 3.27 49.19 14.05
C TYR A 262 3.38 48.07 15.08
N TYR A 263 2.68 46.98 14.79
CA TYR A 263 2.59 45.84 15.71
C TYR A 263 3.07 44.59 15.01
N VAL A 264 3.59 43.65 15.79
CA VAL A 264 4.15 42.40 15.25
C VAL A 264 3.53 41.24 16.02
N GLY A 265 2.92 40.31 15.28
CA GLY A 265 2.39 39.10 15.87
C GLY A 265 2.98 37.88 15.20
N TYR A 266 2.96 36.77 15.92
CA TYR A 266 3.57 35.53 15.46
C TYR A 266 2.50 34.45 15.29
N LEU A 267 2.73 33.54 14.35
CA LEU A 267 1.79 32.48 14.05
C LEU A 267 2.34 31.14 14.53
N GLN A 268 1.43 30.28 15.00
CA GLN A 268 1.74 28.91 15.32
C GLN A 268 0.56 28.05 14.90
N PRO A 269 0.79 26.77 14.56
CA PRO A 269 -0.30 25.96 14.00
C PRO A 269 -1.44 25.77 14.98
N ARG A 270 -2.66 25.77 14.42
CA ARG A 270 -3.89 25.53 15.17
C ARG A 270 -5.01 25.37 14.16
N THR A 271 -6.21 25.07 14.66
CA THR A 271 -7.36 24.77 13.82
C THR A 271 -8.42 25.85 14.02
N PHE A 272 -8.90 26.41 12.91
CA PHE A 272 -9.96 27.40 12.91
C PHE A 272 -11.20 26.84 12.23
N LEU A 273 -12.33 27.46 12.51
CA LEU A 273 -13.60 27.13 11.86
C LEU A 273 -14.11 28.39 11.17
N LEU A 274 -13.98 28.44 9.85
CA LEU A 274 -14.27 29.63 9.07
C LEU A 274 -15.65 29.53 8.44
N LYS A 275 -16.37 30.64 8.43
CA LYS A 275 -17.72 30.70 7.87
C LYS A 275 -17.70 31.51 6.59
N TYR A 276 -17.86 30.83 5.46
CA TYR A 276 -18.00 31.49 4.17
C TYR A 276 -19.44 31.90 3.93
N ASN A 277 -19.63 33.13 3.46
CA ASN A 277 -20.97 33.58 3.08
C ASN A 277 -21.29 33.03 1.69
N GLU A 278 -22.41 33.47 1.11
CA GLU A 278 -22.80 32.96 -0.19
C GLU A 278 -21.99 33.57 -1.34
N ASN A 279 -21.26 34.65 -1.09
CA ASN A 279 -20.37 35.24 -2.07
C ASN A 279 -18.93 34.75 -1.94
N GLY A 280 -18.65 33.84 -1.02
CA GLY A 280 -17.31 33.36 -0.82
C GLY A 280 -16.43 34.22 0.06
N THR A 281 -17.00 35.20 0.75
CA THR A 281 -16.25 36.10 1.61
C THR A 281 -16.30 35.60 3.04
N ILE A 282 -15.13 35.50 3.68
CA ILE A 282 -15.07 35.05 5.07
C ILE A 282 -15.66 36.11 5.97
N THR A 283 -16.65 35.73 6.77
CA THR A 283 -17.36 36.67 7.62
C THR A 283 -17.08 36.50 9.11
N ASP A 284 -16.76 35.28 9.56
CA ASP A 284 -16.46 35.05 10.95
C ASP A 284 -15.65 33.77 11.08
N ALA A 285 -14.96 33.64 12.22
CA ALA A 285 -14.12 32.48 12.49
C ALA A 285 -14.16 32.17 13.98
N VAL A 286 -13.86 30.92 14.31
CA VAL A 286 -13.85 30.44 15.68
C VAL A 286 -12.54 29.71 15.94
N ASP A 287 -11.83 30.12 16.99
CA ASP A 287 -10.60 29.45 17.40
C ASP A 287 -10.99 28.20 18.19
N CYS A 288 -10.48 27.04 17.78
CA CYS A 288 -10.94 25.79 18.35
C CYS A 288 -10.16 25.36 19.59
N ALA A 289 -9.20 26.17 20.05
CA ALA A 289 -8.42 25.84 21.23
C ALA A 289 -8.31 27.00 22.21
N LEU A 290 -9.27 27.93 22.21
CA LEU A 290 -9.17 29.10 23.07
C LEU A 290 -10.03 28.94 24.32
N ASP A 291 -11.31 28.60 24.14
CA ASP A 291 -12.27 28.54 25.23
C ASP A 291 -13.06 27.25 25.13
N PRO A 292 -13.51 26.70 26.27
CA PRO A 292 -14.34 25.48 26.20
C PRO A 292 -15.58 25.63 25.34
N LEU A 293 -16.24 26.80 25.39
CA LEU A 293 -17.38 27.02 24.51
C LEU A 293 -16.96 27.00 23.05
N SER A 294 -15.82 27.61 22.73
CA SER A 294 -15.31 27.57 21.37
C SER A 294 -14.95 26.15 20.96
N GLU A 295 -14.42 25.36 21.89
CA GLU A 295 -14.12 23.97 21.60
C GLU A 295 -15.39 23.19 21.28
N THR A 296 -16.46 23.43 22.05
CA THR A 296 -17.74 22.78 21.75
C THR A 296 -18.28 23.21 20.40
N LYS A 297 -18.17 24.50 20.08
CA LYS A 297 -18.61 24.98 18.78
C LYS A 297 -17.84 24.29 17.66
N CYS A 298 -16.52 24.15 17.82
CA CYS A 298 -15.72 23.48 16.81
C CYS A 298 -16.10 22.02 16.68
N THR A 299 -16.35 21.35 17.81
CA THR A 299 -16.72 19.94 17.78
C THR A 299 -18.05 19.74 17.05
N LEU A 300 -19.03 20.59 17.34
CA LEU A 300 -20.33 20.47 16.69
C LEU A 300 -20.34 21.02 15.28
N LYS A 301 -19.28 21.72 14.86
CA LYS A 301 -19.20 22.36 13.55
C LYS A 301 -20.39 23.29 13.32
N SER A 302 -20.68 24.12 14.34
CA SER A 302 -21.75 25.10 14.25
C SER A 302 -21.40 26.27 15.17
N PHE A 303 -22.00 27.42 14.88
CA PHE A 303 -21.76 28.62 15.67
C PHE A 303 -22.71 28.75 16.86
N THR A 304 -23.74 27.93 16.93
CA THR A 304 -24.67 27.92 18.05
C THR A 304 -24.83 26.50 18.55
N VAL A 305 -24.87 26.35 19.88
CA VAL A 305 -25.01 25.04 20.51
C VAL A 305 -26.26 25.05 21.37
N GLU A 306 -27.05 23.99 21.27
CA GLU A 306 -28.27 23.84 22.05
C GLU A 306 -27.91 23.49 23.50
N LYS A 307 -28.89 23.67 24.38
CA LYS A 307 -28.70 23.34 25.78
C LYS A 307 -28.46 21.85 25.96
N GLY A 308 -27.46 21.51 26.75
CA GLY A 308 -27.14 20.13 27.03
C GLY A 308 -25.70 20.00 27.49
N ILE A 309 -25.25 18.74 27.56
CA ILE A 309 -23.89 18.41 27.94
C ILE A 309 -23.21 17.69 26.78
N TYR A 310 -22.03 18.16 26.41
CA TYR A 310 -21.32 17.65 25.24
C TYR A 310 -19.93 17.18 25.63
N GLN A 311 -19.51 16.06 25.03
CA GLN A 311 -18.17 15.53 25.24
C GLN A 311 -17.25 16.08 24.15
N THR A 312 -16.27 16.88 24.55
CA THR A 312 -15.44 17.61 23.58
C THR A 312 -14.11 16.91 23.31
N SER A 313 -13.28 16.74 24.33
CA SER A 313 -11.92 16.25 24.12
C SER A 313 -11.47 15.51 25.38
N ASN A 314 -10.25 14.99 25.33
CA ASN A 314 -9.67 14.24 26.43
C ASN A 314 -8.52 15.04 27.03
N PHE A 315 -8.21 14.76 28.29
CA PHE A 315 -7.11 15.40 28.99
C PHE A 315 -6.18 14.36 29.59
N ARG A 316 -4.91 14.72 29.69
CA ARG A 316 -3.92 13.85 30.32
C ARG A 316 -2.74 14.71 30.73
N VAL A 317 -2.17 14.43 31.91
CA VAL A 317 -1.06 15.22 32.40
C VAL A 317 0.22 14.86 31.65
N GLN A 318 0.84 15.87 31.06
CA GLN A 318 2.08 15.72 30.32
C GLN A 318 3.25 15.45 31.27
N PRO A 319 4.33 14.82 30.79
CA PRO A 319 5.41 14.48 31.70
C PRO A 319 6.35 15.65 31.98
N THR A 320 6.86 15.67 33.21
CA THR A 320 7.62 16.80 33.73
C THR A 320 9.06 16.81 33.23
N GLU A 321 9.83 15.78 33.53
CA GLU A 321 11.21 15.70 33.11
C GLU A 321 11.47 14.30 32.56
N SER A 322 12.72 14.04 32.19
CA SER A 322 13.12 12.74 31.63
C SER A 322 14.25 12.18 32.49
N ILE A 323 14.10 10.93 32.92
CA ILE A 323 15.14 10.24 33.67
C ILE A 323 15.71 9.14 32.80
N VAL A 324 16.86 8.61 33.21
CA VAL A 324 17.54 7.55 32.50
C VAL A 324 18.35 6.73 33.50
N ARG A 325 18.33 5.42 33.33
CA ARG A 325 19.10 4.52 34.18
C ARG A 325 19.83 3.52 33.30
N PHE A 326 21.16 3.51 33.40
CA PHE A 326 22.02 2.56 32.72
C PHE A 326 23.02 2.04 33.72
N PRO A 327 23.49 0.79 33.55
CA PRO A 327 24.39 0.21 34.55
C PRO A 327 25.66 1.01 34.71
N ASN A 328 26.13 1.11 35.96
CA ASN A 328 27.31 1.91 36.26
C ASN A 328 28.56 1.14 35.81
N ILE A 329 28.81 1.23 34.50
CA ILE A 329 29.97 0.60 33.86
C ILE A 329 30.76 1.67 33.14
N THR A 330 32.08 1.63 33.31
CA THR A 330 32.96 2.64 32.69
C THR A 330 34.14 1.99 32.00
N ASN A 331 34.02 0.71 31.63
CA ASN A 331 35.08 -0.03 30.95
C ASN A 331 34.80 -0.01 29.45
N LEU A 332 35.74 0.52 28.68
CA LEU A 332 35.58 0.56 27.23
C LEU A 332 35.67 -0.85 26.66
N CYS A 333 34.77 -1.16 25.72
CA CYS A 333 34.75 -2.47 25.10
C CYS A 333 35.99 -2.66 24.22
N PRO A 334 36.53 -3.88 24.15
CA PRO A 334 37.74 -4.14 23.35
C PRO A 334 37.47 -4.23 21.86
N PHE A 335 37.34 -3.06 21.23
CA PHE A 335 37.13 -2.98 19.79
C PHE A 335 38.41 -2.80 18.99
N ASP A 336 39.38 -2.04 19.53
CA ASP A 336 40.64 -1.85 18.83
C ASP A 336 41.41 -3.16 18.71
N GLU A 337 41.38 -3.98 19.77
CA GLU A 337 42.05 -5.27 19.74
C GLU A 337 41.45 -6.24 18.72
N VAL A 338 40.22 -5.98 18.26
CA VAL A 338 39.56 -6.83 17.27
C VAL A 338 39.63 -6.22 15.88
N PHE A 339 39.22 -4.95 15.74
CA PHE A 339 39.22 -4.33 14.42
C PHE A 339 40.63 -4.00 13.95
N ASN A 340 41.46 -3.44 14.82
CA ASN A 340 42.81 -3.02 14.46
C ASN A 340 43.85 -4.12 14.66
N ALA A 341 43.43 -5.38 14.65
CA ALA A 341 44.38 -6.48 14.76
C ALA A 341 45.23 -6.59 13.50
N THR A 342 46.50 -6.92 13.68
CA THR A 342 47.44 -6.99 12.56
C THR A 342 47.27 -8.25 11.73
N ARG A 343 46.58 -9.27 12.23
CA ARG A 343 46.42 -10.52 11.50
C ARG A 343 45.04 -11.09 11.80
N PHE A 344 44.25 -11.32 10.76
CA PHE A 344 42.94 -11.95 10.88
C PHE A 344 43.04 -13.41 10.48
N ALA A 345 42.24 -14.25 11.12
CA ALA A 345 42.26 -15.67 10.84
C ALA A 345 41.60 -15.97 9.50
N SER A 346 41.78 -17.20 9.03
CA SER A 346 41.19 -17.62 7.77
C SER A 346 39.67 -17.73 7.90
N VAL A 347 39.00 -17.72 6.74
CA VAL A 347 37.55 -17.73 6.74
C VAL A 347 37.00 -19.04 7.31
N TYR A 348 37.59 -20.18 6.93
CA TYR A 348 37.11 -21.45 7.44
C TYR A 348 37.36 -21.58 8.93
N ALA A 349 38.53 -21.15 9.40
CA ALA A 349 38.86 -21.12 10.83
C ALA A 349 38.62 -19.73 11.40
N TRP A 350 37.35 -19.30 11.37
CA TRP A 350 36.99 -17.97 11.81
C TRP A 350 37.17 -17.83 13.31
N ASN A 351 37.58 -16.64 13.73
CA ASN A 351 37.77 -16.35 15.14
C ASN A 351 36.44 -16.07 15.83
N ARG A 352 36.49 -16.03 17.16
CA ARG A 352 35.32 -15.71 17.97
C ARG A 352 35.74 -14.79 19.10
N LYS A 353 34.98 -13.73 19.32
CA LYS A 353 35.24 -12.80 20.41
C LYS A 353 33.95 -12.52 21.16
N ARG A 354 34.04 -12.47 22.49
CA ARG A 354 32.90 -12.25 23.35
C ARG A 354 33.02 -10.87 24.00
N ILE A 355 32.00 -10.03 23.82
CA ILE A 355 31.98 -8.67 24.34
C ILE A 355 30.95 -8.61 25.46
N SER A 356 31.41 -8.29 26.66
CA SER A 356 30.52 -8.22 27.81
C SER A 356 31.14 -7.34 28.89
N ASN A 357 30.28 -6.86 29.79
CA ASN A 357 30.67 -6.06 30.95
C ASN A 357 31.50 -4.84 30.52
N CYS A 358 31.03 -4.16 29.48
CA CYS A 358 31.73 -2.99 28.98
C CYS A 358 30.76 -2.10 28.22
N VAL A 359 31.07 -0.81 28.20
CA VAL A 359 30.29 0.18 27.44
C VAL A 359 30.85 0.24 26.02
N ALA A 360 29.97 0.06 25.03
CA ALA A 360 30.36 0.00 23.63
C ALA A 360 29.97 1.30 22.94
N ASP A 361 30.95 1.95 22.32
CA ASP A 361 30.74 3.17 21.56
C ASP A 361 31.00 2.87 20.09
N TYR A 362 29.95 2.94 19.27
CA TYR A 362 30.04 2.60 17.86
C TYR A 362 30.39 3.80 16.98
N SER A 363 30.55 4.98 17.57
CA SER A 363 30.98 6.14 16.78
C SER A 363 32.49 6.13 16.54
N VAL A 364 33.23 5.35 17.34
CA VAL A 364 34.69 5.31 17.20
C VAL A 364 35.09 4.59 15.92
N LEU A 365 34.39 3.51 15.58
CA LEU A 365 34.79 2.64 14.47
C LEU A 365 34.64 3.33 13.12
N TYR A 366 33.97 4.47 13.08
CA TYR A 366 33.77 5.21 11.84
C TYR A 366 35.05 5.81 11.29
N ASN A 367 36.15 5.80 12.05
CA ASN A 367 37.44 6.26 11.56
C ASN A 367 38.14 5.22 10.67
N LEU A 368 37.41 4.20 10.22
CA LEU A 368 37.97 3.15 9.38
C LEU A 368 38.09 3.64 7.95
N ALA A 369 38.31 2.71 7.02
CA ALA A 369 38.44 3.06 5.62
C ALA A 369 37.15 3.71 5.13
N PRO A 370 37.23 4.70 4.23
CA PRO A 370 36.02 5.44 3.83
C PRO A 370 35.03 4.63 3.03
N PHE A 371 35.34 3.39 2.67
CA PHE A 371 34.45 2.55 1.86
C PHE A 371 34.18 1.24 2.58
N PHE A 372 33.85 1.33 3.87
CA PHE A 372 33.56 0.16 4.68
C PHE A 372 32.06 -0.13 4.64
N THR A 373 31.69 -1.38 4.40
CA THR A 373 30.29 -1.77 4.38
C THR A 373 29.80 -2.03 5.80
N PHE A 374 28.64 -1.47 6.13
CA PHE A 374 28.07 -1.57 7.47
C PHE A 374 26.65 -2.13 7.40
N LYS A 375 26.50 -3.22 6.66
CA LYS A 375 25.19 -3.84 6.47
C LYS A 375 24.68 -4.38 7.80
N CYS A 376 23.48 -3.96 8.19
CA CYS A 376 22.85 -4.38 9.43
C CYS A 376 21.46 -4.92 9.14
N TYR A 377 21.10 -6.01 9.82
CA TYR A 377 19.81 -6.66 9.64
C TYR A 377 19.04 -6.65 10.95
N GLY A 378 17.82 -6.11 10.91
CA GLY A 378 16.94 -6.11 12.06
C GLY A 378 17.05 -4.89 12.96
N VAL A 379 18.18 -4.18 12.92
CA VAL A 379 18.40 -2.99 13.74
C VAL A 379 18.99 -1.89 12.86
N SER A 380 18.50 -0.68 13.04
CA SER A 380 19.02 0.46 12.28
C SER A 380 20.43 0.79 12.75
N PRO A 381 21.43 0.79 11.86
CA PRO A 381 22.80 1.09 12.31
C PRO A 381 22.99 2.52 12.82
N THR A 382 22.12 3.44 12.42
CA THR A 382 22.32 4.85 12.77
C THR A 382 22.23 5.08 14.28
N LYS A 383 21.28 4.42 14.93
CA LYS A 383 20.98 4.65 16.34
C LYS A 383 21.36 3.47 17.22
N LEU A 384 22.51 2.84 16.96
CA LEU A 384 22.98 1.73 17.79
C LEU A 384 23.45 2.17 19.17
N ASN A 385 23.58 3.47 19.42
CA ASN A 385 24.15 3.97 20.67
C ASN A 385 23.10 4.16 21.77
N ASP A 386 21.84 3.80 21.54
CA ASP A 386 20.80 3.95 22.54
C ASP A 386 20.35 2.61 23.10
N LEU A 387 19.90 1.69 22.24
CA LEU A 387 19.50 0.37 22.69
C LEU A 387 20.73 -0.50 22.94
N CYS A 388 20.64 -1.37 23.93
CA CYS A 388 21.75 -2.23 24.30
C CYS A 388 21.28 -3.66 24.48
N PHE A 389 22.21 -4.59 24.31
CA PHE A 389 21.90 -5.99 24.11
C PHE A 389 22.50 -6.84 25.22
N THR A 390 22.06 -8.10 25.27
CA THR A 390 22.54 -9.02 26.31
C THR A 390 24.02 -9.33 26.13
N ASN A 391 24.42 -9.70 24.92
CA ASN A 391 25.82 -10.05 24.65
C ASN A 391 26.12 -9.83 23.18
N VAL A 392 27.41 -9.69 22.88
CA VAL A 392 27.87 -9.43 21.53
C VAL A 392 28.94 -10.46 21.17
N TYR A 393 28.77 -11.10 20.02
CA TYR A 393 29.74 -12.07 19.49
C TYR A 393 30.39 -11.45 18.26
N ALA A 394 31.72 -11.33 18.30
CA ALA A 394 32.48 -10.72 17.22
C ALA A 394 33.35 -11.77 16.56
N ASP A 395 33.22 -11.90 15.24
CA ASP A 395 34.01 -12.85 14.45
C ASP A 395 34.73 -12.08 13.36
N SER A 396 36.06 -12.22 13.31
CA SER A 396 36.90 -11.52 12.35
C SER A 396 37.55 -12.52 11.40
N PHE A 397 37.47 -12.24 10.11
CA PHE A 397 38.02 -13.11 9.07
C PHE A 397 38.18 -12.29 7.80
N VAL A 398 38.86 -12.88 6.82
CA VAL A 398 39.15 -12.22 5.55
C VAL A 398 38.64 -13.10 4.41
N ILE A 399 37.86 -12.51 3.50
CA ILE A 399 37.36 -13.18 2.31
C ILE A 399 37.65 -12.32 1.10
N ARG A 400 37.61 -12.94 -0.07
CA ARG A 400 37.82 -12.25 -1.33
C ARG A 400 36.71 -11.22 -1.57
N GLY A 401 37.05 -10.18 -2.34
CA GLY A 401 36.08 -9.14 -2.63
C GLY A 401 34.88 -9.65 -3.41
N ASP A 402 35.12 -10.60 -4.32
CA ASP A 402 34.01 -11.18 -5.09
C ASP A 402 33.06 -11.96 -4.20
N GLU A 403 33.55 -12.50 -3.09
CA GLU A 403 32.76 -13.33 -2.19
C GLU A 403 32.26 -12.56 -0.97
N VAL A 404 32.42 -11.24 -0.93
CA VAL A 404 31.93 -10.46 0.20
C VAL A 404 30.40 -10.46 0.23
N ARG A 405 29.77 -10.73 -0.91
CA ARG A 405 28.30 -10.80 -0.95
C ARG A 405 27.77 -12.01 -0.21
N GLN A 406 28.60 -13.06 -0.08
CA GLN A 406 28.15 -14.31 0.52
C GLN A 406 27.83 -14.21 2.01
N ILE A 407 28.27 -13.13 2.66
CA ILE A 407 28.03 -12.98 4.11
C ILE A 407 26.66 -12.31 4.24
N ALA A 408 25.62 -13.14 4.21
CA ALA A 408 24.24 -12.70 4.36
C ALA A 408 23.35 -13.91 4.60
N PRO A 409 22.29 -13.76 5.41
CA PRO A 409 21.42 -14.91 5.68
C PRO A 409 20.74 -15.40 4.40
N GLY A 410 20.60 -16.72 4.30
CA GLY A 410 19.95 -17.33 3.16
C GLY A 410 20.80 -17.45 1.92
N GLN A 411 22.07 -17.06 1.98
CA GLN A 411 22.94 -17.11 0.81
C GLN A 411 23.57 -18.49 0.68
N THR A 412 24.12 -18.75 -0.51
CA THR A 412 24.76 -20.03 -0.82
C THR A 412 26.07 -19.77 -1.54
N GLY A 413 26.97 -20.74 -1.46
CA GLY A 413 28.26 -20.65 -2.08
C GLY A 413 29.27 -21.50 -1.34
N ASN A 414 30.52 -21.41 -1.79
CA ASN A 414 31.59 -22.17 -1.15
C ASN A 414 31.80 -21.72 0.29
N ILE A 415 31.83 -20.40 0.52
CA ILE A 415 31.99 -19.89 1.87
C ILE A 415 30.74 -20.14 2.70
N ALA A 416 29.57 -19.92 2.10
CA ALA A 416 28.32 -20.07 2.85
C ALA A 416 28.09 -21.52 3.26
N ASP A 417 28.39 -22.47 2.38
CA ASP A 417 28.08 -23.86 2.64
C ASP A 417 29.22 -24.61 3.34
N TYR A 418 30.48 -24.29 3.01
CA TYR A 418 31.60 -25.07 3.49
C TYR A 418 32.50 -24.33 4.47
N ASN A 419 32.40 -23.00 4.57
CA ASN A 419 33.26 -22.23 5.44
C ASN A 419 32.53 -21.55 6.57
N TYR A 420 31.47 -20.80 6.28
CA TYR A 420 30.77 -20.03 7.31
C TYR A 420 29.33 -19.83 6.87
N LYS A 421 28.38 -20.38 7.63
CA LYS A 421 26.97 -20.29 7.33
C LYS A 421 26.28 -19.36 8.31
N LEU A 422 25.41 -18.49 7.79
CA LEU A 422 24.65 -17.56 8.61
C LEU A 422 23.22 -18.06 8.82
N PRO A 423 22.70 -17.94 10.04
CA PRO A 423 21.31 -18.34 10.28
C PRO A 423 20.33 -17.45 9.54
N ASP A 424 19.18 -18.02 9.18
CA ASP A 424 18.19 -17.28 8.41
C ASP A 424 17.67 -16.08 9.18
N ASP A 425 17.35 -16.26 10.46
CA ASP A 425 16.85 -15.17 11.30
C ASP A 425 17.98 -14.47 12.05
N PHE A 426 18.99 -14.02 11.31
CA PHE A 426 20.14 -13.37 11.91
C PHE A 426 19.82 -11.93 12.26
N THR A 427 20.32 -11.49 13.42
CA THR A 427 20.25 -10.10 13.84
C THR A 427 21.66 -9.63 14.22
N GLY A 428 22.05 -8.48 13.70
CA GLY A 428 23.37 -7.94 13.93
C GLY A 428 23.85 -7.17 12.73
N CYS A 429 25.16 -6.98 12.66
CA CYS A 429 25.79 -6.21 11.60
C CYS A 429 27.04 -6.93 11.10
N VAL A 430 27.42 -6.61 9.87
CA VAL A 430 28.65 -7.11 9.26
C VAL A 430 29.45 -5.92 8.75
N ILE A 431 30.75 -5.92 9.05
CA ILE A 431 31.64 -4.83 8.67
C ILE A 431 32.72 -5.39 7.77
N ALA A 432 32.83 -4.85 6.55
CA ALA A 432 33.81 -5.29 5.58
C ALA A 432 34.54 -4.09 5.03
N TRP A 433 35.88 -4.17 4.98
CA TRP A 433 36.70 -3.09 4.45
C TRP A 433 37.91 -3.68 3.75
N ASN A 434 38.36 -2.99 2.71
CA ASN A 434 39.52 -3.45 1.94
C ASN A 434 40.79 -3.32 2.77
N SER A 435 41.70 -4.28 2.58
CA SER A 435 42.96 -4.34 3.33
C SER A 435 44.12 -4.64 2.39
N ASN A 436 44.20 -3.93 1.26
CA ASN A 436 45.30 -4.13 0.34
C ASN A 436 46.64 -3.69 0.92
N LYS A 437 46.64 -2.63 1.73
CA LYS A 437 47.87 -2.12 2.31
C LYS A 437 48.42 -3.01 3.42
N LEU A 438 47.68 -4.03 3.84
CA LEU A 438 48.09 -4.87 4.95
C LEU A 438 48.09 -6.37 4.65
N ASP A 439 47.41 -6.81 3.59
CA ASP A 439 47.30 -8.23 3.27
C ASP A 439 47.53 -8.49 1.78
N SER A 440 48.57 -7.88 1.22
CA SER A 440 48.91 -8.06 -0.19
C SER A 440 50.41 -8.26 -0.33
N LYS A 441 50.80 -9.45 -0.74
CA LYS A 441 52.20 -9.80 -0.99
C LYS A 441 52.45 -9.82 -2.49
N VAL A 442 53.52 -9.18 -2.93
CA VAL A 442 53.87 -9.17 -4.35
C VAL A 442 54.11 -10.59 -4.84
N SER A 443 54.89 -11.36 -4.07
CA SER A 443 55.04 -12.78 -4.37
C SER A 443 53.73 -13.53 -4.21
N GLY A 444 52.96 -13.17 -3.17
CA GLY A 444 51.68 -13.81 -2.92
C GLY A 444 51.52 -14.20 -1.46
N ASN A 445 50.46 -13.72 -0.83
CA ASN A 445 50.18 -14.04 0.57
C ASN A 445 49.33 -15.31 0.61
N TYR A 446 49.97 -16.45 0.87
CA TYR A 446 49.31 -17.74 0.85
C TYR A 446 48.90 -18.21 2.24
N ASN A 447 48.94 -17.33 3.24
CA ASN A 447 48.58 -17.69 4.59
C ASN A 447 47.08 -17.75 4.83
N TYR A 448 46.27 -17.20 3.92
CA TYR A 448 44.82 -17.22 4.03
C TYR A 448 44.28 -18.33 3.16
N LEU A 449 43.84 -19.42 3.79
CA LEU A 449 43.28 -20.57 3.10
C LEU A 449 41.77 -20.59 3.27
N TYR A 450 41.11 -21.41 2.45
CA TYR A 450 39.66 -21.55 2.50
C TYR A 450 39.28 -22.97 2.09
N ARG A 451 38.31 -23.53 2.79
CA ARG A 451 37.81 -24.86 2.45
C ARG A 451 36.97 -24.79 1.17
N LEU A 452 37.21 -25.75 0.28
CA LEU A 452 36.50 -25.81 -1.00
C LEU A 452 35.60 -27.02 -1.14
N PHE A 453 35.97 -28.16 -0.57
CA PHE A 453 35.20 -29.40 -0.69
C PHE A 453 34.73 -29.86 0.67
N ARG A 454 33.45 -30.23 0.76
CA ARG A 454 32.89 -30.79 1.98
C ARG A 454 31.71 -31.68 1.61
N LYS A 455 31.43 -32.64 2.49
CA LYS A 455 30.34 -33.59 2.22
C LYS A 455 28.98 -32.90 2.21
N SER A 456 28.76 -31.96 3.13
CA SER A 456 27.46 -31.31 3.25
C SER A 456 27.65 -29.87 3.68
N ASN A 457 26.58 -29.09 3.53
CA ASN A 457 26.62 -27.67 3.89
C ASN A 457 26.78 -27.51 5.40
N LEU A 458 27.57 -26.52 5.80
CA LEU A 458 27.78 -26.24 7.21
C LEU A 458 26.52 -25.65 7.85
N LYS A 459 26.28 -26.03 9.10
CA LYS A 459 25.21 -25.43 9.87
C LYS A 459 25.61 -24.02 10.30
N PRO A 460 24.64 -23.16 10.61
CA PRO A 460 24.98 -21.81 11.06
C PRO A 460 25.84 -21.83 12.32
N PHE A 461 26.84 -20.95 12.35
CA PHE A 461 27.80 -20.85 13.45
C PHE A 461 28.45 -22.20 13.72
N GLU A 462 29.11 -22.72 12.68
CA GLU A 462 29.85 -23.97 12.77
C GLU A 462 31.21 -23.80 12.09
N ARG A 463 32.24 -24.37 12.70
CA ARG A 463 33.60 -24.30 12.20
C ARG A 463 34.11 -25.70 11.87
N ASP A 464 34.66 -25.86 10.68
CA ASP A 464 35.20 -27.14 10.22
C ASP A 464 36.65 -26.92 9.80
N ILE A 465 37.58 -27.39 10.64
CA ILE A 465 39.00 -27.27 10.37
C ILE A 465 39.63 -28.61 9.97
N SER A 466 38.80 -29.61 9.69
CA SER A 466 39.31 -30.93 9.34
C SER A 466 40.05 -30.90 8.01
N THR A 467 41.18 -31.60 7.95
CA THR A 467 42.02 -31.67 6.76
C THR A 467 41.92 -33.03 6.07
N GLU A 468 40.83 -33.75 6.31
CA GLU A 468 40.65 -35.06 5.70
C GLU A 468 40.54 -34.96 4.19
N ILE A 469 41.12 -35.94 3.49
CA ILE A 469 41.07 -35.95 2.04
C ILE A 469 39.64 -36.19 1.57
N TYR A 470 39.19 -35.37 0.60
CA TYR A 470 37.84 -35.45 0.08
C TYR A 470 37.78 -36.53 -0.99
N GLN A 471 36.78 -37.42 -0.87
CA GLN A 471 36.61 -38.52 -1.82
C GLN A 471 35.60 -38.08 -2.87
N ALA A 472 36.11 -37.77 -4.07
CA ALA A 472 35.26 -37.30 -5.15
C ALA A 472 34.70 -38.42 -6.01
N GLY A 473 35.11 -39.66 -5.79
CA GLY A 473 34.65 -40.78 -6.56
C GLY A 473 34.18 -41.92 -5.66
N ASN A 474 34.32 -43.14 -6.19
CA ASN A 474 33.94 -44.34 -5.45
C ASN A 474 35.11 -45.02 -4.75
N LYS A 475 36.30 -44.97 -5.34
CA LYS A 475 37.46 -45.59 -4.71
C LYS A 475 37.86 -44.81 -3.46
N PRO A 476 38.15 -45.49 -2.35
CA PRO A 476 38.61 -44.78 -1.16
C PRO A 476 39.95 -44.10 -1.41
N CYS A 477 40.12 -42.92 -0.82
CA CYS A 477 41.36 -42.18 -0.98
C CYS A 477 42.49 -42.81 -0.17
N ASN A 478 42.20 -43.18 1.08
CA ASN A 478 43.19 -43.80 1.97
C ASN A 478 44.40 -42.91 2.17
N GLY A 479 44.18 -41.60 2.16
CA GLY A 479 45.21 -40.65 2.51
C GLY A 479 46.10 -40.19 1.38
N VAL A 480 45.70 -40.36 0.13
CA VAL A 480 46.47 -39.88 -1.02
C VAL A 480 45.57 -39.02 -1.88
N ALA A 481 46.14 -37.94 -2.42
CA ALA A 481 45.39 -36.99 -3.26
C ALA A 481 45.60 -37.33 -4.73
N GLY A 482 45.01 -38.46 -5.13
CA GLY A 482 45.09 -38.92 -6.50
C GLY A 482 43.84 -38.64 -7.30
N PHE A 483 43.46 -39.57 -8.17
CA PHE A 483 42.25 -39.41 -8.96
C PHE A 483 41.02 -39.48 -8.05
N ASN A 484 40.08 -38.56 -8.27
CA ASN A 484 38.87 -38.45 -7.45
C ASN A 484 39.21 -38.25 -5.98
N CYS A 485 40.33 -37.59 -5.70
CA CYS A 485 40.74 -37.32 -4.32
C CYS A 485 41.43 -35.95 -4.32
N TYR A 486 40.67 -34.92 -3.98
CA TYR A 486 41.15 -33.54 -4.01
C TYR A 486 41.20 -32.98 -2.60
N PHE A 487 42.22 -32.17 -2.32
CA PHE A 487 42.35 -31.56 -1.01
C PHE A 487 41.20 -30.57 -0.79
N PRO A 488 40.53 -30.61 0.36
CA PRO A 488 39.36 -29.73 0.56
C PRO A 488 39.70 -28.27 0.75
N LEU A 489 40.96 -27.92 0.95
CA LEU A 489 41.37 -26.55 1.23
C LEU A 489 42.22 -26.01 0.08
N ARG A 490 41.96 -24.76 -0.31
CA ARG A 490 42.72 -24.06 -1.32
C ARG A 490 43.30 -22.78 -0.72
N SER A 491 44.14 -22.10 -1.50
CA SER A 491 44.86 -20.93 -1.03
C SER A 491 44.39 -19.68 -1.76
N TYR A 492 44.23 -18.59 -1.00
CA TYR A 492 43.92 -17.28 -1.57
C TYR A 492 45.23 -16.57 -1.86
N SER A 493 45.71 -16.67 -3.10
CA SER A 493 46.99 -16.09 -3.48
C SER A 493 46.86 -14.57 -3.61
N PHE A 494 46.66 -13.88 -2.49
CA PHE A 494 46.43 -12.45 -2.52
C PHE A 494 47.67 -11.70 -2.99
N ARG A 495 47.48 -10.79 -3.94
CA ARG A 495 48.56 -9.98 -4.48
C ARG A 495 48.06 -8.56 -4.64
N PRO A 496 48.95 -7.56 -4.55
CA PRO A 496 48.53 -6.18 -4.80
C PRO A 496 48.20 -5.88 -6.25
N THR A 497 48.61 -6.74 -7.19
CA THR A 497 48.36 -6.54 -8.61
C THR A 497 47.08 -7.22 -9.08
N TYR A 498 46.35 -7.88 -8.20
CA TYR A 498 45.10 -8.55 -8.58
C TYR A 498 44.02 -7.51 -8.88
N GLY A 499 42.90 -8.00 -9.41
CA GLY A 499 41.77 -7.13 -9.68
C GLY A 499 41.08 -6.71 -8.41
N VAL A 500 40.14 -5.77 -8.56
CA VAL A 500 39.42 -5.24 -7.42
C VAL A 500 38.61 -6.34 -6.73
N GLY A 501 37.95 -7.18 -7.52
CA GLY A 501 37.17 -8.26 -6.94
C GLY A 501 38.00 -9.36 -6.31
N HIS A 502 39.26 -9.50 -6.72
CA HIS A 502 40.16 -10.49 -6.15
C HIS A 502 40.98 -9.95 -4.99
N GLN A 503 40.82 -8.66 -4.66
CA GLN A 503 41.59 -8.07 -3.58
C GLN A 503 41.10 -8.60 -2.23
N PRO A 504 42.00 -8.71 -1.25
CA PRO A 504 41.58 -9.14 0.09
C PRO A 504 40.67 -8.12 0.74
N TYR A 505 39.74 -8.62 1.55
CA TYR A 505 38.79 -7.79 2.28
C TYR A 505 38.63 -8.32 3.69
N ARG A 506 38.91 -7.48 4.68
CA ARG A 506 38.73 -7.85 6.09
C ARG A 506 37.28 -7.67 6.48
N VAL A 507 36.67 -8.74 6.98
CA VAL A 507 35.25 -8.76 7.34
C VAL A 507 35.11 -9.12 8.80
N VAL A 508 34.40 -8.29 9.55
CA VAL A 508 34.10 -8.53 10.96
C VAL A 508 32.58 -8.62 11.11
N VAL A 509 32.12 -9.72 11.69
CA VAL A 509 30.69 -9.98 11.86
C VAL A 509 30.36 -9.90 13.35
N LEU A 510 29.40 -9.05 13.69
CA LEU A 510 28.93 -8.91 15.06
C LEU A 510 27.58 -9.62 15.19
N SER A 511 27.49 -10.53 16.16
CA SER A 511 26.27 -11.27 16.44
C SER A 511 25.62 -10.70 17.69
N PHE A 512 24.36 -10.30 17.56
CA PHE A 512 23.62 -9.67 18.64
C PHE A 512 22.56 -10.61 19.18
N GLU A 513 22.25 -10.45 20.47
CA GLU A 513 21.30 -11.34 21.13
C GLU A 513 20.56 -10.58 22.22
N LEU A 514 19.27 -10.87 22.34
CA LEU A 514 18.43 -10.36 23.42
C LEU A 514 17.86 -11.57 24.15
N LEU A 515 18.37 -11.83 25.35
CA LEU A 515 18.04 -13.07 26.04
C LEU A 515 17.50 -12.82 27.44
N HIS A 516 17.30 -13.89 28.21
CA HIS A 516 16.64 -13.77 29.52
C HIS A 516 17.47 -12.95 30.49
N ALA A 517 18.79 -13.06 30.43
CA ALA A 517 19.65 -12.33 31.34
C ALA A 517 19.59 -10.83 31.04
N PRO A 518 19.73 -9.98 32.06
CA PRO A 518 19.78 -8.54 31.81
C PRO A 518 21.02 -8.17 31.00
N ALA A 519 20.88 -7.08 30.23
CA ALA A 519 21.96 -6.64 29.36
C ALA A 519 23.20 -6.27 30.16
N THR A 520 24.36 -6.71 29.70
CA THR A 520 25.63 -6.40 30.34
C THR A 520 26.50 -5.46 29.52
N VAL A 521 26.22 -5.27 28.24
CA VAL A 521 26.96 -4.37 27.37
C VAL A 521 26.00 -3.28 26.91
N CYS A 522 26.12 -2.09 27.48
CA CYS A 522 25.27 -0.96 27.14
C CYS A 522 26.13 0.26 26.87
N GLY A 523 25.78 1.00 25.81
CA GLY A 523 26.61 2.07 25.33
C GLY A 523 26.48 3.32 26.18
N PRO A 524 27.16 4.39 25.75
CA PRO A 524 27.18 5.63 26.53
C PRO A 524 25.85 6.36 26.48
N LYS A 525 25.11 6.34 27.59
CA LYS A 525 23.84 7.04 27.70
C LYS A 525 23.67 7.83 28.99
N LYS A 526 24.56 7.65 29.97
CA LYS A 526 24.52 8.32 31.27
C LYS A 526 23.31 7.87 32.09
N SER A 527 23.37 8.06 33.40
CA SER A 527 22.32 7.62 34.32
C SER A 527 22.00 8.76 35.28
N THR A 528 21.03 9.59 34.91
CA THR A 528 20.57 10.65 35.79
C THR A 528 19.87 10.05 37.00
N ASN A 529 19.94 10.78 38.13
CA ASN A 529 19.32 10.33 39.36
C ASN A 529 17.82 10.14 39.18
N LEU A 530 17.30 9.03 39.70
CA LEU A 530 15.89 8.71 39.54
C LEU A 530 15.00 9.68 40.30
N VAL A 531 13.79 9.88 39.79
CA VAL A 531 12.79 10.73 40.41
C VAL A 531 11.51 9.92 40.55
N LYS A 532 10.85 10.05 41.70
CA LYS A 532 9.67 9.27 42.02
C LYS A 532 8.43 10.15 42.08
N ASN A 533 7.27 9.52 41.85
CA ASN A 533 5.97 10.17 42.01
C ASN A 533 5.79 11.35 41.06
N LYS A 534 6.39 11.25 39.88
CA LYS A 534 6.27 12.30 38.87
C LYS A 534 6.17 11.69 37.49
N CYS A 535 5.29 12.24 36.66
CA CYS A 535 5.14 11.80 35.28
C CYS A 535 6.42 12.10 34.52
N VAL A 536 7.18 11.07 34.18
CA VAL A 536 8.45 11.21 33.50
C VAL A 536 8.56 10.15 32.41
N ASN A 537 9.10 10.57 31.26
CA ASN A 537 9.32 9.69 30.11
C ASN A 537 10.71 9.10 30.24
N PHE A 538 10.80 7.92 30.84
CA PHE A 538 12.05 7.26 31.15
C PHE A 538 12.50 6.36 30.00
N ASN A 539 13.67 5.76 30.19
CA ASN A 539 14.12 4.66 29.33
C ASN A 539 15.08 3.80 30.14
N PHE A 540 14.82 2.50 30.18
CA PHE A 540 15.61 1.55 30.97
C PHE A 540 16.23 0.55 30.00
N ASN A 541 17.53 0.70 29.75
CA ASN A 541 18.28 -0.22 28.89
C ASN A 541 17.64 -0.32 27.51
N GLY A 542 17.13 0.80 27.01
CA GLY A 542 16.49 0.86 25.72
C GLY A 542 14.97 0.78 25.75
N LEU A 543 14.38 0.33 26.86
CA LEU A 543 12.93 0.26 27.00
C LEU A 543 12.45 1.62 27.49
N LYS A 544 11.88 2.41 26.58
CA LYS A 544 11.48 3.77 26.86
C LYS A 544 9.97 3.86 27.00
N GLY A 545 9.52 4.72 27.91
CA GLY A 545 8.10 4.93 28.14
C GLY A 545 7.90 6.01 29.19
N THR A 546 6.66 6.46 29.29
CA THR A 546 6.28 7.50 30.22
C THR A 546 5.38 6.93 31.31
N GLY A 547 5.47 7.49 32.50
CA GLY A 547 4.69 7.02 33.63
C GLY A 547 5.28 7.54 34.93
N VAL A 548 4.72 7.07 36.03
CA VAL A 548 5.19 7.41 37.36
C VAL A 548 5.83 6.17 37.98
N LEU A 549 7.08 6.31 38.41
CA LEU A 549 7.81 5.21 39.03
C LEU A 549 7.76 5.38 40.54
N THR A 550 6.91 4.61 41.20
CA THR A 550 6.77 4.64 42.64
C THR A 550 7.44 3.41 43.23
N GLU A 551 7.51 3.38 44.56
CA GLU A 551 8.05 2.21 45.24
C GLU A 551 7.14 1.01 45.01
N SER A 552 7.75 -0.14 44.76
CA SER A 552 7.02 -1.37 44.49
C SER A 552 7.38 -2.42 45.53
N ASN A 553 6.35 -3.13 46.01
CA ASN A 553 6.52 -4.19 46.99
C ASN A 553 6.28 -5.57 46.39
N LYS A 554 6.51 -5.73 45.09
CA LYS A 554 6.32 -7.02 44.45
C LYS A 554 7.52 -7.93 44.70
N LYS A 555 7.23 -9.16 45.15
CA LYS A 555 8.27 -10.09 45.55
C LYS A 555 8.89 -10.73 44.30
N PHE A 556 9.67 -9.93 43.59
CA PHE A 556 10.43 -10.46 42.47
C PHE A 556 11.41 -11.52 42.94
N LEU A 557 11.44 -12.65 42.23
CA LEU A 557 12.41 -13.67 42.51
C LEU A 557 13.81 -13.13 42.21
N PRO A 558 14.84 -13.64 42.89
CA PRO A 558 16.19 -13.10 42.68
C PRO A 558 16.66 -13.16 41.24
N PHE A 559 16.08 -14.05 40.44
CA PHE A 559 16.41 -14.10 39.02
C PHE A 559 15.50 -13.22 38.17
N GLN A 560 14.29 -12.94 38.64
CA GLN A 560 13.33 -12.16 37.88
C GLN A 560 13.82 -10.74 37.68
N GLN A 561 13.53 -10.17 36.52
CA GLN A 561 13.95 -8.82 36.17
C GLN A 561 12.80 -7.89 35.87
N PHE A 562 11.81 -8.34 35.08
CA PHE A 562 10.75 -7.48 34.61
C PHE A 562 9.41 -7.92 35.22
N GLY A 563 8.40 -7.06 35.05
CA GLY A 563 7.06 -7.37 35.53
C GLY A 563 6.03 -7.13 34.45
N ARG A 564 5.19 -8.13 34.18
CA ARG A 564 4.24 -8.07 33.09
C ARG A 564 2.81 -8.08 33.62
N ASP A 565 1.93 -7.35 32.93
CA ASP A 565 0.53 -7.29 33.27
C ASP A 565 -0.27 -8.19 32.31
N ILE A 566 -1.60 -8.09 32.38
CA ILE A 566 -2.46 -8.94 31.56
C ILE A 566 -2.22 -8.67 30.08
N ALA A 567 -2.13 -7.40 29.69
CA ALA A 567 -2.04 -7.02 28.29
C ALA A 567 -0.62 -7.06 27.74
N ASP A 568 0.28 -7.83 28.36
CA ASP A 568 1.66 -7.98 27.90
C ASP A 568 2.39 -6.65 27.78
N THR A 569 2.22 -5.77 28.77
CA THR A 569 2.94 -4.52 28.83
C THR A 569 3.66 -4.40 30.17
N THR A 570 4.70 -3.58 30.21
CA THR A 570 5.49 -3.44 31.42
C THR A 570 4.66 -2.92 32.57
N ASP A 571 4.78 -3.56 33.72
CA ASP A 571 4.11 -3.13 34.95
C ASP A 571 5.08 -2.89 36.09
N ALA A 572 6.12 -3.70 36.22
CA ALA A 572 7.18 -3.50 37.20
C ALA A 572 8.53 -3.69 36.52
N VAL A 573 9.54 -2.96 37.00
CA VAL A 573 10.87 -2.99 36.39
C VAL A 573 11.92 -3.04 37.49
N ARG A 574 13.11 -3.50 37.13
CA ARG A 574 14.28 -3.49 38.00
C ARG A 574 15.37 -2.66 37.32
N ASP A 575 15.80 -1.59 37.99
CA ASP A 575 16.75 -0.68 37.40
C ASP A 575 18.15 -1.30 37.38
N PRO A 576 18.96 -0.97 36.37
CA PRO A 576 20.32 -1.54 36.30
C PRO A 576 21.19 -1.18 37.49
N GLN A 577 21.05 0.02 38.05
CA GLN A 577 21.78 0.43 39.23
C GLN A 577 20.89 0.36 40.46
N THR A 578 21.52 0.20 41.62
CA THR A 578 20.85 0.14 42.92
C THR A 578 19.89 -1.03 43.02
N LEU A 579 19.77 -1.83 41.95
CA LEU A 579 18.99 -3.06 41.91
C LEU A 579 17.66 -2.94 42.67
N GLU A 580 16.85 -1.96 42.26
CA GLU A 580 15.59 -1.68 42.93
C GLU A 580 14.42 -1.97 42.00
N ILE A 581 13.32 -2.43 42.60
CA ILE A 581 12.09 -2.74 41.89
C ILE A 581 11.18 -1.53 41.95
N LEU A 582 10.51 -1.21 40.84
CA LEU A 582 9.69 -0.02 40.73
C LEU A 582 8.34 -0.38 40.13
N ASP A 583 7.33 0.43 40.46
CA ASP A 583 5.99 0.29 39.92
C ASP A 583 5.81 1.26 38.76
N ILE A 584 5.10 0.82 37.73
CA ILE A 584 4.80 1.67 36.58
C ILE A 584 3.30 1.85 36.49
N THR A 585 2.85 3.11 36.58
CA THR A 585 1.44 3.45 36.55
C THR A 585 1.24 4.57 35.55
N PRO A 586 0.26 4.47 34.65
CA PRO A 586 0.04 5.55 33.68
C PRO A 586 -0.34 6.85 34.38
N CYS A 587 0.11 7.96 33.79
CA CYS A 587 -0.21 9.27 34.34
C CYS A 587 -1.70 9.57 34.20
N SER A 588 -2.18 10.49 35.03
CA SER A 588 -3.61 10.73 35.13
C SER A 588 -4.20 11.17 33.79
N PHE A 589 -5.40 10.67 33.51
CA PHE A 589 -6.10 11.00 32.27
C PHE A 589 -7.58 10.78 32.48
N GLY A 590 -8.38 11.34 31.58
CA GLY A 590 -9.81 11.17 31.65
C GLY A 590 -10.51 11.99 30.58
N GLY A 591 -11.83 11.83 30.52
CA GLY A 591 -12.65 12.57 29.58
C GLY A 591 -13.04 13.92 30.11
N VAL A 592 -13.43 14.80 29.19
CA VAL A 592 -13.84 16.17 29.51
C VAL A 592 -15.17 16.44 28.83
N SER A 593 -16.13 16.95 29.61
CA SER A 593 -17.45 17.29 29.10
C SER A 593 -17.78 18.72 29.47
N VAL A 594 -18.48 19.41 28.58
CA VAL A 594 -18.85 20.81 28.77
C VAL A 594 -20.35 20.90 28.96
N ILE A 595 -20.76 21.50 30.07
CA ILE A 595 -22.17 21.71 30.40
C ILE A 595 -22.50 23.17 30.12
N THR A 596 -23.48 23.41 29.26
CA THR A 596 -23.79 24.76 28.85
C THR A 596 -25.25 24.87 28.47
N PRO A 597 -25.92 25.96 28.86
CA PRO A 597 -27.20 26.31 28.24
C PRO A 597 -26.98 26.83 26.83
N GLY A 598 -28.07 26.92 26.08
CA GLY A 598 -27.97 27.38 24.71
C GLY A 598 -27.40 28.79 24.62
N THR A 599 -26.61 29.02 23.57
CA THR A 599 -26.06 30.34 23.34
C THR A 599 -27.13 31.40 23.14
N ASN A 600 -28.33 30.99 22.72
CA ASN A 600 -29.45 31.93 22.64
C ASN A 600 -29.80 32.50 24.01
N THR A 601 -29.46 31.78 25.09
CA THR A 601 -29.73 32.25 26.45
C THR A 601 -28.52 32.99 27.03
N SER A 602 -27.39 32.28 27.12
CA SER A 602 -26.17 32.86 27.68
C SER A 602 -24.99 32.10 27.12
N ASN A 603 -23.78 32.46 27.56
CA ASN A 603 -22.57 31.81 27.07
C ASN A 603 -21.62 31.41 28.20
N GLN A 604 -22.13 31.17 29.40
CA GLN A 604 -21.30 30.59 30.45
C GLN A 604 -21.31 29.07 30.33
N VAL A 605 -20.21 28.45 30.77
CA VAL A 605 -20.03 27.01 30.66
C VAL A 605 -19.49 26.46 31.96
N ALA A 606 -19.72 25.17 32.19
CA ALA A 606 -19.13 24.42 33.28
C ALA A 606 -18.49 23.17 32.72
N VAL A 607 -17.35 22.79 33.29
CA VAL A 607 -16.53 21.70 32.78
C VAL A 607 -16.55 20.56 33.77
N LEU A 608 -16.69 19.34 33.26
CA LEU A 608 -16.73 18.13 34.09
C LEU A 608 -15.60 17.21 33.66
N TYR A 609 -14.66 16.97 34.57
CA TYR A 609 -13.58 16.03 34.34
C TYR A 609 -14.01 14.65 34.84
N GLN A 610 -14.33 13.77 33.91
CA GLN A 610 -14.92 12.48 34.25
C GLN A 610 -13.91 11.58 34.94
N GLY A 611 -14.31 11.03 36.09
CA GLY A 611 -13.49 10.06 36.80
C GLY A 611 -12.14 10.56 37.23
N VAL A 612 -12.08 11.77 37.78
CA VAL A 612 -10.83 12.38 38.22
C VAL A 612 -11.06 13.03 39.58
N ASN A 613 -10.18 12.74 40.53
CA ASN A 613 -10.24 13.40 41.83
C ASN A 613 -9.96 14.88 41.67
N CYS A 614 -10.64 15.69 42.48
CA CYS A 614 -10.62 17.14 42.29
C CYS A 614 -9.26 17.77 42.58
N THR A 615 -8.32 17.04 43.18
CA THR A 615 -7.01 17.56 43.50
C THR A 615 -5.97 17.27 42.43
N GLU A 616 -6.37 16.67 41.31
CA GLU A 616 -5.45 16.32 40.22
C GLU A 616 -5.78 17.09 38.96
N VAL A 617 -6.08 18.38 39.10
CA VAL A 617 -6.36 19.23 37.95
C VAL A 617 -5.44 20.44 37.94
N ASN A 638 -16.28 27.16 44.07
CA ASN A 638 -16.91 26.84 42.79
C ASN A 638 -16.45 25.49 42.26
N VAL A 639 -15.80 24.71 43.13
CA VAL A 639 -15.30 23.39 42.78
C VAL A 639 -16.10 22.35 43.57
N PHE A 640 -16.69 21.40 42.86
CA PHE A 640 -17.54 20.38 43.45
C PHE A 640 -17.03 19.01 43.07
N GLN A 641 -17.13 18.07 44.00
CA GLN A 641 -16.69 16.70 43.80
C GLN A 641 -17.90 15.78 43.82
N THR A 642 -18.20 15.17 42.68
CA THR A 642 -19.31 14.25 42.55
C THR A 642 -18.78 12.85 42.29
N ARG A 643 -19.69 11.88 42.23
CA ARG A 643 -19.30 10.51 41.92
C ARG A 643 -18.80 10.38 40.49
N ALA A 644 -19.35 11.18 39.57
CA ALA A 644 -18.92 11.11 38.18
C ALA A 644 -17.54 11.70 37.99
N GLY A 645 -17.21 12.76 38.74
CA GLY A 645 -15.91 13.40 38.60
C GLY A 645 -15.87 14.73 39.30
N CYS A 646 -15.00 15.61 38.80
CA CYS A 646 -14.81 16.94 39.35
C CYS A 646 -15.54 17.95 38.49
N LEU A 647 -16.35 18.79 39.12
CA LEU A 647 -17.16 19.78 38.42
C LEU A 647 -16.62 21.18 38.72
N ILE A 648 -16.36 21.94 37.66
CA ILE A 648 -15.79 23.28 37.76
C ILE A 648 -16.76 24.28 37.15
N GLY A 649 -17.08 25.33 37.90
CA GLY A 649 -17.93 26.39 37.42
C GLY A 649 -19.37 26.32 37.88
N ALA A 650 -19.73 25.31 38.67
CA ALA A 650 -21.09 25.17 39.17
C ALA A 650 -21.06 25.05 40.69
N GLU A 651 -22.07 25.61 41.33
CA GLU A 651 -22.18 25.62 42.79
C GLU A 651 -23.30 24.70 43.24
N TYR A 652 -23.05 23.94 44.30
CA TYR A 652 -24.06 23.04 44.84
C TYR A 652 -25.12 23.81 45.59
N VAL A 653 -26.36 23.34 45.49
CA VAL A 653 -27.50 23.96 46.17
C VAL A 653 -28.25 22.88 46.93
N ASN A 654 -28.58 23.15 48.20
CA ASN A 654 -29.30 22.19 49.00
C ASN A 654 -30.73 21.98 48.51
N ASN A 655 -31.27 22.90 47.73
CA ASN A 655 -32.61 22.76 47.21
C ASN A 655 -32.69 21.62 46.19
N SER A 656 -33.92 21.30 45.78
CA SER A 656 -34.14 20.22 44.82
C SER A 656 -35.18 20.66 43.79
N TYR A 657 -34.92 20.32 42.54
CA TYR A 657 -35.84 20.58 41.44
C TYR A 657 -35.82 19.40 40.49
N GLU A 658 -36.59 19.51 39.40
CA GLU A 658 -36.58 18.47 38.39
C GLU A 658 -35.27 18.47 37.63
N CYS A 659 -34.93 17.34 37.03
CA CYS A 659 -33.68 17.24 36.28
C CYS A 659 -33.81 17.98 34.95
N ASP A 660 -32.81 18.82 34.65
CA ASP A 660 -32.78 19.57 33.40
C ASP A 660 -31.63 19.12 32.52
N ILE A 661 -30.40 19.14 33.02
CA ILE A 661 -29.23 18.63 32.32
C ILE A 661 -28.64 17.52 33.17
N PRO A 662 -28.85 16.24 32.82
CA PRO A 662 -28.34 15.14 33.64
C PRO A 662 -26.82 15.13 33.64
N ILE A 663 -26.25 14.70 34.77
CA ILE A 663 -24.80 14.60 34.92
C ILE A 663 -24.38 13.20 35.30
N GLY A 664 -24.99 12.63 36.33
CA GLY A 664 -24.69 11.28 36.77
C GLY A 664 -24.79 11.17 38.28
N ALA A 665 -25.13 9.96 38.73
CA ALA A 665 -25.26 9.65 40.15
C ALA A 665 -26.25 10.56 40.86
N GLY A 666 -27.36 10.88 40.19
CA GLY A 666 -28.41 11.67 40.81
C GLY A 666 -28.19 13.16 40.83
N ILE A 667 -27.16 13.66 40.14
CA ILE A 667 -26.86 15.08 40.10
C ILE A 667 -27.28 15.64 38.75
N CYS A 668 -28.03 16.74 38.78
CA CYS A 668 -28.44 17.43 37.56
C CYS A 668 -28.07 18.90 37.69
N ALA A 669 -27.85 19.54 36.54
CA ALA A 669 -27.44 20.93 36.49
C ALA A 669 -28.50 21.75 35.77
N SER A 670 -28.59 23.03 36.15
CA SER A 670 -29.58 23.92 35.56
C SER A 670 -29.04 25.35 35.60
N TYR A 671 -29.67 26.21 34.82
CA TYR A 671 -29.31 27.62 34.73
C TYR A 671 -30.42 28.46 35.32
N GLN A 672 -30.08 29.31 36.28
CA GLN A 672 -31.06 30.18 36.92
C GLN A 672 -30.53 31.60 37.06
N SER A 688 -26.32 32.45 36.99
CA SER A 688 -25.24 31.48 37.09
C SER A 688 -25.76 30.05 36.94
N ILE A 689 -24.85 29.08 36.99
CA ILE A 689 -25.18 27.67 36.79
C ILE A 689 -25.10 26.96 38.13
N ILE A 690 -26.12 26.17 38.45
CA ILE A 690 -26.22 25.49 39.73
C ILE A 690 -26.30 23.99 39.50
N ALA A 691 -25.93 23.24 40.53
CA ALA A 691 -26.03 21.79 40.52
C ALA A 691 -26.71 21.33 41.80
N TYR A 692 -27.49 20.27 41.71
CA TYR A 692 -28.29 19.81 42.82
C TYR A 692 -28.55 18.32 42.68
N THR A 693 -29.42 17.81 43.56
CA THR A 693 -29.89 16.43 43.46
C THR A 693 -31.33 16.44 42.96
N MET A 694 -31.60 15.67 41.91
CA MET A 694 -32.91 15.67 41.30
C MET A 694 -33.96 15.12 42.26
N SER A 695 -35.15 15.69 42.19
CA SER A 695 -36.27 15.28 43.04
C SER A 695 -37.16 14.33 42.25
N LEU A 696 -37.55 13.24 42.90
CA LEU A 696 -38.34 12.22 42.21
C LEU A 696 -39.76 12.70 41.94
N GLY A 697 -40.36 13.41 42.89
CA GLY A 697 -41.70 13.92 42.69
C GLY A 697 -42.26 14.48 43.97
N ALA A 698 -43.47 15.00 43.87
CA ALA A 698 -44.16 15.57 45.02
C ALA A 698 -44.59 14.46 45.97
N GLU A 699 -44.27 14.63 47.25
CA GLU A 699 -44.62 13.64 48.26
C GLU A 699 -46.12 13.68 48.54
N ASN A 700 -46.70 12.50 48.76
CA ASN A 700 -48.12 12.38 49.00
C ASN A 700 -48.34 11.27 50.02
N SER A 701 -49.47 11.32 50.72
CA SER A 701 -49.86 10.31 51.68
C SER A 701 -51.37 10.11 51.63
N VAL A 702 -51.79 8.86 51.56
CA VAL A 702 -53.21 8.52 51.49
C VAL A 702 -53.69 8.13 52.89
N ALA A 703 -54.88 8.59 53.24
CA ALA A 703 -55.43 8.37 54.58
C ALA A 703 -56.13 7.02 54.62
N TYR A 704 -55.32 5.96 54.62
CA TYR A 704 -55.83 4.61 54.71
C TYR A 704 -56.40 4.36 56.11
N SER A 705 -57.50 3.61 56.16
CA SER A 705 -58.09 3.20 57.43
C SER A 705 -58.88 1.92 57.20
N ASN A 706 -59.26 1.27 58.29
CA ASN A 706 -59.84 -0.06 58.19
C ASN A 706 -61.22 -0.08 57.53
N ASN A 707 -61.97 1.03 57.60
CA ASN A 707 -63.33 1.02 57.09
C ASN A 707 -63.71 2.30 56.36
N SER A 708 -62.77 2.94 55.67
CA SER A 708 -63.04 4.18 54.95
C SER A 708 -62.79 3.98 53.46
N ILE A 709 -63.71 4.51 52.64
CA ILE A 709 -63.61 4.45 51.20
C ILE A 709 -63.88 5.84 50.62
N ALA A 710 -63.35 6.07 49.42
CA ALA A 710 -63.51 7.34 48.72
C ALA A 710 -64.06 7.07 47.33
N ILE A 711 -65.09 7.81 46.94
CA ILE A 711 -65.78 7.58 45.68
C ILE A 711 -65.85 8.88 44.88
N PRO A 712 -65.50 8.86 43.60
CA PRO A 712 -65.59 10.09 42.79
C PRO A 712 -67.01 10.55 42.60
N THR A 713 -67.18 11.87 42.41
CA THR A 713 -68.48 12.46 42.17
C THR A 713 -68.53 13.26 40.88
N ASN A 714 -67.46 13.27 40.10
CA ASN A 714 -67.38 14.05 38.87
C ASN A 714 -66.30 13.43 38.00
N PHE A 715 -66.34 13.77 36.71
CA PHE A 715 -65.40 13.18 35.76
C PHE A 715 -64.80 14.27 34.89
N THR A 716 -63.92 13.84 33.98
CA THR A 716 -63.25 14.77 33.08
C THR A 716 -62.75 14.00 31.86
N ILE A 717 -63.23 14.39 30.69
CA ILE A 717 -62.80 13.76 29.44
C ILE A 717 -61.48 14.40 29.01
N SER A 718 -60.47 13.55 28.77
CA SER A 718 -59.14 14.02 28.46
C SER A 718 -58.69 13.45 27.13
N VAL A 719 -57.91 14.23 26.38
CA VAL A 719 -57.36 13.83 25.09
C VAL A 719 -55.86 14.04 25.13
N THR A 720 -55.11 13.02 24.71
CA THR A 720 -53.66 13.04 24.68
C THR A 720 -53.18 12.64 23.29
N THR A 721 -51.85 12.66 23.13
CA THR A 721 -51.22 12.25 21.88
C THR A 721 -50.22 11.12 22.11
N GLU A 722 -49.83 10.48 21.02
CA GLU A 722 -48.79 9.45 21.04
C GLU A 722 -48.22 9.34 19.64
N ILE A 723 -46.95 9.72 19.48
CA ILE A 723 -46.31 9.79 18.17
C ILE A 723 -45.43 8.56 18.00
N LEU A 724 -45.60 7.87 16.88
CA LEU A 724 -44.85 6.65 16.61
C LEU A 724 -44.29 6.66 15.20
N PRO A 725 -42.98 6.47 15.03
CA PRO A 725 -42.43 6.30 13.67
C PRO A 725 -42.88 4.98 13.08
N VAL A 726 -42.94 4.95 11.74
CA VAL A 726 -43.41 3.79 11.01
C VAL A 726 -42.36 3.29 10.02
N SER A 727 -41.85 4.18 9.17
CA SER A 727 -40.88 3.80 8.15
C SER A 727 -39.82 4.88 8.04
N MET A 728 -38.66 4.51 7.52
CA MET A 728 -37.58 5.44 7.27
C MET A 728 -37.31 5.54 5.77
N THR A 729 -36.31 6.34 5.42
CA THR A 729 -36.05 6.65 4.02
C THR A 729 -35.47 5.44 3.30
N LYS A 730 -36.04 5.13 2.13
CA LYS A 730 -35.53 4.04 1.30
C LYS A 730 -34.37 4.56 0.47
N THR A 731 -33.17 4.03 0.72
CA THR A 731 -31.97 4.46 0.04
C THR A 731 -31.41 3.32 -0.82
N SER A 732 -30.56 3.69 -1.78
CA SER A 732 -29.88 2.74 -2.64
C SER A 732 -28.54 3.31 -3.05
N VAL A 733 -27.54 2.44 -3.16
CA VAL A 733 -26.17 2.86 -3.41
C VAL A 733 -25.67 2.24 -4.71
N ASP A 734 -24.79 2.97 -5.39
CA ASP A 734 -24.07 2.45 -6.54
C ASP A 734 -22.64 2.14 -6.11
N CYS A 735 -22.29 0.85 -6.13
CA CYS A 735 -21.01 0.43 -5.55
C CYS A 735 -19.83 0.95 -6.37
N THR A 736 -19.86 0.76 -7.69
CA THR A 736 -18.68 1.02 -8.49
C THR A 736 -18.37 2.51 -8.60
N MET A 737 -19.39 3.36 -8.68
CA MET A 737 -19.14 4.78 -8.78
C MET A 737 -18.71 5.37 -7.44
N TYR A 738 -19.33 4.92 -6.35
CA TYR A 738 -18.93 5.42 -5.04
C TYR A 738 -17.50 5.01 -4.71
N ILE A 739 -17.12 3.78 -5.05
CA ILE A 739 -15.85 3.24 -4.56
C ILE A 739 -14.67 4.05 -5.07
N CYS A 740 -14.62 4.34 -6.37
CA CYS A 740 -13.58 5.22 -6.89
C CYS A 740 -14.08 6.27 -7.88
N GLY A 741 -15.11 5.96 -8.64
CA GLY A 741 -15.68 6.92 -9.57
C GLY A 741 -15.47 6.51 -11.03
N ASP A 742 -14.81 7.38 -11.80
CA ASP A 742 -14.77 7.29 -13.25
C ASP A 742 -13.50 6.65 -13.79
N SER A 743 -12.94 5.65 -13.11
CA SER A 743 -11.74 4.98 -13.58
C SER A 743 -12.07 3.54 -13.95
N THR A 744 -11.89 3.18 -15.23
CA THR A 744 -12.18 1.83 -15.69
C THR A 744 -11.14 0.84 -15.19
N GLU A 745 -9.87 1.24 -15.21
CA GLU A 745 -8.84 0.41 -14.60
C GLU A 745 -9.16 0.14 -13.12
N CYS A 746 -9.66 1.14 -12.41
CA CYS A 746 -10.17 0.88 -11.07
C CYS A 746 -11.25 -0.19 -11.09
N SER A 747 -12.09 -0.22 -12.14
CA SER A 747 -13.17 -1.19 -12.18
C SER A 747 -12.67 -2.62 -12.36
N ASN A 748 -11.65 -2.83 -13.20
CA ASN A 748 -11.21 -4.23 -13.37
C ASN A 748 -10.21 -4.65 -12.30
N LEU A 749 -9.66 -3.71 -11.52
CA LEU A 749 -9.11 -4.15 -10.23
C LEU A 749 -10.20 -4.39 -9.18
N LEU A 750 -11.37 -3.76 -9.37
CA LEU A 750 -12.49 -4.03 -8.47
C LEU A 750 -13.03 -5.44 -8.66
N LEU A 751 -13.27 -5.82 -9.92
CA LEU A 751 -14.06 -7.01 -10.20
C LEU A 751 -13.44 -8.28 -9.65
N GLN A 752 -12.15 -8.27 -9.32
CA GLN A 752 -11.51 -9.43 -8.72
C GLN A 752 -11.57 -9.43 -7.19
N TYR A 753 -12.22 -8.44 -6.58
CA TYR A 753 -12.37 -8.41 -5.14
C TYR A 753 -13.56 -9.23 -4.65
N GLY A 754 -14.40 -9.74 -5.54
CA GLY A 754 -15.50 -10.59 -5.13
C GLY A 754 -16.88 -10.03 -5.40
N SER A 755 -17.84 -10.38 -4.56
CA SER A 755 -19.24 -10.03 -4.77
C SER A 755 -19.78 -9.23 -3.58
N PHE A 756 -18.99 -8.29 -3.07
CA PHE A 756 -19.46 -7.46 -1.97
C PHE A 756 -20.59 -6.53 -2.41
N CYS A 757 -20.45 -5.94 -3.60
CA CYS A 757 -21.46 -5.01 -4.09
C CYS A 757 -22.81 -5.67 -4.24
N THR A 758 -22.82 -6.94 -4.65
CA THR A 758 -24.09 -7.68 -4.73
C THR A 758 -24.72 -7.83 -3.36
N GLN A 759 -23.92 -8.13 -2.34
CA GLN A 759 -24.45 -8.22 -0.98
C GLN A 759 -25.06 -6.91 -0.53
N LEU A 760 -24.36 -5.80 -0.79
CA LEU A 760 -24.88 -4.49 -0.39
C LEU A 760 -26.17 -4.16 -1.11
N LYS A 761 -26.22 -4.41 -2.42
CA LYS A 761 -27.44 -4.18 -3.19
C LYS A 761 -28.59 -4.98 -2.63
N ARG A 762 -28.36 -6.27 -2.35
CA ARG A 762 -29.43 -7.12 -1.84
C ARG A 762 -29.92 -6.64 -0.48
N ALA A 763 -29.00 -6.26 0.41
CA ALA A 763 -29.39 -5.79 1.74
C ALA A 763 -30.24 -4.52 1.63
N LEU A 764 -29.82 -3.58 0.79
CA LEU A 764 -30.58 -2.34 0.67
C LEU A 764 -31.94 -2.58 0.03
N THR A 765 -32.02 -3.48 -0.95
CA THR A 765 -33.31 -3.82 -1.55
C THR A 765 -34.24 -4.45 -0.52
N GLY A 766 -33.70 -5.36 0.30
CA GLY A 766 -34.51 -5.93 1.36
C GLY A 766 -35.01 -4.89 2.34
N ILE A 767 -34.17 -3.93 2.69
CA ILE A 767 -34.59 -2.87 3.60
C ILE A 767 -35.72 -2.03 2.99
N ALA A 768 -35.60 -1.69 1.70
CA ALA A 768 -36.65 -0.90 1.05
C ALA A 768 -37.96 -1.66 1.01
N VAL A 769 -37.91 -2.95 0.65
CA VAL A 769 -39.13 -3.75 0.63
C VAL A 769 -39.72 -3.85 2.03
N GLU A 770 -38.88 -3.94 3.06
CA GLU A 770 -39.36 -3.97 4.43
C GLU A 770 -40.09 -2.68 4.79
N GLN A 771 -39.56 -1.53 4.35
CA GLN A 771 -40.24 -0.27 4.63
C GLN A 771 -41.62 -0.22 3.97
N ASP A 772 -41.70 -0.65 2.72
CA ASP A 772 -42.99 -0.67 2.04
C ASP A 772 -43.98 -1.59 2.77
N LYS A 773 -43.51 -2.76 3.19
CA LYS A 773 -44.36 -3.69 3.91
C LYS A 773 -44.82 -3.09 5.24
N ASN A 774 -43.92 -2.37 5.92
CA ASN A 774 -44.28 -1.73 7.18
C ASN A 774 -45.43 -0.76 6.99
N THR A 775 -45.31 0.13 6.00
CA THR A 775 -46.37 1.11 5.76
C THR A 775 -47.69 0.41 5.41
N GLN A 776 -47.62 -0.60 4.54
CA GLN A 776 -48.82 -1.32 4.14
C GLN A 776 -49.50 -1.97 5.33
N GLU A 777 -48.71 -2.60 6.21
CA GLU A 777 -49.27 -3.29 7.35
C GLU A 777 -49.89 -2.32 8.35
N VAL A 778 -49.23 -1.18 8.60
CA VAL A 778 -49.76 -0.25 9.59
C VAL A 778 -51.06 0.38 9.11
N PHE A 779 -51.10 0.83 7.85
CA PHE A 779 -52.25 1.63 7.41
C PHE A 779 -53.33 0.82 6.72
N ALA A 780 -52.97 -0.04 5.77
CA ALA A 780 -53.96 -0.76 4.96
C ALA A 780 -54.57 -1.88 5.80
N GLN A 781 -55.54 -1.51 6.63
CA GLN A 781 -56.26 -2.48 7.46
C GLN A 781 -57.74 -2.60 7.13
N VAL A 782 -58.28 -1.75 6.26
CA VAL A 782 -59.67 -1.83 5.84
C VAL A 782 -59.70 -1.96 4.33
N LYS A 783 -60.56 -2.85 3.83
CA LYS A 783 -60.69 -3.07 2.40
C LYS A 783 -61.85 -2.31 1.79
N GLN A 784 -62.52 -1.46 2.55
CA GLN A 784 -63.61 -0.62 2.07
C GLN A 784 -63.30 0.82 2.41
N ILE A 785 -63.54 1.73 1.47
CA ILE A 785 -63.27 3.16 1.67
C ILE A 785 -64.59 3.79 2.11
N TYR A 786 -64.75 3.96 3.42
CA TYR A 786 -65.95 4.58 3.94
C TYR A 786 -65.91 6.09 3.74
N LYS A 787 -67.10 6.68 3.62
CA LYS A 787 -67.24 8.11 3.38
C LYS A 787 -68.23 8.70 4.37
N THR A 788 -67.86 9.82 4.96
CA THR A 788 -68.69 10.46 5.97
C THR A 788 -69.94 11.07 5.33
N PRO A 789 -71.06 11.09 6.05
CA PRO A 789 -72.26 11.74 5.53
C PRO A 789 -72.05 13.24 5.40
N PRO A 790 -72.73 13.89 4.46
CA PRO A 790 -72.56 15.34 4.29
C PRO A 790 -73.01 16.16 5.49
N ILE A 791 -74.12 15.79 6.13
CA ILE A 791 -74.64 16.54 7.26
C ILE A 791 -73.89 16.12 8.52
N LYS A 792 -72.82 16.84 8.86
CA LYS A 792 -71.96 16.46 9.97
C LYS A 792 -72.51 17.02 11.28
N TYR A 793 -73.52 16.32 11.80
CA TYR A 793 -74.06 16.59 13.12
C TYR A 793 -74.13 15.28 13.89
N PHE A 794 -73.42 15.21 15.02
CA PHE A 794 -73.28 14.01 15.81
C PHE A 794 -73.67 14.25 17.26
N GLY A 795 -74.82 14.89 17.46
CA GLY A 795 -75.33 15.11 18.80
C GLY A 795 -74.49 16.03 19.66
N GLY A 796 -73.92 17.08 19.07
CA GLY A 796 -73.16 18.05 19.81
C GLY A 796 -71.65 17.89 19.71
N PHE A 797 -71.15 16.72 19.32
CA PHE A 797 -69.72 16.52 19.18
C PHE A 797 -69.23 17.19 17.91
N ASN A 798 -68.06 17.81 17.97
CA ASN A 798 -67.50 18.59 16.88
C ASN A 798 -66.21 17.94 16.42
N PHE A 799 -66.27 17.29 15.25
CA PHE A 799 -65.14 16.56 14.69
C PHE A 799 -64.46 17.33 13.56
N SER A 800 -64.74 18.62 13.44
CA SER A 800 -64.22 19.39 12.32
C SER A 800 -62.70 19.48 12.35
N GLN A 801 -62.10 19.30 13.53
CA GLN A 801 -60.65 19.42 13.64
C GLN A 801 -59.92 18.20 13.09
N ILE A 802 -60.58 17.07 12.94
CA ILE A 802 -59.93 15.86 12.46
C ILE A 802 -60.49 15.38 11.13
N LEU A 803 -61.68 15.80 10.72
CA LEU A 803 -62.21 15.38 9.44
C LEU A 803 -61.55 16.15 8.30
N PRO A 804 -61.45 15.54 7.12
CA PRO A 804 -60.76 16.22 6.01
C PRO A 804 -61.44 17.51 5.62
N ASP A 805 -60.63 18.48 5.19
CA ASP A 805 -61.12 19.79 4.81
C ASP A 805 -61.18 19.89 3.29
N PRO A 806 -62.37 19.99 2.69
CA PRO A 806 -62.45 20.11 1.22
C PRO A 806 -61.80 21.36 0.67
N SER A 807 -61.74 22.44 1.44
CA SER A 807 -61.17 23.69 0.93
C SER A 807 -59.70 23.53 0.58
N LYS A 808 -58.95 22.83 1.42
CA LYS A 808 -57.55 22.57 1.13
C LYS A 808 -57.43 21.68 -0.10
N PRO A 809 -56.59 22.03 -1.08
CA PRO A 809 -56.43 21.16 -2.25
C PRO A 809 -55.86 19.80 -1.92
N SER A 810 -55.08 19.69 -0.83
CA SER A 810 -54.45 18.42 -0.47
C SER A 810 -55.39 17.47 0.26
N LYS A 811 -56.60 17.93 0.62
CA LYS A 811 -57.57 17.10 1.33
C LYS A 811 -57.00 16.56 2.64
N ARG A 812 -56.66 17.47 3.54
CA ARG A 812 -56.09 17.13 4.84
C ARG A 812 -56.78 17.94 5.92
N SER A 813 -57.02 17.30 7.06
CA SER A 813 -57.58 17.99 8.21
C SER A 813 -56.54 18.93 8.81
N PRO A 814 -56.99 19.95 9.55
CA PRO A 814 -56.03 20.93 10.10
C PRO A 814 -54.93 20.31 10.94
N ILE A 815 -55.22 19.25 11.70
CA ILE A 815 -54.22 18.65 12.57
C ILE A 815 -53.06 18.07 11.76
N GLU A 816 -53.37 17.29 10.72
CA GLU A 816 -52.30 16.69 9.94
C GLU A 816 -51.60 17.73 9.08
N ASP A 817 -52.31 18.79 8.66
CA ASP A 817 -51.64 19.88 7.97
C ASP A 817 -50.61 20.55 8.87
N LEU A 818 -50.99 20.80 10.13
CA LEU A 818 -50.04 21.36 11.08
C LEU A 818 -48.87 20.41 11.31
N LEU A 819 -49.15 19.10 11.40
CA LEU A 819 -48.08 18.14 11.59
C LEU A 819 -47.11 18.14 10.41
N PHE A 820 -47.63 18.21 9.19
CA PHE A 820 -46.77 18.27 8.02
C PHE A 820 -45.94 19.53 8.00
N ASN A 821 -46.55 20.67 8.34
CA ASN A 821 -45.81 21.93 8.35
C ASN A 821 -44.80 22.00 9.48
N LYS A 822 -44.95 21.21 10.53
CA LYS A 822 -44.06 21.26 11.67
C LYS A 822 -42.82 20.37 11.52
N VAL A 823 -42.74 19.57 10.46
CA VAL A 823 -41.62 18.66 10.24
C VAL A 823 -40.94 19.05 8.93
N THR A 824 -39.63 19.26 8.99
CA THR A 824 -38.86 19.63 7.81
C THR A 824 -38.35 18.38 7.08
N GLN A 850 -29.83 17.95 -3.97
CA GLN A 850 -28.81 17.14 -3.30
C GLN A 850 -27.72 16.71 -4.24
N LYS A 851 -26.55 16.43 -3.69
CA LYS A 851 -25.43 15.96 -4.48
C LYS A 851 -25.20 14.48 -4.18
N PHE A 852 -25.33 13.64 -5.20
CA PHE A 852 -25.30 12.20 -5.05
C PHE A 852 -24.16 11.63 -5.87
N LYS A 853 -23.41 10.70 -5.28
CA LYS A 853 -22.34 9.98 -5.95
C LYS A 853 -22.64 8.48 -6.00
N GLY A 854 -23.87 8.13 -6.30
CA GLY A 854 -24.31 6.75 -6.20
C GLY A 854 -25.40 6.59 -5.15
N LEU A 855 -25.47 7.55 -4.23
CA LEU A 855 -26.44 7.50 -3.16
C LEU A 855 -27.77 8.06 -3.64
N THR A 856 -28.72 7.18 -3.91
CA THR A 856 -30.03 7.56 -4.41
C THR A 856 -31.09 7.34 -3.33
N VAL A 857 -32.23 7.99 -3.51
CA VAL A 857 -33.35 7.90 -2.56
C VAL A 857 -34.57 7.51 -3.38
N LEU A 858 -35.04 6.28 -3.20
CA LEU A 858 -36.19 5.81 -3.95
C LEU A 858 -37.47 6.41 -3.36
N PRO A 859 -38.49 6.66 -4.18
CA PRO A 859 -39.74 7.19 -3.65
C PRO A 859 -40.56 6.08 -3.03
N PRO A 860 -41.35 6.38 -2.00
CA PRO A 860 -42.21 5.36 -1.39
C PRO A 860 -43.33 4.95 -2.33
N LEU A 861 -43.82 3.72 -2.13
CA LEU A 861 -44.87 3.19 -2.97
C LEU A 861 -46.17 3.97 -2.80
N LEU A 862 -46.50 4.34 -1.56
CA LEU A 862 -47.76 5.00 -1.25
C LEU A 862 -47.52 6.51 -1.13
N THR A 863 -48.22 7.28 -1.94
CA THR A 863 -48.19 8.73 -1.81
C THR A 863 -49.00 9.17 -0.59
N ASP A 864 -48.69 10.37 -0.10
CA ASP A 864 -49.33 10.85 1.12
C ASP A 864 -50.83 11.05 0.94
N GLU A 865 -51.28 11.27 -0.30
CA GLU A 865 -52.71 11.35 -0.55
C GLU A 865 -53.40 10.03 -0.24
N MET A 866 -52.76 8.92 -0.61
CA MET A 866 -53.33 7.60 -0.29
C MET A 866 -53.41 7.37 1.21
N ILE A 867 -52.36 7.76 1.94
CA ILE A 867 -52.36 7.59 3.39
C ILE A 867 -53.45 8.44 4.03
N ALA A 868 -53.60 9.68 3.56
CA ALA A 868 -54.68 10.54 4.07
C ALA A 868 -56.04 9.95 3.77
N GLN A 869 -56.20 9.36 2.59
CA GLN A 869 -57.46 8.69 2.25
C GLN A 869 -57.73 7.52 3.18
N TYR A 870 -56.69 6.74 3.49
CA TYR A 870 -56.85 5.62 4.41
C TYR A 870 -57.29 6.09 5.79
N THR A 871 -56.64 7.13 6.31
CA THR A 871 -57.00 7.62 7.63
C THR A 871 -58.40 8.22 7.64
N SER A 872 -58.78 8.90 6.56
CA SER A 872 -60.15 9.44 6.49
C SER A 872 -61.18 8.32 6.46
N ALA A 873 -60.89 7.24 5.73
CA ALA A 873 -61.79 6.09 5.73
C ALA A 873 -61.91 5.49 7.13
N LEU A 874 -60.79 5.35 7.82
CA LEU A 874 -60.84 4.81 9.19
C LEU A 874 -61.65 5.71 10.11
N LEU A 875 -61.47 7.02 10.00
CA LEU A 875 -62.23 7.95 10.85
C LEU A 875 -63.72 7.87 10.56
N ALA A 876 -64.09 7.83 9.27
CA ALA A 876 -65.52 7.75 8.93
C ALA A 876 -66.11 6.45 9.44
N GLY A 877 -65.38 5.33 9.29
CA GLY A 877 -65.88 4.06 9.78
C GLY A 877 -66.06 4.04 11.28
N THR A 878 -65.07 4.57 12.03
CA THR A 878 -65.18 4.55 13.48
C THR A 878 -66.15 5.59 14.02
N ILE A 879 -66.52 6.59 13.22
CA ILE A 879 -67.52 7.56 13.66
C ILE A 879 -68.93 7.07 13.38
N THR A 880 -69.18 6.56 12.18
CA THR A 880 -70.55 6.24 11.79
C THR A 880 -70.94 4.79 12.06
N SER A 881 -70.02 3.95 12.55
CA SER A 881 -70.30 2.52 12.69
C SER A 881 -69.73 1.91 13.96
N GLY A 882 -69.19 2.72 14.87
CA GLY A 882 -68.63 2.14 16.09
C GLY A 882 -67.44 1.26 15.77
N TRP A 883 -67.37 0.11 16.44
CA TRP A 883 -66.30 -0.85 16.21
C TRP A 883 -66.74 -2.02 15.35
N THR A 884 -67.98 -2.03 14.87
CA THR A 884 -68.49 -3.20 14.16
C THR A 884 -67.86 -3.34 12.79
N PHE A 885 -67.30 -2.26 12.25
CA PHE A 885 -66.72 -2.33 10.91
C PHE A 885 -65.39 -3.06 10.91
N GLY A 886 -64.78 -3.28 12.07
CA GLY A 886 -63.54 -4.02 12.14
C GLY A 886 -63.69 -5.51 12.34
N ALA A 887 -64.92 -6.00 12.46
CA ALA A 887 -65.19 -7.42 12.69
C ALA A 887 -66.33 -7.90 11.79
N GLY A 888 -66.32 -7.50 10.54
CA GLY A 888 -67.35 -7.88 9.60
C GLY A 888 -67.93 -6.67 8.88
N PRO A 889 -69.23 -6.73 8.58
CA PRO A 889 -69.88 -5.60 7.91
C PRO A 889 -70.02 -4.42 8.86
N ALA A 890 -70.25 -3.25 8.27
CA ALA A 890 -70.40 -2.02 9.03
C ALA A 890 -71.85 -1.83 9.43
N LEU A 891 -72.09 -1.61 10.73
CA LEU A 891 -73.43 -1.40 11.27
C LEU A 891 -73.50 0.02 11.80
N GLN A 892 -74.43 0.81 11.26
CA GLN A 892 -74.58 2.18 11.71
C GLN A 892 -75.28 2.25 13.06
N ILE A 893 -75.01 3.31 13.80
CA ILE A 893 -75.56 3.51 15.14
C ILE A 893 -75.40 4.98 15.51
N PRO A 894 -76.40 5.60 16.15
CA PRO A 894 -76.24 6.99 16.58
C PRO A 894 -75.08 7.15 17.53
N PHE A 895 -74.37 8.28 17.40
CA PHE A 895 -73.16 8.48 18.19
C PHE A 895 -73.40 8.48 19.69
N PRO A 896 -74.42 9.15 20.24
CA PRO A 896 -74.64 9.07 21.68
C PRO A 896 -74.83 7.65 22.20
N MET A 897 -75.49 6.79 21.42
CA MET A 897 -75.66 5.41 21.85
C MET A 897 -74.33 4.67 21.84
N GLN A 898 -73.47 4.95 20.86
CA GLN A 898 -72.14 4.36 20.86
C GLN A 898 -71.33 4.81 22.07
N MET A 899 -71.45 6.09 22.44
CA MET A 899 -70.77 6.56 23.63
C MET A 899 -71.33 5.92 24.89
N ALA A 900 -72.65 5.66 24.92
CA ALA A 900 -73.22 4.95 26.06
C ALA A 900 -72.67 3.54 26.17
N TYR A 901 -72.53 2.85 25.03
CA TYR A 901 -71.92 1.52 25.04
C TYR A 901 -70.49 1.59 25.57
N ARG A 902 -69.71 2.56 25.08
CA ARG A 902 -68.33 2.67 25.51
C ARG A 902 -68.23 3.06 26.99
N PHE A 903 -69.24 3.76 27.50
CA PHE A 903 -69.29 4.06 28.92
C PHE A 903 -69.58 2.80 29.73
N ASN A 904 -70.49 1.96 29.25
CA ASN A 904 -70.70 0.66 29.90
C ASN A 904 -69.44 -0.18 29.85
N GLY A 905 -68.59 0.04 28.85
CA GLY A 905 -67.36 -0.73 28.75
C GLY A 905 -66.44 -0.56 29.94
N ILE A 906 -66.48 0.61 30.58
CA ILE A 906 -65.56 0.93 31.67
C ILE A 906 -66.26 0.88 33.01
N GLY A 907 -67.50 0.39 33.03
CA GLY A 907 -68.20 0.20 34.29
C GLY A 907 -69.02 1.38 34.76
N VAL A 908 -69.56 2.19 33.86
CA VAL A 908 -70.45 3.28 34.20
C VAL A 908 -71.74 3.11 33.41
N THR A 909 -72.88 3.23 34.09
CA THR A 909 -74.16 3.00 33.45
C THR A 909 -74.49 4.12 32.46
N GLN A 910 -75.45 3.84 31.57
CA GLN A 910 -75.79 4.77 30.50
C GLN A 910 -76.41 6.08 31.01
N ASN A 911 -77.17 6.02 32.10
CA ASN A 911 -77.89 7.21 32.55
C ASN A 911 -76.94 8.37 32.81
N VAL A 912 -75.71 8.08 33.22
CA VAL A 912 -74.72 9.14 33.42
C VAL A 912 -74.52 9.94 32.14
N LEU A 913 -74.27 9.24 31.03
CA LEU A 913 -74.08 9.93 29.76
C LEU A 913 -75.37 10.57 29.27
N TYR A 914 -76.48 9.84 29.35
CA TYR A 914 -77.73 10.39 28.84
C TYR A 914 -78.21 11.58 29.65
N GLU A 915 -77.64 11.83 30.83
CA GLU A 915 -77.98 13.02 31.59
C GLU A 915 -76.88 14.07 31.60
N ASN A 916 -75.66 13.74 31.16
CA ASN A 916 -74.58 14.71 31.09
C ASN A 916 -74.01 14.83 29.67
N GLN A 917 -74.84 14.53 28.66
CA GLN A 917 -74.39 14.57 27.28
C GLN A 917 -73.83 15.93 26.89
N LYS A 918 -74.53 17.01 27.22
CA LYS A 918 -74.08 18.34 26.78
C LYS A 918 -72.75 18.69 27.42
N LEU A 919 -72.60 18.41 28.72
CA LEU A 919 -71.35 18.70 29.40
C LEU A 919 -70.20 17.87 28.82
N ILE A 920 -70.47 16.59 28.51
CA ILE A 920 -69.42 15.75 27.94
C ILE A 920 -69.01 16.28 26.57
N ALA A 921 -69.98 16.69 25.75
CA ALA A 921 -69.66 17.23 24.44
C ALA A 921 -68.82 18.49 24.54
N ASN A 922 -69.19 19.39 25.47
CA ASN A 922 -68.40 20.61 25.65
C ASN A 922 -66.99 20.29 26.11
N GLN A 923 -66.84 19.34 27.04
CA GLN A 923 -65.51 18.96 27.49
C GLN A 923 -64.68 18.39 26.34
N PHE A 924 -65.29 17.55 25.50
CA PHE A 924 -64.57 16.97 24.38
C PHE A 924 -64.11 18.04 23.38
N ASN A 925 -65.00 18.98 23.05
CA ASN A 925 -64.62 20.05 22.13
C ASN A 925 -63.49 20.90 22.70
N SER A 926 -63.59 21.26 23.98
CA SER A 926 -62.53 22.05 24.60
C SER A 926 -61.21 21.30 24.61
N ALA A 927 -61.25 19.99 24.89
CA ALA A 927 -60.03 19.20 24.90
C ALA A 927 -59.40 19.16 23.51
N ILE A 928 -60.22 19.01 22.46
CA ILE A 928 -59.64 18.94 21.12
C ILE A 928 -59.03 20.29 20.73
N GLY A 929 -59.68 21.39 21.12
CA GLY A 929 -59.07 22.69 20.90
C GLY A 929 -57.76 22.85 21.62
N LYS A 930 -57.70 22.40 22.87
CA LYS A 930 -56.48 22.50 23.66
C LYS A 930 -55.35 21.70 23.02
N ILE A 931 -55.63 20.48 22.55
CA ILE A 931 -54.54 19.67 22.00
C ILE A 931 -54.07 20.27 20.68
N GLN A 932 -55.00 20.82 19.88
CA GLN A 932 -54.56 21.52 18.68
C GLN A 932 -53.63 22.68 19.01
N ASP A 933 -53.99 23.46 20.03
CA ASP A 933 -53.13 24.58 20.43
C ASP A 933 -51.78 24.09 20.93
N SER A 934 -51.78 23.02 21.73
CA SER A 934 -50.52 22.49 22.26
C SER A 934 -49.61 22.00 21.15
N LEU A 935 -50.18 21.32 20.15
CA LEU A 935 -49.38 20.92 19.00
C LEU A 935 -48.84 22.13 18.25
N SER A 936 -49.66 23.17 18.11
CA SER A 936 -49.20 24.37 17.42
C SER A 936 -48.13 25.11 18.19
N SER A 937 -48.05 24.94 19.51
CA SER A 937 -47.13 25.71 20.34
C SER A 937 -45.80 25.02 20.62
N THR A 938 -45.81 23.86 21.25
CA THR A 938 -44.58 23.23 21.70
C THR A 938 -43.82 22.66 20.51
N PRO A 939 -42.53 22.98 20.34
CA PRO A 939 -41.78 22.48 19.18
C PRO A 939 -41.15 21.11 19.40
N SER A 940 -41.03 20.69 20.66
CA SER A 940 -40.35 19.45 21.00
C SER A 940 -41.27 18.24 20.96
N ALA A 941 -42.51 18.39 20.50
CA ALA A 941 -43.44 17.27 20.51
C ALA A 941 -43.03 16.18 19.53
N LEU A 942 -42.59 16.57 18.33
CA LEU A 942 -42.33 15.62 17.24
C LEU A 942 -40.86 15.25 17.13
N GLY A 943 -40.16 15.23 18.26
CA GLY A 943 -38.77 14.80 18.26
C GLY A 943 -38.60 13.36 17.82
N LYS A 944 -39.58 12.50 18.12
CA LYS A 944 -39.48 11.11 17.71
C LYS A 944 -39.42 10.98 16.20
N LEU A 945 -40.24 11.75 15.48
CA LEU A 945 -40.20 11.71 14.02
C LEU A 945 -39.00 12.46 13.48
N GLN A 946 -38.57 13.54 14.16
CA GLN A 946 -37.42 14.29 13.68
C GLN A 946 -36.13 13.50 13.78
N ASP A 947 -36.03 12.63 14.80
CA ASP A 947 -34.79 11.91 15.04
C ASP A 947 -34.46 10.94 13.91
N VAL A 948 -35.45 10.30 13.31
CA VAL A 948 -35.19 9.37 12.21
C VAL A 948 -34.55 10.11 11.03
N VAL A 949 -35.14 11.24 10.67
CA VAL A 949 -34.61 12.03 9.56
C VAL A 949 -33.20 12.52 9.88
N ASN A 950 -33.00 13.02 11.09
CA ASN A 950 -31.68 13.51 11.48
C ASN A 950 -30.65 12.40 11.42
N HIS A 951 -30.99 11.22 11.94
CA HIS A 951 -30.07 10.09 11.95
C HIS A 951 -29.69 9.68 10.53
N ASN A 952 -30.69 9.54 9.65
CA ASN A 952 -30.40 9.11 8.28
C ASN A 952 -29.54 10.14 7.56
N ALA A 953 -29.89 11.42 7.67
CA ALA A 953 -29.12 12.46 6.99
C ALA A 953 -27.69 12.52 7.51
N GLN A 954 -27.51 12.42 8.82
CA GLN A 954 -26.17 12.46 9.40
C GLN A 954 -25.35 11.24 8.98
N ALA A 955 -25.97 10.06 8.93
CA ALA A 955 -25.24 8.87 8.49
C ALA A 955 -24.79 9.00 7.04
N LEU A 956 -25.68 9.52 6.18
CA LEU A 956 -25.32 9.71 4.78
C LEU A 956 -24.19 10.74 4.65
N ASN A 957 -24.26 11.81 5.45
CA ASN A 957 -23.21 12.82 5.41
C ASN A 957 -21.88 12.24 5.87
N THR A 958 -21.89 11.40 6.90
CA THR A 958 -20.66 10.75 7.35
C THR A 958 -20.09 9.85 6.28
N LEU A 959 -20.95 9.08 5.59
CA LEU A 959 -20.48 8.24 4.50
C LEU A 959 -19.84 9.07 3.40
N VAL A 960 -20.46 10.20 3.06
CA VAL A 960 -19.88 11.07 2.03
C VAL A 960 -18.53 11.62 2.49
N LYS A 961 -18.45 12.06 3.75
CA LYS A 961 -17.22 12.65 4.26
C LYS A 961 -16.10 11.63 4.32
N GLN A 962 -16.43 10.35 4.50
CA GLN A 962 -15.39 9.32 4.56
C GLN A 962 -14.67 9.15 3.23
N LEU A 963 -15.21 9.71 2.15
CA LEU A 963 -14.62 9.48 0.82
C LEU A 963 -13.33 10.26 0.62
N SER A 964 -13.15 11.36 1.34
CA SER A 964 -12.02 12.27 1.13
C SER A 964 -10.90 12.04 2.12
N SER A 965 -10.66 10.80 2.52
CA SER A 965 -9.61 10.48 3.48
C SER A 965 -8.51 9.69 2.79
N LYS A 966 -7.26 10.08 3.06
CA LYS A 966 -6.12 9.38 2.49
C LYS A 966 -6.05 7.92 2.93
N PHE A 967 -6.57 7.62 4.12
CA PHE A 967 -6.75 6.23 4.58
C PHE A 967 -5.41 5.51 4.66
N GLY A 968 -4.36 6.23 5.05
CA GLY A 968 -3.04 5.68 5.13
C GLY A 968 -2.20 5.81 3.88
N ALA A 969 -2.77 6.32 2.79
CA ALA A 969 -2.02 6.50 1.55
C ALA A 969 -1.44 7.91 1.49
N ILE A 970 -0.63 8.16 0.46
CA ILE A 970 0.01 9.47 0.32
C ILE A 970 -1.01 10.54 -0.05
N SER A 971 -1.94 10.22 -0.95
CA SER A 971 -2.95 11.17 -1.38
C SER A 971 -4.30 10.47 -1.47
N SER A 972 -5.37 11.27 -1.34
CA SER A 972 -6.73 10.76 -1.37
C SER A 972 -7.35 10.80 -2.76
N VAL A 973 -6.63 11.27 -3.77
CA VAL A 973 -7.13 11.34 -5.13
C VAL A 973 -6.54 10.18 -5.92
N LEU A 974 -7.42 9.28 -6.40
CA LEU A 974 -6.96 8.07 -7.06
C LEU A 974 -6.19 8.39 -8.34
N ASN A 975 -6.70 9.32 -9.15
CA ASN A 975 -6.09 9.60 -10.44
C ASN A 975 -4.77 10.35 -10.25
N ASP A 976 -4.66 11.17 -9.19
CA ASP A 976 -3.38 11.74 -8.82
C ASP A 976 -2.37 10.65 -8.47
N ILE A 977 -2.80 9.65 -7.71
CA ILE A 977 -1.91 8.53 -7.39
C ILE A 977 -1.45 7.84 -8.67
N PHE A 978 -2.36 7.64 -9.62
CA PHE A 978 -1.99 6.99 -10.88
C PHE A 978 -0.97 7.82 -11.65
N SER A 979 -1.22 9.12 -11.76
CA SER A 979 -0.38 9.95 -12.62
C SER A 979 0.98 10.22 -12.00
N ARG A 980 1.06 10.29 -10.68
CA ARG A 980 2.29 10.69 -10.00
C ARG A 980 3.24 9.54 -9.72
N LEU A 981 2.82 8.29 -9.90
CA LEU A 981 3.62 7.15 -9.47
C LEU A 981 3.54 6.04 -10.52
N ASP A 982 4.52 5.14 -10.46
CA ASP A 982 4.55 3.97 -11.32
C ASP A 982 3.59 2.91 -10.82
N PRO A 983 3.15 2.00 -11.70
CA PRO A 983 2.15 0.99 -11.31
C PRO A 983 2.55 0.14 -10.12
N PRO A 984 3.85 -0.28 -9.98
CA PRO A 984 4.20 -1.20 -8.87
C PRO A 984 3.59 -0.88 -7.50
N GLU A 985 3.85 0.31 -6.95
CA GLU A 985 3.29 0.66 -5.66
C GLU A 985 2.00 1.49 -5.77
N ALA A 986 1.70 2.00 -6.97
CA ALA A 986 0.37 2.55 -7.19
C ALA A 986 -0.70 1.50 -6.95
N GLU A 987 -0.40 0.25 -7.30
CA GLU A 987 -1.32 -0.85 -7.03
C GLU A 987 -1.52 -1.02 -5.52
N VAL A 988 -0.45 -0.90 -4.73
CA VAL A 988 -0.58 -1.00 -3.28
C VAL A 988 -1.47 0.11 -2.75
N GLN A 989 -1.23 1.35 -3.21
CA GLN A 989 -2.05 2.48 -2.75
C GLN A 989 -3.52 2.28 -3.11
N ILE A 990 -3.79 1.84 -4.33
CA ILE A 990 -5.16 1.64 -4.78
C ILE A 990 -5.84 0.52 -4.02
N ASP A 991 -5.10 -0.57 -3.74
CA ASP A 991 -5.65 -1.65 -2.92
C ASP A 991 -6.04 -1.13 -1.54
N ARG A 992 -5.17 -0.32 -0.94
CA ARG A 992 -5.48 0.25 0.37
C ARG A 992 -6.76 1.10 0.31
N LEU A 993 -6.87 1.92 -0.74
CA LEU A 993 -8.05 2.78 -0.89
C LEU A 993 -9.32 1.95 -1.02
N ILE A 994 -9.30 0.92 -1.88
CA ILE A 994 -10.48 0.10 -2.09
C ILE A 994 -10.86 -0.63 -0.81
N THR A 995 -9.88 -1.19 -0.10
CA THR A 995 -10.20 -1.91 1.13
C THR A 995 -10.84 -0.98 2.15
N GLY A 996 -10.27 0.22 2.32
CA GLY A 996 -10.84 1.14 3.28
C GLY A 996 -12.26 1.56 2.93
N ARG A 997 -12.49 1.90 1.65
CA ARG A 997 -13.81 2.38 1.27
C ARG A 997 -14.85 1.26 1.31
N LEU A 998 -14.45 0.03 0.97
CA LEU A 998 -15.36 -1.09 1.12
C LEU A 998 -15.72 -1.32 2.59
N GLN A 999 -14.74 -1.17 3.48
CA GLN A 999 -15.03 -1.29 4.90
C GLN A 999 -16.03 -0.23 5.34
N SER A 1000 -15.86 1.01 4.88
CA SER A 1000 -16.80 2.07 5.22
C SER A 1000 -18.21 1.74 4.73
N LEU A 1001 -18.32 1.26 3.49
CA LEU A 1001 -19.62 0.91 2.95
C LEU A 1001 -20.27 -0.21 3.77
N GLN A 1002 -19.48 -1.22 4.15
CA GLN A 1002 -20.01 -2.31 4.96
C GLN A 1002 -20.52 -1.81 6.31
N THR A 1003 -19.77 -0.90 6.94
CA THR A 1003 -20.20 -0.35 8.22
C THR A 1003 -21.52 0.40 8.07
N TYR A 1004 -21.65 1.19 7.01
CA TYR A 1004 -22.89 1.92 6.78
C TYR A 1004 -24.05 0.96 6.59
N VAL A 1005 -23.84 -0.11 5.82
CA VAL A 1005 -24.92 -1.07 5.58
C VAL A 1005 -25.35 -1.74 6.88
N THR A 1006 -24.38 -2.10 7.74
CA THR A 1006 -24.72 -2.72 9.01
C THR A 1006 -25.53 -1.78 9.90
N GLN A 1007 -25.11 -0.51 9.96
CA GLN A 1007 -25.87 0.47 10.74
C GLN A 1007 -27.29 0.59 10.21
N GLN A 1008 -27.44 0.64 8.89
CA GLN A 1008 -28.77 0.72 8.30
C GLN A 1008 -29.62 -0.49 8.65
N LEU A 1009 -29.01 -1.69 8.66
CA LEU A 1009 -29.77 -2.89 9.00
C LEU A 1009 -30.28 -2.83 10.43
N ILE A 1010 -29.42 -2.42 11.38
CA ILE A 1010 -29.85 -2.35 12.77
C ILE A 1010 -30.97 -1.32 12.94
N ARG A 1011 -30.81 -0.15 12.32
CA ARG A 1011 -31.85 0.88 12.42
C ARG A 1011 -33.16 0.39 11.80
N ALA A 1012 -33.08 -0.35 10.70
CA ALA A 1012 -34.28 -0.88 10.06
C ALA A 1012 -34.98 -1.87 10.98
N ALA A 1013 -34.22 -2.71 11.67
CA ALA A 1013 -34.83 -3.64 12.62
C ALA A 1013 -35.57 -2.91 13.72
N GLU A 1014 -34.95 -1.86 14.28
CA GLU A 1014 -35.63 -1.10 15.33
C GLU A 1014 -36.90 -0.44 14.80
N ILE A 1015 -36.83 0.14 13.60
CA ILE A 1015 -37.99 0.81 13.02
C ILE A 1015 -39.10 -0.20 12.75
N ARG A 1016 -38.74 -1.42 12.33
CA ARG A 1016 -39.75 -2.44 12.10
C ARG A 1016 -40.45 -2.85 13.39
N ALA A 1017 -39.68 -2.94 14.48
CA ALA A 1017 -40.31 -3.21 15.78
C ALA A 1017 -41.30 -2.11 16.15
N SER A 1018 -40.90 -0.85 15.93
CA SER A 1018 -41.79 0.26 16.22
C SER A 1018 -43.05 0.20 15.35
N ALA A 1019 -42.89 -0.17 14.08
CA ALA A 1019 -44.03 -0.27 13.17
C ALA A 1019 -44.99 -1.38 13.61
N ASN A 1020 -44.45 -2.51 14.08
CA ASN A 1020 -45.30 -3.56 14.60
C ASN A 1020 -46.09 -3.08 15.81
N LEU A 1021 -45.43 -2.34 16.70
CA LEU A 1021 -46.16 -1.79 17.86
C LEU A 1021 -47.26 -0.84 17.41
N ALA A 1022 -46.98 0.01 16.41
CA ALA A 1022 -47.98 0.95 15.92
C ALA A 1022 -49.16 0.20 15.29
N ALA A 1023 -48.88 -0.87 14.55
CA ALA A 1023 -49.96 -1.66 13.97
C ALA A 1023 -50.83 -2.29 15.05
N THR A 1024 -50.20 -2.80 16.12
CA THR A 1024 -50.98 -3.34 17.23
C THR A 1024 -51.86 -2.27 17.86
N LYS A 1025 -51.31 -1.07 18.07
CA LYS A 1025 -52.11 0.01 18.64
C LYS A 1025 -53.28 0.36 17.74
N MET A 1026 -53.05 0.44 16.43
CA MET A 1026 -54.13 0.77 15.51
C MET A 1026 -55.20 -0.31 15.52
N SER A 1027 -54.79 -1.58 15.61
CA SER A 1027 -55.77 -2.66 15.61
C SER A 1027 -56.59 -2.68 16.89
N GLU A 1028 -55.99 -2.34 18.04
CA GLU A 1028 -56.69 -2.50 19.31
C GLU A 1028 -57.38 -1.24 19.80
N CYS A 1029 -56.67 -0.11 19.89
CA CYS A 1029 -57.29 1.08 20.45
C CYS A 1029 -58.28 1.74 19.51
N VAL A 1030 -58.05 1.67 18.19
CA VAL A 1030 -58.90 2.35 17.23
C VAL A 1030 -60.11 1.49 16.87
N LEU A 1031 -59.84 0.28 16.38
CA LEU A 1031 -60.91 -0.60 15.92
C LEU A 1031 -61.70 -1.24 17.05
N GLY A 1032 -61.41 -0.89 18.30
CA GLY A 1032 -62.14 -1.45 19.42
C GLY A 1032 -61.76 -0.73 20.69
N GLN A 1033 -62.38 -1.14 21.79
CA GLN A 1033 -62.11 -0.58 23.10
C GLN A 1033 -61.27 -1.56 23.89
N SER A 1034 -60.14 -1.09 24.41
CA SER A 1034 -59.16 -1.95 25.07
C SER A 1034 -59.21 -1.74 26.58
N LYS A 1035 -59.09 -2.83 27.32
CA LYS A 1035 -59.06 -2.80 28.78
C LYS A 1035 -57.66 -2.92 29.34
N ARG A 1036 -56.63 -2.91 28.48
CA ARG A 1036 -55.27 -2.95 28.97
C ARG A 1036 -54.87 -1.60 29.53
N VAL A 1037 -54.27 -1.60 30.72
CA VAL A 1037 -53.97 -0.36 31.42
C VAL A 1037 -52.81 0.35 30.74
N ASP A 1038 -52.97 1.66 30.54
CA ASP A 1038 -51.94 2.55 30.00
C ASP A 1038 -51.53 2.20 28.58
N PHE A 1039 -52.20 1.26 27.93
CA PHE A 1039 -51.86 0.95 26.55
C PHE A 1039 -52.35 2.00 25.58
N CYS A 1040 -53.56 2.50 25.78
CA CYS A 1040 -54.17 3.49 24.89
C CYS A 1040 -54.46 4.78 25.64
N GLY A 1041 -53.49 5.26 26.40
CA GLY A 1041 -53.60 6.53 27.09
C GLY A 1041 -53.77 6.34 28.59
N LYS A 1042 -53.49 7.42 29.31
CA LYS A 1042 -53.59 7.42 30.77
C LYS A 1042 -55.05 7.60 31.18
N GLY A 1043 -55.56 6.66 31.94
CA GLY A 1043 -56.96 6.67 32.36
C GLY A 1043 -57.73 5.53 31.72
N TYR A 1044 -59.05 5.59 31.90
CA TYR A 1044 -59.93 4.60 31.30
C TYR A 1044 -60.18 4.95 29.84
N HIS A 1045 -59.92 4.01 28.94
CA HIS A 1045 -59.96 4.29 27.51
C HIS A 1045 -61.39 4.30 27.00
N LEU A 1046 -61.67 5.25 26.10
CA LEU A 1046 -62.97 5.36 25.45
C LEU A 1046 -62.90 5.13 23.95
N MET A 1047 -62.03 5.87 23.25
CA MET A 1047 -61.83 5.67 21.82
C MET A 1047 -60.54 6.39 21.43
N SER A 1048 -60.17 6.27 20.17
CA SER A 1048 -58.99 6.96 19.67
C SER A 1048 -59.19 7.25 18.19
N PHE A 1049 -58.44 8.23 17.70
CA PHE A 1049 -58.51 8.65 16.31
C PHE A 1049 -57.12 8.73 15.72
N PRO A 1050 -56.90 8.16 14.53
CA PRO A 1050 -55.58 8.21 13.91
C PRO A 1050 -55.39 9.42 13.01
N GLN A 1051 -54.15 9.87 12.95
CA GLN A 1051 -53.77 10.96 12.06
C GLN A 1051 -52.45 10.61 11.40
N SER A 1052 -52.24 11.14 10.20
CA SER A 1052 -51.02 10.86 9.48
C SER A 1052 -49.92 11.86 9.86
N ALA A 1053 -48.70 11.53 9.45
CA ALA A 1053 -47.52 12.33 9.77
C ALA A 1053 -46.40 11.91 8.84
N PRO A 1054 -45.36 12.73 8.70
CA PRO A 1054 -44.23 12.33 7.85
C PRO A 1054 -43.47 11.14 8.43
N HIS A 1055 -43.57 9.99 7.77
CA HIS A 1055 -42.93 8.76 8.24
C HIS A 1055 -43.37 8.40 9.65
N GLY A 1056 -44.68 8.48 9.91
CA GLY A 1056 -45.18 8.15 11.22
C GLY A 1056 -46.69 8.30 11.28
N VAL A 1057 -47.23 8.05 12.46
CA VAL A 1057 -48.66 8.12 12.73
C VAL A 1057 -48.86 8.74 14.11
N VAL A 1058 -49.94 9.49 14.27
CA VAL A 1058 -50.25 10.19 15.52
C VAL A 1058 -51.62 9.74 15.98
N PHE A 1059 -51.71 9.34 17.25
CA PHE A 1059 -52.97 8.88 17.85
C PHE A 1059 -53.48 9.93 18.82
N LEU A 1060 -54.80 10.13 18.82
CA LEU A 1060 -55.47 11.01 19.77
C LEU A 1060 -56.33 10.14 20.68
N HIS A 1061 -55.84 9.85 21.87
CA HIS A 1061 -56.49 8.95 22.80
C HIS A 1061 -57.49 9.72 23.67
N VAL A 1062 -58.78 9.42 23.51
CA VAL A 1062 -59.82 9.99 24.34
C VAL A 1062 -60.03 9.07 25.54
N THR A 1063 -59.89 9.62 26.74
CA THR A 1063 -59.93 8.80 27.95
C THR A 1063 -60.78 9.50 29.00
N TYR A 1064 -61.28 8.69 29.94
CA TYR A 1064 -62.17 9.14 31.00
C TYR A 1064 -61.39 9.17 32.31
N VAL A 1065 -61.41 10.30 33.00
CA VAL A 1065 -60.62 10.50 34.20
C VAL A 1065 -61.53 10.99 35.33
N PRO A 1066 -61.57 10.31 36.48
CA PRO A 1066 -62.42 10.78 37.57
C PRO A 1066 -61.82 12.00 38.27
N ALA A 1067 -62.68 12.67 39.02
CA ALA A 1067 -62.26 13.85 39.78
C ALA A 1067 -63.26 14.11 40.89
N GLN A 1068 -62.84 14.94 41.85
CA GLN A 1068 -63.69 15.38 42.96
C GLN A 1068 -64.18 14.19 43.80
N GLU A 1069 -63.23 13.52 44.45
CA GLU A 1069 -63.57 12.40 45.31
C GLU A 1069 -64.16 12.90 46.63
N LYS A 1070 -64.70 11.96 47.40
CA LYS A 1070 -65.40 12.27 48.65
C LYS A 1070 -65.32 11.08 49.58
N ASN A 1071 -65.09 11.36 50.86
CA ASN A 1071 -64.92 10.31 51.86
C ASN A 1071 -66.26 9.70 52.24
N PHE A 1072 -66.22 8.43 52.64
CA PHE A 1072 -67.40 7.70 53.08
C PHE A 1072 -66.98 6.59 54.03
N THR A 1073 -67.97 6.05 54.74
CA THR A 1073 -67.78 4.91 55.62
C THR A 1073 -68.47 3.69 55.02
N THR A 1074 -67.72 2.61 54.87
CA THR A 1074 -68.19 1.43 54.15
C THR A 1074 -68.28 0.21 55.07
N ALA A 1075 -69.07 -0.76 54.64
CA ALA A 1075 -69.23 -2.03 55.33
C ALA A 1075 -69.24 -3.14 54.29
N PRO A 1076 -68.75 -4.33 54.65
CA PRO A 1076 -68.71 -5.41 53.65
C PRO A 1076 -70.05 -6.08 53.42
N ALA A 1077 -70.90 -6.18 54.45
CA ALA A 1077 -72.17 -6.87 54.32
C ALA A 1077 -73.17 -6.28 55.29
N ILE A 1078 -74.45 -6.60 55.07
CA ILE A 1078 -75.56 -6.11 55.88
C ILE A 1078 -76.27 -7.30 56.48
N CYS A 1079 -76.24 -7.41 57.81
CA CYS A 1079 -76.95 -8.48 58.51
C CYS A 1079 -78.37 -8.03 58.79
N HIS A 1080 -79.35 -8.81 58.31
CA HIS A 1080 -80.76 -8.52 58.52
C HIS A 1080 -81.52 -9.83 58.58
N ASP A 1081 -82.31 -10.00 59.64
CA ASP A 1081 -83.01 -11.27 59.90
C ASP A 1081 -82.02 -12.43 59.99
N GLY A 1082 -80.84 -12.14 60.52
CA GLY A 1082 -79.82 -13.16 60.65
C GLY A 1082 -79.21 -13.65 59.35
N LYS A 1083 -79.37 -12.90 58.27
CA LYS A 1083 -78.80 -13.25 56.98
C LYS A 1083 -77.92 -12.11 56.48
N ALA A 1084 -76.85 -12.48 55.78
CA ALA A 1084 -75.87 -11.52 55.29
C ALA A 1084 -76.18 -11.19 53.83
N HIS A 1085 -76.36 -9.90 53.54
CA HIS A 1085 -76.65 -9.42 52.19
C HIS A 1085 -75.42 -8.75 51.61
N PHE A 1086 -75.04 -9.15 50.40
CA PHE A 1086 -73.89 -8.60 49.71
C PHE A 1086 -74.32 -7.77 48.51
N PRO A 1087 -73.56 -6.76 48.12
CA PRO A 1087 -73.93 -5.98 46.94
C PRO A 1087 -73.80 -6.80 45.68
N ARG A 1088 -74.73 -6.57 44.75
CA ARG A 1088 -74.69 -7.30 43.48
C ARG A 1088 -73.67 -6.70 42.53
N GLU A 1089 -73.75 -5.39 42.28
CA GLU A 1089 -72.82 -4.71 41.40
C GLU A 1089 -72.19 -3.46 42.00
N GLY A 1090 -72.58 -3.05 43.20
CA GLY A 1090 -72.07 -1.82 43.77
C GLY A 1090 -71.28 -1.99 45.04
N VAL A 1091 -71.37 -1.00 45.94
CA VAL A 1091 -70.61 -1.00 47.19
C VAL A 1091 -71.43 -0.24 48.22
N PHE A 1092 -71.35 -0.70 49.47
CA PHE A 1092 -72.11 -0.09 50.54
C PHE A 1092 -71.37 1.13 51.08
N VAL A 1093 -72.09 2.26 51.20
CA VAL A 1093 -71.54 3.49 51.74
C VAL A 1093 -72.56 4.10 52.68
N SER A 1094 -72.11 5.09 53.44
CA SER A 1094 -72.98 5.78 54.39
C SER A 1094 -72.49 7.21 54.56
N ASN A 1095 -73.42 8.15 54.67
CA ASN A 1095 -73.05 9.54 54.90
C ASN A 1095 -72.98 9.89 56.38
N GLY A 1096 -73.19 8.92 57.27
CA GLY A 1096 -73.12 9.17 58.69
C GLY A 1096 -74.31 8.59 59.45
N THR A 1097 -75.49 8.64 58.84
CA THR A 1097 -76.70 8.11 59.45
C THR A 1097 -77.32 6.97 58.66
N HIS A 1098 -77.48 7.15 57.35
CA HIS A 1098 -78.17 6.19 56.51
C HIS A 1098 -77.17 5.44 55.63
N TRP A 1099 -77.62 4.29 55.13
CA TRP A 1099 -76.78 3.42 54.31
C TRP A 1099 -77.35 3.33 52.90
N PHE A 1100 -76.46 3.36 51.91
CA PHE A 1100 -76.85 3.25 50.51
C PHE A 1100 -75.89 2.31 49.80
N VAL A 1101 -76.27 1.93 48.58
CA VAL A 1101 -75.42 1.13 47.70
C VAL A 1101 -75.24 1.90 46.40
N THR A 1102 -74.00 2.07 45.97
CA THR A 1102 -73.69 2.88 44.80
C THR A 1102 -72.66 2.16 43.94
N GLN A 1103 -72.62 2.53 42.66
CA GLN A 1103 -71.63 1.99 41.75
C GLN A 1103 -70.24 2.49 42.12
N ARG A 1104 -69.22 1.74 41.71
CA ARG A 1104 -67.86 1.98 42.18
C ARG A 1104 -67.30 3.29 41.64
N ASN A 1105 -67.48 3.54 40.35
CA ASN A 1105 -66.78 4.63 39.67
C ASN A 1105 -67.55 5.95 39.65
N PHE A 1106 -68.72 6.01 40.27
CA PHE A 1106 -69.51 7.22 40.28
C PHE A 1106 -70.42 7.20 41.50
N TYR A 1107 -70.71 8.38 42.04
CA TYR A 1107 -71.57 8.45 43.22
C TYR A 1107 -73.03 8.47 42.77
N GLU A 1108 -73.75 7.40 43.09
CA GLU A 1108 -75.16 7.27 42.72
C GLU A 1108 -75.88 6.52 43.83
N PRO A 1109 -76.17 7.20 44.94
CA PRO A 1109 -76.77 6.50 46.08
C PRO A 1109 -78.17 5.98 45.75
N GLN A 1110 -78.49 4.82 46.31
CA GLN A 1110 -79.78 4.19 46.11
C GLN A 1110 -80.17 3.42 47.36
N ILE A 1111 -81.47 3.32 47.59
CA ILE A 1111 -81.97 2.58 48.75
C ILE A 1111 -81.64 1.10 48.58
N ILE A 1112 -81.30 0.44 49.68
CA ILE A 1112 -80.92 -0.97 49.64
C ILE A 1112 -82.19 -1.81 49.59
N THR A 1113 -82.35 -2.55 48.49
CA THR A 1113 -83.51 -3.44 48.34
C THR A 1113 -83.05 -4.88 48.20
N THR A 1114 -83.98 -5.77 47.89
CA THR A 1114 -83.66 -7.18 47.70
C THR A 1114 -83.35 -7.52 46.24
N ASP A 1115 -83.32 -6.54 45.35
CA ASP A 1115 -82.99 -6.79 43.95
C ASP A 1115 -81.55 -6.44 43.62
N ASN A 1116 -80.92 -5.57 44.41
CA ASN A 1116 -79.51 -5.24 44.23
C ASN A 1116 -78.62 -5.92 45.26
N THR A 1117 -79.17 -6.82 46.08
CA THR A 1117 -78.40 -7.56 47.07
C THR A 1117 -78.77 -9.04 46.98
N PHE A 1118 -77.80 -9.89 47.29
CA PHE A 1118 -78.00 -11.33 47.32
C PHE A 1118 -77.55 -11.89 48.66
N VAL A 1119 -78.22 -12.96 49.08
CA VAL A 1119 -78.06 -13.53 50.42
C VAL A 1119 -77.06 -14.68 50.36
N SER A 1120 -76.24 -14.80 51.41
CA SER A 1120 -75.28 -15.91 51.50
C SER A 1120 -75.00 -16.18 52.97
N GLY A 1121 -75.67 -17.19 53.53
CA GLY A 1121 -75.40 -17.63 54.88
C GLY A 1121 -75.92 -16.67 55.95
N ASN A 1122 -75.48 -16.93 57.17
CA ASN A 1122 -75.82 -16.09 58.31
C ASN A 1122 -74.75 -15.02 58.53
N CYS A 1123 -75.00 -14.12 59.48
CA CYS A 1123 -74.12 -12.97 59.70
C CYS A 1123 -73.23 -13.15 60.92
N ASP A 1124 -72.73 -14.36 61.15
CA ASP A 1124 -71.78 -14.63 62.22
C ASP A 1124 -70.43 -15.14 61.72
N VAL A 1125 -70.12 -14.95 60.44
CA VAL A 1125 -68.87 -15.43 59.86
C VAL A 1125 -68.00 -14.29 59.37
N VAL A 1126 -68.58 -13.32 58.66
CA VAL A 1126 -67.81 -12.21 58.11
C VAL A 1126 -67.37 -11.29 59.23
N ILE A 1127 -66.33 -10.50 58.96
CA ILE A 1127 -65.80 -9.54 59.91
C ILE A 1127 -66.10 -8.13 59.41
N GLY A 1128 -66.81 -7.36 60.22
CA GLY A 1128 -67.17 -6.00 59.85
C GLY A 1128 -68.60 -5.80 59.43
N ILE A 1129 -69.46 -6.80 59.62
CA ILE A 1129 -70.85 -6.67 59.23
C ILE A 1129 -71.53 -5.64 60.12
N VAL A 1130 -72.58 -5.00 59.59
CA VAL A 1130 -73.33 -3.99 60.30
C VAL A 1130 -74.82 -4.33 60.24
N ASN A 1131 -75.58 -3.75 61.16
CA ASN A 1131 -77.00 -4.00 61.29
C ASN A 1131 -77.79 -2.91 60.58
N ASN A 1132 -78.70 -3.32 59.71
CA ASN A 1132 -79.55 -2.36 59.00
C ASN A 1132 -80.73 -3.12 58.41
N THR A 1133 -81.76 -2.36 58.03
CA THR A 1133 -82.94 -2.91 57.39
C THR A 1133 -82.77 -2.92 55.87
N VAL A 1134 -83.32 -3.95 55.24
CA VAL A 1134 -83.29 -4.11 53.79
C VAL A 1134 -84.73 -4.02 53.30
N TYR A 1135 -85.02 -2.98 52.51
CA TYR A 1135 -86.38 -2.76 52.03
C TYR A 1135 -86.78 -3.83 51.03
N ASP A 1136 -88.05 -4.22 51.08
CA ASP A 1136 -88.61 -5.20 50.18
C ASP A 1136 -89.66 -4.54 49.28
N PRO A 1137 -89.49 -4.60 47.95
CA PRO A 1137 -90.42 -3.88 47.07
C PRO A 1137 -91.80 -4.50 47.00
N LEU A 1138 -91.93 -5.81 47.20
CA LEU A 1138 -93.20 -6.50 47.06
C LEU A 1138 -94.07 -6.41 48.31
N GLN A 1139 -93.48 -6.03 49.44
CA GLN A 1139 -94.26 -5.91 50.68
C GLN A 1139 -95.42 -4.93 50.57
N PRO A 1140 -95.23 -3.69 50.09
CA PRO A 1140 -96.40 -2.81 49.92
C PRO A 1140 -97.42 -3.35 48.93
N GLU A 1141 -96.96 -4.01 47.87
CA GLU A 1141 -97.89 -4.55 46.88
C GLU A 1141 -98.79 -5.62 47.48
N LEU A 1142 -98.22 -6.50 48.30
CA LEU A 1142 -99.08 -7.49 48.96
C LEU A 1142 -99.88 -6.86 50.10
N ASP A 1143 -99.40 -5.73 50.64
CA ASP A 1143 -100.15 -5.03 51.68
C ASP A 1143 -101.48 -4.51 51.15
N SER A 1144 -101.48 -3.96 49.93
CA SER A 1144 -102.69 -3.42 49.34
C SER A 1144 -103.54 -4.52 48.72
N CYS B 15 -2.32 -22.56 -63.39
CA CYS B 15 -3.48 -21.79 -62.97
C CYS B 15 -4.50 -21.72 -64.10
N VAL B 16 -5.77 -21.93 -63.79
CA VAL B 16 -6.86 -21.90 -64.75
C VAL B 16 -7.88 -20.87 -64.30
N ASN B 17 -8.21 -19.94 -65.19
CA ASN B 17 -9.18 -18.88 -64.90
C ASN B 17 -10.58 -19.33 -65.31
N LEU B 18 -11.55 -19.08 -64.43
CA LEU B 18 -12.94 -19.42 -64.67
C LEU B 18 -13.73 -18.16 -64.95
N THR B 19 -14.49 -18.16 -66.04
CA THR B 19 -15.27 -17.00 -66.46
C THR B 19 -16.77 -17.29 -66.48
N THR B 20 -17.19 -18.45 -65.98
CA THR B 20 -18.60 -18.82 -65.92
C THR B 20 -19.27 -18.35 -64.63
N ARG B 21 -18.55 -17.58 -63.81
CA ARG B 21 -19.12 -17.05 -62.58
C ARG B 21 -20.27 -16.10 -62.88
N THR B 22 -21.31 -16.15 -62.04
CA THR B 22 -22.46 -15.26 -62.14
C THR B 22 -22.41 -14.27 -60.98
N GLN B 23 -22.44 -12.99 -61.31
CA GLN B 23 -22.38 -11.95 -60.28
C GLN B 23 -23.68 -11.91 -59.49
N LEU B 24 -23.56 -11.79 -58.17
CA LEU B 24 -24.72 -11.77 -57.28
C LEU B 24 -24.31 -11.21 -55.92
N PRO B 25 -25.13 -10.35 -55.31
CA PRO B 25 -24.79 -9.84 -53.98
C PRO B 25 -24.81 -10.95 -52.95
N PRO B 26 -24.00 -10.85 -51.90
CA PRO B 26 -23.98 -11.91 -50.88
C PRO B 26 -25.27 -11.92 -50.08
N ALA B 27 -25.89 -13.10 -50.03
CA ALA B 27 -27.12 -13.26 -49.27
C ALA B 27 -26.84 -13.22 -47.77
N TYR B 28 -27.89 -13.01 -47.00
CA TYR B 28 -27.79 -12.89 -45.55
C TYR B 28 -28.79 -13.84 -44.89
N THR B 29 -28.43 -14.32 -43.70
CA THR B 29 -29.33 -15.16 -42.92
C THR B 29 -28.96 -15.02 -41.45
N ASN B 30 -29.88 -15.43 -40.58
CA ASN B 30 -29.73 -15.25 -39.14
C ASN B 30 -28.79 -16.30 -38.57
N SER B 31 -27.99 -15.88 -37.59
CA SER B 31 -27.06 -16.80 -36.92
C SER B 31 -27.78 -17.73 -35.96
N PHE B 32 -28.86 -17.29 -35.34
CA PHE B 32 -29.63 -18.06 -34.34
C PHE B 32 -28.69 -18.34 -33.17
N THR B 33 -28.56 -19.58 -32.71
CA THR B 33 -27.82 -19.86 -31.50
C THR B 33 -26.66 -20.82 -31.75
N ARG B 34 -25.92 -20.60 -32.83
CA ARG B 34 -24.75 -21.40 -33.15
C ARG B 34 -23.47 -20.60 -32.85
N GLY B 35 -22.38 -21.32 -32.63
CA GLY B 35 -21.09 -20.69 -32.44
C GLY B 35 -20.58 -20.73 -31.01
N VAL B 36 -20.87 -21.81 -30.29
CA VAL B 36 -20.45 -21.98 -28.91
C VAL B 36 -19.36 -23.05 -28.86
N TYR B 37 -18.27 -22.73 -28.17
CA TYR B 37 -17.13 -23.62 -28.05
C TYR B 37 -16.65 -23.65 -26.62
N TYR B 38 -15.98 -24.73 -26.23
CA TYR B 38 -15.42 -24.82 -24.89
C TYR B 38 -14.24 -23.86 -24.79
N PRO B 39 -14.30 -22.89 -23.88
CA PRO B 39 -13.23 -21.87 -23.85
C PRO B 39 -11.93 -22.37 -23.25
N ASP B 40 -11.98 -23.17 -22.20
CA ASP B 40 -10.80 -23.59 -21.46
C ASP B 40 -10.70 -25.12 -21.47
N LYS B 41 -9.60 -25.57 -20.72
CA LYS B 41 -9.29 -27.03 -20.71
C LYS B 41 -9.92 -27.71 -19.48
N VAL B 42 -10.41 -26.98 -18.52
CA VAL B 42 -10.85 -27.55 -17.26
C VAL B 42 -12.16 -28.28 -17.47
N PHE B 43 -12.56 -29.08 -16.48
CA PHE B 43 -13.78 -29.87 -16.55
C PHE B 43 -14.74 -29.41 -15.48
N ARG B 44 -15.96 -29.06 -15.88
CA ARG B 44 -17.03 -28.68 -14.97
C ARG B 44 -18.29 -29.46 -15.33
N SER B 45 -19.08 -29.79 -14.32
CA SER B 45 -20.30 -30.57 -14.52
C SER B 45 -21.39 -30.05 -13.59
N SER B 46 -22.61 -29.91 -14.14
CA SER B 46 -23.78 -29.49 -13.39
C SER B 46 -23.55 -28.16 -12.67
N VAL B 47 -23.10 -27.17 -13.44
CA VAL B 47 -22.80 -25.85 -12.91
C VAL B 47 -23.01 -24.82 -14.01
N LEU B 48 -23.40 -23.61 -13.60
CA LEU B 48 -23.55 -22.49 -14.50
C LEU B 48 -22.38 -21.54 -14.28
N HIS B 49 -21.61 -21.28 -15.34
CA HIS B 49 -20.37 -20.52 -15.24
C HIS B 49 -20.41 -19.36 -16.22
N SER B 50 -19.92 -18.20 -15.78
CA SER B 50 -19.92 -16.99 -16.59
C SER B 50 -18.49 -16.64 -17.01
N THR B 51 -18.29 -16.48 -18.32
CA THR B 51 -16.96 -16.25 -18.86
C THR B 51 -17.00 -15.04 -19.79
N GLN B 52 -15.85 -14.41 -19.96
CA GLN B 52 -15.66 -13.37 -20.97
C GLN B 52 -14.67 -13.92 -21.99
N ASP B 53 -15.11 -14.02 -23.24
CA ASP B 53 -14.28 -14.59 -24.30
C ASP B 53 -14.89 -14.21 -25.64
N LEU B 54 -14.13 -14.45 -26.70
CA LEU B 54 -14.59 -14.16 -28.06
C LEU B 54 -15.69 -15.14 -28.43
N PHE B 55 -16.85 -14.62 -28.81
CA PHE B 55 -18.00 -15.44 -29.16
C PHE B 55 -18.77 -14.79 -30.30
N LEU B 56 -19.51 -15.62 -31.02
CA LEU B 56 -20.41 -15.12 -32.06
C LEU B 56 -21.73 -14.74 -31.42
N PRO B 57 -22.15 -13.47 -31.48
CA PRO B 57 -23.40 -13.07 -30.82
C PRO B 57 -24.59 -13.81 -31.40
N PHE B 58 -25.57 -14.09 -30.55
CA PHE B 58 -26.80 -14.74 -30.99
C PHE B 58 -27.57 -13.81 -31.92
N PHE B 59 -28.27 -14.41 -32.89
CA PHE B 59 -29.12 -13.69 -33.83
C PHE B 59 -28.35 -12.61 -34.60
N SER B 60 -27.12 -12.92 -34.98
CA SER B 60 -26.37 -12.02 -35.84
C SER B 60 -26.72 -12.27 -37.30
N ASN B 61 -26.20 -11.41 -38.18
CA ASN B 61 -26.46 -11.50 -39.61
C ASN B 61 -25.20 -12.04 -40.27
N VAL B 62 -25.31 -13.21 -40.88
CA VAL B 62 -24.16 -13.94 -41.38
C VAL B 62 -24.24 -14.04 -42.90
N THR B 63 -23.09 -13.88 -43.55
CA THR B 63 -23.00 -13.90 -45.00
C THR B 63 -23.30 -15.30 -45.53
N TRP B 64 -24.05 -15.35 -46.64
CA TRP B 64 -24.49 -16.61 -47.23
C TRP B 64 -23.96 -16.69 -48.66
N PHE B 65 -23.38 -17.84 -49.01
CA PHE B 65 -22.83 -18.07 -50.33
C PHE B 65 -23.40 -19.36 -50.90
N HIS B 66 -23.49 -19.44 -52.23
CA HIS B 66 -24.00 -20.61 -52.92
C HIS B 66 -23.01 -21.09 -53.96
N VAL B 67 -22.88 -22.41 -54.06
CA VAL B 67 -22.09 -23.06 -55.11
C VAL B 67 -22.96 -24.11 -55.78
N ILE B 68 -23.06 -24.04 -57.11
CA ILE B 68 -23.88 -24.99 -57.87
C ILE B 68 -23.45 -24.96 -59.33
N LYS B 75 -25.82 -22.05 -61.86
CA LYS B 75 -24.39 -21.92 -62.10
C LYS B 75 -23.79 -20.82 -61.24
N ARG B 76 -23.60 -21.12 -59.96
CA ARG B 76 -23.08 -20.17 -58.98
C ARG B 76 -21.74 -20.68 -58.44
N PHE B 77 -20.73 -19.81 -58.46
CA PHE B 77 -19.41 -20.08 -57.90
C PHE B 77 -19.06 -18.89 -57.02
N ASP B 78 -19.01 -19.12 -55.71
CA ASP B 78 -18.70 -18.05 -54.74
C ASP B 78 -17.31 -18.29 -54.18
N ASN B 79 -16.31 -17.59 -54.73
CA ASN B 79 -14.93 -17.66 -54.25
C ASN B 79 -14.39 -16.26 -54.03
N PRO B 80 -14.93 -15.53 -53.03
CA PRO B 80 -14.36 -14.21 -52.70
C PRO B 80 -13.25 -14.32 -51.69
N VAL B 81 -12.54 -13.21 -51.44
CA VAL B 81 -11.53 -13.13 -50.39
C VAL B 81 -12.08 -12.24 -49.29
N LEU B 82 -12.38 -12.86 -48.14
CA LEU B 82 -13.05 -12.16 -47.06
C LEU B 82 -12.05 -11.77 -45.96
N PRO B 83 -12.22 -10.61 -45.35
CA PRO B 83 -11.31 -10.22 -44.26
C PRO B 83 -11.45 -11.16 -43.06
N PHE B 84 -10.34 -11.33 -42.34
CA PHE B 84 -10.34 -12.23 -41.19
C PHE B 84 -11.00 -11.60 -39.98
N ASN B 85 -10.86 -10.29 -39.79
CA ASN B 85 -11.34 -9.57 -38.60
C ASN B 85 -10.66 -10.24 -37.39
N ASP B 86 -11.37 -10.42 -36.27
CA ASP B 86 -10.80 -11.06 -35.09
C ASP B 86 -11.05 -12.56 -35.06
N GLY B 87 -11.99 -13.06 -35.85
CA GLY B 87 -12.27 -14.48 -35.88
C GLY B 87 -13.23 -14.80 -36.99
N VAL B 88 -13.36 -16.09 -37.27
CA VAL B 88 -14.23 -16.57 -38.33
C VAL B 88 -15.00 -17.79 -37.83
N TYR B 89 -16.32 -17.73 -37.94
CA TYR B 89 -17.19 -18.88 -37.72
C TYR B 89 -17.61 -19.40 -39.08
N PHE B 90 -17.06 -20.54 -39.49
CA PHE B 90 -17.29 -21.09 -40.81
C PHE B 90 -18.20 -22.31 -40.68
N ALA B 91 -19.35 -22.25 -41.34
CA ALA B 91 -20.28 -23.36 -41.41
C ALA B 91 -20.45 -23.78 -42.87
N SER B 92 -21.05 -24.95 -43.07
CA SER B 92 -21.32 -25.45 -44.42
C SER B 92 -22.31 -26.60 -44.35
N ILE B 93 -23.45 -26.45 -45.02
CA ILE B 93 -24.36 -27.56 -45.26
C ILE B 93 -23.88 -28.26 -46.51
N GLU B 94 -23.57 -29.55 -46.39
CA GLU B 94 -22.74 -30.22 -47.38
C GLU B 94 -23.29 -31.57 -47.76
N LYS B 95 -23.17 -31.90 -49.06
CA LYS B 95 -23.39 -33.24 -49.58
C LYS B 95 -22.25 -33.59 -50.51
N SER B 96 -21.70 -34.80 -50.35
CA SER B 96 -20.61 -35.35 -51.14
C SER B 96 -19.28 -34.65 -50.91
N ASN B 97 -19.21 -33.74 -49.94
CA ASN B 97 -17.96 -33.08 -49.53
C ASN B 97 -17.30 -32.35 -50.71
N ILE B 98 -18.04 -31.38 -51.24
CA ILE B 98 -17.44 -30.50 -52.25
C ILE B 98 -16.39 -29.61 -51.62
N ILE B 99 -16.60 -29.16 -50.38
CA ILE B 99 -15.64 -28.33 -49.69
C ILE B 99 -14.42 -29.18 -49.33
N ARG B 100 -13.23 -28.62 -49.55
CA ARG B 100 -12.00 -29.38 -49.34
C ARG B 100 -11.06 -28.78 -48.32
N GLY B 101 -10.81 -27.48 -48.36
CA GLY B 101 -9.82 -26.91 -47.48
C GLY B 101 -9.94 -25.41 -47.39
N TRP B 102 -8.91 -24.79 -46.82
CA TRP B 102 -8.91 -23.36 -46.57
C TRP B 102 -7.54 -22.78 -46.88
N ILE B 103 -7.53 -21.50 -47.21
CA ILE B 103 -6.31 -20.75 -47.50
C ILE B 103 -6.29 -19.52 -46.62
N PHE B 104 -5.16 -19.28 -45.95
CA PHE B 104 -5.01 -18.16 -45.03
C PHE B 104 -3.76 -17.37 -45.37
N GLY B 105 -3.79 -16.08 -45.06
CA GLY B 105 -2.66 -15.22 -45.34
C GLY B 105 -3.08 -13.76 -45.27
N THR B 106 -2.17 -12.90 -45.71
CA THR B 106 -2.43 -11.47 -45.79
C THR B 106 -2.36 -10.95 -47.22
N THR B 107 -1.23 -11.14 -47.89
CA THR B 107 -1.03 -10.63 -49.24
C THR B 107 -1.33 -11.66 -50.33
N LEU B 108 -1.61 -12.91 -49.93
CA LEU B 108 -2.08 -13.95 -50.87
C LEU B 108 -1.09 -14.18 -52.00
N ASP B 109 0.21 -14.16 -51.67
CA ASP B 109 1.25 -14.41 -52.66
C ASP B 109 2.54 -14.76 -51.93
N SER B 110 3.65 -14.75 -52.67
CA SER B 110 4.95 -15.14 -52.12
C SER B 110 5.62 -14.04 -51.31
N LYS B 111 5.09 -12.81 -51.33
CA LYS B 111 5.74 -11.72 -50.60
C LYS B 111 5.69 -11.95 -49.09
N THR B 112 4.59 -12.51 -48.59
CA THR B 112 4.41 -12.76 -47.16
C THR B 112 4.02 -14.22 -46.95
N GLN B 113 4.41 -14.74 -45.78
CA GLN B 113 4.13 -16.13 -45.46
C GLN B 113 2.62 -16.37 -45.34
N SER B 114 2.21 -17.59 -45.66
CA SER B 114 0.80 -17.95 -45.73
C SER B 114 0.58 -19.31 -45.11
N LEU B 115 -0.69 -19.63 -44.87
CA LEU B 115 -1.10 -20.90 -44.27
C LEU B 115 -1.98 -21.66 -45.26
N LEU B 116 -2.04 -22.98 -45.08
CA LEU B 116 -2.86 -23.82 -45.95
C LEU B 116 -3.45 -24.97 -45.15
N ILE B 117 -4.71 -25.29 -45.44
CA ILE B 117 -5.38 -26.48 -44.92
C ILE B 117 -5.99 -27.22 -46.10
N VAL B 118 -5.68 -28.50 -46.24
CA VAL B 118 -6.25 -29.33 -47.28
C VAL B 118 -6.67 -30.67 -46.69
N ASN B 119 -7.85 -31.12 -47.07
CA ASN B 119 -8.41 -32.40 -46.61
C ASN B 119 -8.62 -33.28 -47.84
N ASN B 120 -7.59 -34.03 -48.23
CA ASN B 120 -7.73 -34.93 -49.36
C ASN B 120 -8.44 -36.22 -48.92
N ALA B 121 -8.57 -37.16 -49.85
CA ALA B 121 -9.28 -38.40 -49.57
C ALA B 121 -8.57 -39.29 -48.56
N THR B 122 -7.32 -39.00 -48.22
CA THR B 122 -6.52 -39.84 -47.33
C THR B 122 -6.35 -39.22 -45.95
N ASN B 123 -5.88 -37.98 -45.86
CA ASN B 123 -5.53 -37.37 -44.59
C ASN B 123 -5.76 -35.87 -44.68
N VAL B 124 -5.18 -35.12 -43.75
CA VAL B 124 -5.17 -33.66 -43.78
C VAL B 124 -3.73 -33.19 -43.71
N VAL B 125 -3.43 -32.13 -44.45
CA VAL B 125 -2.08 -31.55 -44.51
C VAL B 125 -2.17 -30.09 -44.10
N ILE B 126 -1.35 -29.71 -43.12
CA ILE B 126 -1.27 -28.33 -42.66
C ILE B 126 0.14 -27.83 -42.97
N LYS B 127 0.22 -26.74 -43.71
CA LYS B 127 1.51 -26.20 -44.15
C LYS B 127 1.48 -24.69 -44.02
N VAL B 128 2.57 -24.12 -43.53
CA VAL B 128 2.74 -22.67 -43.43
C VAL B 128 4.03 -22.31 -44.15
N CYS B 129 3.90 -21.80 -45.38
CA CYS B 129 5.06 -21.46 -46.20
C CYS B 129 4.71 -20.26 -47.06
N GLU B 130 5.73 -19.73 -47.74
CA GLU B 130 5.54 -18.63 -48.69
C GLU B 130 5.17 -19.21 -50.05
N PHE B 131 3.92 -19.67 -50.14
CA PHE B 131 3.42 -20.24 -51.38
C PHE B 131 3.28 -19.18 -52.47
N GLN B 132 2.82 -19.62 -53.64
CA GLN B 132 2.45 -18.74 -54.74
C GLN B 132 1.06 -19.16 -55.20
N PHE B 133 0.04 -18.44 -54.74
CA PHE B 133 -1.34 -18.78 -55.02
C PHE B 133 -1.72 -18.47 -56.47
N CYS B 134 -2.51 -19.35 -57.07
CA CYS B 134 -3.18 -19.01 -58.31
C CYS B 134 -4.32 -18.05 -58.03
N ASN B 135 -4.66 -17.25 -59.04
CA ASN B 135 -5.77 -16.31 -58.89
C ASN B 135 -7.10 -17.04 -58.75
N ASP B 136 -7.20 -18.25 -59.30
CA ASP B 136 -8.41 -19.07 -59.23
C ASP B 136 -8.03 -20.45 -58.75
N PRO B 137 -7.77 -20.62 -57.45
CA PRO B 137 -7.40 -21.94 -56.93
C PRO B 137 -8.62 -22.84 -56.70
N PHE B 138 -8.47 -24.10 -57.12
CA PHE B 138 -9.56 -25.07 -57.02
C PHE B 138 -8.99 -26.47 -57.22
N LEU B 139 -9.86 -27.47 -57.15
CA LEU B 139 -9.49 -28.85 -57.35
C LEU B 139 -10.42 -29.48 -58.37
N ASP B 140 -9.98 -30.60 -58.94
CA ASP B 140 -10.78 -31.34 -59.91
C ASP B 140 -10.69 -32.85 -59.69
N MET B 148 -14.05 -38.94 -59.37
CA MET B 148 -12.64 -39.09 -59.01
C MET B 148 -11.93 -37.75 -59.04
N GLU B 149 -10.88 -37.62 -58.23
CA GLU B 149 -10.10 -36.38 -58.13
C GLU B 149 -8.62 -36.70 -58.21
N SER B 150 -7.96 -36.17 -59.24
CA SER B 150 -6.52 -36.33 -59.40
C SER B 150 -5.88 -35.04 -59.92
N GLU B 151 -6.58 -33.91 -59.81
CA GLU B 151 -6.10 -32.64 -60.36
C GLU B 151 -6.09 -31.60 -59.25
N PHE B 152 -4.90 -31.07 -58.94
CA PHE B 152 -4.73 -30.05 -57.91
C PHE B 152 -4.19 -28.79 -58.58
N ARG B 153 -5.00 -27.72 -58.59
CA ARG B 153 -4.59 -26.42 -59.11
C ARG B 153 -4.93 -25.36 -58.06
N VAL B 154 -4.04 -25.19 -57.08
CA VAL B 154 -4.30 -24.25 -55.99
C VAL B 154 -3.10 -23.35 -55.77
N TYR B 155 -1.94 -23.73 -56.30
CA TYR B 155 -0.73 -22.94 -56.17
C TYR B 155 0.27 -23.38 -57.21
N SER B 156 1.34 -22.60 -57.35
CA SER B 156 2.39 -22.87 -58.32
C SER B 156 3.75 -23.12 -57.70
N SER B 157 4.10 -22.45 -56.60
CA SER B 157 5.42 -22.59 -56.02
C SER B 157 5.35 -22.35 -54.52
N ALA B 158 6.37 -22.86 -53.82
CA ALA B 158 6.56 -22.65 -52.39
C ALA B 158 8.03 -22.36 -52.15
N ASN B 159 8.31 -21.27 -51.43
CA ASN B 159 9.69 -20.78 -51.30
C ASN B 159 10.35 -21.19 -49.99
N ASN B 160 9.78 -20.77 -48.87
CA ASN B 160 10.35 -21.02 -47.55
C ASN B 160 9.27 -21.60 -46.64
N CYS B 161 9.58 -22.72 -45.99
CA CYS B 161 8.63 -23.43 -45.14
C CYS B 161 9.10 -23.40 -43.69
N THR B 162 8.12 -23.42 -42.78
CA THR B 162 8.40 -23.36 -41.35
C THR B 162 7.78 -24.49 -40.54
N PHE B 163 6.74 -25.15 -41.04
CA PHE B 163 6.06 -26.16 -40.24
C PHE B 163 5.13 -26.96 -41.15
N GLU B 164 5.10 -28.28 -40.94
CA GLU B 164 4.19 -29.19 -41.62
C GLU B 164 3.58 -30.15 -40.61
N TYR B 165 2.40 -30.68 -40.92
CA TYR B 165 1.70 -31.56 -40.01
C TYR B 165 0.71 -32.42 -40.78
N VAL B 166 0.67 -33.71 -40.47
CA VAL B 166 -0.24 -34.65 -41.10
C VAL B 166 -1.06 -35.34 -40.01
N SER B 167 -2.37 -35.36 -40.18
CA SER B 167 -3.28 -35.98 -39.21
C SER B 167 -4.40 -36.69 -39.97
N GLN B 168 -5.31 -37.30 -39.22
CA GLN B 168 -6.42 -38.01 -39.82
C GLN B 168 -7.37 -37.03 -40.50
N PRO B 169 -8.11 -37.48 -41.52
CA PRO B 169 -9.00 -36.56 -42.24
C PRO B 169 -10.08 -35.99 -41.31
N PHE B 170 -10.41 -34.72 -41.55
CA PHE B 170 -11.46 -34.07 -40.77
C PHE B 170 -12.81 -34.69 -41.06
N LEU B 171 -13.04 -35.10 -42.32
CA LEU B 171 -14.31 -35.67 -42.71
C LEU B 171 -14.23 -37.19 -42.84
N ASN B 180 -31.23 -35.17 -50.24
CA ASN B 180 -31.45 -34.84 -48.84
C ASN B 180 -30.15 -34.35 -48.18
N PHE B 181 -30.19 -33.14 -47.65
CA PHE B 181 -29.05 -32.61 -46.93
C PHE B 181 -28.80 -33.44 -45.68
N LYS B 182 -27.56 -33.90 -45.51
CA LYS B 182 -27.22 -34.83 -44.44
C LYS B 182 -25.96 -34.48 -43.67
N ASN B 183 -25.16 -33.52 -44.13
CA ASN B 183 -23.90 -33.18 -43.48
C ASN B 183 -23.84 -31.68 -43.23
N LEU B 184 -23.28 -31.29 -42.08
CA LEU B 184 -23.17 -29.90 -41.69
C LEU B 184 -21.89 -29.75 -40.89
N ARG B 185 -20.98 -28.91 -41.37
CA ARG B 185 -19.63 -28.80 -40.82
C ARG B 185 -19.43 -27.39 -40.28
N GLU B 186 -19.05 -27.31 -39.00
CA GLU B 186 -18.85 -26.03 -38.32
C GLU B 186 -17.38 -25.90 -37.94
N PHE B 187 -16.82 -24.71 -38.15
CA PHE B 187 -15.42 -24.44 -37.83
C PHE B 187 -15.28 -23.06 -37.23
N VAL B 188 -14.30 -22.91 -36.35
CA VAL B 188 -13.94 -21.62 -35.76
C VAL B 188 -12.42 -21.49 -35.78
N PHE B 189 -11.93 -20.38 -36.32
CA PHE B 189 -10.50 -20.09 -36.37
C PHE B 189 -10.22 -18.88 -35.49
N LYS B 190 -9.13 -18.97 -34.71
CA LYS B 190 -8.73 -17.87 -33.83
C LYS B 190 -7.23 -17.64 -33.96
N ASN B 191 -6.83 -16.39 -33.74
CA ASN B 191 -5.43 -15.98 -33.72
C ASN B 191 -5.20 -15.16 -32.45
N ILE B 192 -4.85 -15.85 -31.36
CA ILE B 192 -4.60 -15.22 -30.08
C ILE B 192 -3.24 -15.68 -29.57
N ASP B 193 -2.40 -14.72 -29.18
CA ASP B 193 -1.07 -15.00 -28.64
C ASP B 193 -0.24 -15.82 -29.62
N GLY B 194 -0.38 -15.49 -30.91
CA GLY B 194 0.36 -16.17 -31.95
C GLY B 194 0.03 -17.64 -32.05
N TYR B 195 -1.19 -18.00 -31.66
CA TYR B 195 -1.63 -19.40 -31.64
C TYR B 195 -2.86 -19.54 -32.52
N PHE B 196 -2.94 -20.45 -33.36
CA PHE B 196 -4.14 -20.66 -34.21
C PHE B 196 -4.94 -21.81 -33.61
N LYS B 197 -6.01 -21.58 -33.03
CA LYS B 197 -6.96 -22.50 -32.41
C LYS B 197 -8.05 -22.85 -33.41
N ILE B 198 -8.27 -24.15 -33.62
CA ILE B 198 -9.22 -24.65 -34.60
C ILE B 198 -10.23 -25.52 -33.87
N TYR B 199 -11.51 -25.24 -34.09
CA TYR B 199 -12.60 -26.01 -33.50
C TYR B 199 -13.44 -26.60 -34.63
N SER B 200 -14.19 -27.66 -34.31
CA SER B 200 -14.94 -28.38 -35.33
C SER B 200 -16.14 -29.08 -34.73
N LYS B 201 -17.04 -29.52 -35.62
CA LYS B 201 -18.23 -30.27 -35.24
C LYS B 201 -18.85 -30.85 -36.50
N HIS B 202 -19.30 -32.02 -36.53
CA HIS B 202 -20.02 -32.60 -37.70
C HIS B 202 -21.35 -33.13 -37.18
N THR B 203 -22.43 -32.83 -37.75
CA THR B 203 -23.81 -33.07 -37.35
C THR B 203 -24.64 -33.50 -38.56
N PRO B 204 -25.41 -34.57 -38.44
CA PRO B 204 -26.33 -34.96 -39.52
C PRO B 204 -27.70 -34.33 -39.37
N ILE B 205 -28.22 -33.83 -40.49
CA ILE B 205 -29.50 -33.14 -40.49
C ILE B 205 -30.54 -33.91 -41.30
N ASP B 212 -31.42 -23.62 -44.80
CA ASP B 212 -30.81 -22.55 -44.00
C ASP B 212 -30.16 -23.12 -42.74
N LEU B 213 -29.65 -22.24 -41.89
CA LEU B 213 -29.03 -22.68 -40.65
C LEU B 213 -30.08 -23.24 -39.71
N PRO B 214 -29.98 -24.48 -39.29
CA PRO B 214 -31.05 -25.08 -38.47
C PRO B 214 -31.09 -24.50 -37.07
N GLN B 215 -32.26 -24.64 -36.45
CA GLN B 215 -32.44 -24.25 -35.05
C GLN B 215 -31.95 -25.36 -34.15
N GLY B 216 -30.82 -25.14 -33.49
CA GLY B 216 -30.26 -26.16 -32.62
C GLY B 216 -29.05 -25.62 -31.89
N PHE B 217 -28.62 -26.39 -30.89
CA PHE B 217 -27.49 -26.03 -30.06
C PHE B 217 -26.49 -27.17 -30.04
N SER B 218 -25.22 -26.85 -30.27
CA SER B 218 -24.16 -27.85 -30.30
C SER B 218 -22.84 -27.17 -29.99
N ALA B 219 -22.24 -27.50 -28.85
CA ALA B 219 -20.96 -26.92 -28.49
C ALA B 219 -19.85 -27.43 -29.40
N LEU B 220 -18.88 -26.56 -29.67
CA LEU B 220 -17.78 -26.88 -30.56
C LEU B 220 -16.55 -27.28 -29.75
N GLU B 221 -16.29 -28.59 -29.69
CA GLU B 221 -15.12 -29.06 -28.98
C GLU B 221 -13.84 -28.66 -29.73
N PRO B 222 -12.77 -28.34 -28.99
CA PRO B 222 -11.51 -27.95 -29.65
C PRO B 222 -10.85 -29.15 -30.29
N LEU B 223 -10.50 -29.00 -31.57
CA LEU B 223 -9.91 -30.11 -32.33
C LEU B 223 -8.39 -30.05 -32.33
N VAL B 224 -7.82 -29.00 -32.89
CA VAL B 224 -6.38 -28.93 -33.15
C VAL B 224 -5.89 -27.52 -32.85
N ASP B 225 -4.67 -27.42 -32.34
CA ASP B 225 -4.05 -26.15 -32.00
C ASP B 225 -2.70 -26.03 -32.71
N LEU B 226 -2.42 -24.82 -33.22
CA LEU B 226 -1.20 -24.57 -34.00
C LEU B 226 -0.40 -23.46 -33.35
N PRO B 227 0.84 -23.72 -32.91
CA PRO B 227 1.76 -22.65 -32.47
C PRO B 227 2.57 -22.07 -33.63
N ILE B 228 1.93 -21.20 -34.43
CA ILE B 228 2.53 -20.67 -35.65
C ILE B 228 2.82 -19.17 -35.51
N GLY B 229 1.78 -18.36 -35.33
CA GLY B 229 1.96 -16.93 -35.13
C GLY B 229 2.43 -16.15 -36.35
N ILE B 230 1.58 -16.04 -37.36
CA ILE B 230 1.88 -15.22 -38.54
C ILE B 230 0.79 -14.18 -38.73
N ASN B 231 1.04 -13.22 -39.61
CA ASN B 231 0.07 -12.18 -39.93
C ASN B 231 -1.09 -12.80 -40.70
N ILE B 232 -2.31 -12.53 -40.26
CA ILE B 232 -3.52 -13.04 -40.91
C ILE B 232 -4.52 -11.91 -41.02
N THR B 233 -4.92 -11.58 -42.25
CA THR B 233 -5.99 -10.62 -42.48
C THR B 233 -7.04 -11.09 -43.49
N ARG B 234 -6.71 -12.03 -44.37
CA ARG B 234 -7.64 -12.48 -45.39
C ARG B 234 -7.60 -14.00 -45.47
N PHE B 235 -8.64 -14.57 -46.06
CA PHE B 235 -8.71 -16.01 -46.26
C PHE B 235 -9.61 -16.30 -47.45
N GLN B 236 -9.49 -17.50 -47.99
CA GLN B 236 -10.29 -17.89 -49.14
C GLN B 236 -10.47 -19.39 -49.13
N THR B 237 -11.69 -19.84 -49.39
CA THR B 237 -12.01 -21.26 -49.36
C THR B 237 -11.55 -21.95 -50.65
N LEU B 238 -11.64 -23.27 -50.65
CA LEU B 238 -11.23 -24.11 -51.78
C LEU B 238 -12.33 -25.13 -52.07
N LEU B 239 -12.55 -25.40 -53.34
CA LEU B 239 -13.54 -26.39 -53.76
C LEU B 239 -12.91 -27.36 -54.77
N ALA B 240 -13.70 -28.38 -55.12
CA ALA B 240 -13.24 -29.47 -55.98
C ALA B 240 -14.27 -29.73 -57.06
N LEU B 241 -14.20 -28.97 -58.15
CA LEU B 241 -15.20 -29.04 -59.21
C LEU B 241 -15.18 -30.39 -59.90
N HIS B 242 -16.36 -30.86 -60.26
CA HIS B 242 -16.54 -32.15 -60.93
C HIS B 242 -16.40 -31.96 -62.43
N ARG B 243 -15.47 -32.70 -63.04
CA ARG B 243 -15.27 -32.68 -64.47
C ARG B 243 -15.86 -33.94 -65.09
N SER B 244 -16.74 -33.77 -66.08
CA SER B 244 -17.38 -34.89 -66.74
C SER B 244 -16.99 -34.95 -68.21
N GLY B 254 -18.29 -29.16 -69.56
CA GLY B 254 -17.11 -28.65 -68.89
C GLY B 254 -16.93 -29.19 -67.48
N TRP B 255 -17.34 -28.40 -66.50
CA TRP B 255 -17.24 -28.77 -65.10
C TRP B 255 -18.58 -28.53 -64.41
N THR B 256 -18.89 -29.38 -63.43
CA THR B 256 -20.12 -29.29 -62.67
C THR B 256 -19.79 -29.05 -61.20
N ALA B 257 -20.48 -28.07 -60.60
CA ALA B 257 -20.30 -27.73 -59.21
C ALA B 257 -21.45 -28.31 -58.40
N GLY B 258 -21.11 -29.08 -57.37
CA GLY B 258 -22.12 -29.71 -56.55
C GLY B 258 -22.97 -28.72 -55.79
N ALA B 259 -24.22 -29.11 -55.53
CA ALA B 259 -25.16 -28.27 -54.82
C ALA B 259 -24.77 -28.17 -53.35
N ALA B 260 -24.29 -27.00 -52.93
CA ALA B 260 -23.87 -26.80 -51.55
C ALA B 260 -23.92 -25.31 -51.25
N ALA B 261 -23.87 -24.99 -49.96
CA ALA B 261 -23.85 -23.62 -49.48
C ALA B 261 -23.08 -23.56 -48.17
N TYR B 262 -22.49 -22.40 -47.90
CA TYR B 262 -21.74 -22.20 -46.68
C TYR B 262 -21.93 -20.76 -46.19
N TYR B 263 -21.48 -20.50 -44.97
CA TYR B 263 -21.70 -19.22 -44.32
C TYR B 263 -20.42 -18.80 -43.60
N VAL B 264 -20.23 -17.50 -43.46
CA VAL B 264 -19.03 -16.93 -42.84
C VAL B 264 -19.46 -15.91 -41.79
N GLY B 265 -19.12 -16.19 -40.53
CA GLY B 265 -19.49 -15.31 -39.43
C GLY B 265 -18.26 -14.92 -38.63
N TYR B 266 -18.36 -13.76 -37.98
CA TYR B 266 -17.23 -13.13 -37.32
C TYR B 266 -17.43 -13.08 -35.82
N LEU B 267 -16.33 -13.09 -35.08
CA LEU B 267 -16.37 -13.17 -33.63
C LEU B 267 -16.26 -11.78 -33.00
N GLN B 268 -16.86 -11.63 -31.82
CA GLN B 268 -16.78 -10.43 -31.03
C GLN B 268 -16.55 -10.79 -29.57
N PRO B 269 -15.87 -9.93 -28.80
CA PRO B 269 -15.66 -10.21 -27.37
C PRO B 269 -16.89 -9.88 -26.55
N ARG B 270 -17.59 -10.91 -26.08
CA ARG B 270 -18.82 -10.75 -25.34
C ARG B 270 -18.88 -11.78 -24.22
N THR B 271 -19.68 -11.48 -23.20
CA THR B 271 -19.80 -12.31 -22.01
C THR B 271 -21.00 -13.24 -22.17
N PHE B 272 -20.77 -14.54 -21.94
CA PHE B 272 -21.82 -15.54 -22.02
C PHE B 272 -22.02 -16.18 -20.65
N LEU B 273 -23.07 -16.98 -20.56
CA LEU B 273 -23.37 -17.79 -19.38
C LEU B 273 -23.65 -19.21 -19.85
N LEU B 274 -22.80 -20.15 -19.45
CA LEU B 274 -22.82 -21.50 -19.99
C LEU B 274 -23.32 -22.47 -18.93
N LYS B 275 -24.13 -23.43 -19.36
CA LYS B 275 -24.70 -24.44 -18.49
C LYS B 275 -24.17 -25.81 -18.88
N TYR B 276 -23.40 -26.43 -17.98
CA TYR B 276 -22.85 -27.75 -18.18
C TYR B 276 -23.80 -28.78 -17.58
N ASN B 277 -24.04 -29.87 -18.31
CA ASN B 277 -24.95 -30.91 -17.86
C ASN B 277 -24.21 -31.88 -16.94
N GLU B 278 -24.86 -33.00 -16.60
CA GLU B 278 -24.27 -33.95 -15.66
C GLU B 278 -23.11 -34.71 -16.30
N ASN B 279 -23.17 -34.94 -17.62
CA ASN B 279 -22.04 -35.55 -18.30
C ASN B 279 -20.79 -34.68 -18.22
N GLY B 280 -20.97 -33.37 -18.40
CA GLY B 280 -19.86 -32.45 -18.50
C GLY B 280 -19.81 -31.68 -19.80
N THR B 281 -20.86 -31.76 -20.62
CA THR B 281 -20.90 -31.06 -21.90
C THR B 281 -21.91 -29.92 -21.86
N ILE B 282 -21.65 -28.90 -22.68
CA ILE B 282 -22.52 -27.73 -22.72
C ILE B 282 -23.87 -28.11 -23.31
N THR B 283 -24.94 -27.63 -22.69
CA THR B 283 -26.29 -27.87 -23.18
C THR B 283 -27.05 -26.60 -23.56
N ASP B 284 -26.63 -25.44 -23.07
CA ASP B 284 -27.30 -24.19 -23.39
C ASP B 284 -26.38 -23.03 -23.04
N ALA B 285 -26.69 -21.86 -23.59
CA ALA B 285 -25.91 -20.67 -23.34
C ALA B 285 -26.81 -19.44 -23.44
N VAL B 286 -26.40 -18.38 -22.77
CA VAL B 286 -27.15 -17.12 -22.73
C VAL B 286 -26.18 -15.98 -23.00
N ASP B 287 -26.53 -15.13 -23.97
CA ASP B 287 -25.74 -13.94 -24.26
C ASP B 287 -26.12 -12.84 -23.28
N CYS B 288 -25.13 -12.26 -22.62
CA CYS B 288 -25.38 -11.36 -21.50
C CYS B 288 -25.46 -9.89 -21.90
N ALA B 289 -25.53 -9.57 -23.19
CA ALA B 289 -25.67 -8.18 -23.60
C ALA B 289 -26.62 -8.00 -24.77
N LEU B 290 -27.48 -8.99 -25.03
CA LEU B 290 -28.35 -8.92 -26.22
C LEU B 290 -29.57 -8.06 -25.96
N ASP B 291 -30.40 -8.46 -24.99
CA ASP B 291 -31.63 -7.76 -24.65
C ASP B 291 -31.76 -7.72 -23.13
N PRO B 292 -32.54 -6.79 -22.60
CA PRO B 292 -32.61 -6.63 -21.14
C PRO B 292 -33.02 -7.89 -20.39
N LEU B 293 -33.87 -8.73 -20.97
CA LEU B 293 -34.23 -9.98 -20.31
C LEU B 293 -33.00 -10.87 -20.12
N SER B 294 -32.16 -10.97 -21.15
CA SER B 294 -30.93 -11.74 -21.01
C SER B 294 -29.98 -11.09 -20.00
N GLU B 295 -29.98 -9.76 -19.92
CA GLU B 295 -29.18 -9.08 -18.91
C GLU B 295 -29.64 -9.46 -17.50
N THR B 296 -30.95 -9.49 -17.30
CA THR B 296 -31.48 -9.91 -16.00
C THR B 296 -31.13 -11.36 -15.70
N LYS B 297 -31.24 -12.23 -16.71
CA LYS B 297 -30.85 -13.64 -16.52
C LYS B 297 -29.39 -13.75 -16.12
N CYS B 298 -28.52 -12.99 -16.78
CA CYS B 298 -27.10 -13.02 -16.45
C CYS B 298 -26.85 -12.50 -15.04
N THR B 299 -27.57 -11.45 -14.64
CA THR B 299 -27.40 -10.91 -13.29
C THR B 299 -27.83 -11.91 -12.23
N LEU B 300 -28.95 -12.59 -12.44
CA LEU B 300 -29.46 -13.53 -11.45
C LEU B 300 -28.76 -14.88 -11.46
N LYS B 301 -27.87 -15.12 -12.42
CA LYS B 301 -27.20 -16.42 -12.57
C LYS B 301 -28.22 -17.56 -12.65
N SER B 302 -29.29 -17.34 -13.43
CA SER B 302 -30.35 -18.30 -13.57
C SER B 302 -30.86 -18.30 -15.01
N PHE B 303 -31.53 -19.38 -15.38
CA PHE B 303 -32.13 -19.50 -16.70
C PHE B 303 -33.63 -19.24 -16.70
N THR B 304 -34.23 -19.04 -15.53
CA THR B 304 -35.63 -18.67 -15.41
C THR B 304 -35.73 -17.51 -14.44
N VAL B 305 -36.70 -16.62 -14.69
CA VAL B 305 -36.89 -15.41 -13.90
C VAL B 305 -38.32 -15.36 -13.41
N GLU B 306 -38.51 -15.16 -12.11
CA GLU B 306 -39.83 -15.03 -11.54
C GLU B 306 -40.36 -13.61 -11.74
N LYS B 307 -41.68 -13.48 -11.62
CA LYS B 307 -42.32 -12.19 -11.81
C LYS B 307 -41.83 -11.19 -10.77
N GLY B 308 -41.50 -9.99 -11.22
CA GLY B 308 -41.04 -8.95 -10.33
C GLY B 308 -40.25 -7.90 -11.09
N ILE B 309 -39.64 -7.00 -10.33
CA ILE B 309 -38.81 -5.93 -10.86
C ILE B 309 -37.41 -6.08 -10.30
N TYR B 310 -36.42 -6.10 -11.19
CA TYR B 310 -35.03 -6.36 -10.81
C TYR B 310 -34.15 -5.22 -11.29
N GLN B 311 -33.03 -5.04 -10.60
CA GLN B 311 -32.04 -4.03 -10.93
C GLN B 311 -30.84 -4.73 -11.59
N THR B 312 -30.50 -4.29 -12.80
CA THR B 312 -29.46 -4.96 -13.58
C THR B 312 -28.13 -4.21 -13.56
N SER B 313 -28.12 -2.97 -14.02
CA SER B 313 -26.86 -2.24 -14.21
C SER B 313 -27.18 -0.75 -14.18
N ASN B 314 -26.20 0.06 -14.60
CA ASN B 314 -26.31 1.50 -14.58
C ASN B 314 -26.20 2.06 -15.99
N PHE B 315 -26.83 3.22 -16.19
CA PHE B 315 -26.81 3.92 -17.48
C PHE B 315 -25.91 5.14 -17.32
N ARG B 316 -24.83 5.17 -18.11
CA ARG B 316 -23.85 6.24 -18.03
C ARG B 316 -23.38 6.62 -19.43
N VAL B 317 -23.20 7.91 -19.66
CA VAL B 317 -22.74 8.43 -20.95
C VAL B 317 -21.24 8.64 -20.89
N GLN B 318 -20.56 8.32 -21.99
CA GLN B 318 -19.11 8.38 -22.05
C GLN B 318 -18.64 9.64 -22.77
N PRO B 319 -17.47 10.16 -22.42
CA PRO B 319 -16.89 11.27 -23.18
C PRO B 319 -16.15 10.77 -24.41
N THR B 320 -15.83 11.72 -25.30
CA THR B 320 -15.10 11.36 -26.52
C THR B 320 -13.98 12.34 -26.85
N GLU B 321 -13.85 13.40 -26.05
CA GLU B 321 -12.84 14.44 -26.38
C GLU B 321 -11.99 14.82 -25.18
N SER B 322 -10.91 15.54 -25.44
CA SER B 322 -10.01 16.01 -24.36
C SER B 322 -9.80 17.51 -24.59
N ILE B 323 -10.59 18.38 -23.97
CA ILE B 323 -10.21 19.81 -24.21
C ILE B 323 -9.20 20.23 -23.14
N VAL B 324 -8.10 20.86 -23.57
CA VAL B 324 -7.03 21.27 -22.62
C VAL B 324 -6.88 22.76 -22.74
N ARG B 325 -6.81 23.45 -21.59
CA ARG B 325 -6.69 24.93 -21.59
C ARG B 325 -5.48 25.33 -20.74
N PHE B 326 -4.76 26.36 -21.15
CA PHE B 326 -3.56 26.82 -20.48
C PHE B 326 -3.40 28.31 -20.75
N PRO B 327 -2.78 29.06 -19.84
CA PRO B 327 -2.76 30.53 -19.97
C PRO B 327 -1.97 30.99 -21.18
N ASN B 328 -2.25 32.22 -21.62
CA ASN B 328 -1.50 32.84 -22.70
C ASN B 328 -0.02 32.87 -22.36
N ILE B 329 0.81 32.52 -23.35
CA ILE B 329 2.25 32.59 -23.14
C ILE B 329 2.74 34.02 -23.32
N THR B 330 3.37 34.54 -22.27
CA THR B 330 3.90 35.89 -22.26
C THR B 330 5.34 35.82 -21.76
N ASN B 331 5.95 37.00 -21.54
CA ASN B 331 7.36 37.15 -21.19
C ASN B 331 8.24 36.20 -21.98
N LEU B 332 8.20 36.29 -23.30
CA LEU B 332 9.05 35.46 -24.14
C LEU B 332 10.52 35.66 -23.79
N CYS B 333 11.23 34.56 -23.66
CA CYS B 333 12.62 34.62 -23.21
C CYS B 333 13.50 35.26 -24.28
N PRO B 334 14.45 36.11 -23.89
CA PRO B 334 15.25 36.83 -24.89
C PRO B 334 16.30 35.95 -25.57
N PHE B 335 15.87 35.10 -26.50
CA PHE B 335 16.81 34.41 -27.36
C PHE B 335 17.37 35.29 -28.47
N ASP B 336 16.70 36.39 -28.81
CA ASP B 336 17.10 37.19 -29.96
C ASP B 336 18.51 37.75 -29.79
N GLU B 337 18.81 38.26 -28.60
CA GLU B 337 20.12 38.87 -28.37
C GLU B 337 21.25 37.84 -28.27
N VAL B 338 20.94 36.55 -28.22
CA VAL B 338 21.98 35.53 -28.13
C VAL B 338 22.40 35.03 -29.50
N PHE B 339 21.47 34.88 -30.43
CA PHE B 339 21.77 34.32 -31.73
C PHE B 339 21.72 35.34 -32.87
N ASN B 340 21.12 36.51 -32.64
CA ASN B 340 21.14 37.58 -33.61
C ASN B 340 22.10 38.70 -33.21
N ALA B 341 23.03 38.40 -32.31
CA ALA B 341 24.03 39.38 -31.92
C ALA B 341 25.02 39.62 -33.06
N THR B 342 25.49 40.86 -33.17
CA THR B 342 26.38 41.22 -34.26
C THR B 342 27.72 40.49 -34.16
N ARG B 343 28.30 40.43 -32.98
CA ARG B 343 29.61 39.83 -32.78
C ARG B 343 29.57 38.86 -31.59
N PHE B 344 30.20 37.71 -31.76
CA PHE B 344 30.33 36.73 -30.70
C PHE B 344 31.70 36.85 -30.03
N ALA B 345 31.75 36.46 -28.76
CA ALA B 345 33.01 36.53 -28.03
C ALA B 345 33.99 35.48 -28.55
N SER B 346 35.26 35.70 -28.25
CA SER B 346 36.30 34.76 -28.65
C SER B 346 36.13 33.43 -27.89
N VAL B 347 36.66 32.37 -28.50
CA VAL B 347 36.49 31.04 -27.93
C VAL B 347 37.17 30.93 -26.56
N TYR B 348 38.39 31.45 -26.44
CA TYR B 348 39.09 31.37 -25.16
C TYR B 348 38.36 32.19 -24.09
N ALA B 349 37.88 33.37 -24.43
CA ALA B 349 37.06 34.18 -23.53
C ALA B 349 35.58 34.00 -23.86
N TRP B 350 35.10 32.77 -23.67
CA TRP B 350 33.73 32.43 -24.04
C TRP B 350 32.73 33.17 -23.17
N ASN B 351 31.66 33.64 -23.80
CA ASN B 351 30.61 34.35 -23.07
C ASN B 351 29.75 33.38 -22.27
N ARG B 352 29.37 33.82 -21.06
CA ARG B 352 28.47 33.04 -20.20
C ARG B 352 27.22 33.87 -19.96
N LYS B 353 26.07 33.28 -20.25
CA LYS B 353 24.78 33.95 -20.07
C LYS B 353 23.86 33.08 -19.23
N ARG B 354 23.20 33.69 -18.26
CA ARG B 354 22.27 33.00 -17.39
C ARG B 354 20.84 33.39 -17.76
N ILE B 355 19.96 32.38 -17.80
CA ILE B 355 18.57 32.56 -18.20
C ILE B 355 17.68 32.13 -17.05
N SER B 356 16.78 33.02 -16.64
CA SER B 356 15.88 32.74 -15.52
C SER B 356 14.57 33.49 -15.71
N ASN B 357 13.49 32.88 -15.22
CA ASN B 357 12.15 33.49 -15.19
C ASN B 357 11.68 33.91 -16.58
N CYS B 358 11.52 32.90 -17.45
CA CYS B 358 11.05 33.16 -18.81
C CYS B 358 10.45 31.87 -19.38
N VAL B 359 9.98 31.98 -20.62
CA VAL B 359 9.38 30.85 -21.34
C VAL B 359 10.20 30.60 -22.60
N ALA B 360 10.54 29.34 -22.84
CA ALA B 360 11.46 28.97 -23.92
C ALA B 360 10.72 28.29 -25.06
N ASP B 361 10.84 28.86 -26.26
CA ASP B 361 10.31 28.25 -27.48
C ASP B 361 11.51 27.81 -28.31
N TYR B 362 11.76 26.50 -28.35
CA TYR B 362 12.93 25.97 -29.03
C TYR B 362 12.69 25.71 -30.51
N SER B 363 11.47 25.94 -31.00
CA SER B 363 11.20 25.73 -32.42
C SER B 363 11.92 26.76 -33.28
N VAL B 364 12.06 27.99 -32.77
CA VAL B 364 12.72 29.05 -33.53
C VAL B 364 14.19 28.72 -33.76
N LEU B 365 14.78 27.91 -32.87
CA LEU B 365 16.20 27.56 -32.95
C LEU B 365 16.54 26.86 -34.26
N TYR B 366 15.56 26.17 -34.85
CA TYR B 366 15.78 25.36 -36.04
C TYR B 366 15.76 26.17 -37.33
N ASN B 367 15.40 27.45 -37.28
CA ASN B 367 15.26 28.28 -38.46
C ASN B 367 16.57 28.96 -38.87
N LEU B 368 17.66 28.72 -38.13
CA LEU B 368 18.90 29.44 -38.39
C LEU B 368 19.47 29.12 -39.77
N ALA B 369 19.63 27.83 -40.07
CA ALA B 369 20.26 27.42 -41.32
C ALA B 369 19.56 26.19 -41.86
N PRO B 370 19.54 26.01 -43.19
CA PRO B 370 18.96 24.77 -43.74
C PRO B 370 19.67 23.52 -43.28
N PHE B 371 20.99 23.59 -43.07
CA PHE B 371 21.77 22.45 -42.62
C PHE B 371 22.68 22.89 -41.50
N PHE B 372 22.49 22.31 -40.32
CA PHE B 372 23.31 22.61 -39.16
C PHE B 372 23.18 21.47 -38.15
N THR B 373 24.15 21.38 -37.26
CA THR B 373 24.15 20.33 -36.25
C THR B 373 23.27 20.71 -35.07
N PHE B 374 22.55 19.73 -34.53
CA PHE B 374 21.72 19.91 -33.35
C PHE B 374 21.92 18.76 -32.39
N LYS B 375 23.17 18.41 -32.12
CA LYS B 375 23.48 17.31 -31.22
C LYS B 375 22.98 17.63 -29.81
N CYS B 376 22.34 16.65 -29.18
CA CYS B 376 21.80 16.81 -27.84
C CYS B 376 22.24 15.63 -26.99
N TYR B 377 22.62 15.92 -25.75
CA TYR B 377 23.10 14.90 -24.82
C TYR B 377 22.14 14.78 -23.65
N GLY B 378 21.65 13.57 -23.41
CA GLY B 378 20.78 13.30 -22.28
C GLY B 378 19.35 13.73 -22.44
N VAL B 379 18.96 14.26 -23.60
CA VAL B 379 17.58 14.72 -23.80
C VAL B 379 17.27 14.74 -25.29
N SER B 380 16.12 14.21 -25.66
CA SER B 380 15.69 14.25 -27.06
C SER B 380 15.24 15.66 -27.41
N PRO B 381 15.75 16.26 -28.49
CA PRO B 381 15.38 17.65 -28.82
C PRO B 381 13.89 17.84 -29.05
N THR B 382 13.19 16.84 -29.59
CA THR B 382 11.78 16.97 -29.87
C THR B 382 10.91 16.94 -28.62
N LYS B 383 11.48 16.61 -27.46
CA LYS B 383 10.74 16.50 -26.21
C LYS B 383 11.20 17.54 -25.19
N LEU B 384 11.81 18.62 -25.67
CA LEU B 384 12.26 19.70 -24.79
C LEU B 384 11.12 20.60 -24.33
N ASN B 385 9.92 20.43 -24.87
CA ASN B 385 8.81 21.32 -24.61
C ASN B 385 7.93 20.88 -23.45
N ASP B 386 8.22 19.73 -22.83
CA ASP B 386 7.35 19.17 -21.79
C ASP B 386 8.00 19.17 -20.41
N LEU B 387 9.16 18.52 -20.26
CA LEU B 387 9.86 18.58 -18.98
C LEU B 387 10.77 19.80 -18.97
N CYS B 388 11.04 20.33 -17.78
CA CYS B 388 11.61 21.67 -17.74
C CYS B 388 12.28 21.94 -16.40
N PHE B 389 13.36 22.82 -16.53
CA PHE B 389 14.25 22.97 -15.36
C PHE B 389 14.21 24.35 -14.68
N THR B 390 15.24 24.64 -13.93
CA THR B 390 15.33 25.87 -13.15
C THR B 390 16.06 26.99 -13.90
N ASN B 391 17.32 26.76 -14.29
CA ASN B 391 18.13 27.80 -14.91
C ASN B 391 18.79 27.24 -16.16
N VAL B 392 19.07 28.15 -17.10
CA VAL B 392 19.66 27.81 -18.39
C VAL B 392 20.91 28.64 -18.59
N TYR B 393 21.99 27.98 -19.01
CA TYR B 393 23.26 28.64 -19.29
C TYR B 393 23.56 28.53 -20.78
N ALA B 394 23.82 29.66 -21.42
CA ALA B 394 24.11 29.72 -22.84
C ALA B 394 25.52 30.28 -23.05
N ASP B 395 26.30 29.59 -23.87
CA ASP B 395 27.67 29.99 -24.20
C ASP B 395 27.80 30.09 -25.72
N SER B 396 28.34 31.20 -26.19
CA SER B 396 28.46 31.47 -27.62
C SER B 396 29.88 31.93 -27.95
N PHE B 397 30.40 31.43 -29.07
CA PHE B 397 31.70 31.83 -29.57
C PHE B 397 31.81 31.40 -31.04
N VAL B 398 32.99 31.57 -31.62
CA VAL B 398 33.24 31.23 -33.02
C VAL B 398 34.45 30.30 -33.08
N ILE B 399 34.31 29.20 -33.81
CA ILE B 399 35.36 28.19 -33.92
C ILE B 399 35.51 27.76 -35.37
N ARG B 400 36.63 27.12 -35.67
CA ARG B 400 36.90 26.65 -37.02
C ARG B 400 35.96 25.51 -37.40
N GLY B 401 35.78 25.33 -38.71
CA GLY B 401 34.83 24.33 -39.18
C GLY B 401 35.19 22.92 -38.77
N ASP B 402 36.46 22.55 -38.93
CA ASP B 402 36.88 21.19 -38.60
C ASP B 402 37.06 20.97 -37.11
N GLU B 403 37.10 22.04 -36.32
CA GLU B 403 37.24 21.92 -34.87
C GLU B 403 35.91 21.89 -34.14
N VAL B 404 34.79 21.90 -34.87
CA VAL B 404 33.48 21.80 -34.24
C VAL B 404 33.27 20.43 -33.59
N ARG B 405 34.03 19.42 -34.02
CA ARG B 405 33.91 18.10 -33.44
C ARG B 405 34.50 18.02 -32.03
N GLN B 406 35.37 18.97 -31.67
CA GLN B 406 35.95 18.99 -30.33
C GLN B 406 35.00 19.51 -29.27
N ILE B 407 33.87 20.10 -29.66
CA ILE B 407 32.90 20.63 -28.69
C ILE B 407 31.93 19.49 -28.39
N ALA B 408 32.36 18.63 -27.45
CA ALA B 408 31.57 17.47 -27.03
C ALA B 408 32.17 16.88 -25.77
N PRO B 409 31.37 16.29 -24.88
CA PRO B 409 31.93 15.68 -23.68
C PRO B 409 32.89 14.55 -24.00
N GLY B 410 33.97 14.47 -23.24
CA GLY B 410 34.95 13.43 -23.42
C GLY B 410 35.87 13.59 -24.61
N GLN B 411 35.82 14.73 -25.29
CA GLN B 411 36.67 14.99 -26.44
C GLN B 411 37.99 15.60 -26.00
N THR B 412 38.98 15.52 -26.89
CA THR B 412 40.30 16.05 -26.61
C THR B 412 40.88 16.66 -27.87
N GLY B 413 41.86 17.55 -27.68
CA GLY B 413 42.49 18.24 -28.79
C GLY B 413 43.07 19.57 -28.36
N ASN B 414 42.84 20.61 -29.17
CA ASN B 414 43.27 21.97 -28.85
C ASN B 414 42.18 22.76 -28.16
N ILE B 415 40.99 22.85 -28.77
CA ILE B 415 39.91 23.62 -28.19
C ILE B 415 39.36 22.95 -26.93
N ALA B 416 39.44 21.62 -26.86
CA ALA B 416 38.79 20.89 -25.78
C ALA B 416 39.43 21.19 -24.43
N ASP B 417 40.76 21.18 -24.35
CA ASP B 417 41.44 21.29 -23.06
C ASP B 417 42.14 22.61 -22.85
N TYR B 418 42.08 23.54 -23.80
CA TYR B 418 42.78 24.82 -23.66
C TYR B 418 41.87 26.03 -23.69
N ASN B 419 40.72 25.94 -24.36
CA ASN B 419 39.80 27.08 -24.46
C ASN B 419 38.45 26.81 -23.82
N TYR B 420 37.80 25.70 -24.17
CA TYR B 420 36.47 25.37 -23.65
C TYR B 420 36.39 23.88 -23.39
N LYS B 421 36.16 23.51 -22.13
CA LYS B 421 36.11 22.11 -21.72
C LYS B 421 34.69 21.76 -21.28
N LEU B 422 34.16 20.67 -21.85
CA LEU B 422 32.82 20.18 -21.53
C LEU B 422 32.92 18.98 -20.60
N PRO B 423 32.21 18.99 -19.48
CA PRO B 423 32.26 17.84 -18.57
C PRO B 423 31.62 16.60 -19.18
N ASP B 424 32.09 15.44 -18.73
CA ASP B 424 31.53 14.18 -19.22
C ASP B 424 30.07 14.03 -18.78
N ASP B 425 29.75 14.42 -17.55
CA ASP B 425 28.38 14.33 -17.05
C ASP B 425 27.61 15.61 -17.39
N PHE B 426 27.51 15.87 -18.69
CA PHE B 426 26.88 17.06 -19.23
C PHE B 426 25.57 16.70 -19.90
N THR B 427 24.52 17.48 -19.61
CA THR B 427 23.24 17.37 -20.30
C THR B 427 22.92 18.71 -20.94
N GLY B 428 22.50 18.66 -22.20
CA GLY B 428 22.21 19.86 -22.94
C GLY B 428 22.34 19.61 -24.43
N CYS B 429 22.37 20.70 -25.20
CA CYS B 429 22.45 20.62 -26.65
C CYS B 429 23.48 21.62 -27.14
N VAL B 430 24.08 21.29 -28.29
CA VAL B 430 25.08 22.13 -28.94
C VAL B 430 24.58 22.52 -30.32
N ILE B 431 24.64 23.81 -30.63
CA ILE B 431 24.17 24.34 -31.90
C ILE B 431 25.35 25.04 -32.58
N ALA B 432 25.63 24.65 -33.82
CA ALA B 432 26.69 25.26 -34.62
C ALA B 432 26.21 25.40 -36.05
N TRP B 433 26.44 26.59 -36.61
CA TRP B 433 26.01 26.88 -38.00
C TRP B 433 27.08 27.72 -38.68
N ASN B 434 27.20 27.62 -40.00
CA ASN B 434 28.21 28.36 -40.75
C ASN B 434 27.85 29.83 -40.82
N SER B 435 28.82 30.69 -40.54
CA SER B 435 28.63 32.14 -40.55
C SER B 435 29.71 32.80 -41.39
N ASN B 436 29.97 32.25 -42.58
CA ASN B 436 31.00 32.82 -43.45
C ASN B 436 30.59 34.18 -44.00
N LYS B 437 29.31 34.38 -44.28
CA LYS B 437 28.83 35.63 -44.84
C LYS B 437 28.85 36.79 -43.86
N LEU B 438 29.09 36.52 -42.57
CA LEU B 438 29.03 37.56 -41.54
C LEU B 438 30.33 37.79 -40.79
N ASP B 439 31.24 36.83 -40.76
CA ASP B 439 32.48 36.92 -39.99
C ASP B 439 33.69 36.63 -40.87
N SER B 440 33.72 37.24 -42.04
CA SER B 440 34.82 37.04 -42.98
C SER B 440 35.33 38.38 -43.50
N LYS B 441 36.63 38.45 -43.74
CA LYS B 441 37.27 39.60 -44.35
C LYS B 441 38.14 39.15 -45.51
N VAL B 442 38.02 39.83 -46.65
CA VAL B 442 38.86 39.50 -47.79
C VAL B 442 40.33 39.69 -47.45
N SER B 443 40.65 40.80 -46.79
CA SER B 443 42.00 40.98 -46.26
C SER B 443 42.31 39.95 -45.19
N GLY B 444 41.32 39.61 -44.37
CA GLY B 444 41.51 38.65 -43.30
C GLY B 444 41.01 39.16 -41.97
N ASN B 445 40.11 38.41 -41.35
CA ASN B 445 39.62 38.77 -40.02
C ASN B 445 40.65 38.36 -38.97
N TYR B 446 40.79 39.18 -37.93
CA TYR B 446 41.71 38.88 -36.85
C TYR B 446 41.14 39.14 -35.46
N ASN B 447 39.84 39.43 -35.36
CA ASN B 447 39.23 39.71 -34.07
C ASN B 447 39.03 38.47 -33.20
N TYR B 448 39.18 37.28 -33.78
CA TYR B 448 38.93 36.03 -33.06
C TYR B 448 40.26 35.41 -32.67
N LEU B 449 40.48 35.26 -31.37
CA LEU B 449 41.73 34.78 -30.81
C LEU B 449 41.49 33.46 -30.07
N TYR B 450 42.50 32.59 -30.09
CA TYR B 450 42.41 31.33 -29.35
C TYR B 450 43.74 31.06 -28.68
N ARG B 451 43.68 30.54 -27.46
CA ARG B 451 44.89 30.19 -26.73
C ARG B 451 45.53 28.94 -27.34
N LEU B 452 46.85 28.97 -27.48
CA LEU B 452 47.60 27.85 -28.05
C LEU B 452 48.57 27.22 -27.07
N PHE B 453 49.10 27.98 -26.11
CA PHE B 453 50.05 27.47 -25.14
C PHE B 453 49.52 27.66 -23.73
N ARG B 454 49.57 26.59 -22.93
CA ARG B 454 49.15 26.63 -21.54
C ARG B 454 49.86 25.53 -20.79
N LYS B 455 50.11 25.76 -19.50
CA LYS B 455 50.87 24.81 -18.70
C LYS B 455 50.14 23.47 -18.57
N SER B 456 48.83 23.52 -18.33
CA SER B 456 48.04 22.31 -18.13
C SER B 456 46.74 22.44 -18.91
N ASN B 457 45.84 21.48 -18.71
CA ASN B 457 44.55 21.48 -19.38
C ASN B 457 43.57 22.41 -18.67
N LEU B 458 42.32 22.39 -19.10
CA LEU B 458 41.27 23.20 -18.52
C LEU B 458 40.21 22.31 -17.89
N LYS B 459 39.81 22.63 -16.66
CA LYS B 459 38.70 21.96 -16.02
C LYS B 459 37.40 22.35 -16.71
N PRO B 460 36.36 21.52 -16.60
CA PRO B 460 35.07 21.86 -17.23
C PRO B 460 34.54 23.20 -16.73
N PHE B 461 34.00 23.98 -17.66
CA PHE B 461 33.44 25.30 -17.38
C PHE B 461 34.45 26.19 -16.66
N GLU B 462 35.63 26.32 -17.27
CA GLU B 462 36.71 27.14 -16.74
C GLU B 462 37.14 28.15 -17.80
N ARG B 463 37.50 29.35 -17.33
CA ARG B 463 37.91 30.44 -18.19
C ARG B 463 39.33 30.85 -17.87
N ASP B 464 40.16 31.01 -18.90
CA ASP B 464 41.55 31.45 -18.75
C ASP B 464 41.78 32.63 -19.67
N ILE B 465 41.87 33.83 -19.10
CA ILE B 465 42.01 35.05 -19.86
C ILE B 465 43.42 35.65 -19.70
N SER B 466 44.33 34.90 -19.09
CA SER B 466 45.68 35.40 -18.85
C SER B 466 46.42 35.62 -20.15
N THR B 467 47.35 36.58 -20.13
CA THR B 467 48.14 36.93 -21.30
C THR B 467 49.64 36.78 -21.04
N GLU B 468 50.03 36.06 -19.99
CA GLU B 468 51.43 35.88 -19.67
C GLU B 468 52.11 35.04 -20.74
N ILE B 469 53.37 35.38 -21.04
CA ILE B 469 54.13 34.62 -22.03
C ILE B 469 54.35 33.19 -21.50
N TYR B 470 54.45 32.25 -22.43
CA TYR B 470 54.61 30.84 -22.10
C TYR B 470 56.06 30.43 -22.32
N GLN B 471 56.76 30.13 -21.24
CA GLN B 471 58.16 29.69 -21.31
C GLN B 471 58.15 28.17 -21.53
N ALA B 472 58.29 27.78 -22.80
CA ALA B 472 58.27 26.37 -23.14
C ALA B 472 59.48 25.64 -22.56
N GLY B 473 60.65 26.27 -22.60
CA GLY B 473 61.88 25.66 -22.15
C GLY B 473 62.21 26.01 -20.71
N ASN B 474 63.49 25.86 -20.37
CA ASN B 474 63.97 26.15 -19.03
C ASN B 474 64.55 27.56 -18.88
N LYS B 475 64.87 28.23 -19.98
CA LYS B 475 65.44 29.56 -19.90
C LYS B 475 64.33 30.59 -19.69
N PRO B 476 64.36 31.37 -18.61
CA PRO B 476 63.32 32.39 -18.38
C PRO B 476 63.56 33.61 -19.25
N CYS B 477 62.68 33.82 -20.23
CA CYS B 477 62.76 34.97 -21.11
C CYS B 477 62.22 36.25 -20.46
N ASN B 478 61.41 36.13 -19.42
CA ASN B 478 60.86 37.28 -18.69
C ASN B 478 60.05 38.20 -19.60
N GLY B 479 59.36 37.64 -20.58
CA GLY B 479 58.43 38.39 -21.40
C GLY B 479 58.93 38.85 -22.74
N VAL B 480 59.76 38.07 -23.42
CA VAL B 480 60.23 38.38 -24.77
C VAL B 480 60.05 37.16 -25.64
N ALA B 481 59.52 37.35 -26.84
CA ALA B 481 59.25 36.25 -27.77
C ALA B 481 60.55 35.80 -28.41
N GLY B 482 61.39 35.16 -27.60
CA GLY B 482 62.64 34.61 -28.08
C GLY B 482 62.51 33.16 -28.49
N PHE B 483 63.27 32.28 -27.85
CA PHE B 483 63.17 30.84 -28.10
C PHE B 483 62.45 30.20 -26.93
N ASN B 484 61.59 29.23 -27.23
CA ASN B 484 60.79 28.53 -26.22
C ASN B 484 59.93 29.50 -25.41
N CYS B 485 59.59 30.63 -26.03
CA CYS B 485 58.75 31.66 -25.40
C CYS B 485 57.85 32.23 -26.49
N TYR B 486 56.62 31.72 -26.56
CA TYR B 486 55.67 32.10 -27.59
C TYR B 486 54.38 32.59 -26.95
N PHE B 487 53.74 33.56 -27.60
CA PHE B 487 52.50 34.11 -27.07
C PHE B 487 51.40 33.06 -27.12
N PRO B 488 50.67 32.84 -26.04
CA PRO B 488 49.64 31.77 -26.05
C PRO B 488 48.52 32.00 -27.05
N LEU B 489 48.22 33.25 -27.40
CA LEU B 489 47.06 33.57 -28.23
C LEU B 489 47.48 33.71 -29.69
N ARG B 490 46.68 33.12 -30.58
CA ARG B 490 46.86 33.24 -32.01
C ARG B 490 45.56 33.69 -32.65
N SER B 491 45.67 34.32 -33.80
CA SER B 491 44.54 34.93 -34.49
C SER B 491 43.99 33.97 -35.55
N TYR B 492 42.67 34.00 -35.71
CA TYR B 492 41.98 33.19 -36.73
C TYR B 492 41.84 34.04 -37.99
N SER B 493 42.76 33.84 -38.93
CA SER B 493 42.79 34.63 -40.16
C SER B 493 41.66 34.17 -41.08
N PHE B 494 40.44 34.59 -40.75
CA PHE B 494 39.28 34.21 -41.54
C PHE B 494 39.23 34.99 -42.84
N ARG B 495 39.00 34.26 -43.94
CA ARG B 495 38.82 34.87 -45.25
C ARG B 495 37.70 34.13 -45.98
N PRO B 496 36.92 34.83 -46.80
CA PRO B 496 35.83 34.15 -47.51
C PRO B 496 36.31 33.12 -48.53
N THR B 497 37.57 33.19 -48.96
CA THR B 497 38.10 32.26 -49.94
C THR B 497 38.54 30.93 -49.32
N TYR B 498 38.49 30.81 -47.99
CA TYR B 498 38.89 29.57 -47.34
C TYR B 498 37.88 28.46 -47.61
N GLY B 499 38.30 27.23 -47.33
CA GLY B 499 37.44 26.09 -47.49
C GLY B 499 36.43 25.96 -46.37
N VAL B 500 35.55 24.96 -46.51
CA VAL B 500 34.53 24.74 -45.50
C VAL B 500 35.14 24.30 -44.17
N GLY B 501 36.32 23.66 -44.22
CA GLY B 501 36.98 23.24 -43.01
C GLY B 501 37.64 24.35 -42.22
N HIS B 502 37.85 25.51 -42.84
CA HIS B 502 38.44 26.66 -42.16
C HIS B 502 37.46 27.81 -41.98
N GLN B 503 36.22 27.67 -42.42
CA GLN B 503 35.26 28.75 -42.31
C GLN B 503 34.81 28.92 -40.86
N PRO B 504 34.44 30.13 -40.46
CA PRO B 504 34.00 30.35 -39.08
C PRO B 504 32.61 29.78 -38.83
N TYR B 505 32.51 28.98 -37.77
CA TYR B 505 31.24 28.44 -37.30
C TYR B 505 30.88 29.08 -35.97
N ARG B 506 29.69 29.67 -35.90
CA ARG B 506 29.18 30.20 -34.64
C ARG B 506 28.56 29.06 -33.83
N VAL B 507 29.04 28.91 -32.60
CA VAL B 507 28.66 27.78 -31.75
C VAL B 507 27.92 28.31 -30.53
N VAL B 508 26.75 27.75 -30.26
CA VAL B 508 25.95 28.09 -29.08
C VAL B 508 25.65 26.80 -28.34
N VAL B 509 25.95 26.77 -27.05
CA VAL B 509 25.76 25.59 -26.21
C VAL B 509 24.81 25.97 -25.07
N LEU B 510 23.77 25.17 -24.88
CA LEU B 510 22.82 25.34 -23.79
C LEU B 510 22.98 24.19 -22.81
N SER B 511 23.08 24.53 -21.52
CA SER B 511 23.23 23.54 -20.46
C SER B 511 22.07 23.66 -19.48
N PHE B 512 21.55 22.52 -19.05
CA PHE B 512 20.42 22.46 -18.13
C PHE B 512 20.80 21.69 -16.88
N GLU B 513 20.11 22.00 -15.79
CA GLU B 513 20.35 21.35 -14.51
C GLU B 513 19.07 21.39 -13.69
N LEU B 514 19.01 20.50 -12.70
CA LEU B 514 17.86 20.40 -11.82
C LEU B 514 18.27 20.71 -10.39
N LEU B 515 17.57 21.64 -9.76
CA LEU B 515 17.79 22.02 -8.37
C LEU B 515 16.48 21.89 -7.61
N HIS B 516 16.59 21.89 -6.27
CA HIS B 516 15.40 21.79 -5.44
C HIS B 516 14.52 23.03 -5.56
N ALA B 517 15.04 24.13 -6.08
CA ALA B 517 14.20 25.28 -6.39
C ALA B 517 13.27 24.93 -7.56
N PRO B 518 12.05 25.45 -7.57
CA PRO B 518 11.10 25.10 -8.63
C PRO B 518 11.54 25.62 -9.99
N ALA B 519 11.11 24.91 -11.03
CA ALA B 519 11.45 25.29 -12.40
C ALA B 519 10.73 26.57 -12.80
N THR B 520 11.42 27.40 -13.59
CA THR B 520 10.82 28.67 -14.00
C THR B 520 10.98 28.93 -15.51
N VAL B 521 12.01 28.35 -16.13
CA VAL B 521 12.31 28.59 -17.53
C VAL B 521 12.03 27.32 -18.32
N CYS B 522 10.96 27.38 -19.13
CA CYS B 522 10.53 26.17 -19.84
C CYS B 522 9.73 26.50 -21.10
N GLY B 523 9.12 25.49 -21.71
CA GLY B 523 8.35 25.63 -22.92
C GLY B 523 6.89 25.99 -22.74
N PRO B 524 6.25 26.40 -23.84
CA PRO B 524 4.85 26.77 -23.79
C PRO B 524 3.94 25.56 -23.63
N LYS B 525 2.70 25.84 -23.24
CA LYS B 525 1.67 24.83 -23.07
C LYS B 525 0.62 24.96 -24.16
N LYS B 526 -0.20 23.93 -24.29
CA LYS B 526 -1.16 23.83 -25.38
C LYS B 526 -2.53 24.34 -24.95
N SER B 527 -3.39 24.58 -25.93
CA SER B 527 -4.75 25.04 -25.67
C SER B 527 -5.64 24.60 -26.82
N THR B 528 -6.84 24.14 -26.48
CA THR B 528 -7.77 23.68 -27.50
C THR B 528 -9.17 24.24 -27.26
N ASN B 529 -9.43 25.44 -27.78
CA ASN B 529 -10.74 26.08 -27.84
C ASN B 529 -11.57 25.91 -26.57
N LEU B 530 -12.89 25.75 -26.71
CA LEU B 530 -13.78 25.50 -25.59
C LEU B 530 -15.08 24.92 -26.10
N VAL B 531 -15.49 23.77 -25.54
CA VAL B 531 -16.71 23.08 -25.95
C VAL B 531 -17.72 23.21 -24.81
N LYS B 532 -18.92 23.43 -25.08
CA LYS B 532 -19.94 23.57 -24.02
C LYS B 532 -21.07 22.58 -24.28
N ASN B 533 -21.73 22.14 -23.29
CA ASN B 533 -22.79 21.13 -23.30
C ASN B 533 -22.37 19.85 -24.02
N LYS B 534 -21.25 19.27 -23.61
CA LYS B 534 -20.79 18.02 -24.18
C LYS B 534 -19.83 17.33 -23.21
N CYS B 535 -20.16 16.10 -22.80
CA CYS B 535 -19.33 15.36 -21.86
C CYS B 535 -17.95 15.10 -22.47
N VAL B 536 -16.94 15.77 -21.92
CA VAL B 536 -15.59 15.72 -22.47
C VAL B 536 -14.56 15.62 -21.36
N ASN B 537 -13.51 14.85 -21.59
CA ASN B 537 -12.36 14.87 -20.69
C ASN B 537 -11.63 16.19 -20.81
N PHE B 538 -11.06 16.66 -19.70
CA PHE B 538 -10.41 17.97 -19.67
C PHE B 538 -9.22 17.97 -18.71
N ASN B 539 -8.34 18.93 -18.94
CA ASN B 539 -7.16 19.18 -18.11
C ASN B 539 -7.09 20.67 -17.84
N PHE B 540 -6.85 21.05 -16.58
CA PHE B 540 -6.75 22.45 -16.18
C PHE B 540 -5.57 22.58 -15.22
N ASN B 541 -4.38 22.84 -15.77
CA ASN B 541 -3.16 23.02 -14.99
C ASN B 541 -2.93 21.82 -14.06
N GLY B 542 -3.09 20.62 -14.61
CA GLY B 542 -2.95 19.41 -13.86
C GLY B 542 -4.19 18.94 -13.12
N LEU B 543 -5.31 19.61 -13.28
CA LEU B 543 -6.55 19.22 -12.61
C LEU B 543 -7.30 18.22 -13.50
N LYS B 544 -7.27 16.95 -13.11
CA LYS B 544 -8.03 15.91 -13.82
C LYS B 544 -9.52 16.16 -13.65
N GLY B 545 -10.30 15.52 -14.51
CA GLY B 545 -11.75 15.59 -14.37
C GLY B 545 -12.43 15.14 -15.64
N THR B 546 -13.73 14.86 -15.50
CA THR B 546 -14.54 14.42 -16.63
C THR B 546 -15.98 14.79 -16.41
N GLY B 547 -16.57 15.52 -17.36
CA GLY B 547 -17.94 15.95 -17.23
C GLY B 547 -18.32 16.91 -18.34
N VAL B 548 -19.30 17.75 -18.03
CA VAL B 548 -19.87 18.71 -18.97
C VAL B 548 -19.50 20.11 -18.52
N LEU B 549 -18.91 20.90 -19.43
CA LEU B 549 -18.59 22.28 -19.16
C LEU B 549 -19.70 23.18 -19.71
N THR B 550 -20.22 24.06 -18.87
CA THR B 550 -21.27 24.99 -19.27
C THR B 550 -21.00 26.36 -18.65
N GLU B 551 -21.76 27.35 -19.10
CA GLU B 551 -21.60 28.70 -18.59
C GLU B 551 -22.01 28.75 -17.12
N SER B 552 -21.23 29.44 -16.31
CA SER B 552 -21.42 29.49 -14.87
C SER B 552 -21.88 30.87 -14.43
N ASN B 553 -22.87 30.90 -13.53
CA ASN B 553 -23.39 32.14 -12.99
C ASN B 553 -22.73 32.53 -11.67
N LYS B 554 -21.85 31.70 -11.13
CA LYS B 554 -21.15 32.04 -9.91
C LYS B 554 -20.12 33.13 -10.17
N LYS B 555 -19.71 33.80 -9.09
CA LYS B 555 -18.79 34.93 -9.16
C LYS B 555 -17.60 34.67 -8.24
N PHE B 556 -16.52 34.17 -8.82
CA PHE B 556 -15.28 33.99 -8.07
C PHE B 556 -14.68 35.34 -7.70
N LEU B 557 -13.97 35.35 -6.57
CA LEU B 557 -13.12 36.49 -6.25
C LEU B 557 -11.92 36.48 -7.20
N PRO B 558 -11.26 37.63 -7.38
CA PRO B 558 -10.22 37.72 -8.43
C PRO B 558 -9.12 36.67 -8.32
N PHE B 559 -8.77 36.26 -7.11
CA PHE B 559 -7.69 35.29 -6.93
C PHE B 559 -8.16 33.84 -6.97
N GLN B 560 -9.47 33.60 -6.99
CA GLN B 560 -9.97 32.23 -6.88
C GLN B 560 -9.68 31.43 -8.14
N GLN B 561 -9.48 30.13 -7.97
CA GLN B 561 -9.21 29.23 -9.08
C GLN B 561 -10.33 28.21 -9.27
N PHE B 562 -10.63 27.42 -8.24
CA PHE B 562 -11.63 26.37 -8.33
C PHE B 562 -12.88 26.74 -7.56
N GLY B 563 -13.83 25.82 -7.55
CA GLY B 563 -15.02 25.92 -6.69
C GLY B 563 -15.38 24.55 -6.18
N ARG B 564 -15.85 24.48 -4.94
CA ARG B 564 -16.17 23.22 -4.29
C ARG B 564 -17.56 23.28 -3.68
N ASP B 565 -18.25 22.14 -3.69
CA ASP B 565 -19.64 22.06 -3.27
C ASP B 565 -19.71 21.69 -1.79
N ILE B 566 -20.90 21.33 -1.32
CA ILE B 566 -21.08 20.90 0.05
C ILE B 566 -20.36 19.59 0.31
N ALA B 567 -20.39 18.68 -0.67
CA ALA B 567 -19.79 17.36 -0.53
C ALA B 567 -18.30 17.34 -0.85
N ASP B 568 -17.68 18.51 -1.01
CA ASP B 568 -16.25 18.64 -1.24
C ASP B 568 -15.82 17.94 -2.54
N THR B 569 -16.47 18.34 -3.63
CA THR B 569 -16.09 17.90 -4.96
C THR B 569 -16.04 19.11 -5.89
N THR B 570 -15.10 19.07 -6.83
CA THR B 570 -14.92 20.21 -7.73
C THR B 570 -16.13 20.33 -8.65
N ASP B 571 -16.69 21.54 -8.73
CA ASP B 571 -17.83 21.80 -9.58
C ASP B 571 -17.72 23.08 -10.40
N ALA B 572 -16.82 23.99 -10.07
CA ALA B 572 -16.62 25.22 -10.82
C ALA B 572 -15.13 25.45 -11.02
N VAL B 573 -14.75 25.85 -12.24
CA VAL B 573 -13.36 26.09 -12.58
C VAL B 573 -13.26 27.39 -13.35
N ARG B 574 -12.05 27.96 -13.38
CA ARG B 574 -11.78 29.20 -14.09
C ARG B 574 -10.82 28.91 -15.24
N ASP B 575 -11.15 29.43 -16.42
CA ASP B 575 -10.38 29.13 -17.62
C ASP B 575 -9.01 29.80 -17.54
N PRO B 576 -7.91 29.07 -17.73
CA PRO B 576 -6.58 29.69 -17.59
C PRO B 576 -6.20 30.60 -18.74
N GLN B 577 -6.54 30.24 -19.98
CA GLN B 577 -6.14 31.04 -21.13
C GLN B 577 -6.76 32.43 -21.08
N THR B 578 -8.09 32.49 -20.92
CA THR B 578 -8.82 33.73 -20.77
C THR B 578 -9.68 33.63 -19.52
N LEU B 579 -9.85 34.75 -18.81
CA LEU B 579 -10.52 34.72 -17.51
C LEU B 579 -12.01 34.54 -17.75
N GLU B 580 -12.48 33.31 -17.52
CA GLU B 580 -13.90 32.98 -17.53
C GLU B 580 -14.14 31.88 -16.50
N ILE B 581 -15.39 31.76 -16.06
CA ILE B 581 -15.77 30.79 -15.04
C ILE B 581 -16.74 29.80 -15.66
N LEU B 582 -16.47 28.51 -15.47
CA LEU B 582 -17.25 27.43 -16.05
C LEU B 582 -17.78 26.53 -14.94
N ASP B 583 -18.99 26.00 -15.14
CA ASP B 583 -19.53 24.99 -14.24
C ASP B 583 -18.99 23.62 -14.62
N ILE B 584 -19.20 22.64 -13.74
CA ILE B 584 -18.82 21.26 -13.99
C ILE B 584 -19.95 20.38 -13.48
N THR B 585 -20.56 19.63 -14.38
CA THR B 585 -21.58 18.67 -14.01
C THR B 585 -21.24 17.29 -14.56
N PRO B 586 -21.53 16.23 -13.83
CA PRO B 586 -21.23 14.88 -14.34
C PRO B 586 -22.06 14.55 -15.56
N CYS B 587 -21.52 13.71 -16.43
CA CYS B 587 -22.27 13.24 -17.58
C CYS B 587 -23.44 12.39 -17.09
N SER B 588 -24.46 12.27 -17.95
CA SER B 588 -25.74 11.72 -17.54
C SER B 588 -25.58 10.33 -16.94
N PHE B 589 -26.09 10.01 -15.86
CA PHE B 589 -25.98 8.66 -15.24
C PHE B 589 -27.23 8.37 -14.43
N GLY B 590 -27.77 7.23 -14.47
CA GLY B 590 -29.03 6.78 -13.88
C GLY B 590 -28.99 5.31 -13.55
N GLY B 591 -30.09 4.84 -12.96
CA GLY B 591 -30.26 3.44 -12.62
C GLY B 591 -31.29 2.80 -13.53
N VAL B 592 -31.01 1.55 -13.93
CA VAL B 592 -31.84 0.82 -14.88
C VAL B 592 -32.44 -0.38 -14.17
N SER B 593 -33.76 -0.52 -14.26
CA SER B 593 -34.47 -1.65 -13.68
C SER B 593 -35.36 -2.27 -14.74
N VAL B 594 -35.50 -3.59 -14.67
CA VAL B 594 -36.25 -4.35 -15.67
C VAL B 594 -37.48 -4.93 -14.99
N ILE B 595 -38.64 -4.71 -15.59
CA ILE B 595 -39.92 -5.22 -15.10
C ILE B 595 -40.33 -6.37 -16.01
N THR B 596 -40.53 -7.55 -15.43
CA THR B 596 -40.84 -8.72 -16.23
C THR B 596 -41.82 -9.61 -15.49
N PRO B 597 -42.81 -10.16 -16.19
CA PRO B 597 -43.55 -11.30 -15.66
C PRO B 597 -42.68 -12.54 -15.75
N GLY B 598 -43.15 -13.62 -15.12
CA GLY B 598 -42.37 -14.84 -15.11
C GLY B 598 -42.11 -15.34 -16.53
N THR B 599 -40.87 -15.78 -16.77
CA THR B 599 -40.52 -16.33 -18.07
C THR B 599 -41.33 -17.58 -18.39
N ASN B 600 -41.91 -18.22 -17.39
CA ASN B 600 -42.88 -19.28 -17.63
C ASN B 600 -44.10 -18.78 -18.38
N THR B 601 -44.39 -17.49 -18.31
CA THR B 601 -45.57 -16.89 -18.94
C THR B 601 -45.24 -16.22 -20.27
N SER B 602 -44.31 -15.26 -20.28
CA SER B 602 -44.01 -14.52 -21.49
C SER B 602 -42.59 -13.97 -21.39
N ASN B 603 -42.10 -13.44 -22.51
CA ASN B 603 -40.75 -12.90 -22.59
C ASN B 603 -40.70 -11.39 -22.79
N GLN B 604 -41.85 -10.72 -22.82
CA GLN B 604 -41.86 -9.26 -22.94
C GLN B 604 -41.43 -8.62 -21.63
N VAL B 605 -40.72 -7.50 -21.74
CA VAL B 605 -40.18 -6.79 -20.59
C VAL B 605 -40.43 -5.30 -20.76
N ALA B 606 -40.38 -4.58 -19.64
CA ALA B 606 -40.45 -3.13 -19.64
C ALA B 606 -39.28 -2.60 -18.81
N VAL B 607 -38.69 -1.52 -19.30
CA VAL B 607 -37.45 -0.97 -18.72
C VAL B 607 -37.78 0.36 -18.05
N LEU B 608 -37.33 0.51 -16.81
CA LEU B 608 -37.52 1.74 -16.04
C LEU B 608 -36.17 2.37 -15.78
N TYR B 609 -36.02 3.63 -16.16
CA TYR B 609 -34.82 4.41 -15.89
C TYR B 609 -35.07 5.29 -14.68
N GLN B 610 -34.35 5.03 -13.60
CA GLN B 610 -34.63 5.70 -12.33
C GLN B 610 -34.01 7.10 -12.30
N GLY B 611 -34.84 8.09 -11.96
CA GLY B 611 -34.36 9.46 -11.79
C GLY B 611 -33.81 10.09 -13.04
N VAL B 612 -34.45 9.87 -14.18
CA VAL B 612 -34.01 10.44 -15.46
C VAL B 612 -35.24 10.94 -16.20
N ASN B 613 -35.18 12.19 -16.67
CA ASN B 613 -36.27 12.72 -17.49
C ASN B 613 -36.33 11.98 -18.82
N CYS B 614 -37.56 11.81 -19.33
CA CYS B 614 -37.78 10.98 -20.51
C CYS B 614 -37.14 11.56 -21.77
N THR B 615 -36.72 12.82 -21.75
CA THR B 615 -36.09 13.45 -22.92
C THR B 615 -34.58 13.32 -22.91
N GLU B 616 -33.99 12.65 -21.92
CA GLU B 616 -32.55 12.57 -21.78
C GLU B 616 -32.02 11.15 -22.01
N VAL B 617 -32.75 10.32 -22.75
CA VAL B 617 -32.30 8.97 -23.05
C VAL B 617 -31.92 8.85 -24.51
N ASN B 638 -45.30 4.76 -26.58
CA ASN B 638 -45.37 3.97 -25.35
C ASN B 638 -44.28 4.39 -24.37
N VAL B 639 -44.20 5.69 -24.11
CA VAL B 639 -43.24 6.25 -23.15
C VAL B 639 -44.03 6.99 -22.08
N PHE B 640 -43.77 6.63 -20.82
CA PHE B 640 -44.49 7.18 -19.68
C PHE B 640 -43.51 7.87 -18.74
N GLN B 641 -43.97 8.92 -18.08
CA GLN B 641 -43.16 9.71 -17.15
C GLN B 641 -43.76 9.61 -15.76
N THR B 642 -42.97 9.12 -14.81
CA THR B 642 -43.40 8.97 -13.42
C THR B 642 -42.41 9.68 -12.51
N ARG B 643 -42.79 9.81 -11.24
CA ARG B 643 -41.89 10.38 -10.26
C ARG B 643 -40.66 9.52 -10.05
N ALA B 644 -40.79 8.19 -10.21
CA ALA B 644 -39.64 7.31 -10.06
C ALA B 644 -38.68 7.47 -11.23
N GLY B 645 -39.21 7.68 -12.43
CA GLY B 645 -38.35 7.85 -13.60
C GLY B 645 -39.12 7.69 -14.89
N CYS B 646 -38.40 7.31 -15.93
CA CYS B 646 -38.97 7.12 -17.27
C CYS B 646 -39.24 5.65 -17.49
N LEU B 647 -40.48 5.31 -17.80
CA LEU B 647 -40.92 3.94 -18.01
C LEU B 647 -41.17 3.70 -19.48
N ILE B 648 -40.53 2.68 -20.04
CA ILE B 648 -40.59 2.38 -21.46
C ILE B 648 -41.08 0.95 -21.65
N GLY B 649 -42.04 0.76 -22.54
CA GLY B 649 -42.55 -0.55 -22.87
C GLY B 649 -43.93 -0.86 -22.33
N ALA B 650 -44.47 -0.02 -21.46
CA ALA B 650 -45.79 -0.24 -20.88
C ALA B 650 -46.68 0.94 -21.18
N GLU B 651 -47.93 0.65 -21.51
CA GLU B 651 -48.92 1.67 -21.86
C GLU B 651 -49.73 2.02 -20.62
N TYR B 652 -49.91 3.32 -20.39
CA TYR B 652 -50.71 3.76 -19.25
C TYR B 652 -52.20 3.53 -19.51
N VAL B 653 -52.91 3.10 -18.49
CA VAL B 653 -54.33 2.80 -18.57
C VAL B 653 -55.05 3.58 -17.48
N ASN B 654 -56.15 4.24 -17.86
CA ASN B 654 -56.91 5.03 -16.90
C ASN B 654 -57.65 4.17 -15.88
N ASN B 655 -57.74 2.87 -16.11
CA ASN B 655 -58.43 1.99 -15.17
C ASN B 655 -57.62 1.83 -13.89
N SER B 656 -58.25 1.25 -12.88
CA SER B 656 -57.64 1.03 -11.58
C SER B 656 -57.80 -0.43 -11.17
N TYR B 657 -56.72 -1.02 -10.67
CA TYR B 657 -56.73 -2.39 -10.19
C TYR B 657 -55.85 -2.49 -8.94
N GLU B 658 -55.72 -3.70 -8.43
CA GLU B 658 -54.78 -3.94 -7.34
C GLU B 658 -53.36 -3.97 -7.86
N CYS B 659 -52.40 -3.80 -6.94
CA CYS B 659 -51.00 -3.71 -7.32
C CYS B 659 -50.44 -5.11 -7.52
N ASP B 660 -49.79 -5.33 -8.68
CA ASP B 660 -49.15 -6.59 -9.00
C ASP B 660 -47.62 -6.47 -8.91
N ILE B 661 -47.04 -5.53 -9.64
CA ILE B 661 -45.61 -5.25 -9.57
C ILE B 661 -45.44 -3.79 -9.15
N PRO B 662 -45.03 -3.51 -7.92
CA PRO B 662 -44.96 -2.12 -7.46
C PRO B 662 -43.79 -1.39 -8.10
N ILE B 663 -44.07 -0.21 -8.64
CA ILE B 663 -43.04 0.64 -9.24
C ILE B 663 -42.64 1.76 -8.29
N GLY B 664 -43.59 2.57 -7.86
CA GLY B 664 -43.34 3.66 -6.93
C GLY B 664 -44.28 4.82 -7.18
N ALA B 665 -44.53 5.58 -6.11
CA ALA B 665 -45.39 6.76 -6.16
C ALA B 665 -46.78 6.42 -6.68
N GLY B 666 -47.31 5.28 -6.25
CA GLY B 666 -48.67 4.91 -6.59
C GLY B 666 -48.86 4.26 -7.95
N ILE B 667 -47.78 3.91 -8.64
CA ILE B 667 -47.86 3.30 -9.97
C ILE B 667 -47.49 1.83 -9.84
N CYS B 668 -48.33 0.96 -10.40
CA CYS B 668 -48.08 -0.47 -10.43
C CYS B 668 -48.29 -0.99 -11.83
N ALA B 669 -47.49 -1.99 -12.21
CA ALA B 669 -47.54 -2.58 -13.53
C ALA B 669 -47.98 -4.04 -13.43
N SER B 670 -48.58 -4.53 -14.51
CA SER B 670 -49.07 -5.91 -14.54
C SER B 670 -49.14 -6.38 -15.98
N TYR B 671 -49.36 -7.68 -16.14
CA TYR B 671 -49.43 -8.32 -17.45
C TYR B 671 -50.85 -8.83 -17.70
N GLN B 672 -51.42 -8.43 -18.83
CA GLN B 672 -52.77 -8.88 -19.18
C GLN B 672 -52.87 -9.19 -20.68
N SER B 688 -50.21 -7.85 -23.21
CA SER B 688 -49.12 -6.88 -23.07
C SER B 688 -48.96 -6.46 -21.62
N ILE B 689 -48.11 -5.47 -21.38
CA ILE B 689 -47.81 -4.96 -20.05
C ILE B 689 -48.39 -3.56 -19.93
N ILE B 690 -49.16 -3.34 -18.87
CA ILE B 690 -49.86 -2.07 -18.66
C ILE B 690 -49.46 -1.51 -17.29
N ALA B 691 -49.30 -0.20 -17.23
CA ALA B 691 -49.01 0.50 -15.99
C ALA B 691 -50.19 1.39 -15.63
N TYR B 692 -50.56 1.38 -14.35
CA TYR B 692 -51.77 2.06 -13.91
C TYR B 692 -51.58 2.62 -12.52
N THR B 693 -52.62 3.25 -12.01
CA THR B 693 -52.64 3.73 -10.62
C THR B 693 -53.36 2.73 -9.75
N MET B 694 -52.73 2.34 -8.64
CA MET B 694 -53.29 1.30 -7.78
C MET B 694 -54.60 1.78 -7.15
N SER B 695 -55.47 0.82 -6.86
CA SER B 695 -56.78 1.11 -6.28
C SER B 695 -56.75 0.79 -4.79
N LEU B 696 -57.19 1.75 -3.97
CA LEU B 696 -57.16 1.54 -2.53
C LEU B 696 -58.22 0.55 -2.09
N GLY B 697 -59.42 0.66 -2.62
CA GLY B 697 -60.49 -0.26 -2.26
C GLY B 697 -61.81 0.20 -2.84
N ALA B 698 -62.81 -0.65 -2.67
CA ALA B 698 -64.14 -0.36 -3.18
C ALA B 698 -64.81 0.70 -2.30
N GLU B 699 -65.28 1.77 -2.94
CA GLU B 699 -65.93 2.84 -2.19
C GLU B 699 -67.27 2.37 -1.63
N ASN B 700 -67.53 2.75 -0.39
CA ASN B 700 -68.74 2.31 0.31
C ASN B 700 -69.19 3.42 1.24
N SER B 701 -70.43 3.86 1.08
CA SER B 701 -71.02 4.88 1.95
C SER B 701 -72.06 4.23 2.85
N VAL B 702 -71.97 4.52 4.14
CA VAL B 702 -72.86 3.94 5.14
C VAL B 702 -73.92 4.96 5.52
N ALA B 703 -75.18 4.53 5.55
CA ALA B 703 -76.30 5.41 5.85
C ALA B 703 -76.33 5.67 7.35
N TYR B 704 -75.95 6.88 7.75
CA TYR B 704 -75.94 7.28 9.15
C TYR B 704 -77.07 8.25 9.41
N SER B 705 -77.83 8.00 10.47
CA SER B 705 -78.86 8.91 10.94
C SER B 705 -78.99 8.73 12.45
N ASN B 706 -79.57 9.73 13.09
CA ASN B 706 -79.59 9.81 14.55
C ASN B 706 -80.78 9.11 15.20
N ASN B 707 -81.56 8.33 14.45
CA ASN B 707 -82.53 7.45 15.10
C ASN B 707 -82.62 6.08 14.42
N SER B 708 -81.54 5.60 13.81
CA SER B 708 -81.55 4.36 13.06
C SER B 708 -80.38 3.48 13.49
N ILE B 709 -80.65 2.18 13.63
CA ILE B 709 -79.64 1.19 13.97
C ILE B 709 -79.86 -0.04 13.10
N ALA B 710 -78.81 -0.83 12.94
CA ALA B 710 -78.86 -2.06 12.16
C ALA B 710 -78.36 -3.22 13.03
N ILE B 711 -79.13 -4.29 13.05
CA ILE B 711 -78.88 -5.43 13.93
C ILE B 711 -78.70 -6.67 13.06
N PRO B 712 -77.66 -7.47 13.26
CA PRO B 712 -77.53 -8.72 12.50
C PRO B 712 -78.61 -9.71 12.88
N THR B 713 -78.96 -10.57 11.93
CA THR B 713 -79.95 -11.61 12.14
C THR B 713 -79.41 -13.01 11.88
N ASN B 714 -78.13 -13.16 11.59
CA ASN B 714 -77.54 -14.45 11.27
C ASN B 714 -76.03 -14.33 11.42
N PHE B 715 -75.35 -15.48 11.47
CA PHE B 715 -73.92 -15.49 11.69
C PHE B 715 -73.24 -16.41 10.68
N THR B 716 -71.93 -16.55 10.84
CA THR B 716 -71.12 -17.39 9.96
C THR B 716 -69.81 -17.69 10.66
N ILE B 717 -69.52 -18.98 10.83
CA ILE B 717 -68.29 -19.43 11.46
C ILE B 717 -67.20 -19.44 10.39
N SER B 718 -66.06 -18.83 10.70
CA SER B 718 -64.94 -18.73 9.78
C SER B 718 -63.67 -19.28 10.39
N VAL B 719 -62.81 -19.84 9.54
CA VAL B 719 -61.54 -20.42 9.97
C VAL B 719 -60.44 -19.85 9.08
N THR B 720 -59.41 -19.29 9.71
CA THR B 720 -58.30 -18.64 9.00
C THR B 720 -56.98 -19.24 9.46
N THR B 721 -55.94 -19.00 8.67
CA THR B 721 -54.60 -19.51 8.95
C THR B 721 -53.70 -18.39 9.45
N GLU B 722 -52.54 -18.77 9.96
CA GLU B 722 -51.50 -17.83 10.37
C GLU B 722 -50.19 -18.59 10.50
N ILE B 723 -49.21 -18.24 9.67
CA ILE B 723 -47.93 -18.92 9.64
C ILE B 723 -46.88 -18.02 10.30
N LEU B 724 -46.12 -18.59 11.24
CA LEU B 724 -45.10 -17.84 11.97
C LEU B 724 -43.84 -18.68 12.06
N PRO B 725 -42.70 -18.17 11.57
CA PRO B 725 -41.44 -18.87 11.79
C PRO B 725 -41.06 -18.87 13.25
N VAL B 726 -40.38 -19.94 13.68
CA VAL B 726 -40.02 -20.15 15.07
C VAL B 726 -38.51 -20.25 15.25
N SER B 727 -37.87 -21.12 14.47
CA SER B 727 -36.44 -21.34 14.59
C SER B 727 -35.82 -21.45 13.21
N MET B 728 -34.53 -21.14 13.13
CA MET B 728 -33.78 -21.25 11.88
C MET B 728 -32.75 -22.38 12.00
N THR B 729 -31.94 -22.53 10.96
CA THR B 729 -31.01 -23.64 10.87
C THR B 729 -29.77 -23.35 11.71
N LYS B 730 -29.43 -24.28 12.61
CA LYS B 730 -28.21 -24.18 13.40
C LYS B 730 -27.01 -24.51 12.53
N THR B 731 -25.97 -23.70 12.62
CA THR B 731 -24.80 -23.85 11.76
C THR B 731 -23.52 -23.78 12.60
N SER B 732 -22.45 -24.33 12.03
CA SER B 732 -21.13 -24.31 12.65
C SER B 732 -20.07 -24.25 11.56
N VAL B 733 -18.97 -23.56 11.85
CA VAL B 733 -17.90 -23.32 10.89
C VAL B 733 -16.59 -23.85 11.45
N ASP B 734 -15.81 -24.51 10.60
CA ASP B 734 -14.46 -24.95 10.94
C ASP B 734 -13.53 -23.83 10.49
N CYS B 735 -13.52 -22.76 11.30
CA CYS B 735 -12.71 -21.57 11.07
C CYS B 735 -11.28 -21.87 10.61
N THR B 736 -10.54 -22.64 11.40
CA THR B 736 -9.11 -22.80 11.15
C THR B 736 -8.84 -23.58 9.86
N MET B 737 -9.82 -24.33 9.39
CA MET B 737 -9.68 -25.04 8.12
C MET B 737 -10.26 -24.27 6.96
N TYR B 738 -11.35 -23.52 7.19
CA TYR B 738 -11.90 -22.68 6.13
C TYR B 738 -10.90 -21.62 5.69
N ILE B 739 -10.22 -20.98 6.65
CA ILE B 739 -9.31 -19.89 6.28
C ILE B 739 -8.08 -20.42 5.57
N CYS B 740 -7.48 -21.48 6.11
CA CYS B 740 -6.17 -21.92 5.66
C CYS B 740 -6.18 -23.18 4.81
N GLY B 741 -7.11 -24.09 5.02
CA GLY B 741 -7.10 -25.33 4.27
C GLY B 741 -6.10 -26.30 4.85
N ASP B 742 -5.46 -27.07 3.99
CA ASP B 742 -4.54 -28.13 4.43
C ASP B 742 -3.11 -27.64 4.64
N SER B 743 -2.83 -26.37 4.39
CA SER B 743 -1.51 -25.82 4.66
C SER B 743 -1.27 -25.71 6.15
N THR B 744 -0.03 -25.92 6.58
CA THR B 744 0.32 -25.81 8.00
C THR B 744 1.02 -24.50 8.34
N GLU B 745 1.89 -23.99 7.45
CA GLU B 745 2.48 -22.69 7.70
C GLU B 745 1.42 -21.58 7.71
N CYS B 746 0.32 -21.79 6.98
CA CYS B 746 -0.80 -20.86 7.07
C CYS B 746 -1.37 -20.82 8.49
N SER B 747 -1.53 -21.99 9.11
CA SER B 747 -2.01 -22.02 10.49
C SER B 747 -0.99 -21.38 11.43
N ASN B 748 0.29 -21.62 11.18
CA ASN B 748 1.32 -21.00 12.01
C ASN B 748 1.25 -19.48 11.93
N LEU B 749 1.05 -18.94 10.73
CA LEU B 749 0.89 -17.49 10.60
C LEU B 749 -0.42 -17.01 11.22
N LEU B 750 -1.47 -17.82 11.12
CA LEU B 750 -2.76 -17.45 11.68
C LEU B 750 -2.71 -17.36 13.19
N LEU B 751 -1.86 -18.16 13.83
CA LEU B 751 -1.75 -18.13 15.28
C LEU B 751 -1.41 -16.75 15.83
N GLN B 752 -0.75 -15.91 15.02
CA GLN B 752 -0.36 -14.58 15.47
C GLN B 752 -1.45 -13.53 15.28
N TYR B 753 -2.53 -13.86 14.58
CA TYR B 753 -3.54 -12.84 14.26
C TYR B 753 -4.45 -12.55 15.44
N GLY B 754 -4.41 -13.38 16.48
CA GLY B 754 -5.22 -13.12 17.64
C GLY B 754 -6.21 -14.21 17.97
N SER B 755 -7.41 -13.83 18.42
CA SER B 755 -8.40 -14.77 18.89
C SER B 755 -9.77 -14.59 18.23
N PHE B 756 -9.83 -13.96 17.06
CA PHE B 756 -11.11 -13.75 16.38
C PHE B 756 -11.88 -15.05 16.26
N CYS B 757 -11.17 -16.13 15.92
CA CYS B 757 -11.77 -17.44 15.73
C CYS B 757 -12.56 -17.87 16.95
N THR B 758 -12.06 -17.54 18.15
CA THR B 758 -12.72 -17.96 19.38
C THR B 758 -14.09 -17.32 19.54
N GLN B 759 -14.19 -16.00 19.33
CA GLN B 759 -15.49 -15.37 19.45
C GLN B 759 -16.42 -15.74 18.29
N LEU B 760 -15.86 -16.06 17.12
CA LEU B 760 -16.70 -16.61 16.07
C LEU B 760 -17.39 -17.89 16.53
N LYS B 761 -16.58 -18.82 17.07
CA LYS B 761 -17.14 -20.06 17.59
C LYS B 761 -18.16 -19.80 18.70
N ARG B 762 -17.83 -18.88 19.60
CA ARG B 762 -18.72 -18.61 20.74
C ARG B 762 -20.06 -18.03 20.29
N ALA B 763 -20.03 -17.10 19.33
CA ALA B 763 -21.27 -16.52 18.83
C ALA B 763 -22.12 -17.55 18.13
N LEU B 764 -21.49 -18.41 17.31
CA LEU B 764 -22.28 -19.44 16.63
C LEU B 764 -22.88 -20.42 17.63
N THR B 765 -22.14 -20.77 18.68
CA THR B 765 -22.70 -21.64 19.71
C THR B 765 -23.86 -20.98 20.42
N GLY B 766 -23.75 -19.69 20.70
CA GLY B 766 -24.86 -18.98 21.33
C GLY B 766 -26.11 -18.99 20.49
N ILE B 767 -25.97 -18.75 19.18
CA ILE B 767 -27.12 -18.81 18.29
C ILE B 767 -27.70 -20.23 18.28
N ALA B 768 -26.83 -21.24 18.26
CA ALA B 768 -27.30 -22.63 18.21
C ALA B 768 -28.15 -22.96 19.44
N VAL B 769 -27.70 -22.56 20.63
CA VAL B 769 -28.51 -22.85 21.81
C VAL B 769 -29.76 -21.98 21.85
N GLU B 770 -29.69 -20.77 21.28
CA GLU B 770 -30.85 -19.90 21.24
C GLU B 770 -31.98 -20.53 20.44
N GLN B 771 -31.65 -21.22 19.35
CA GLN B 771 -32.68 -21.88 18.55
C GLN B 771 -33.45 -22.92 19.36
N ASP B 772 -32.72 -23.75 20.11
CA ASP B 772 -33.37 -24.76 20.94
C ASP B 772 -34.21 -24.12 22.02
N LYS B 773 -33.73 -23.04 22.63
CA LYS B 773 -34.53 -22.35 23.63
C LYS B 773 -35.81 -21.80 23.01
N ASN B 774 -35.72 -21.26 21.80
CA ASN B 774 -36.91 -20.76 21.11
C ASN B 774 -37.94 -21.86 20.92
N THR B 775 -37.52 -23.01 20.40
CA THR B 775 -38.47 -24.09 20.18
C THR B 775 -39.09 -24.58 21.49
N GLN B 776 -38.26 -24.74 22.52
CA GLN B 776 -38.76 -25.19 23.82
C GLN B 776 -39.77 -24.21 24.40
N GLU B 777 -39.49 -22.91 24.30
CA GLU B 777 -40.43 -21.91 24.79
C GLU B 777 -41.73 -21.94 24.02
N VAL B 778 -41.66 -22.10 22.70
CA VAL B 778 -42.87 -22.03 21.88
C VAL B 778 -43.77 -23.23 22.15
N PHE B 779 -43.20 -24.44 22.17
CA PHE B 779 -44.05 -25.63 22.17
C PHE B 779 -44.25 -26.25 23.54
N ALA B 780 -43.20 -26.36 24.35
CA ALA B 780 -43.29 -27.04 25.65
C ALA B 780 -44.00 -26.13 26.64
N GLN B 781 -45.33 -26.21 26.65
CA GLN B 781 -46.15 -25.41 27.54
C GLN B 781 -46.99 -26.22 28.51
N VAL B 782 -47.14 -27.53 28.29
CA VAL B 782 -47.88 -28.40 29.18
C VAL B 782 -46.97 -29.54 29.62
N LYS B 783 -46.94 -29.81 30.92
CA LYS B 783 -46.09 -30.85 31.48
C LYS B 783 -46.78 -32.20 31.58
N GLN B 784 -48.02 -32.31 31.09
CA GLN B 784 -48.74 -33.58 31.07
C GLN B 784 -49.25 -33.83 29.66
N ILE B 785 -48.96 -35.01 29.13
CA ILE B 785 -49.30 -35.35 27.75
C ILE B 785 -50.71 -35.94 27.77
N TYR B 786 -51.70 -35.08 27.52
CA TYR B 786 -53.08 -35.54 27.48
C TYR B 786 -53.34 -36.37 26.24
N LYS B 787 -54.38 -37.20 26.32
CA LYS B 787 -54.76 -38.08 25.23
C LYS B 787 -56.26 -37.98 24.97
N THR B 788 -56.64 -38.04 23.70
CA THR B 788 -58.04 -37.98 23.34
C THR B 788 -58.72 -39.33 23.63
N PRO B 789 -60.01 -39.32 23.99
CA PRO B 789 -60.70 -40.58 24.22
C PRO B 789 -60.83 -41.39 22.94
N PRO B 790 -60.95 -42.71 23.03
CA PRO B 790 -61.09 -43.52 21.81
C PRO B 790 -62.31 -43.18 20.99
N ILE B 791 -63.42 -42.83 21.64
CA ILE B 791 -64.63 -42.44 20.91
C ILE B 791 -64.50 -41.00 20.46
N LYS B 792 -64.83 -40.74 19.20
CA LYS B 792 -64.59 -39.45 18.57
C LYS B 792 -65.91 -38.75 18.22
N TYR B 793 -66.85 -38.73 19.16
CA TYR B 793 -68.10 -37.99 19.00
C TYR B 793 -68.07 -36.78 19.92
N PHE B 794 -68.21 -35.59 19.33
CA PHE B 794 -68.15 -34.33 20.06
C PHE B 794 -69.35 -33.46 19.72
N GLY B 795 -70.53 -34.06 19.70
CA GLY B 795 -71.75 -33.32 19.42
C GLY B 795 -71.86 -32.78 18.02
N GLY B 796 -71.38 -33.53 17.02
CA GLY B 796 -71.50 -33.14 15.64
C GLY B 796 -70.24 -32.52 15.05
N PHE B 797 -69.35 -32.01 15.88
CA PHE B 797 -68.11 -31.43 15.37
C PHE B 797 -67.15 -32.53 14.94
N ASN B 798 -66.45 -32.29 13.84
CA ASN B 798 -65.58 -33.28 13.21
C ASN B 798 -64.15 -32.77 13.24
N PHE B 799 -63.30 -33.42 14.04
CA PHE B 799 -61.91 -33.01 14.22
C PHE B 799 -60.94 -33.96 13.52
N SER B 800 -61.44 -34.82 12.64
CA SER B 800 -60.57 -35.82 12.03
C SER B 800 -59.48 -35.22 11.17
N GLN B 801 -59.68 -33.98 10.69
CA GLN B 801 -58.68 -33.34 9.84
C GLN B 801 -57.51 -32.76 10.62
N ILE B 802 -57.59 -32.70 11.95
CA ILE B 802 -56.50 -32.16 12.76
C ILE B 802 -56.00 -33.15 13.81
N LEU B 803 -56.75 -34.17 14.14
CA LEU B 803 -56.27 -35.16 15.10
C LEU B 803 -55.28 -36.11 14.43
N PRO B 804 -54.33 -36.66 15.17
CA PRO B 804 -53.33 -37.56 14.58
C PRO B 804 -53.97 -38.78 13.95
N ASP B 805 -53.38 -39.23 12.83
CA ASP B 805 -53.85 -40.40 12.12
C ASP B 805 -52.99 -41.60 12.49
N PRO B 806 -53.55 -42.61 13.15
CA PRO B 806 -52.73 -43.78 13.51
C PRO B 806 -52.18 -44.55 12.32
N SER B 807 -52.82 -44.43 11.15
CA SER B 807 -52.35 -45.16 9.97
C SER B 807 -50.96 -44.69 9.55
N LYS B 808 -50.71 -43.39 9.61
CA LYS B 808 -49.40 -42.86 9.24
C LYS B 808 -48.33 -43.39 10.19
N PRO B 809 -47.17 -43.82 9.68
CA PRO B 809 -46.09 -44.23 10.58
C PRO B 809 -45.60 -43.12 11.50
N SER B 810 -45.63 -41.87 11.04
CA SER B 810 -45.14 -40.74 11.82
C SER B 810 -46.21 -40.14 12.73
N LYS B 811 -47.45 -40.60 12.63
CA LYS B 811 -48.54 -40.12 13.48
C LYS B 811 -48.73 -38.61 13.35
N ARG B 812 -49.06 -38.17 12.14
CA ARG B 812 -49.29 -36.76 11.86
C ARG B 812 -50.68 -36.56 11.28
N SER B 813 -51.31 -35.43 11.64
CA SER B 813 -52.61 -35.10 11.09
C SER B 813 -52.48 -34.80 9.60
N PRO B 814 -53.57 -34.98 8.83
CA PRO B 814 -53.48 -34.72 7.39
C PRO B 814 -53.00 -33.32 7.04
N ILE B 815 -53.44 -32.30 7.79
CA ILE B 815 -52.98 -30.95 7.52
C ILE B 815 -51.49 -30.81 7.82
N GLU B 816 -51.03 -31.44 8.90
CA GLU B 816 -49.60 -31.44 9.19
C GLU B 816 -48.81 -32.13 8.09
N ASP B 817 -49.33 -33.24 7.58
CA ASP B 817 -48.66 -33.94 6.49
C ASP B 817 -48.57 -33.07 5.24
N LEU B 818 -49.66 -32.38 4.91
CA LEU B 818 -49.64 -31.49 3.76
C LEU B 818 -48.64 -30.35 3.96
N LEU B 819 -48.61 -29.77 5.15
CA LEU B 819 -47.66 -28.70 5.43
C LEU B 819 -46.22 -29.19 5.31
N PHE B 820 -45.95 -30.40 5.80
CA PHE B 820 -44.61 -30.96 5.70
C PHE B 820 -44.23 -31.19 4.24
N ASN B 821 -45.18 -31.66 3.43
CA ASN B 821 -44.87 -31.91 2.03
C ASN B 821 -44.67 -30.62 1.25
N LYS B 822 -45.40 -29.55 1.58
CA LYS B 822 -45.33 -28.33 0.81
C LYS B 822 -44.01 -27.57 0.97
N VAL B 823 -43.20 -27.90 1.95
CA VAL B 823 -41.95 -27.19 2.23
C VAL B 823 -40.79 -28.15 2.11
N THR B 824 -39.78 -27.78 1.32
CA THR B 824 -38.60 -28.61 1.12
C THR B 824 -37.56 -28.33 2.21
N ALA B 849 -23.99 -28.95 -1.76
CA ALA B 849 -24.58 -29.41 -0.51
C ALA B 849 -23.56 -30.19 0.32
N GLN B 850 -22.44 -30.55 -0.32
CA GLN B 850 -21.33 -31.24 0.34
C GLN B 850 -20.20 -30.23 0.47
N LYS B 851 -20.02 -29.67 1.66
CA LYS B 851 -19.04 -28.62 1.92
C LYS B 851 -17.92 -29.18 2.78
N PHE B 852 -16.76 -29.39 2.16
CA PHE B 852 -15.54 -29.72 2.88
C PHE B 852 -14.82 -28.48 3.39
N LYS B 853 -15.34 -27.29 3.10
CA LYS B 853 -14.70 -26.06 3.56
C LYS B 853 -14.77 -25.91 5.07
N GLY B 854 -15.64 -26.64 5.74
CA GLY B 854 -15.72 -26.58 7.18
C GLY B 854 -17.07 -26.11 7.71
N LEU B 855 -18.03 -25.89 6.82
CA LEU B 855 -19.36 -25.46 7.19
C LEU B 855 -20.24 -26.69 7.38
N THR B 856 -20.83 -26.81 8.57
CA THR B 856 -21.67 -27.95 8.91
C THR B 856 -23.00 -27.45 9.47
N VAL B 857 -23.95 -28.37 9.60
CA VAL B 857 -25.27 -28.08 10.13
C VAL B 857 -25.54 -29.05 11.27
N LEU B 858 -25.87 -28.51 12.44
CA LEU B 858 -26.13 -29.39 13.59
C LEU B 858 -27.60 -29.78 13.65
N PRO B 859 -27.92 -30.96 14.18
CA PRO B 859 -29.32 -31.37 14.22
C PRO B 859 -30.04 -30.72 15.40
N PRO B 860 -31.33 -30.45 15.27
CA PRO B 860 -32.08 -29.85 16.38
C PRO B 860 -32.28 -30.85 17.51
N LEU B 861 -32.45 -30.32 18.72
CA LEU B 861 -32.65 -31.17 19.88
C LEU B 861 -34.00 -31.88 19.83
N LEU B 862 -35.05 -31.19 19.39
CA LEU B 862 -36.40 -31.75 19.34
C LEU B 862 -36.65 -32.29 17.94
N THR B 863 -36.88 -33.59 17.83
CA THR B 863 -37.27 -34.16 16.55
C THR B 863 -38.72 -33.79 16.23
N ASP B 864 -39.07 -33.93 14.94
CA ASP B 864 -40.40 -33.56 14.50
C ASP B 864 -41.49 -34.40 15.16
N GLU B 865 -41.18 -35.66 15.49
CA GLU B 865 -42.16 -36.50 16.16
C GLU B 865 -42.53 -35.95 17.53
N MET B 866 -41.53 -35.45 18.27
CA MET B 866 -41.81 -34.89 19.59
C MET B 866 -42.67 -33.64 19.49
N ILE B 867 -42.41 -32.79 18.49
CA ILE B 867 -43.23 -31.60 18.29
C ILE B 867 -44.66 -31.98 17.92
N ALA B 868 -44.81 -33.00 17.07
CA ALA B 868 -46.15 -33.47 16.73
C ALA B 868 -46.86 -34.00 17.97
N GLN B 869 -46.14 -34.71 18.84
CA GLN B 869 -46.74 -35.19 20.08
C GLN B 869 -47.19 -34.03 20.96
N TYR B 870 -46.36 -32.98 21.05
CA TYR B 870 -46.75 -31.80 21.83
C TYR B 870 -48.01 -31.16 21.29
N THR B 871 -48.09 -30.99 19.97
CA THR B 871 -49.28 -30.38 19.38
C THR B 871 -50.51 -31.25 19.59
N SER B 872 -50.36 -32.58 19.49
CA SER B 872 -51.49 -33.47 19.74
C SER B 872 -51.95 -33.37 21.18
N ALA B 873 -51.01 -33.28 22.13
CA ALA B 873 -51.39 -33.11 23.53
C ALA B 873 -52.14 -31.81 23.74
N LEU B 874 -51.67 -30.72 23.11
CA LEU B 874 -52.38 -29.45 23.24
C LEU B 874 -53.77 -29.53 22.66
N LEU B 875 -53.93 -30.17 21.50
CA LEU B 875 -55.24 -30.31 20.88
C LEU B 875 -56.19 -31.12 21.77
N ALA B 876 -55.70 -32.24 22.31
CA ALA B 876 -56.55 -33.06 23.18
C ALA B 876 -56.95 -32.29 24.43
N GLY B 877 -56.01 -31.54 25.02
CA GLY B 877 -56.34 -30.76 26.19
C GLY B 877 -57.36 -29.68 25.91
N THR B 878 -57.20 -28.95 24.81
CA THR B 878 -58.14 -27.89 24.48
C THR B 878 -59.48 -28.41 23.99
N ILE B 879 -59.55 -29.67 23.58
CA ILE B 879 -60.82 -30.25 23.18
C ILE B 879 -61.59 -30.80 24.37
N THR B 880 -60.93 -31.57 25.24
CA THR B 880 -61.63 -32.25 26.31
C THR B 880 -61.63 -31.49 27.64
N SER B 881 -61.01 -30.32 27.71
CA SER B 881 -60.92 -29.58 28.96
C SER B 881 -61.23 -28.09 28.83
N GLY B 882 -61.39 -27.57 27.62
CA GLY B 882 -61.60 -26.14 27.48
C GLY B 882 -60.32 -25.38 27.74
N TRP B 883 -60.42 -24.28 28.48
CA TRP B 883 -59.26 -23.50 28.87
C TRP B 883 -58.78 -23.83 30.29
N THR B 884 -59.47 -24.74 30.98
CA THR B 884 -59.14 -24.99 32.38
C THR B 884 -57.78 -25.65 32.53
N PHE B 885 -57.35 -26.42 31.53
CA PHE B 885 -56.08 -27.11 31.63
C PHE B 885 -54.88 -26.17 31.59
N GLY B 886 -55.09 -24.92 31.17
CA GLY B 886 -54.01 -23.95 31.15
C GLY B 886 -53.83 -23.14 32.41
N ALA B 887 -54.67 -23.37 33.42
CA ALA B 887 -54.59 -22.60 34.66
C ALA B 887 -54.75 -23.48 35.90
N GLY B 888 -54.35 -24.75 35.83
CA GLY B 888 -54.50 -25.66 36.94
C GLY B 888 -54.76 -27.07 36.46
N PRO B 889 -55.39 -27.89 37.31
CA PRO B 889 -55.75 -29.24 36.90
C PRO B 889 -56.80 -29.20 35.78
N ALA B 890 -56.72 -30.18 34.89
CA ALA B 890 -57.66 -30.25 33.79
C ALA B 890 -59.02 -30.74 34.28
N LEU B 891 -60.07 -30.04 33.89
CA LEU B 891 -61.44 -30.38 34.27
C LEU B 891 -62.24 -30.64 33.00
N GLN B 892 -62.82 -31.84 32.90
CA GLN B 892 -63.56 -32.20 31.70
C GLN B 892 -64.88 -31.47 31.63
N ILE B 893 -65.42 -31.33 30.43
CA ILE B 893 -66.67 -30.62 30.17
C ILE B 893 -67.17 -31.00 28.79
N PRO B 894 -68.46 -31.25 28.60
CA PRO B 894 -68.97 -31.56 27.26
C PRO B 894 -68.69 -30.43 26.29
N PHE B 895 -68.36 -30.80 25.05
CA PHE B 895 -67.96 -29.80 24.07
C PHE B 895 -69.07 -28.80 23.75
N PRO B 896 -70.34 -29.18 23.54
CA PRO B 896 -71.37 -28.15 23.31
C PRO B 896 -71.46 -27.14 24.44
N MET B 897 -71.27 -27.56 25.68
CA MET B 897 -71.28 -26.61 26.79
C MET B 897 -70.06 -25.69 26.76
N GLN B 898 -68.91 -26.19 26.33
CA GLN B 898 -67.76 -25.32 26.13
C GLN B 898 -68.04 -24.29 25.06
N MET B 899 -68.68 -24.70 23.97
CA MET B 899 -69.05 -23.74 22.93
C MET B 899 -70.06 -22.72 23.45
N ALA B 900 -70.97 -23.14 24.31
CA ALA B 900 -71.91 -22.20 24.90
C ALA B 900 -71.18 -21.17 25.77
N TYR B 901 -70.20 -21.63 26.55
CA TYR B 901 -69.40 -20.70 27.34
C TYR B 901 -68.68 -19.70 26.43
N ARG B 902 -68.09 -20.20 25.35
CA ARG B 902 -67.33 -19.32 24.46
C ARG B 902 -68.25 -18.33 23.73
N PHE B 903 -69.47 -18.76 23.40
CA PHE B 903 -70.45 -17.82 22.86
C PHE B 903 -70.81 -16.75 23.89
N ASN B 904 -71.02 -17.16 25.14
CA ASN B 904 -71.32 -16.19 26.18
C ASN B 904 -70.15 -15.24 26.41
N GLY B 905 -68.94 -15.67 26.05
CA GLY B 905 -67.80 -14.80 26.20
C GLY B 905 -67.85 -13.58 25.31
N ILE B 906 -68.48 -13.70 24.14
CA ILE B 906 -68.47 -12.62 23.15
C ILE B 906 -69.82 -11.91 23.13
N GLY B 907 -70.61 -12.08 24.18
CA GLY B 907 -71.85 -11.33 24.32
C GLY B 907 -73.05 -11.91 23.61
N VAL B 908 -73.06 -13.20 23.33
CA VAL B 908 -74.20 -13.87 22.71
C VAL B 908 -74.69 -14.94 23.69
N THR B 909 -76.00 -14.97 23.93
CA THR B 909 -76.56 -15.87 24.92
C THR B 909 -76.42 -17.33 24.45
N GLN B 910 -76.63 -18.24 25.40
CA GLN B 910 -76.38 -19.66 25.15
C GLN B 910 -77.46 -20.30 24.28
N ASN B 911 -78.71 -19.84 24.42
CA ASN B 911 -79.79 -20.45 23.65
C ASN B 911 -79.57 -20.30 22.16
N VAL B 912 -78.81 -19.28 21.75
CA VAL B 912 -78.47 -19.11 20.34
C VAL B 912 -77.70 -20.32 19.83
N LEU B 913 -76.71 -20.78 20.61
CA LEU B 913 -75.99 -21.98 20.22
C LEU B 913 -76.87 -23.22 20.37
N TYR B 914 -77.53 -23.37 21.51
CA TYR B 914 -78.24 -24.62 21.77
C TYR B 914 -79.37 -24.85 20.78
N GLU B 915 -79.96 -23.80 20.23
CA GLU B 915 -81.01 -23.98 19.24
C GLU B 915 -80.49 -24.12 17.82
N ASN B 916 -79.19 -23.89 17.60
CA ASN B 916 -78.58 -23.94 16.27
C ASN B 916 -77.29 -24.75 16.32
N GLN B 917 -77.33 -25.89 17.01
CA GLN B 917 -76.11 -26.67 17.21
C GLN B 917 -75.66 -27.34 15.92
N LYS B 918 -76.58 -28.00 15.22
CA LYS B 918 -76.19 -28.76 14.03
C LYS B 918 -75.78 -27.85 12.88
N LEU B 919 -76.43 -26.70 12.74
CA LEU B 919 -76.01 -25.76 11.71
C LEU B 919 -74.59 -25.28 11.94
N ILE B 920 -74.26 -24.95 13.19
CA ILE B 920 -72.90 -24.50 13.50
C ILE B 920 -71.90 -25.63 13.28
N ALA B 921 -72.27 -26.85 13.63
CA ALA B 921 -71.37 -27.98 13.38
C ALA B 921 -71.10 -28.16 11.89
N ASN B 922 -72.15 -28.07 11.07
CA ASN B 922 -71.98 -28.19 9.62
C ASN B 922 -71.11 -27.08 9.08
N GLN B 923 -71.32 -25.85 9.56
CA GLN B 923 -70.50 -24.73 9.09
C GLN B 923 -69.03 -24.94 9.45
N PHE B 924 -68.77 -25.41 10.67
CA PHE B 924 -67.39 -25.65 11.08
C PHE B 924 -66.74 -26.74 10.24
N ASN B 925 -67.45 -27.85 9.98
CA ASN B 925 -66.89 -28.91 9.16
C ASN B 925 -66.60 -28.42 7.74
N SER B 926 -67.52 -27.65 7.16
CA SER B 926 -67.31 -27.11 5.83
C SER B 926 -66.11 -26.17 5.80
N ALA B 927 -65.95 -25.34 6.84
CA ALA B 927 -64.81 -24.44 6.90
C ALA B 927 -63.50 -25.22 6.98
N ILE B 928 -63.49 -26.32 7.75
CA ILE B 928 -62.28 -27.15 7.85
C ILE B 928 -61.94 -27.75 6.49
N GLY B 929 -62.94 -28.28 5.79
CA GLY B 929 -62.69 -28.81 4.46
C GLY B 929 -62.14 -27.75 3.52
N LYS B 930 -62.72 -26.55 3.56
CA LYS B 930 -62.29 -25.49 2.67
C LYS B 930 -60.87 -25.04 2.97
N ILE B 931 -60.49 -24.95 4.24
CA ILE B 931 -59.12 -24.53 4.55
C ILE B 931 -58.14 -25.59 4.12
N GLN B 932 -58.49 -26.88 4.29
CA GLN B 932 -57.61 -27.93 3.79
C GLN B 932 -57.41 -27.80 2.28
N ASP B 933 -58.51 -27.60 1.53
CA ASP B 933 -58.40 -27.47 0.08
C ASP B 933 -57.58 -26.25 -0.31
N SER B 934 -57.80 -25.12 0.36
CA SER B 934 -57.07 -23.90 0.04
C SER B 934 -55.59 -24.06 0.30
N LEU B 935 -55.23 -24.70 1.42
CA LEU B 935 -53.81 -24.96 1.69
C LEU B 935 -53.22 -25.87 0.62
N SER B 936 -53.99 -26.87 0.18
CA SER B 936 -53.48 -27.78 -0.84
C SER B 936 -53.26 -27.07 -2.17
N SER B 937 -54.16 -26.17 -2.55
CA SER B 937 -54.20 -25.64 -3.91
C SER B 937 -53.45 -24.33 -4.10
N THR B 938 -52.79 -23.81 -3.06
CA THR B 938 -52.06 -22.55 -3.17
C THR B 938 -50.62 -22.75 -2.73
N PRO B 939 -49.64 -22.51 -3.59
CA PRO B 939 -48.24 -22.73 -3.20
C PRO B 939 -47.60 -21.58 -2.44
N SER B 940 -48.15 -20.37 -2.53
CA SER B 940 -47.53 -19.19 -1.94
C SER B 940 -47.96 -18.95 -0.50
N ALA B 941 -48.75 -19.85 0.09
CA ALA B 941 -49.22 -19.67 1.45
C ALA B 941 -48.09 -19.75 2.47
N LEU B 942 -47.13 -20.65 2.27
CA LEU B 942 -46.08 -20.93 3.23
C LEU B 942 -44.76 -20.24 2.87
N GLY B 943 -44.85 -19.02 2.35
CA GLY B 943 -43.67 -18.34 1.87
C GLY B 943 -42.61 -18.07 2.94
N LYS B 944 -43.04 -17.81 4.17
CA LYS B 944 -42.14 -17.29 5.20
C LYS B 944 -41.07 -18.31 5.58
N LEU B 945 -41.46 -19.54 5.86
CA LEU B 945 -40.49 -20.59 6.16
C LEU B 945 -39.56 -20.79 4.98
N GLN B 946 -40.10 -20.72 3.76
CA GLN B 946 -39.28 -20.87 2.57
C GLN B 946 -38.25 -19.77 2.44
N ASP B 947 -38.61 -18.51 2.68
CA ASP B 947 -37.62 -17.46 2.52
C ASP B 947 -36.58 -17.52 3.63
N VAL B 948 -36.97 -18.02 4.81
CA VAL B 948 -35.99 -18.28 5.86
C VAL B 948 -34.96 -19.29 5.39
N VAL B 949 -35.44 -20.42 4.86
CA VAL B 949 -34.53 -21.46 4.37
C VAL B 949 -33.65 -20.93 3.25
N ASN B 950 -34.26 -20.18 2.31
CA ASN B 950 -33.51 -19.64 1.19
C ASN B 950 -32.45 -18.65 1.64
N HIS B 951 -32.78 -17.79 2.61
CA HIS B 951 -31.81 -16.84 3.13
C HIS B 951 -30.61 -17.56 3.71
N ASN B 952 -30.86 -18.57 4.55
CA ASN B 952 -29.73 -19.28 5.15
C ASN B 952 -28.88 -19.97 4.09
N ALA B 953 -29.53 -20.69 3.16
CA ALA B 953 -28.77 -21.42 2.14
C ALA B 953 -27.98 -20.48 1.25
N GLN B 954 -28.56 -19.35 0.87
CA GLN B 954 -27.89 -18.41 -0.01
C GLN B 954 -26.73 -17.72 0.70
N ALA B 955 -26.89 -17.42 1.99
CA ALA B 955 -25.75 -16.87 2.74
C ALA B 955 -24.60 -17.86 2.78
N LEU B 956 -24.90 -19.14 3.04
CA LEU B 956 -23.84 -20.14 3.02
C LEU B 956 -23.19 -20.26 1.65
N ASN B 957 -23.99 -20.19 0.58
CA ASN B 957 -23.45 -20.28 -0.76
C ASN B 957 -22.52 -19.10 -1.06
N THR B 958 -22.92 -17.90 -0.65
CA THR B 958 -22.06 -16.73 -0.85
C THR B 958 -20.75 -16.89 -0.08
N LEU B 959 -20.83 -17.37 1.16
CA LEU B 959 -19.61 -17.58 1.94
C LEU B 959 -18.69 -18.58 1.27
N VAL B 960 -19.25 -19.65 0.69
CA VAL B 960 -18.43 -20.61 -0.03
C VAL B 960 -17.79 -19.97 -1.25
N LYS B 961 -18.58 -19.21 -2.01
CA LYS B 961 -18.08 -18.60 -3.25
C LYS B 961 -17.00 -17.57 -2.97
N GLN B 962 -16.99 -16.98 -1.76
CA GLN B 962 -16.02 -15.95 -1.43
C GLN B 962 -14.59 -16.47 -1.46
N LEU B 963 -14.37 -17.79 -1.45
CA LEU B 963 -13.02 -18.32 -1.40
C LEU B 963 -12.24 -18.10 -2.70
N SER B 964 -12.92 -18.00 -3.84
CA SER B 964 -12.25 -17.93 -5.13
C SER B 964 -11.88 -16.51 -5.53
N SER B 965 -11.73 -15.61 -4.55
CA SER B 965 -11.35 -14.23 -4.80
C SER B 965 -9.91 -14.02 -4.37
N LYS B 966 -9.13 -13.36 -5.24
CA LYS B 966 -7.71 -13.16 -4.98
C LYS B 966 -7.43 -12.12 -3.91
N PHE B 967 -8.36 -11.18 -3.70
CA PHE B 967 -8.19 -10.09 -2.72
C PHE B 967 -6.93 -9.29 -2.98
N GLY B 968 -6.56 -9.15 -4.25
CA GLY B 968 -5.41 -8.37 -4.64
C GLY B 968 -4.10 -9.12 -4.63
N ALA B 969 -4.08 -10.36 -4.16
CA ALA B 969 -2.85 -11.15 -4.17
C ALA B 969 -2.57 -11.68 -5.58
N ILE B 970 -1.42 -12.34 -5.72
CA ILE B 970 -1.04 -12.87 -7.02
C ILE B 970 -1.80 -14.15 -7.36
N SER B 971 -2.37 -14.83 -6.37
CA SER B 971 -3.11 -16.05 -6.60
C SER B 971 -4.05 -16.29 -5.43
N SER B 972 -5.06 -17.13 -5.67
CA SER B 972 -6.04 -17.49 -4.65
C SER B 972 -5.78 -18.87 -4.05
N VAL B 973 -4.62 -19.45 -4.31
CA VAL B 973 -4.26 -20.76 -3.81
C VAL B 973 -3.08 -20.62 -2.87
N LEU B 974 -3.21 -21.17 -1.66
CA LEU B 974 -2.16 -21.03 -0.66
C LEU B 974 -0.87 -21.73 -1.09
N ASN B 975 -0.98 -22.99 -1.52
CA ASN B 975 0.19 -23.75 -1.91
C ASN B 975 0.86 -23.16 -3.14
N ASP B 976 0.07 -22.57 -4.05
CA ASP B 976 0.65 -21.92 -5.21
C ASP B 976 1.58 -20.79 -4.78
N ILE B 977 1.12 -19.94 -3.86
CA ILE B 977 1.96 -18.85 -3.37
C ILE B 977 3.18 -19.38 -2.65
N PHE B 978 2.99 -20.40 -1.79
CA PHE B 978 4.10 -20.89 -0.99
C PHE B 978 5.14 -21.60 -1.84
N SER B 979 4.75 -22.15 -2.99
CA SER B 979 5.70 -22.84 -3.85
C SER B 979 6.27 -21.95 -4.95
N ARG B 980 5.64 -20.81 -5.24
CA ARG B 980 6.12 -19.93 -6.30
C ARG B 980 6.88 -18.72 -5.79
N LEU B 981 6.89 -18.46 -4.48
CA LEU B 981 7.53 -17.29 -3.92
C LEU B 981 8.38 -17.65 -2.72
N ASP B 982 9.44 -16.87 -2.52
CA ASP B 982 10.25 -16.96 -1.31
C ASP B 982 9.49 -16.34 -0.14
N PRO B 983 9.88 -16.67 1.10
CA PRO B 983 9.14 -16.20 2.28
C PRO B 983 8.98 -14.69 2.36
N PRO B 984 10.01 -13.88 2.05
CA PRO B 984 9.92 -12.44 2.39
C PRO B 984 8.69 -11.71 1.89
N GLU B 985 8.21 -11.99 0.68
CA GLU B 985 6.93 -11.45 0.23
C GLU B 985 5.80 -12.48 0.23
N ALA B 986 6.13 -13.77 0.40
CA ALA B 986 5.08 -14.75 0.67
C ALA B 986 4.30 -14.38 1.93
N GLU B 987 4.98 -13.85 2.95
CA GLU B 987 4.26 -13.38 4.13
C GLU B 987 3.26 -12.28 3.78
N VAL B 988 3.66 -11.34 2.92
CA VAL B 988 2.75 -10.26 2.55
C VAL B 988 1.52 -10.81 1.83
N GLN B 989 1.75 -11.70 0.86
CA GLN B 989 0.63 -12.27 0.11
C GLN B 989 -0.31 -13.05 1.02
N ILE B 990 0.26 -13.87 1.90
CA ILE B 990 -0.56 -14.69 2.78
C ILE B 990 -1.31 -13.82 3.78
N ASP B 991 -0.68 -12.73 4.24
CA ASP B 991 -1.36 -11.80 5.13
C ASP B 991 -2.57 -11.18 4.44
N ARG B 992 -2.41 -10.78 3.19
CA ARG B 992 -3.52 -10.20 2.43
C ARG B 992 -4.67 -11.20 2.32
N LEU B 993 -4.36 -12.44 1.91
CA LEU B 993 -5.41 -13.44 1.77
C LEU B 993 -6.10 -13.72 3.09
N ILE B 994 -5.32 -13.86 4.16
CA ILE B 994 -5.88 -14.20 5.46
C ILE B 994 -6.79 -13.09 5.97
N THR B 995 -6.37 -11.83 5.84
CA THR B 995 -7.22 -10.76 6.33
C THR B 995 -8.50 -10.65 5.51
N GLY B 996 -8.42 -10.91 4.20
CA GLY B 996 -9.64 -10.90 3.40
C GLY B 996 -10.63 -11.97 3.84
N ARG B 997 -10.14 -13.20 4.05
CA ARG B 997 -11.03 -14.28 4.46
C ARG B 997 -11.59 -14.04 5.86
N LEU B 998 -10.77 -13.46 6.74
CA LEU B 998 -11.24 -13.12 8.08
C LEU B 998 -12.36 -12.10 8.02
N GLN B 999 -12.22 -11.08 7.15
CA GLN B 999 -13.29 -10.10 7.00
C GLN B 999 -14.57 -10.75 6.50
N SER B 1000 -14.45 -11.67 5.53
CA SER B 1000 -15.64 -12.36 5.03
C SER B 1000 -16.34 -13.14 6.14
N LEU B 1001 -15.56 -13.87 6.95
CA LEU B 1001 -16.16 -14.64 8.04
C LEU B 1001 -16.84 -13.74 9.05
N GLN B 1002 -16.22 -12.60 9.38
CA GLN B 1002 -16.83 -11.67 10.32
C GLN B 1002 -18.16 -11.14 9.79
N THR B 1003 -18.19 -10.79 8.51
CA THR B 1003 -19.44 -10.31 7.90
C THR B 1003 -20.53 -11.35 8.01
N TYR B 1004 -20.20 -12.60 7.69
CA TYR B 1004 -21.19 -13.68 7.79
C TYR B 1004 -21.73 -13.81 9.20
N VAL B 1005 -20.83 -13.76 10.20
CA VAL B 1005 -21.27 -13.90 11.58
C VAL B 1005 -22.21 -12.76 11.97
N THR B 1006 -21.91 -11.54 11.54
CA THR B 1006 -22.76 -10.40 11.89
C THR B 1006 -24.16 -10.56 11.31
N GLN B 1007 -24.25 -10.92 10.02
CA GLN B 1007 -25.58 -11.12 9.44
C GLN B 1007 -26.33 -12.24 10.14
N GLN B 1008 -25.63 -13.31 10.51
CA GLN B 1008 -26.29 -14.39 11.22
C GLN B 1008 -26.85 -13.91 12.55
N LEU B 1009 -26.11 -13.07 13.26
CA LEU B 1009 -26.59 -12.53 14.53
C LEU B 1009 -27.86 -11.71 14.34
N ILE B 1010 -27.88 -10.84 13.34
CA ILE B 1010 -29.06 -9.99 13.13
C ILE B 1010 -30.27 -10.85 12.78
N ARG B 1011 -30.09 -11.82 11.89
CA ARG B 1011 -31.20 -12.69 11.53
C ARG B 1011 -31.69 -13.50 12.72
N ALA B 1012 -30.76 -13.96 13.57
CA ALA B 1012 -31.17 -14.70 14.77
C ALA B 1012 -32.00 -13.83 15.69
N ALA B 1013 -31.64 -12.55 15.84
CA ALA B 1013 -32.45 -11.65 16.66
C ALA B 1013 -33.86 -11.51 16.11
N GLU B 1014 -33.97 -11.34 14.79
CA GLU B 1014 -35.30 -11.24 14.17
C GLU B 1014 -36.12 -12.50 14.41
N ILE B 1015 -35.48 -13.67 14.24
CA ILE B 1015 -36.21 -14.92 14.42
C ILE B 1015 -36.63 -15.08 15.88
N ARG B 1016 -35.79 -14.63 16.81
CA ARG B 1016 -36.16 -14.71 18.23
C ARG B 1016 -37.37 -13.84 18.54
N ALA B 1017 -37.43 -12.64 17.95
CA ALA B 1017 -38.61 -11.81 18.13
C ALA B 1017 -39.86 -12.50 17.60
N SER B 1018 -39.75 -13.12 16.42
CA SER B 1018 -40.90 -13.84 15.87
C SER B 1018 -41.31 -15.00 16.76
N ALA B 1019 -40.33 -15.71 17.34
CA ALA B 1019 -40.64 -16.83 18.23
C ALA B 1019 -41.34 -16.35 19.49
N ASN B 1020 -40.92 -15.21 20.03
CA ASN B 1020 -41.61 -14.66 21.18
C ASN B 1020 -43.07 -14.32 20.85
N LEU B 1021 -43.29 -13.72 19.68
CA LEU B 1021 -44.67 -13.44 19.27
C LEU B 1021 -45.49 -14.73 19.14
N ALA B 1022 -44.89 -15.78 18.57
CA ALA B 1022 -45.60 -17.04 18.43
C ALA B 1022 -45.93 -17.65 19.78
N ALA B 1023 -44.99 -17.55 20.74
CA ALA B 1023 -45.26 -18.07 22.09
C ALA B 1023 -46.40 -17.31 22.74
N THR B 1024 -46.43 -15.98 22.58
CA THR B 1024 -47.54 -15.21 23.13
C THR B 1024 -48.87 -15.63 22.51
N LYS B 1025 -48.88 -15.83 21.18
CA LYS B 1025 -50.11 -16.26 20.52
C LYS B 1025 -50.56 -17.63 21.04
N MET B 1026 -49.63 -18.57 21.21
CA MET B 1026 -49.99 -19.87 21.73
C MET B 1026 -50.56 -19.77 23.14
N SER B 1027 -49.95 -18.93 23.98
CA SER B 1027 -50.43 -18.80 25.35
C SER B 1027 -51.82 -18.19 25.40
N GLU B 1028 -52.10 -17.22 24.54
CA GLU B 1028 -53.34 -16.47 24.67
C GLU B 1028 -54.49 -16.98 23.82
N CYS B 1029 -54.29 -17.17 22.51
CA CYS B 1029 -55.39 -17.58 21.66
C CYS B 1029 -55.76 -19.05 21.83
N VAL B 1030 -54.81 -19.92 22.14
CA VAL B 1030 -55.07 -21.35 22.23
C VAL B 1030 -55.52 -21.75 23.63
N LEU B 1031 -54.74 -21.41 24.64
CA LEU B 1031 -55.04 -21.78 26.02
C LEU B 1031 -56.12 -20.92 26.65
N GLY B 1032 -56.85 -20.13 25.86
CA GLY B 1032 -57.90 -19.30 26.39
C GLY B 1032 -58.63 -18.57 25.29
N GLN B 1033 -59.47 -17.63 25.69
CA GLN B 1033 -60.21 -16.79 24.77
C GLN B 1033 -59.71 -15.36 24.89
N SER B 1034 -59.46 -14.72 23.76
CA SER B 1034 -58.82 -13.40 23.72
C SER B 1034 -59.83 -12.34 23.30
N LYS B 1035 -59.85 -11.23 24.03
CA LYS B 1035 -60.68 -10.09 23.69
C LYS B 1035 -59.95 -9.05 22.86
N ARG B 1036 -58.66 -9.23 22.61
CA ARG B 1036 -57.91 -8.28 21.80
C ARG B 1036 -58.35 -8.38 20.35
N VAL B 1037 -58.62 -7.23 19.73
CA VAL B 1037 -59.16 -7.21 18.38
C VAL B 1037 -58.07 -7.57 17.39
N ASP B 1038 -58.39 -8.47 16.46
CA ASP B 1038 -57.54 -8.88 15.36
C ASP B 1038 -56.24 -9.54 15.83
N PHE B 1039 -56.13 -9.88 17.11
CA PHE B 1039 -54.94 -10.58 17.57
C PHE B 1039 -54.97 -12.05 17.18
N CYS B 1040 -56.16 -12.67 17.22
CA CYS B 1040 -56.32 -14.08 16.90
C CYS B 1040 -57.36 -14.25 15.79
N GLY B 1041 -57.21 -13.50 14.72
CA GLY B 1041 -58.04 -13.65 13.54
C GLY B 1041 -59.08 -12.56 13.41
N LYS B 1042 -59.50 -12.32 12.18
CA LYS B 1042 -60.52 -11.34 11.88
C LYS B 1042 -61.87 -11.79 12.44
N GLY B 1043 -62.55 -10.89 13.12
CA GLY B 1043 -63.84 -11.21 13.72
C GLY B 1043 -63.74 -11.44 15.22
N TYR B 1044 -64.82 -11.96 15.76
CA TYR B 1044 -64.86 -12.29 17.18
C TYR B 1044 -64.26 -13.67 17.40
N HIS B 1045 -63.24 -13.75 18.24
CA HIS B 1045 -62.49 -14.99 18.43
C HIS B 1045 -63.29 -15.98 19.25
N LEU B 1046 -63.20 -17.27 18.87
CA LEU B 1046 -63.84 -18.34 19.62
C LEU B 1046 -62.83 -19.32 20.19
N MET B 1047 -61.96 -19.87 19.34
CA MET B 1047 -60.92 -20.80 19.75
C MET B 1047 -59.91 -20.89 18.61
N SER B 1048 -58.83 -21.60 18.84
CA SER B 1048 -57.82 -21.82 17.81
C SER B 1048 -57.12 -23.14 18.07
N PHE B 1049 -56.55 -23.70 17.00
CA PHE B 1049 -55.87 -24.98 17.07
C PHE B 1049 -54.48 -24.86 16.45
N PRO B 1050 -53.46 -25.36 17.12
CA PRO B 1050 -52.10 -25.28 16.58
C PRO B 1050 -51.75 -26.47 15.71
N GLN B 1051 -50.92 -26.18 14.71
CA GLN B 1051 -50.37 -27.23 13.85
C GLN B 1051 -48.89 -26.94 13.63
N SER B 1052 -48.12 -28.02 13.52
CA SER B 1052 -46.68 -27.90 13.36
C SER B 1052 -46.30 -27.80 11.89
N ALA B 1053 -45.10 -27.28 11.65
CA ALA B 1053 -44.57 -27.11 10.30
C ALA B 1053 -43.06 -27.01 10.39
N PRO B 1054 -42.34 -27.29 9.30
CA PRO B 1054 -40.88 -27.16 9.33
C PRO B 1054 -40.43 -25.75 9.71
N HIS B 1055 -39.75 -25.64 10.85
CA HIS B 1055 -39.23 -24.37 11.34
C HIS B 1055 -40.33 -23.33 11.53
N GLY B 1056 -41.47 -23.77 12.05
CA GLY B 1056 -42.56 -22.83 12.28
C GLY B 1056 -43.78 -23.53 12.84
N VAL B 1057 -44.82 -22.73 13.06
CA VAL B 1057 -46.09 -23.21 13.61
C VAL B 1057 -47.21 -22.55 12.83
N VAL B 1058 -48.34 -23.24 12.70
CA VAL B 1058 -49.49 -22.78 11.96
C VAL B 1058 -50.70 -22.79 12.88
N PHE B 1059 -51.42 -21.67 12.94
CA PHE B 1059 -52.59 -21.54 13.78
C PHE B 1059 -53.85 -21.54 12.92
N LEU B 1060 -54.90 -22.20 13.41
CA LEU B 1060 -56.20 -22.24 12.75
C LEU B 1060 -57.20 -21.51 13.64
N HIS B 1061 -57.39 -20.22 13.39
CA HIS B 1061 -58.24 -19.38 14.22
C HIS B 1061 -59.69 -19.57 13.83
N VAL B 1062 -60.52 -20.00 14.78
CA VAL B 1062 -61.96 -20.12 14.59
C VAL B 1062 -62.59 -18.85 15.13
N THR B 1063 -63.44 -18.21 14.32
CA THR B 1063 -63.97 -16.91 14.67
C THR B 1063 -65.45 -16.83 14.32
N TYR B 1064 -66.10 -15.79 14.84
CA TYR B 1064 -67.52 -15.56 14.69
C TYR B 1064 -67.72 -14.26 13.91
N VAL B 1065 -68.50 -14.33 12.83
CA VAL B 1065 -68.71 -13.21 11.94
C VAL B 1065 -70.20 -13.00 11.73
N PRO B 1066 -70.75 -11.83 12.05
CA PRO B 1066 -72.17 -11.58 11.80
C PRO B 1066 -72.45 -11.39 10.31
N ALA B 1067 -73.72 -11.55 9.96
CA ALA B 1067 -74.16 -11.38 8.58
C ALA B 1067 -75.66 -11.14 8.56
N GLN B 1068 -76.17 -10.72 7.40
CA GLN B 1068 -77.59 -10.51 7.16
C GLN B 1068 -78.18 -9.50 8.15
N GLU B 1069 -77.68 -8.27 8.06
CA GLU B 1069 -78.15 -7.22 8.94
C GLU B 1069 -79.49 -6.67 8.47
N LYS B 1070 -80.17 -5.99 9.39
CA LYS B 1070 -81.48 -5.40 9.13
C LYS B 1070 -81.59 -4.09 9.89
N ASN B 1071 -82.10 -3.07 9.21
CA ASN B 1071 -82.21 -1.74 9.79
C ASN B 1071 -83.40 -1.64 10.73
N PHE B 1072 -83.29 -0.74 11.71
CA PHE B 1072 -84.35 -0.56 12.70
C PHE B 1072 -84.33 0.89 13.19
N THR B 1073 -85.42 1.26 13.85
CA THR B 1073 -85.55 2.55 14.50
C THR B 1073 -85.36 2.36 16.00
N THR B 1074 -84.52 3.20 16.60
CA THR B 1074 -84.12 3.02 18.00
C THR B 1074 -84.41 4.28 18.81
N ALA B 1075 -84.44 4.10 20.12
CA ALA B 1075 -84.62 5.18 21.08
C ALA B 1075 -83.71 4.94 22.28
N PRO B 1076 -83.23 6.00 22.93
CA PRO B 1076 -82.31 5.78 24.06
C PRO B 1076 -83.00 5.37 25.34
N ALA B 1077 -84.25 5.78 25.54
CA ALA B 1077 -84.94 5.49 26.80
C ALA B 1077 -86.45 5.51 26.55
N ILE B 1078 -87.19 4.98 27.52
CA ILE B 1078 -88.65 4.89 27.46
C ILE B 1078 -89.22 5.59 28.67
N CYS B 1079 -90.02 6.64 28.45
CA CYS B 1079 -90.66 7.36 29.53
C CYS B 1079 -92.06 6.78 29.75
N HIS B 1080 -92.24 6.06 30.86
CA HIS B 1080 -93.52 5.49 31.23
C HIS B 1080 -93.84 5.91 32.65
N ASP B 1081 -95.03 6.49 32.84
CA ASP B 1081 -95.45 7.03 34.14
C ASP B 1081 -94.49 8.10 34.65
N GLY B 1082 -93.90 8.86 33.72
CA GLY B 1082 -92.99 9.92 34.11
C GLY B 1082 -91.60 9.47 34.49
N LYS B 1083 -91.29 8.18 34.36
CA LYS B 1083 -89.98 7.65 34.71
C LYS B 1083 -89.29 7.11 33.47
N ALA B 1084 -87.98 7.35 33.39
CA ALA B 1084 -87.18 6.92 32.24
C ALA B 1084 -86.66 5.52 32.49
N HIS B 1085 -86.85 4.63 31.52
CA HIS B 1085 -86.40 3.25 31.61
C HIS B 1085 -85.27 3.01 30.63
N PHE B 1086 -84.18 2.42 31.12
CA PHE B 1086 -83.03 2.12 30.28
C PHE B 1086 -82.83 0.61 30.20
N PRO B 1087 -82.29 0.11 29.09
CA PRO B 1087 -82.07 -1.35 28.98
C PRO B 1087 -80.89 -1.77 29.84
N ARG B 1088 -81.02 -2.95 30.47
CA ARG B 1088 -79.94 -3.47 31.30
C ARG B 1088 -78.74 -3.87 30.44
N GLU B 1089 -78.99 -4.61 29.37
CA GLU B 1089 -77.90 -5.16 28.57
C GLU B 1089 -78.16 -5.00 27.08
N GLY B 1090 -79.42 -4.84 26.69
CA GLY B 1090 -79.81 -4.84 25.30
C GLY B 1090 -79.94 -3.45 24.72
N VAL B 1091 -80.82 -3.33 23.72
CA VAL B 1091 -81.05 -2.09 23.00
C VAL B 1091 -82.50 -2.05 22.56
N PHE B 1092 -83.10 -0.86 22.61
CA PHE B 1092 -84.48 -0.69 22.19
C PHE B 1092 -84.55 -0.58 20.67
N VAL B 1093 -85.48 -1.33 20.08
CA VAL B 1093 -85.69 -1.32 18.63
C VAL B 1093 -87.19 -1.28 18.36
N SER B 1094 -87.53 -1.09 17.10
CA SER B 1094 -88.94 -1.03 16.69
C SER B 1094 -89.10 -1.39 15.22
N ASN B 1095 -89.96 -2.35 14.90
CA ASN B 1095 -90.15 -2.71 13.51
C ASN B 1095 -91.00 -1.70 12.75
N GLY B 1096 -91.63 -0.76 13.44
CA GLY B 1096 -92.45 0.23 12.77
C GLY B 1096 -93.71 0.56 13.54
N THR B 1097 -94.19 -0.38 14.35
CA THR B 1097 -95.39 -0.18 15.15
C THR B 1097 -95.20 -0.46 16.64
N HIS B 1098 -94.39 -1.45 16.99
CA HIS B 1098 -94.21 -1.84 18.38
C HIS B 1098 -92.74 -1.77 18.75
N TRP B 1099 -92.47 -1.74 20.05
CA TRP B 1099 -91.12 -1.62 20.58
C TRP B 1099 -90.71 -2.89 21.30
N PHE B 1100 -89.45 -3.28 21.12
CA PHE B 1100 -88.89 -4.44 21.78
C PHE B 1100 -87.50 -4.11 22.28
N VAL B 1101 -86.90 -5.04 23.01
CA VAL B 1101 -85.52 -4.95 23.47
C VAL B 1101 -84.80 -6.23 23.07
N THR B 1102 -83.63 -6.08 22.47
CA THR B 1102 -82.86 -7.22 21.99
C THR B 1102 -81.39 -6.99 22.27
N GLN B 1103 -80.63 -8.08 22.34
CA GLN B 1103 -79.20 -7.95 22.54
C GLN B 1103 -78.53 -7.41 21.27
N ARG B 1104 -77.33 -6.86 21.45
CA ARG B 1104 -76.70 -6.08 20.38
C ARG B 1104 -76.30 -6.96 19.20
N ASN B 1105 -75.72 -8.12 19.46
CA ASN B 1105 -75.05 -8.91 18.43
C ASN B 1105 -75.95 -9.93 17.74
N PHE B 1106 -77.23 -9.99 18.10
CA PHE B 1106 -78.14 -10.95 17.49
C PHE B 1106 -79.57 -10.49 17.72
N TYR B 1107 -80.38 -10.56 16.66
CA TYR B 1107 -81.74 -10.07 16.71
C TYR B 1107 -82.63 -11.09 17.42
N GLU B 1108 -83.10 -10.74 18.61
CA GLU B 1108 -84.02 -11.59 19.36
C GLU B 1108 -84.98 -10.70 20.12
N PRO B 1109 -86.09 -10.32 19.49
CA PRO B 1109 -87.01 -9.37 20.12
C PRO B 1109 -87.63 -9.92 21.40
N GLN B 1110 -87.78 -9.05 22.39
CA GLN B 1110 -88.40 -9.38 23.66
C GLN B 1110 -89.34 -8.26 24.08
N ILE B 1111 -90.45 -8.64 24.71
CA ILE B 1111 -91.38 -7.65 25.21
C ILE B 1111 -90.73 -6.87 26.35
N ILE B 1112 -90.96 -5.57 26.38
CA ILE B 1112 -90.33 -4.70 27.38
C ILE B 1112 -91.10 -4.86 28.69
N THR B 1113 -90.43 -5.38 29.70
CA THR B 1113 -90.98 -5.53 31.04
C THR B 1113 -90.11 -4.78 32.04
N THR B 1114 -90.40 -4.97 33.32
CA THR B 1114 -89.61 -4.35 34.38
C THR B 1114 -88.42 -5.19 34.80
N ASP B 1115 -88.20 -6.33 34.15
CA ASP B 1115 -87.05 -7.18 34.47
C ASP B 1115 -85.84 -6.87 33.60
N ASN B 1116 -86.06 -6.42 32.37
CA ASN B 1116 -84.97 -6.08 31.46
C ASN B 1116 -84.74 -4.57 31.35
N THR B 1117 -85.40 -3.78 32.20
CA THR B 1117 -85.21 -2.33 32.22
C THR B 1117 -85.03 -1.87 33.66
N PHE B 1118 -84.25 -0.80 33.84
CA PHE B 1118 -84.05 -0.18 35.14
C PHE B 1118 -84.36 1.31 35.05
N VAL B 1119 -84.94 1.84 36.11
CA VAL B 1119 -85.45 3.21 36.16
C VAL B 1119 -84.36 4.12 36.71
N SER B 1120 -84.23 5.31 36.14
CA SER B 1120 -83.29 6.31 36.64
C SER B 1120 -83.80 7.69 36.24
N GLY B 1121 -84.42 8.38 37.19
CA GLY B 1121 -84.85 9.75 36.98
C GLY B 1121 -86.11 9.86 36.12
N ASN B 1122 -86.53 11.10 35.93
CA ASN B 1122 -87.70 11.40 35.11
C ASN B 1122 -87.27 11.59 33.65
N CYS B 1123 -88.27 11.77 32.78
CA CYS B 1123 -88.05 11.84 31.34
C CYS B 1123 -88.01 13.27 30.81
N ASP B 1124 -87.43 14.19 31.58
CA ASP B 1124 -87.27 15.58 31.14
C ASP B 1124 -85.83 15.97 30.87
N VAL B 1125 -84.88 15.05 31.03
CA VAL B 1125 -83.46 15.36 30.88
C VAL B 1125 -82.87 14.73 29.63
N VAL B 1126 -83.24 13.49 29.31
CA VAL B 1126 -82.68 12.80 28.16
C VAL B 1126 -83.25 13.40 26.88
N ILE B 1127 -82.44 13.42 25.82
CA ILE B 1127 -82.83 13.96 24.54
C ILE B 1127 -83.14 12.79 23.60
N GLY B 1128 -84.39 12.66 23.18
CA GLY B 1128 -84.80 11.60 22.32
C GLY B 1128 -85.63 10.51 22.96
N ILE B 1129 -86.12 10.73 24.18
CA ILE B 1129 -86.94 9.72 24.84
C ILE B 1129 -88.30 9.63 24.14
N VAL B 1130 -88.85 8.41 24.11
CA VAL B 1130 -90.13 8.18 23.44
C VAL B 1130 -91.15 7.67 24.44
N ASN B 1131 -92.39 7.48 24.01
CA ASN B 1131 -93.50 7.09 24.87
C ASN B 1131 -93.85 5.63 24.58
N ASN B 1132 -94.04 4.86 25.64
CA ASN B 1132 -94.47 3.47 25.52
C ASN B 1132 -94.91 2.98 26.90
N THR B 1133 -95.61 1.86 26.90
CA THR B 1133 -96.00 1.20 28.14
C THR B 1133 -95.04 0.05 28.43
N VAL B 1134 -94.74 -0.13 29.72
CA VAL B 1134 -93.83 -1.17 30.18
C VAL B 1134 -94.64 -2.19 30.95
N TYR B 1135 -94.74 -3.40 30.41
CA TYR B 1135 -95.53 -4.45 31.02
C TYR B 1135 -94.94 -4.88 32.36
N ASP B 1136 -95.81 -5.20 33.30
CA ASP B 1136 -95.40 -5.66 34.62
C ASP B 1136 -95.89 -7.08 34.85
N PRO B 1137 -95.00 -8.04 35.08
CA PRO B 1137 -95.45 -9.44 35.23
C PRO B 1137 -96.23 -9.71 36.50
N LEU B 1138 -96.03 -8.94 37.56
CA LEU B 1138 -96.71 -9.20 38.83
C LEU B 1138 -98.18 -8.79 38.81
N GLN B 1139 -98.57 -7.89 37.91
CA GLN B 1139 -99.96 -7.43 37.88
C GLN B 1139 -100.95 -8.54 37.57
N PRO B 1140 -100.75 -9.38 36.55
CA PRO B 1140 -101.69 -10.50 36.36
C PRO B 1140 -101.74 -11.45 37.55
N GLU B 1141 -100.61 -11.68 38.21
CA GLU B 1141 -100.60 -12.54 39.39
C GLU B 1141 -101.43 -11.93 40.51
N LEU B 1142 -101.29 -10.64 40.75
CA LEU B 1142 -102.11 -9.96 41.76
C LEU B 1142 -103.57 -9.91 41.36
N ASP B 1143 -103.86 -9.91 40.05
CA ASP B 1143 -105.25 -9.88 39.60
C ASP B 1143 -106.02 -11.12 40.05
N SER B 1144 -105.38 -12.28 39.95
CA SER B 1144 -106.03 -13.53 40.35
C SER B 1144 -105.96 -13.72 41.86
N CYS C 15 42.76 -44.81 33.93
CA CYS C 15 41.59 -45.66 33.73
C CYS C 15 41.69 -46.94 34.56
N VAL C 16 40.62 -47.23 35.30
CA VAL C 16 40.53 -48.45 36.09
C VAL C 16 39.32 -49.23 35.61
N ASN C 17 39.55 -50.47 35.17
CA ASN C 17 38.46 -51.31 34.70
C ASN C 17 37.57 -51.72 35.86
N LEU C 18 36.26 -51.65 35.65
CA LEU C 18 35.30 -52.01 36.67
C LEU C 18 34.15 -52.75 36.00
N THR C 19 33.82 -53.93 36.54
CA THR C 19 32.76 -54.75 35.96
C THR C 19 31.85 -55.34 37.04
N THR C 20 32.17 -55.12 38.33
CA THR C 20 31.41 -55.72 39.42
C THR C 20 29.97 -55.26 39.48
N ARG C 21 29.55 -54.36 38.59
CA ARG C 21 28.16 -53.93 38.58
C ARG C 21 27.24 -55.08 38.18
N THR C 22 26.09 -55.15 38.82
CA THR C 22 25.12 -56.19 38.50
C THR C 22 24.35 -55.83 37.24
N GLN C 23 24.29 -56.78 36.31
CA GLN C 23 23.63 -56.58 35.03
C GLN C 23 22.12 -56.76 35.20
N LEU C 24 21.37 -55.72 34.84
CA LEU C 24 19.92 -55.72 34.97
C LEU C 24 19.32 -54.63 34.10
N PRO C 25 18.33 -54.96 33.28
CA PRO C 25 17.60 -53.91 32.54
C PRO C 25 16.99 -52.91 33.52
N PRO C 26 17.07 -51.62 33.21
CA PRO C 26 16.56 -50.62 34.15
C PRO C 26 15.05 -50.72 34.34
N ALA C 27 14.62 -50.43 35.58
CA ALA C 27 13.21 -50.40 35.89
C ALA C 27 12.56 -49.15 35.29
N TYR C 28 11.23 -49.14 35.32
CA TYR C 28 10.46 -48.01 34.79
C TYR C 28 9.39 -47.60 35.78
N THR C 29 9.07 -46.32 35.79
CA THR C 29 8.10 -45.77 36.73
C THR C 29 7.24 -44.73 36.02
N ASN C 30 6.42 -44.04 36.80
CA ASN C 30 5.49 -43.05 36.28
C ASN C 30 5.99 -41.65 36.64
N SER C 31 5.97 -40.75 35.66
CA SER C 31 6.45 -39.40 35.88
C SER C 31 5.56 -38.64 36.87
N PHE C 32 4.28 -39.00 36.95
CA PHE C 32 3.29 -38.33 37.80
C PHE C 32 3.23 -36.87 37.36
N THR C 33 3.36 -35.90 38.26
CA THR C 33 3.19 -34.50 37.90
C THR C 33 4.46 -33.71 38.22
N ARG C 34 5.62 -34.25 37.82
CA ARG C 34 6.90 -33.63 38.13
C ARG C 34 7.57 -33.14 36.85
N GLY C 35 8.30 -32.03 36.97
CA GLY C 35 9.14 -31.58 35.89
C GLY C 35 8.69 -30.32 35.16
N VAL C 36 8.14 -29.36 35.89
CA VAL C 36 7.77 -28.07 35.32
C VAL C 36 8.77 -27.03 35.78
N TYR C 37 8.95 -25.98 34.99
CA TYR C 37 9.91 -24.93 35.29
C TYR C 37 9.35 -23.59 34.84
N TYR C 38 9.92 -22.52 35.40
CA TYR C 38 9.53 -21.19 35.00
C TYR C 38 10.04 -20.90 33.59
N PRO C 39 9.17 -20.84 32.58
CA PRO C 39 9.65 -20.76 31.19
C PRO C 39 10.30 -19.43 30.83
N ASP C 40 10.09 -18.37 31.61
CA ASP C 40 10.65 -17.07 31.31
C ASP C 40 11.13 -16.43 32.60
N LYS C 41 11.64 -15.20 32.48
CA LYS C 41 12.22 -14.49 33.62
C LYS C 41 11.32 -13.37 34.12
N VAL C 42 10.15 -13.18 33.51
CA VAL C 42 9.21 -12.17 33.94
C VAL C 42 8.45 -12.66 35.17
N PHE C 43 7.72 -11.74 35.80
CA PHE C 43 6.96 -12.04 36.99
C PHE C 43 5.47 -11.88 36.70
N ARG C 44 4.67 -12.87 37.10
CA ARG C 44 3.24 -12.84 36.93
C ARG C 44 2.58 -13.25 38.24
N SER C 45 1.42 -12.68 38.52
CA SER C 45 0.73 -12.91 39.79
C SER C 45 -0.76 -13.12 39.54
N SER C 46 -1.27 -14.25 40.04
CA SER C 46 -2.71 -14.56 39.99
C SER C 46 -3.23 -14.59 38.55
N VAL C 47 -2.36 -14.93 37.62
CA VAL C 47 -2.72 -15.00 36.19
C VAL C 47 -2.42 -16.41 35.70
N LEU C 48 -3.41 -17.04 35.08
CA LEU C 48 -3.26 -18.36 34.49
C LEU C 48 -2.73 -18.20 33.07
N HIS C 49 -1.44 -18.46 32.88
CA HIS C 49 -0.77 -18.26 31.60
C HIS C 49 -0.64 -19.59 30.89
N SER C 50 -0.95 -19.60 29.59
CA SER C 50 -0.80 -20.77 28.75
C SER C 50 0.41 -20.59 27.86
N THR C 51 1.33 -21.55 27.90
CA THR C 51 2.60 -21.44 27.19
C THR C 51 2.89 -22.75 26.46
N GLN C 52 3.70 -22.65 25.41
CA GLN C 52 4.10 -23.80 24.60
C GLN C 52 5.62 -23.89 24.56
N ASP C 53 6.20 -24.56 25.54
CA ASP C 53 7.64 -24.74 25.61
C ASP C 53 7.94 -26.24 25.66
N LEU C 54 9.20 -26.58 25.88
CA LEU C 54 9.63 -27.98 26.01
C LEU C 54 9.35 -28.42 27.45
N PHE C 55 8.41 -29.36 27.59
CA PHE C 55 7.97 -29.82 28.90
C PHE C 55 8.01 -31.34 28.94
N LEU C 56 8.11 -31.88 30.16
CA LEU C 56 8.02 -33.31 30.35
C LEU C 56 6.56 -33.73 30.44
N PRO C 57 6.06 -34.56 29.54
CA PRO C 57 4.63 -34.91 29.55
C PRO C 57 4.25 -35.64 30.83
N PHE C 58 3.02 -35.40 31.26
CA PHE C 58 2.51 -36.01 32.49
C PHE C 58 2.33 -37.51 32.30
N PHE C 59 2.57 -38.25 33.39
CA PHE C 59 2.30 -39.69 33.47
C PHE C 59 3.02 -40.45 32.35
N SER C 60 4.27 -40.09 32.11
CA SER C 60 5.09 -40.79 31.13
C SER C 60 5.87 -41.91 31.81
N ASN C 61 6.78 -42.53 31.06
CA ASN C 61 7.64 -43.58 31.58
C ASN C 61 9.03 -43.03 31.78
N VAL C 62 9.56 -43.17 32.99
CA VAL C 62 10.86 -42.61 33.36
C VAL C 62 11.79 -43.76 33.72
N THR C 63 13.00 -43.73 33.17
CA THR C 63 13.99 -44.77 33.42
C THR C 63 14.41 -44.75 34.89
N TRP C 64 14.70 -45.94 35.43
CA TRP C 64 15.08 -46.08 36.83
C TRP C 64 16.41 -46.81 36.91
N PHE C 65 17.33 -46.25 37.68
CA PHE C 65 18.63 -46.89 37.95
C PHE C 65 18.80 -47.01 39.46
N HIS C 66 19.55 -48.06 39.80
CA HIS C 66 19.75 -48.34 41.24
C HIS C 66 21.25 -48.31 41.54
N VAL C 67 21.61 -47.86 42.72
CA VAL C 67 23.00 -47.82 43.16
C VAL C 67 23.07 -48.32 44.59
N ILE C 68 23.83 -49.39 44.82
CA ILE C 68 24.05 -49.92 46.16
C ILE C 68 25.26 -50.85 46.15
N LYS C 75 25.08 -55.06 45.35
CA LYS C 75 26.17 -54.64 44.50
C LYS C 75 25.64 -54.11 43.16
N ARG C 76 24.98 -52.95 43.21
CA ARG C 76 24.37 -52.35 42.03
C ARG C 76 25.09 -51.05 41.70
N PHE C 77 25.71 -51.00 40.52
CA PHE C 77 26.29 -49.78 39.98
C PHE C 77 25.74 -49.61 38.57
N ASP C 78 25.17 -48.43 38.29
CA ASP C 78 24.61 -48.13 36.98
C ASP C 78 25.33 -46.91 36.42
N ASN C 79 26.19 -47.13 35.43
CA ASN C 79 26.84 -46.05 34.69
C ASN C 79 26.77 -46.34 33.20
N PRO C 80 25.56 -46.32 32.61
CA PRO C 80 25.46 -46.53 31.17
C PRO C 80 25.55 -45.22 30.40
N VAL C 81 25.37 -45.29 29.08
CA VAL C 81 25.38 -44.11 28.22
C VAL C 81 23.96 -43.87 27.74
N LEU C 82 23.46 -42.65 27.93
CA LEU C 82 22.10 -42.31 27.56
C LEU C 82 22.10 -41.14 26.58
N PRO C 83 21.30 -41.20 25.51
CA PRO C 83 21.25 -40.08 24.57
C PRO C 83 20.73 -38.81 25.22
N PHE C 84 20.82 -37.71 24.47
CA PHE C 84 20.41 -36.40 24.96
C PHE C 84 19.16 -35.88 24.26
N ASN C 85 19.11 -35.98 22.93
CA ASN C 85 17.94 -35.62 22.11
C ASN C 85 17.63 -34.13 22.35
N ASP C 86 16.38 -33.78 22.66
CA ASP C 86 16.02 -32.37 22.81
C ASP C 86 16.32 -31.85 24.21
N GLY C 87 16.02 -32.64 25.22
CA GLY C 87 16.26 -32.22 26.59
C GLY C 87 16.26 -33.41 27.51
N VAL C 88 16.70 -33.17 28.75
CA VAL C 88 16.82 -34.22 29.75
C VAL C 88 16.27 -33.70 31.07
N TYR C 89 15.41 -34.50 31.70
CA TYR C 89 14.99 -34.27 33.07
C TYR C 89 15.72 -35.27 33.95
N PHE C 90 16.56 -34.76 34.85
CA PHE C 90 17.43 -35.61 35.67
C PHE C 90 17.00 -35.47 37.12
N ALA C 91 16.61 -36.57 37.72
CA ALA C 91 16.23 -36.61 39.14
C ALA C 91 17.17 -37.55 39.88
N SER C 92 17.14 -37.47 41.21
CA SER C 92 17.95 -38.34 42.06
C SER C 92 17.39 -38.35 43.47
N ILE C 93 16.87 -39.49 43.90
CA ILE C 93 16.56 -39.70 45.32
C ILE C 93 17.85 -40.19 45.97
N GLU C 94 18.26 -39.55 47.06
CA GLU C 94 19.63 -39.67 47.51
C GLU C 94 19.75 -39.42 49.00
N LYS C 95 20.72 -40.10 49.60
CA LYS C 95 21.26 -39.75 50.90
C LYS C 95 22.77 -39.87 50.82
N SER C 96 23.48 -38.99 51.53
CA SER C 96 24.93 -38.87 51.55
C SER C 96 25.52 -38.33 50.25
N ASN C 97 24.69 -38.09 49.23
CA ASN C 97 25.12 -37.44 47.98
C ASN C 97 26.24 -38.22 47.29
N ILE C 98 25.89 -39.42 46.82
CA ILE C 98 26.83 -40.22 46.07
C ILE C 98 27.16 -39.56 44.73
N ILE C 99 26.15 -39.08 44.02
CA ILE C 99 26.36 -38.47 42.71
C ILE C 99 26.99 -37.09 42.88
N ARG C 100 28.07 -36.85 42.13
CA ARG C 100 28.81 -35.60 42.28
C ARG C 100 28.87 -34.81 40.97
N GLY C 101 29.13 -35.49 39.87
CA GLY C 101 29.45 -34.76 38.65
C GLY C 101 28.73 -35.33 37.45
N TRP C 102 28.70 -34.52 36.38
CA TRP C 102 27.98 -34.85 35.15
C TRP C 102 28.93 -34.70 33.97
N ILE C 103 28.86 -35.68 33.06
CA ILE C 103 29.65 -35.71 31.84
C ILE C 103 28.71 -35.63 30.65
N PHE C 104 28.97 -34.68 29.75
CA PHE C 104 28.22 -34.53 28.51
C PHE C 104 29.19 -34.64 27.34
N GLY C 105 28.65 -34.97 26.16
CA GLY C 105 29.48 -35.05 24.98
C GLY C 105 28.78 -35.80 23.86
N THR C 106 29.55 -36.13 22.82
CA THR C 106 29.06 -36.93 21.70
C THR C 106 29.74 -38.29 21.64
N THR C 107 31.07 -38.30 21.54
CA THR C 107 31.85 -39.53 21.50
C THR C 107 32.70 -39.74 22.74
N LEU C 108 32.79 -38.74 23.62
CA LEU C 108 33.46 -38.88 24.92
C LEU C 108 34.92 -39.29 24.75
N ASP C 109 35.60 -38.64 23.81
CA ASP C 109 37.02 -38.89 23.58
C ASP C 109 37.66 -37.60 23.09
N SER C 110 38.87 -37.70 22.56
CA SER C 110 39.60 -36.53 22.08
C SER C 110 39.17 -36.10 20.68
N LYS C 111 38.29 -36.85 20.03
CA LYS C 111 37.85 -36.47 18.68
C LYS C 111 36.90 -35.28 18.71
N THR C 112 35.94 -35.30 19.62
CA THR C 112 34.89 -34.28 19.67
C THR C 112 34.88 -33.60 21.03
N GLN C 113 34.60 -32.30 21.02
CA GLN C 113 34.56 -31.53 22.27
C GLN C 113 33.45 -32.02 23.18
N SER C 114 33.60 -31.74 24.47
CA SER C 114 32.66 -32.20 25.47
C SER C 114 32.54 -31.14 26.57
N LEU C 115 31.65 -31.40 27.53
CA LEU C 115 31.43 -30.50 28.65
C LEU C 115 31.48 -31.31 29.95
N LEU C 116 32.01 -30.71 30.99
CA LEU C 116 32.13 -31.36 32.29
C LEU C 116 31.64 -30.42 33.38
N ILE C 117 30.83 -30.95 34.28
CA ILE C 117 30.38 -30.24 35.47
C ILE C 117 30.55 -31.17 36.67
N VAL C 118 31.27 -30.71 37.68
CA VAL C 118 31.54 -31.50 38.87
C VAL C 118 31.22 -30.67 40.11
N ASN C 119 31.06 -31.37 41.23
CA ASN C 119 30.74 -30.74 42.52
C ASN C 119 31.59 -31.42 43.59
N ASN C 120 32.75 -30.84 43.88
CA ASN C 120 33.62 -31.38 44.92
C ASN C 120 33.14 -30.89 46.28
N ALA C 121 33.92 -31.16 47.34
CA ALA C 121 33.53 -30.77 48.68
C ALA C 121 33.58 -29.26 48.89
N THR C 122 34.17 -28.50 47.97
CA THR C 122 34.35 -27.07 48.13
C THR C 122 33.36 -26.26 47.29
N ASN C 123 33.28 -26.55 46.00
CA ASN C 123 32.51 -25.72 45.08
C ASN C 123 32.06 -26.57 43.89
N VAL C 124 31.61 -25.91 42.83
CA VAL C 124 31.32 -26.55 41.56
C VAL C 124 32.27 -26.01 40.51
N VAL C 125 32.83 -26.90 39.69
CA VAL C 125 33.77 -26.54 38.64
C VAL C 125 33.12 -26.87 37.31
N ILE C 126 33.02 -25.87 36.44
CA ILE C 126 32.45 -26.04 35.11
C ILE C 126 33.57 -25.80 34.11
N LYS C 127 33.85 -26.81 33.29
CA LYS C 127 34.98 -26.78 32.37
C LYS C 127 34.55 -27.31 31.01
N VAL C 128 35.13 -26.75 29.96
CA VAL C 128 34.89 -27.19 28.58
C VAL C 128 36.25 -27.36 27.91
N CYS C 129 36.71 -28.60 27.81
CA CYS C 129 38.00 -28.89 27.19
C CYS C 129 37.87 -30.18 26.40
N GLU C 130 38.92 -30.49 25.65
CA GLU C 130 38.97 -31.72 24.85
C GLU C 130 39.45 -32.88 25.73
N PHE C 131 38.55 -33.34 26.58
CA PHE C 131 38.85 -34.46 27.46
C PHE C 131 39.03 -35.76 26.68
N GLN C 132 39.76 -36.69 27.29
CA GLN C 132 39.88 -38.06 26.79
C GLN C 132 39.40 -38.97 27.91
N PHE C 133 38.12 -39.34 27.85
CA PHE C 133 37.49 -40.06 28.95
C PHE C 133 37.93 -41.52 28.99
N CYS C 134 37.73 -42.14 30.15
CA CYS C 134 37.98 -43.55 30.32
C CYS C 134 36.72 -44.34 29.98
N ASN C 135 36.86 -45.67 29.96
CA ASN C 135 35.71 -46.53 29.72
C ASN C 135 34.69 -46.42 30.86
N ASP C 136 35.16 -46.35 32.10
CA ASP C 136 34.30 -46.24 33.26
C ASP C 136 34.84 -45.18 34.22
N PRO C 137 34.70 -43.90 33.87
CA PRO C 137 35.06 -42.85 34.82
C PRO C 137 34.20 -42.90 36.08
N PHE C 138 34.82 -42.59 37.20
CA PHE C 138 34.16 -42.70 38.50
C PHE C 138 34.93 -41.85 39.51
N LEU C 139 34.40 -41.76 40.72
CA LEU C 139 35.03 -41.04 41.82
C LEU C 139 35.06 -41.93 43.06
N ASP C 140 36.11 -41.74 43.86
CA ASP C 140 36.25 -42.47 45.12
C ASP C 140 36.45 -41.51 46.28
N MET C 148 35.71 -38.20 53.08
CA MET C 148 36.79 -37.51 52.37
C MET C 148 36.98 -38.15 51.00
N GLU C 149 37.09 -37.31 49.97
CA GLU C 149 37.28 -37.77 48.60
C GLU C 149 38.59 -37.19 48.07
N SER C 150 39.51 -38.08 47.68
CA SER C 150 40.79 -37.64 47.13
C SER C 150 41.23 -38.47 45.94
N GLU C 151 40.36 -39.32 45.40
CA GLU C 151 40.70 -40.18 44.26
C GLU C 151 39.91 -39.70 43.05
N PHE C 152 40.61 -39.13 42.07
CA PHE C 152 40.01 -38.57 40.87
C PHE C 152 40.45 -39.40 39.68
N ARG C 153 39.53 -40.16 39.10
CA ARG C 153 39.82 -41.00 37.93
C ARG C 153 38.64 -40.86 36.97
N VAL C 154 38.73 -39.86 36.07
CA VAL C 154 37.66 -39.59 35.12
C VAL C 154 38.22 -39.56 33.71
N TYR C 155 39.26 -38.74 33.51
CA TYR C 155 39.83 -38.50 32.19
C TYR C 155 41.32 -38.83 32.24
N SER C 156 41.92 -38.92 31.05
CA SER C 156 43.35 -39.11 30.92
C SER C 156 44.10 -37.87 30.46
N SER C 157 43.44 -36.99 29.70
CA SER C 157 44.07 -35.77 29.23
C SER C 157 43.00 -34.72 28.96
N ALA C 158 43.43 -33.46 28.98
CA ALA C 158 42.54 -32.33 28.67
C ALA C 158 43.43 -31.19 28.17
N ASN C 159 43.42 -30.95 26.86
CA ASN C 159 44.38 -30.05 26.23
C ASN C 159 43.74 -28.75 25.73
N ASN C 160 42.74 -28.84 24.86
CA ASN C 160 42.14 -27.67 24.24
C ASN C 160 40.94 -27.23 25.08
N CYS C 161 41.14 -26.21 25.91
CA CYS C 161 40.14 -25.73 26.84
C CYS C 161 39.45 -24.50 26.28
N THR C 162 38.13 -24.42 26.49
CA THR C 162 37.32 -23.32 25.98
C THR C 162 36.70 -22.47 27.07
N PHE C 163 35.93 -23.07 27.98
CA PHE C 163 35.15 -22.32 28.96
C PHE C 163 35.37 -22.88 30.35
N GLU C 164 35.60 -21.99 31.31
CA GLU C 164 35.75 -22.34 32.71
C GLU C 164 34.87 -21.44 33.56
N TYR C 165 34.42 -21.97 34.69
CA TYR C 165 33.47 -21.26 35.54
C TYR C 165 33.52 -21.86 36.94
N VAL C 166 33.32 -21.02 37.95
CA VAL C 166 33.33 -21.43 39.34
C VAL C 166 32.10 -20.83 40.03
N SER C 167 31.53 -21.56 40.98
CA SER C 167 30.34 -21.10 41.69
C SER C 167 30.21 -21.86 43.01
N GLN C 168 29.18 -21.49 43.76
CA GLN C 168 28.90 -22.09 45.06
C GLN C 168 28.20 -23.43 44.84
N PRO C 169 28.62 -24.48 45.57
CA PRO C 169 28.20 -25.84 45.22
C PRO C 169 26.70 -26.05 45.25
N PHE C 170 26.21 -26.87 44.31
CA PHE C 170 24.77 -27.03 44.12
C PHE C 170 24.09 -27.58 45.37
N LEU C 171 24.67 -28.61 45.98
CA LEU C 171 24.06 -29.23 47.15
C LEU C 171 24.68 -28.69 48.45
N ASN C 180 16.52 -44.18 55.61
CA ASN C 180 15.52 -43.25 55.11
C ASN C 180 16.16 -42.14 54.28
N PHE C 181 15.88 -42.14 52.99
CA PHE C 181 16.38 -41.09 52.11
C PHE C 181 15.76 -39.76 52.48
N LYS C 182 16.55 -38.69 52.44
CA LYS C 182 16.10 -37.37 52.84
C LYS C 182 16.35 -36.28 51.82
N ASN C 183 17.14 -36.52 50.79
CA ASN C 183 17.45 -35.52 49.78
C ASN C 183 16.98 -35.98 48.41
N LEU C 184 16.31 -35.07 47.70
CA LEU C 184 15.89 -35.30 46.32
C LEU C 184 16.40 -34.14 45.48
N ARG C 185 17.18 -34.45 44.45
CA ARG C 185 17.76 -33.44 43.56
C ARG C 185 17.13 -33.58 42.19
N GLU C 186 16.62 -32.47 41.65
CA GLU C 186 15.84 -32.47 40.42
C GLU C 186 16.42 -31.41 39.49
N PHE C 187 16.70 -31.80 38.24
CA PHE C 187 17.35 -30.91 37.30
C PHE C 187 16.75 -31.04 35.92
N VAL C 188 16.87 -29.98 35.12
CA VAL C 188 16.43 -29.95 33.74
C VAL C 188 17.52 -29.32 32.90
N PHE C 189 17.93 -29.99 31.82
CA PHE C 189 18.96 -29.51 30.92
C PHE C 189 18.31 -29.15 29.60
N LYS C 190 18.67 -27.99 29.05
CA LYS C 190 18.19 -27.57 27.75
C LYS C 190 19.29 -26.84 27.00
N ASN C 191 19.66 -27.40 25.84
CA ASN C 191 20.74 -26.87 25.00
C ASN C 191 20.10 -26.35 23.72
N ILE C 192 19.74 -25.06 23.72
CA ILE C 192 18.97 -24.45 22.64
C ILE C 192 19.62 -23.12 22.27
N ASP C 193 19.74 -22.86 20.97
CA ASP C 193 20.36 -21.64 20.44
C ASP C 193 21.79 -21.47 20.97
N GLY C 194 22.51 -22.58 21.03
CA GLY C 194 23.88 -22.55 21.50
C GLY C 194 24.03 -22.16 22.96
N TYR C 195 22.94 -22.22 23.73
CA TYR C 195 22.96 -21.90 25.15
C TYR C 195 22.59 -23.14 25.93
N PHE C 196 23.11 -23.26 27.14
CA PHE C 196 22.87 -24.41 27.99
C PHE C 196 22.31 -23.89 29.32
N LYS C 197 21.05 -24.25 29.61
CA LYS C 197 20.31 -23.73 30.75
C LYS C 197 20.10 -24.82 31.79
N ILE C 198 20.20 -24.45 33.06
CA ILE C 198 19.99 -25.37 34.17
C ILE C 198 18.87 -24.86 35.05
N TYR C 199 17.90 -25.71 35.33
CA TYR C 199 16.89 -25.48 36.35
C TYR C 199 17.03 -26.53 37.43
N SER C 200 16.81 -26.16 38.67
CA SER C 200 17.08 -27.07 39.77
C SER C 200 16.14 -26.79 40.93
N LYS C 201 16.00 -27.79 41.82
CA LYS C 201 15.11 -27.68 42.98
C LYS C 201 15.35 -28.85 43.95
N HIS C 202 15.83 -28.60 45.17
CA HIS C 202 16.11 -29.62 46.16
C HIS C 202 14.94 -29.73 47.13
N THR C 203 14.59 -30.95 47.50
CA THR C 203 13.43 -31.18 48.34
C THR C 203 13.75 -32.18 49.45
N PRO C 204 13.87 -31.72 50.69
CA PRO C 204 13.95 -32.65 51.83
C PRO C 204 12.82 -33.67 51.78
N ILE C 205 13.18 -34.94 51.80
CA ILE C 205 12.20 -36.02 51.75
C ILE C 205 12.52 -37.08 52.79
N ASP C 212 9.94 -44.77 45.12
CA ASP C 212 9.65 -44.22 43.80
C ASP C 212 9.60 -42.70 43.85
N LEU C 213 9.23 -42.09 42.72
CA LEU C 213 9.11 -40.64 42.68
C LEU C 213 7.90 -40.20 43.50
N PRO C 214 8.04 -39.18 44.34
CA PRO C 214 6.93 -38.81 45.23
C PRO C 214 5.79 -38.15 44.46
N GLN C 215 4.59 -38.31 45.03
CA GLN C 215 3.40 -37.66 44.51
C GLN C 215 3.39 -36.21 44.99
N GLY C 216 3.26 -35.28 44.06
CA GLY C 216 3.21 -33.88 44.44
C GLY C 216 3.56 -33.00 43.26
N PHE C 217 3.63 -31.70 43.54
CA PHE C 217 3.97 -30.70 42.55
C PHE C 217 5.06 -29.78 43.09
N SER C 218 6.05 -29.48 42.25
CA SER C 218 7.11 -28.56 42.64
C SER C 218 7.81 -28.06 41.38
N ALA C 219 7.73 -26.76 41.14
CA ALA C 219 8.35 -26.18 39.96
C ALA C 219 9.87 -26.15 40.11
N LEU C 220 10.54 -25.96 38.97
CA LEU C 220 12.01 -25.95 38.92
C LEU C 220 12.46 -24.52 38.63
N GLU C 221 13.09 -23.88 39.61
CA GLU C 221 13.59 -22.53 39.41
C GLU C 221 14.86 -22.56 38.55
N PRO C 222 15.06 -21.56 37.70
CA PRO C 222 16.31 -21.49 36.94
C PRO C 222 17.49 -21.24 37.85
N LEU C 223 18.64 -21.81 37.48
CA LEU C 223 19.84 -21.69 38.30
C LEU C 223 20.96 -20.95 37.59
N VAL C 224 21.43 -21.46 36.46
CA VAL C 224 22.57 -20.87 35.74
C VAL C 224 22.28 -20.94 34.25
N ASP C 225 23.06 -20.20 33.46
CA ASP C 225 23.00 -20.26 32.01
C ASP C 225 24.42 -20.25 31.46
N LEU C 226 24.65 -21.00 30.39
CA LEU C 226 25.99 -21.18 29.85
C LEU C 226 26.00 -20.89 28.34
N PRO C 227 26.91 -20.05 27.87
CA PRO C 227 27.07 -19.80 26.42
C PRO C 227 28.07 -20.76 25.78
N ILE C 228 27.71 -22.05 25.77
CA ILE C 228 28.64 -23.09 25.33
C ILE C 228 28.55 -23.27 23.82
N GLY C 229 27.39 -23.70 23.33
CA GLY C 229 27.18 -23.88 21.90
C GLY C 229 28.01 -24.97 21.27
N ILE C 230 27.93 -26.19 21.81
CA ILE C 230 28.68 -27.33 21.29
C ILE C 230 27.72 -28.44 20.92
N ASN C 231 28.28 -29.50 20.33
CA ASN C 231 27.50 -30.69 20.01
C ASN C 231 27.40 -31.58 21.23
N ILE C 232 26.16 -31.95 21.60
CA ILE C 232 25.92 -32.94 22.64
C ILE C 232 24.85 -33.89 22.15
N THR C 233 25.13 -35.20 22.24
CA THR C 233 24.15 -36.23 21.93
C THR C 233 24.09 -37.34 22.96
N ARG C 234 25.04 -37.40 23.91
CA ARG C 234 25.04 -38.39 24.97
C ARG C 234 25.56 -37.74 26.24
N PHE C 235 25.26 -38.36 27.38
CA PHE C 235 25.68 -37.79 28.65
C PHE C 235 25.90 -38.91 29.66
N GLN C 236 26.70 -38.61 30.67
CA GLN C 236 27.07 -39.56 31.71
C GLN C 236 26.83 -38.94 33.07
N THR C 237 27.01 -39.74 34.12
CA THR C 237 26.94 -39.30 35.49
C THR C 237 28.13 -39.86 36.27
N LEU C 238 28.48 -39.20 37.37
CA LEU C 238 29.62 -39.58 38.18
C LEU C 238 29.15 -39.91 39.58
N LEU C 239 29.73 -40.98 40.16
CA LEU C 239 29.36 -41.45 41.49
C LEU C 239 30.60 -41.47 42.37
N ALA C 240 30.40 -41.13 43.64
CA ALA C 240 31.48 -41.10 44.62
C ALA C 240 31.45 -42.40 45.42
N LEU C 241 32.16 -43.40 44.92
CA LEU C 241 32.19 -44.71 45.58
C LEU C 241 32.92 -44.61 46.91
N HIS C 242 32.38 -45.29 47.91
CA HIS C 242 32.93 -45.28 49.26
C HIS C 242 33.85 -46.47 49.46
N ARG C 243 35.04 -46.21 49.99
CA ARG C 243 36.04 -47.23 50.24
C ARG C 243 36.05 -47.60 51.72
N SER C 244 36.01 -48.89 52.00
CA SER C 244 36.02 -49.39 53.37
C SER C 244 37.19 -50.32 53.62
N GLY C 254 37.69 -53.27 48.95
CA GLY C 254 37.42 -52.63 47.67
C GLY C 254 36.63 -51.36 47.78
N TRP C 255 35.50 -51.31 47.08
CA TRP C 255 34.63 -50.14 47.08
C TRP C 255 33.21 -50.56 47.44
N THR C 256 32.52 -49.72 48.19
CA THR C 256 31.14 -49.93 48.58
C THR C 256 30.30 -48.73 48.16
N ALA C 257 29.12 -49.00 47.61
CA ALA C 257 28.21 -47.96 47.17
C ALA C 257 26.99 -47.92 48.09
N GLY C 258 26.70 -46.73 48.60
CA GLY C 258 25.53 -46.57 49.43
C GLY C 258 24.24 -46.65 48.63
N ALA C 259 23.13 -46.73 49.36
CA ALA C 259 21.82 -46.85 48.72
C ALA C 259 21.49 -45.55 47.99
N ALA C 260 21.20 -45.66 46.68
CA ALA C 260 20.92 -44.50 45.86
C ALA C 260 20.14 -44.95 44.64
N ALA C 261 19.51 -43.98 43.98
CA ALA C 261 18.73 -44.22 42.77
C ALA C 261 18.48 -42.89 42.05
N TYR C 262 18.59 -42.93 40.73
CA TYR C 262 18.35 -41.74 39.92
C TYR C 262 17.56 -42.12 38.68
N TYR C 263 16.92 -41.12 38.08
CA TYR C 263 15.99 -41.31 36.98
C TYR C 263 16.33 -40.35 35.85
N VAL C 264 15.90 -40.69 34.64
CA VAL C 264 16.14 -39.89 33.44
C VAL C 264 14.84 -39.75 32.68
N GLY C 265 14.46 -38.51 32.39
CA GLY C 265 13.29 -38.25 31.58
C GLY C 265 13.68 -37.65 30.24
N TYR C 266 12.68 -37.36 29.43
CA TYR C 266 12.89 -36.77 28.12
C TYR C 266 11.83 -35.70 27.85
N LEU C 267 12.26 -34.58 27.30
CA LEU C 267 11.37 -33.45 27.04
C LEU C 267 10.71 -33.59 25.67
N GLN C 268 9.53 -32.98 25.57
CA GLN C 268 8.77 -32.91 24.32
C GLN C 268 8.13 -31.53 24.22
N PRO C 269 7.87 -31.07 22.99
CA PRO C 269 7.18 -29.77 22.83
C PRO C 269 5.67 -29.95 22.97
N ARG C 270 5.09 -29.25 23.94
CA ARG C 270 3.65 -29.32 24.17
C ARG C 270 3.22 -28.08 24.93
N THR C 271 1.91 -27.97 25.15
CA THR C 271 1.29 -26.80 25.75
C THR C 271 0.80 -27.13 27.15
N PHE C 272 1.17 -26.31 28.12
CA PHE C 272 0.69 -26.45 29.48
C PHE C 272 -0.13 -25.22 29.86
N LEU C 273 -0.82 -25.31 31.00
CA LEU C 273 -1.55 -24.19 31.58
C LEU C 273 -1.10 -24.00 33.01
N LEU C 274 -0.16 -23.08 33.21
CA LEU C 274 0.44 -22.85 34.52
C LEU C 274 -0.36 -21.82 35.28
N LYS C 275 -0.68 -22.12 36.54
CA LYS C 275 -1.37 -21.20 37.43
C LYS C 275 -0.34 -20.61 38.39
N TYR C 276 -0.41 -19.31 38.59
CA TYR C 276 0.46 -18.61 39.53
C TYR C 276 -0.36 -18.23 40.76
N ASN C 277 0.29 -18.15 41.91
CA ASN C 277 -0.34 -17.66 43.12
C ASN C 277 -0.25 -16.13 43.13
N GLU C 278 -0.62 -15.52 44.25
CA GLU C 278 -0.46 -14.08 44.36
C GLU C 278 0.99 -13.68 44.58
N ASN C 279 1.85 -14.64 44.93
CA ASN C 279 3.26 -14.37 45.16
C ASN C 279 4.15 -14.68 43.96
N GLY C 280 3.56 -15.12 42.84
CA GLY C 280 4.34 -15.48 41.68
C GLY C 280 4.93 -16.87 41.71
N THR C 281 4.41 -17.76 42.55
CA THR C 281 4.92 -19.13 42.65
C THR C 281 3.98 -20.07 41.92
N ILE C 282 4.53 -20.88 41.02
CA ILE C 282 3.73 -21.84 40.28
C ILE C 282 3.26 -22.95 41.22
N THR C 283 1.95 -23.09 41.36
CA THR C 283 1.38 -24.03 42.31
C THR C 283 0.63 -25.19 41.68
N ASP C 284 0.15 -25.05 40.45
CA ASP C 284 -0.58 -26.14 39.81
C ASP C 284 -0.53 -25.95 38.30
N ALA C 285 -0.50 -27.06 37.59
CA ALA C 285 -0.40 -27.04 36.13
C ALA C 285 -1.33 -28.09 35.54
N VAL C 286 -1.68 -27.90 34.28
CA VAL C 286 -2.55 -28.81 33.54
C VAL C 286 -1.96 -29.02 32.15
N ASP C 287 -1.84 -30.28 31.76
CA ASP C 287 -1.37 -30.62 30.41
C ASP C 287 -2.54 -30.51 29.44
N CYS C 288 -2.30 -29.88 28.29
CA CYS C 288 -3.37 -29.59 27.35
C CYS C 288 -3.56 -30.68 26.29
N ALA C 289 -2.80 -31.79 26.38
CA ALA C 289 -2.95 -32.85 25.39
C ALA C 289 -2.90 -34.24 26.04
N LEU C 290 -3.38 -34.39 27.27
CA LEU C 290 -3.28 -35.67 27.96
C LEU C 290 -4.55 -36.51 27.76
N ASP C 291 -5.70 -35.97 28.15
CA ASP C 291 -6.97 -36.65 28.05
C ASP C 291 -8.05 -35.61 27.78
N PRO C 292 -9.23 -36.04 27.33
CA PRO C 292 -10.25 -35.04 26.93
C PRO C 292 -10.60 -34.03 28.01
N LEU C 293 -10.61 -34.44 29.28
CA LEU C 293 -10.97 -33.50 30.35
C LEU C 293 -9.93 -32.39 30.47
N SER C 294 -8.64 -32.75 30.41
CA SER C 294 -7.60 -31.74 30.49
C SER C 294 -7.63 -30.82 29.28
N GLU C 295 -7.93 -31.36 28.10
CA GLU C 295 -8.06 -30.53 26.91
C GLU C 295 -9.23 -29.56 27.06
N THR C 296 -10.34 -30.02 27.65
CA THR C 296 -11.47 -29.13 27.91
C THR C 296 -11.08 -28.02 28.89
N LYS C 297 -10.33 -28.37 29.94
CA LYS C 297 -9.87 -27.36 30.89
C LYS C 297 -8.98 -26.33 30.20
N CYS C 298 -8.08 -26.81 29.33
CA CYS C 298 -7.19 -25.90 28.62
C CYS C 298 -7.96 -24.98 27.68
N THR C 299 -8.96 -25.52 26.99
CA THR C 299 -9.77 -24.71 26.09
C THR C 299 -10.58 -23.66 26.86
N LEU C 300 -11.16 -24.05 27.99
CA LEU C 300 -11.98 -23.14 28.78
C LEU C 300 -11.15 -22.13 29.55
N LYS C 301 -9.85 -22.37 29.70
CA LYS C 301 -8.96 -21.49 30.47
C LYS C 301 -9.40 -21.39 31.92
N SER C 302 -9.75 -22.53 32.51
CA SER C 302 -10.12 -22.59 33.92
C SER C 302 -9.77 -23.96 34.46
N PHE C 303 -9.63 -24.03 35.78
CA PHE C 303 -9.27 -25.28 36.44
C PHE C 303 -10.48 -26.09 36.91
N THR C 304 -11.68 -25.54 36.80
CA THR C 304 -12.90 -26.25 37.15
C THR C 304 -13.86 -26.17 35.97
N VAL C 305 -14.45 -27.32 35.61
CA VAL C 305 -15.34 -27.41 34.47
C VAL C 305 -16.75 -27.70 34.99
N GLU C 306 -17.70 -26.87 34.57
CA GLU C 306 -19.09 -27.06 34.97
C GLU C 306 -19.75 -28.07 34.03
N LYS C 307 -20.82 -28.70 34.54
CA LYS C 307 -21.51 -29.73 33.78
C LYS C 307 -22.10 -29.15 32.50
N GLY C 308 -21.90 -29.87 31.40
CA GLY C 308 -22.44 -29.43 30.12
C GLY C 308 -21.70 -30.09 28.98
N ILE C 309 -21.86 -29.49 27.79
CA ILE C 309 -21.21 -29.94 26.57
C ILE C 309 -20.27 -28.83 26.10
N TYR C 310 -19.02 -29.19 25.83
CA TYR C 310 -18.02 -28.24 25.39
C TYR C 310 -17.36 -28.75 24.12
N GLN C 311 -17.29 -27.90 23.11
CA GLN C 311 -16.61 -28.25 21.86
C GLN C 311 -15.15 -27.84 21.98
N THR C 312 -14.24 -28.83 21.90
CA THR C 312 -12.83 -28.59 22.19
C THR C 312 -12.03 -28.28 20.93
N SER C 313 -12.00 -29.22 19.98
CA SER C 313 -11.12 -29.12 18.83
C SER C 313 -11.69 -29.97 17.71
N ASN C 314 -10.85 -30.26 16.70
CA ASN C 314 -11.20 -31.13 15.59
C ASN C 314 -10.13 -32.19 15.44
N PHE C 315 -10.51 -33.33 14.87
CA PHE C 315 -9.58 -34.43 14.63
C PHE C 315 -9.32 -34.56 13.14
N ARG C 316 -8.05 -34.77 12.79
CA ARG C 316 -7.65 -34.86 11.39
C ARG C 316 -6.71 -36.04 11.21
N VAL C 317 -6.85 -36.73 10.09
CA VAL C 317 -6.00 -37.87 9.75
C VAL C 317 -4.78 -37.33 9.00
N GLN C 318 -3.63 -37.36 9.66
CA GLN C 318 -2.43 -36.79 9.08
C GLN C 318 -1.95 -37.63 7.88
N PRO C 319 -1.38 -36.99 6.87
CA PRO C 319 -0.86 -37.73 5.72
C PRO C 319 0.39 -38.52 6.07
N THR C 320 0.65 -39.56 5.28
CA THR C 320 1.73 -40.49 5.55
C THR C 320 2.86 -40.41 4.54
N GLU C 321 2.57 -40.61 3.26
CA GLU C 321 3.62 -40.63 2.24
C GLU C 321 3.68 -39.31 1.49
N SER C 322 4.69 -39.21 0.62
CA SER C 322 4.86 -38.08 -0.28
C SER C 322 5.09 -38.62 -1.68
N ILE C 323 4.28 -38.19 -2.64
CA ILE C 323 4.30 -38.72 -4.00
C ILE C 323 4.44 -37.58 -4.99
N VAL C 324 5.30 -37.77 -5.99
CA VAL C 324 5.51 -36.79 -7.05
C VAL C 324 5.41 -37.50 -8.39
N ARG C 325 4.67 -36.91 -9.33
CA ARG C 325 4.51 -37.45 -10.67
C ARG C 325 4.73 -36.34 -11.69
N PHE C 326 5.97 -36.20 -12.16
CA PHE C 326 6.31 -35.24 -13.20
C PHE C 326 6.33 -35.94 -14.55
N PRO C 327 6.20 -35.20 -15.64
CA PRO C 327 6.18 -35.83 -16.97
C PRO C 327 7.50 -36.53 -17.27
N ASN C 328 7.39 -37.59 -18.07
CA ASN C 328 8.51 -38.48 -18.36
C ASN C 328 9.18 -38.01 -19.65
N ILE C 329 10.09 -37.05 -19.52
CA ILE C 329 10.95 -36.62 -20.63
C ILE C 329 12.36 -36.46 -20.11
N THR C 330 13.33 -36.50 -21.03
CA THR C 330 14.72 -36.16 -20.72
C THR C 330 15.36 -35.56 -21.98
N ASN C 331 15.48 -34.23 -21.98
CA ASN C 331 16.06 -33.50 -23.09
C ASN C 331 16.46 -32.11 -22.61
N LEU C 332 17.75 -31.80 -22.64
CA LEU C 332 18.20 -30.50 -22.14
C LEU C 332 17.75 -29.39 -23.08
N CYS C 333 17.25 -28.31 -22.49
CA CYS C 333 16.77 -27.19 -23.28
C CYS C 333 17.96 -26.43 -23.88
N PRO C 334 17.84 -25.99 -25.13
CA PRO C 334 18.97 -25.29 -25.80
C PRO C 334 19.26 -23.92 -25.21
N PHE C 335 19.83 -23.91 -24.00
CA PHE C 335 20.26 -22.67 -23.37
C PHE C 335 21.66 -22.25 -23.80
N ASP C 336 22.48 -23.20 -24.23
CA ASP C 336 23.84 -22.87 -24.66
C ASP C 336 23.82 -21.99 -25.91
N GLU C 337 22.94 -22.29 -26.86
CA GLU C 337 22.87 -21.53 -28.10
C GLU C 337 22.32 -20.14 -27.92
N VAL C 338 21.76 -19.81 -26.76
CA VAL C 338 21.19 -18.50 -26.50
C VAL C 338 22.19 -17.60 -25.75
N PHE C 339 22.70 -18.07 -24.62
CA PHE C 339 23.59 -17.25 -23.80
C PHE C 339 24.99 -17.15 -24.37
N ASN C 340 25.47 -18.19 -25.05
CA ASN C 340 26.82 -18.22 -25.58
C ASN C 340 26.87 -17.82 -27.05
N ALA C 341 25.80 -17.23 -27.58
CA ALA C 341 25.79 -16.78 -28.96
C ALA C 341 26.83 -15.68 -29.17
N THR C 342 27.43 -15.67 -30.37
CA THR C 342 28.48 -14.71 -30.66
C THR C 342 27.94 -13.31 -30.93
N ARG C 343 26.75 -13.20 -31.53
CA ARG C 343 26.22 -11.90 -31.94
C ARG C 343 24.77 -11.80 -31.48
N PHE C 344 24.50 -10.84 -30.60
CA PHE C 344 23.14 -10.53 -30.19
C PHE C 344 22.56 -9.45 -31.09
N ALA C 345 21.26 -9.54 -31.34
CA ALA C 345 20.59 -8.62 -32.23
C ALA C 345 20.49 -7.23 -31.59
N SER C 346 20.20 -6.24 -32.43
CA SER C 346 20.01 -4.88 -31.95
C SER C 346 18.77 -4.79 -31.06
N VAL C 347 18.79 -3.83 -30.15
CA VAL C 347 17.71 -3.72 -29.16
C VAL C 347 16.39 -3.43 -29.85
N TYR C 348 16.38 -2.52 -30.84
CA TYR C 348 15.13 -2.19 -31.51
C TYR C 348 14.58 -3.38 -32.28
N ALA C 349 15.44 -4.12 -32.99
CA ALA C 349 15.04 -5.35 -33.65
C ALA C 349 15.43 -6.57 -32.82
N TRP C 350 14.83 -6.67 -31.64
CA TRP C 350 15.18 -7.74 -30.72
C TRP C 350 14.72 -9.09 -31.24
N ASN C 351 15.51 -10.11 -30.92
CA ASN C 351 15.24 -11.47 -31.34
C ASN C 351 14.25 -12.15 -30.40
N ARG C 352 13.72 -13.29 -30.84
CA ARG C 352 12.76 -14.05 -30.07
C ARG C 352 12.99 -15.53 -30.31
N LYS C 353 12.91 -16.33 -29.24
CA LYS C 353 13.10 -17.77 -29.32
C LYS C 353 12.04 -18.46 -28.48
N ARG C 354 11.57 -19.62 -28.96
CA ARG C 354 10.58 -20.43 -28.25
C ARG C 354 11.25 -21.70 -27.72
N ILE C 355 11.06 -21.98 -26.44
CA ILE C 355 11.60 -23.16 -25.80
C ILE C 355 10.44 -24.03 -25.34
N SER C 356 10.42 -25.28 -25.77
CA SER C 356 9.35 -26.19 -25.41
C SER C 356 9.82 -27.63 -25.56
N ASN C 357 9.11 -28.53 -24.89
CA ASN C 357 9.36 -29.98 -24.98
C ASN C 357 10.79 -30.33 -24.58
N CYS C 358 11.23 -29.78 -23.45
CA CYS C 358 12.55 -30.10 -22.92
C CYS C 358 12.57 -29.81 -21.43
N VAL C 359 13.37 -30.57 -20.69
CA VAL C 359 13.58 -30.32 -19.28
C VAL C 359 14.59 -29.19 -19.13
N ALA C 360 14.21 -28.15 -18.39
CA ALA C 360 15.04 -26.95 -18.24
C ALA C 360 15.70 -26.96 -16.87
N ASP C 361 17.02 -26.97 -16.87
CA ASP C 361 17.82 -26.86 -15.64
C ASP C 361 18.53 -25.52 -15.66
N TYR C 362 18.34 -24.75 -14.61
CA TYR C 362 18.95 -23.43 -14.49
C TYR C 362 20.28 -23.45 -13.73
N SER C 363 20.77 -24.64 -13.37
CA SER C 363 22.04 -24.72 -12.66
C SER C 363 23.19 -24.20 -13.51
N VAL C 364 23.09 -24.33 -14.84
CA VAL C 364 24.14 -23.84 -15.71
C VAL C 364 24.19 -22.31 -15.67
N LEU C 365 23.06 -21.66 -15.40
CA LEU C 365 22.96 -20.22 -15.56
C LEU C 365 23.67 -19.44 -14.46
N TYR C 366 24.53 -20.07 -13.66
CA TYR C 366 25.34 -19.35 -12.69
C TYR C 366 26.83 -19.38 -13.01
N ASN C 367 27.24 -19.86 -14.19
CA ASN C 367 28.64 -19.92 -14.56
C ASN C 367 29.06 -18.79 -15.48
N LEU C 368 28.20 -17.80 -15.71
CA LEU C 368 28.51 -16.67 -16.58
C LEU C 368 29.39 -15.67 -15.83
N ALA C 369 29.49 -14.46 -16.36
CA ALA C 369 30.29 -13.42 -15.72
C ALA C 369 29.84 -13.22 -14.27
N PRO C 370 30.78 -13.03 -13.35
CA PRO C 370 30.44 -13.09 -11.93
C PRO C 370 29.47 -12.02 -11.47
N PHE C 371 29.19 -11.01 -12.29
CA PHE C 371 28.35 -9.90 -11.85
C PHE C 371 27.07 -9.78 -12.68
N PHE C 372 26.44 -10.92 -12.97
CA PHE C 372 25.24 -10.90 -13.85
C PHE C 372 23.97 -10.65 -13.02
N THR C 373 22.94 -10.09 -13.66
CA THR C 373 21.67 -9.81 -12.94
C THR C 373 20.74 -11.03 -13.05
N PHE C 374 19.99 -11.33 -11.99
CA PHE C 374 19.02 -12.46 -12.04
C PHE C 374 17.67 -11.97 -11.51
N LYS C 375 17.48 -10.65 -11.44
CA LYS C 375 16.21 -10.07 -10.94
C LYS C 375 15.03 -10.87 -11.51
N CYS C 376 14.07 -11.25 -10.65
CA CYS C 376 12.93 -12.02 -11.12
C CYS C 376 11.64 -11.37 -10.64
N TYR C 377 10.59 -11.48 -11.46
CA TYR C 377 9.28 -10.93 -11.15
C TYR C 377 8.29 -12.07 -10.99
N GLY C 378 7.64 -12.14 -9.83
CA GLY C 378 6.57 -13.08 -9.58
C GLY C 378 7.00 -14.50 -9.28
N VAL C 379 8.29 -14.80 -9.41
CA VAL C 379 8.82 -16.13 -9.10
C VAL C 379 10.14 -15.96 -8.37
N SER C 380 10.36 -16.75 -7.33
CA SER C 380 11.63 -16.71 -6.61
C SER C 380 12.71 -17.44 -7.40
N PRO C 381 13.82 -16.78 -7.73
CA PRO C 381 14.85 -17.45 -8.55
C PRO C 381 15.52 -18.63 -7.85
N THR C 382 15.45 -18.70 -6.52
CA THR C 382 16.21 -19.73 -5.80
C THR C 382 15.65 -21.12 -6.09
N LYS C 383 14.33 -21.24 -6.25
CA LYS C 383 13.67 -22.52 -6.44
C LYS C 383 12.95 -22.59 -7.78
N LEU C 384 13.60 -22.11 -8.84
CA LEU C 384 13.06 -22.20 -10.19
C LEU C 384 12.99 -23.64 -10.71
N ASN C 385 13.63 -24.58 -10.02
CA ASN C 385 13.73 -25.95 -10.51
C ASN C 385 12.59 -26.85 -10.03
N ASP C 386 11.67 -26.33 -9.23
CA ASP C 386 10.57 -27.13 -8.70
C ASP C 386 9.29 -26.95 -9.52
N LEU C 387 8.79 -25.73 -9.63
CA LEU C 387 7.62 -25.47 -10.47
C LEU C 387 8.00 -25.67 -11.93
N CYS C 388 6.98 -25.80 -12.78
CA CYS C 388 7.24 -25.91 -14.21
C CYS C 388 6.10 -25.28 -14.99
N PHE C 389 6.46 -24.66 -16.11
CA PHE C 389 5.42 -23.85 -16.80
C PHE C 389 4.92 -24.47 -18.09
N THR C 390 4.26 -23.63 -18.88
CA THR C 390 3.67 -24.06 -20.15
C THR C 390 4.62 -23.84 -21.32
N ASN C 391 4.95 -22.58 -21.60
CA ASN C 391 5.87 -22.24 -22.68
C ASN C 391 6.81 -21.15 -22.19
N VAL C 392 8.01 -21.13 -22.77
CA VAL C 392 9.06 -20.21 -22.37
C VAL C 392 9.54 -19.44 -23.60
N TYR C 393 9.65 -18.12 -23.46
CA TYR C 393 10.17 -17.26 -24.51
C TYR C 393 11.48 -16.63 -24.02
N ALA C 394 12.47 -16.56 -24.90
CA ALA C 394 13.77 -15.99 -24.58
C ALA C 394 14.11 -14.90 -25.58
N ASP C 395 14.12 -13.66 -25.13
CA ASP C 395 14.45 -12.50 -25.96
C ASP C 395 15.82 -12.00 -25.55
N SER C 396 16.68 -11.73 -26.54
CA SER C 396 18.05 -11.30 -26.29
C SER C 396 18.39 -10.07 -27.12
N PHE C 397 19.12 -9.15 -26.52
CA PHE C 397 19.58 -7.93 -27.20
C PHE C 397 20.74 -7.36 -26.40
N VAL C 398 21.24 -6.21 -26.86
CA VAL C 398 22.36 -5.52 -26.21
C VAL C 398 21.99 -4.07 -26.02
N ILE C 399 22.13 -3.56 -24.79
CA ILE C 399 21.79 -2.19 -24.45
C ILE C 399 22.93 -1.59 -23.63
N ARG C 400 22.80 -0.30 -23.34
CA ARG C 400 23.80 0.42 -22.57
C ARG C 400 23.67 0.09 -21.07
N GLY C 401 24.73 0.39 -20.33
CA GLY C 401 24.74 0.07 -18.91
C GLY C 401 23.73 0.89 -18.11
N ASP C 402 23.62 2.18 -18.43
CA ASP C 402 22.73 3.06 -17.67
C ASP C 402 21.27 2.71 -17.92
N GLU C 403 20.94 2.14 -19.08
CA GLU C 403 19.57 1.87 -19.46
C GLU C 403 19.09 0.49 -19.04
N VAL C 404 19.92 -0.29 -18.32
CA VAL C 404 19.51 -1.62 -17.89
C VAL C 404 18.35 -1.53 -16.92
N ARG C 405 18.23 -0.43 -16.19
CA ARG C 405 17.14 -0.29 -15.23
C ARG C 405 15.80 -0.02 -15.91
N GLN C 406 15.82 0.38 -17.18
CA GLN C 406 14.57 0.61 -17.91
C GLN C 406 13.87 -0.69 -18.28
N ILE C 407 14.56 -1.83 -18.17
CA ILE C 407 13.96 -3.13 -18.50
C ILE C 407 13.27 -3.62 -17.23
N ALA C 408 12.02 -3.15 -17.04
CA ALA C 408 11.21 -3.52 -15.90
C ALA C 408 9.79 -3.07 -16.18
N PRO C 409 8.78 -3.75 -15.63
CA PRO C 409 7.40 -3.34 -15.90
C PRO C 409 7.12 -1.94 -15.36
N GLY C 410 6.38 -1.16 -16.14
CA GLY C 410 5.96 0.15 -15.73
C GLY C 410 6.99 1.25 -15.87
N GLN C 411 8.21 0.93 -16.29
CA GLN C 411 9.25 1.93 -16.43
C GLN C 411 9.01 2.77 -17.69
N THR C 412 9.63 3.95 -17.71
CA THR C 412 9.53 4.87 -18.83
C THR C 412 10.92 5.36 -19.20
N GLY C 413 11.06 5.76 -20.45
CA GLY C 413 12.32 6.24 -20.97
C GLY C 413 12.42 5.95 -22.45
N ASN C 414 13.64 6.09 -22.97
CA ASN C 414 13.86 5.87 -24.40
C ASN C 414 13.69 4.41 -24.76
N ILE C 415 14.32 3.50 -24.01
CA ILE C 415 14.29 2.09 -24.36
C ILE C 415 12.90 1.50 -24.10
N ALA C 416 12.31 1.82 -22.95
CA ALA C 416 11.04 1.21 -22.58
C ALA C 416 9.92 1.66 -23.51
N ASP C 417 9.98 2.89 -24.01
CA ASP C 417 8.87 3.44 -24.77
C ASP C 417 8.98 3.19 -26.27
N TYR C 418 10.19 3.28 -26.83
CA TYR C 418 10.36 3.26 -28.28
C TYR C 418 11.04 2.02 -28.82
N ASN C 419 11.64 1.19 -27.96
CA ASN C 419 12.38 0.03 -28.43
C ASN C 419 11.82 -1.29 -27.92
N TYR C 420 11.56 -1.40 -26.62
CA TYR C 420 11.13 -2.67 -26.03
C TYR C 420 10.30 -2.37 -24.80
N LYS C 421 9.02 -2.73 -24.84
CA LYS C 421 8.09 -2.47 -23.75
C LYS C 421 7.64 -3.78 -23.13
N LEU C 422 7.62 -3.80 -21.79
CA LEU C 422 7.18 -4.97 -21.04
C LEU C 422 5.77 -4.75 -20.51
N PRO C 423 4.95 -5.81 -20.43
CA PRO C 423 3.61 -5.67 -19.86
C PRO C 423 3.67 -5.36 -18.38
N ASP C 424 2.59 -4.73 -17.89
CA ASP C 424 2.52 -4.37 -16.48
C ASP C 424 2.56 -5.61 -15.58
N ASP C 425 1.76 -6.62 -15.91
CA ASP C 425 1.70 -7.85 -15.12
C ASP C 425 2.66 -8.91 -15.66
N PHE C 426 3.92 -8.52 -15.83
CA PHE C 426 4.92 -9.44 -16.36
C PHE C 426 5.35 -10.44 -15.30
N THR C 427 5.58 -11.68 -15.73
CA THR C 427 6.14 -12.72 -14.89
C THR C 427 7.34 -13.34 -15.60
N GLY C 428 8.43 -13.52 -14.88
CA GLY C 428 9.64 -14.09 -15.42
C GLY C 428 10.87 -13.46 -14.80
N CYS C 429 12.01 -13.68 -15.46
CA CYS C 429 13.28 -13.20 -14.98
C CYS C 429 14.03 -12.52 -16.11
N VAL C 430 14.86 -11.53 -15.75
CA VAL C 430 15.72 -10.84 -16.69
C VAL C 430 17.16 -10.99 -16.21
N ILE C 431 18.06 -11.35 -17.12
CA ILE C 431 19.47 -11.56 -16.80
C ILE C 431 20.28 -10.61 -17.67
N ALA C 432 21.12 -9.80 -17.04
CA ALA C 432 21.97 -8.86 -17.74
C ALA C 432 23.36 -8.91 -17.13
N TRP C 433 24.38 -9.06 -17.98
CA TRP C 433 25.77 -9.07 -17.54
C TRP C 433 26.61 -8.24 -18.49
N ASN C 434 27.70 -7.68 -17.96
CA ASN C 434 28.60 -6.86 -18.76
C ASN C 434 29.31 -7.71 -19.80
N SER C 435 29.45 -7.17 -21.01
CA SER C 435 30.13 -7.84 -22.10
C SER C 435 31.04 -6.85 -22.83
N ASN C 436 31.83 -6.11 -22.06
CA ASN C 436 32.76 -5.15 -22.65
C ASN C 436 33.88 -5.81 -23.43
N LYS C 437 34.14 -7.10 -23.18
CA LYS C 437 35.24 -7.78 -23.83
C LYS C 437 34.89 -8.34 -25.20
N LEU C 438 33.60 -8.35 -25.58
CA LEU C 438 33.17 -8.96 -26.82
C LEU C 438 32.45 -8.01 -27.77
N ASP C 439 31.93 -6.89 -27.29
CA ASP C 439 31.15 -5.98 -28.13
C ASP C 439 31.73 -4.57 -28.11
N SER C 440 33.05 -4.45 -27.95
CA SER C 440 33.72 -3.15 -27.92
C SER C 440 34.83 -3.13 -28.96
N LYS C 441 34.86 -2.08 -29.76
CA LYS C 441 35.90 -1.86 -30.74
C LYS C 441 36.66 -0.58 -30.42
N VAL C 442 37.98 -0.63 -30.54
CA VAL C 442 38.79 0.57 -30.33
C VAL C 442 38.40 1.65 -31.33
N SER C 443 38.26 1.27 -32.60
CA SER C 443 37.72 2.19 -33.58
C SER C 443 36.28 2.56 -33.26
N GLY C 444 35.48 1.59 -32.83
CA GLY C 444 34.10 1.82 -32.47
C GLY C 444 33.13 0.91 -33.17
N ASN C 445 32.33 0.19 -32.41
CA ASN C 445 31.30 -0.69 -32.97
C ASN C 445 30.06 0.13 -33.28
N TYR C 446 29.52 -0.04 -34.49
CA TYR C 446 28.33 0.68 -34.91
C TYR C 446 27.19 -0.26 -35.30
N ASN C 447 27.36 -1.56 -35.11
CA ASN C 447 26.36 -2.54 -35.49
C ASN C 447 25.16 -2.57 -34.55
N TYR C 448 25.23 -1.91 -33.40
CA TYR C 448 24.15 -1.89 -32.42
C TYR C 448 23.48 -0.54 -32.48
N LEU C 449 22.22 -0.52 -32.93
CA LEU C 449 21.45 0.71 -33.07
C LEU C 449 20.30 0.71 -32.07
N TYR C 450 19.57 1.81 -32.06
CA TYR C 450 18.40 1.96 -31.20
C TYR C 450 17.53 3.09 -31.72
N ARG C 451 16.22 2.97 -31.48
CA ARG C 451 15.27 3.98 -31.95
C ARG C 451 15.17 5.12 -30.94
N LEU C 452 15.20 6.34 -31.45
CA LEU C 452 15.12 7.53 -30.61
C LEU C 452 13.85 8.33 -30.79
N PHE C 453 13.34 8.36 -32.03
CA PHE C 453 12.10 9.10 -32.32
C PHE C 453 10.99 8.17 -32.81
N ARG C 454 9.80 8.24 -32.21
CA ARG C 454 8.66 7.46 -32.67
C ARG C 454 7.39 8.26 -32.40
N LYS C 455 6.39 8.06 -33.27
CA LYS C 455 5.15 8.82 -33.16
C LYS C 455 4.41 8.48 -31.87
N SER C 456 4.34 7.20 -31.52
CA SER C 456 3.54 6.77 -30.38
C SER C 456 4.29 5.71 -29.59
N ASN C 457 3.80 5.44 -28.38
CA ASN C 457 4.44 4.48 -27.50
C ASN C 457 4.26 3.06 -28.02
N LEU C 458 5.24 2.21 -27.70
CA LEU C 458 5.16 0.81 -28.09
C LEU C 458 4.34 0.02 -27.07
N LYS C 459 3.37 -0.75 -27.55
CA LYS C 459 2.63 -1.62 -26.66
C LYS C 459 3.50 -2.83 -26.30
N PRO C 460 3.22 -3.49 -25.18
CA PRO C 460 4.14 -4.54 -24.71
C PRO C 460 4.37 -5.62 -25.73
N PHE C 461 5.64 -6.06 -25.81
CA PHE C 461 6.08 -7.11 -26.73
C PHE C 461 5.74 -6.76 -28.18
N GLU C 462 6.27 -5.62 -28.63
CA GLU C 462 6.07 -5.14 -29.98
C GLU C 462 7.43 -4.85 -30.63
N ARG C 463 7.55 -5.24 -31.89
CA ARG C 463 8.74 -4.98 -32.68
C ARG C 463 8.42 -3.96 -33.77
N ASP C 464 9.26 -2.95 -33.90
CA ASP C 464 9.06 -1.87 -34.88
C ASP C 464 10.40 -1.62 -35.57
N ILE C 465 10.52 -2.11 -36.80
CA ILE C 465 11.74 -1.95 -37.60
C ILE C 465 11.57 -0.90 -38.68
N SER C 466 10.58 -0.02 -38.55
CA SER C 466 10.37 1.02 -39.55
C SER C 466 11.53 2.00 -39.54
N THR C 467 11.97 2.40 -40.74
CA THR C 467 13.08 3.33 -40.92
C THR C 467 12.64 4.62 -41.59
N GLU C 468 11.34 4.93 -41.54
CA GLU C 468 10.83 6.12 -42.18
C GLU C 468 11.29 7.38 -41.43
N ILE C 469 11.35 8.49 -42.17
CA ILE C 469 11.77 9.75 -41.57
C ILE C 469 10.73 10.22 -40.55
N TYR C 470 11.20 10.92 -39.52
CA TYR C 470 10.35 11.41 -38.44
C TYR C 470 10.02 12.88 -38.68
N GLN C 471 8.72 13.20 -38.66
CA GLN C 471 8.25 14.58 -38.86
C GLN C 471 7.91 15.17 -37.51
N ALA C 472 8.85 15.92 -36.95
CA ALA C 472 8.63 16.59 -35.67
C ALA C 472 7.99 17.96 -35.82
N GLY C 473 7.83 18.45 -37.04
CA GLY C 473 7.23 19.75 -37.26
C GLY C 473 5.92 19.68 -38.03
N ASN C 474 5.59 20.76 -38.74
CA ASN C 474 4.37 20.83 -39.52
C ASN C 474 4.59 20.54 -41.01
N LYS C 475 5.67 21.08 -41.58
CA LYS C 475 5.94 20.84 -42.99
C LYS C 475 6.34 19.38 -43.21
N PRO C 476 5.82 18.73 -44.25
CA PRO C 476 6.17 17.34 -44.50
C PRO C 476 7.65 17.18 -44.81
N CYS C 477 8.22 16.07 -44.34
CA CYS C 477 9.62 15.76 -44.65
C CYS C 477 9.79 15.33 -46.10
N ASN C 478 8.89 14.47 -46.58
CA ASN C 478 8.94 13.97 -47.95
C ASN C 478 10.26 13.25 -48.25
N GLY C 479 10.76 12.51 -47.27
CA GLY C 479 11.90 11.65 -47.49
C GLY C 479 13.26 12.30 -47.40
N VAL C 480 13.38 13.42 -46.70
CA VAL C 480 14.66 14.08 -46.48
C VAL C 480 14.85 14.31 -44.99
N ALA C 481 16.06 14.07 -44.50
CA ALA C 481 16.39 14.29 -43.09
C ALA C 481 17.00 15.69 -42.93
N GLY C 482 16.18 16.69 -43.20
CA GLY C 482 16.58 18.07 -43.19
C GLY C 482 15.93 18.88 -42.07
N PHE C 483 15.30 19.97 -42.47
CA PHE C 483 14.68 20.88 -41.50
C PHE C 483 13.55 20.20 -40.75
N ASN C 484 13.68 20.15 -39.43
CA ASN C 484 12.67 19.53 -38.55
C ASN C 484 12.38 18.09 -38.95
N CYS C 485 13.42 17.37 -39.41
CA CYS C 485 13.24 16.01 -39.90
C CYS C 485 14.48 15.22 -39.50
N TYR C 486 14.31 14.30 -38.55
CA TYR C 486 15.42 13.56 -37.95
C TYR C 486 15.25 12.07 -38.22
N PHE C 487 16.36 11.40 -38.49
CA PHE C 487 16.33 9.96 -38.70
C PHE C 487 16.07 9.25 -37.38
N PRO C 488 15.10 8.34 -37.31
CA PRO C 488 14.68 7.78 -36.02
C PRO C 488 15.66 6.81 -35.39
N LEU C 489 16.72 6.41 -36.08
CA LEU C 489 17.67 5.44 -35.55
C LEU C 489 19.04 6.09 -35.37
N ARG C 490 19.62 5.91 -34.19
CA ARG C 490 20.98 6.35 -33.89
C ARG C 490 21.84 5.13 -33.66
N SER C 491 23.10 5.35 -33.30
CA SER C 491 24.08 4.29 -33.15
C SER C 491 24.71 4.29 -31.78
N TYR C 492 24.89 3.10 -31.22
CA TYR C 492 25.65 2.89 -29.98
C TYR C 492 27.12 2.75 -30.36
N SER C 493 27.85 3.86 -30.33
CA SER C 493 29.27 3.87 -30.67
C SER C 493 30.06 3.33 -29.47
N PHE C 494 30.05 2.01 -29.33
CA PHE C 494 30.70 1.37 -28.19
C PHE C 494 32.21 1.40 -28.36
N ARG C 495 32.92 1.77 -27.30
CA ARG C 495 34.37 1.76 -27.26
C ARG C 495 34.83 1.28 -25.90
N PRO C 496 35.97 0.59 -25.83
CA PRO C 496 36.45 0.06 -24.54
C PRO C 496 36.86 1.13 -23.55
N THR C 497 37.13 2.36 -23.99
CA THR C 497 37.61 3.42 -23.11
C THR C 497 36.50 4.21 -22.45
N TYR C 498 35.23 3.86 -22.71
CA TYR C 498 34.13 4.56 -22.08
C TYR C 498 34.05 4.23 -20.60
N GLY C 499 33.07 4.84 -19.93
CA GLY C 499 32.81 4.53 -18.55
C GLY C 499 32.01 3.24 -18.40
N VAL C 500 31.85 2.83 -17.14
CA VAL C 500 31.07 1.63 -16.85
C VAL C 500 29.63 1.82 -17.27
N GLY C 501 29.09 3.03 -17.11
CA GLY C 501 27.72 3.32 -17.49
C GLY C 501 27.46 3.39 -18.97
N HIS C 502 28.50 3.28 -19.81
CA HIS C 502 28.33 3.30 -21.25
C HIS C 502 28.83 2.04 -21.94
N GLN C 503 29.46 1.13 -21.19
CA GLN C 503 29.90 -0.13 -21.78
C GLN C 503 28.70 -1.00 -22.14
N PRO C 504 28.81 -1.79 -23.21
CA PRO C 504 27.67 -2.61 -23.65
C PRO C 504 27.34 -3.69 -22.63
N TYR C 505 26.06 -4.06 -22.58
CA TYR C 505 25.57 -5.12 -21.71
C TYR C 505 24.68 -6.04 -22.53
N ARG C 506 24.69 -7.33 -22.20
CA ARG C 506 23.86 -8.32 -22.87
C ARG C 506 22.71 -8.73 -21.95
N VAL C 507 21.49 -8.67 -22.48
CA VAL C 507 20.29 -8.93 -21.70
C VAL C 507 19.52 -10.08 -22.34
N VAL C 508 19.14 -11.05 -21.52
CA VAL C 508 18.28 -12.16 -21.93
C VAL C 508 17.05 -12.16 -21.04
N VAL C 509 15.88 -12.06 -21.64
CA VAL C 509 14.62 -11.98 -20.90
C VAL C 509 13.88 -13.30 -21.05
N LEU C 510 13.56 -13.91 -19.92
CA LEU C 510 12.80 -15.16 -19.90
C LEU C 510 11.37 -14.85 -19.49
N SER C 511 10.42 -15.28 -20.32
CA SER C 511 9.00 -15.07 -20.05
C SER C 511 8.31 -16.41 -19.87
N PHE C 512 7.64 -16.58 -18.74
CA PHE C 512 6.86 -17.77 -18.47
C PHE C 512 5.37 -17.47 -18.63
N GLU C 513 4.60 -18.52 -18.90
CA GLU C 513 3.15 -18.44 -19.03
C GLU C 513 2.50 -19.53 -18.21
N LEU C 514 2.91 -19.63 -16.95
CA LEU C 514 2.42 -20.64 -16.01
C LEU C 514 0.90 -20.71 -16.03
N LEU C 515 0.37 -21.86 -16.43
CA LEU C 515 -1.07 -22.05 -16.58
C LEU C 515 -1.41 -23.49 -16.22
N HIS C 516 -2.63 -23.90 -16.51
CA HIS C 516 -3.09 -25.27 -16.28
C HIS C 516 -3.00 -26.13 -17.53
N ALA C 517 -2.50 -25.60 -18.64
CA ALA C 517 -2.31 -26.38 -19.83
C ALA C 517 -1.22 -27.43 -19.61
N PRO C 518 -1.21 -28.51 -20.40
CA PRO C 518 -0.15 -29.52 -20.26
C PRO C 518 1.24 -28.90 -20.32
N ALA C 519 1.96 -28.96 -19.20
CA ALA C 519 3.27 -28.32 -19.10
C ALA C 519 4.28 -29.14 -19.89
N THR C 520 4.86 -28.53 -20.93
CA THR C 520 5.84 -29.21 -21.76
C THR C 520 7.28 -28.88 -21.39
N VAL C 521 7.50 -27.95 -20.47
CA VAL C 521 8.83 -27.59 -20.00
C VAL C 521 8.81 -27.75 -18.49
N CYS C 522 9.32 -28.86 -17.98
CA CYS C 522 9.38 -29.10 -16.55
C CYS C 522 10.79 -29.45 -16.13
N GLY C 523 11.24 -28.84 -15.02
CA GLY C 523 12.61 -28.92 -14.61
C GLY C 523 12.95 -30.28 -14.03
N PRO C 524 14.21 -30.43 -13.60
CA PRO C 524 14.69 -31.72 -13.13
C PRO C 524 14.10 -32.07 -11.77
N LYS C 525 13.14 -32.98 -11.77
CA LYS C 525 12.52 -33.47 -10.54
C LYS C 525 12.16 -34.93 -10.73
N LYS C 526 12.45 -35.74 -9.71
CA LYS C 526 12.24 -37.18 -9.82
C LYS C 526 10.75 -37.50 -9.72
N SER C 527 10.44 -38.78 -9.95
CA SER C 527 9.09 -39.29 -9.88
C SER C 527 9.04 -40.46 -8.89
N THR C 528 7.86 -41.04 -8.75
CA THR C 528 7.69 -42.19 -7.87
C THR C 528 6.43 -42.95 -8.32
N ASN C 529 6.02 -43.92 -7.53
CA ASN C 529 4.88 -44.77 -7.86
C ASN C 529 3.59 -44.15 -7.35
N LEU C 530 2.48 -44.52 -7.99
CA LEU C 530 1.16 -44.02 -7.61
C LEU C 530 0.59 -44.82 -6.45
N VAL C 531 0.64 -44.26 -5.25
CA VAL C 531 0.00 -44.86 -4.08
C VAL C 531 -1.42 -44.29 -4.01
N LYS C 532 -2.40 -45.16 -3.75
CA LYS C 532 -3.79 -44.78 -3.79
C LYS C 532 -4.54 -45.21 -2.53
N ASN C 533 -5.67 -44.54 -2.28
CA ASN C 533 -6.60 -44.90 -1.21
C ASN C 533 -5.98 -44.71 0.17
N LYS C 534 -5.24 -43.62 0.36
CA LYS C 534 -4.74 -43.25 1.67
C LYS C 534 -4.39 -41.78 1.66
N CYS C 535 -4.27 -41.21 2.86
CA CYS C 535 -3.99 -39.78 3.03
C CYS C 535 -2.52 -39.53 2.69
N VAL C 536 -2.27 -38.91 1.53
CA VAL C 536 -0.91 -38.72 1.02
C VAL C 536 -0.75 -37.27 0.59
N ASN C 537 0.49 -36.79 0.63
CA ASN C 537 0.84 -35.49 0.06
C ASN C 537 1.31 -35.69 -1.38
N PHE C 538 0.62 -35.07 -2.32
CA PHE C 538 0.87 -35.27 -3.73
C PHE C 538 1.46 -34.00 -4.36
N ASN C 539 1.98 -34.16 -5.58
CA ASN C 539 2.57 -33.06 -6.33
C ASN C 539 2.46 -33.43 -7.81
N PHE C 540 1.58 -32.76 -8.54
CA PHE C 540 1.33 -33.05 -9.95
C PHE C 540 1.72 -31.84 -10.78
N ASN C 541 2.89 -31.91 -11.40
CA ASN C 541 3.39 -30.86 -12.31
C ASN C 541 3.39 -29.50 -11.63
N GLY C 542 3.81 -29.49 -10.36
CA GLY C 542 3.87 -28.27 -9.60
C GLY C 542 2.62 -27.95 -8.80
N LEU C 543 1.57 -28.75 -8.92
CA LEU C 543 0.35 -28.56 -8.14
C LEU C 543 0.47 -29.35 -6.85
N LYS C 544 0.61 -28.65 -5.73
CA LYS C 544 0.78 -29.29 -4.44
C LYS C 544 -0.54 -29.34 -3.68
N GLY C 545 -0.66 -30.34 -2.81
CA GLY C 545 -1.87 -30.50 -2.02
C GLY C 545 -1.78 -31.75 -1.18
N THR C 546 -2.88 -32.01 -0.46
CA THR C 546 -2.98 -33.18 0.41
C THR C 546 -4.41 -33.72 0.31
N GLY C 547 -4.53 -35.03 0.14
CA GLY C 547 -5.83 -35.64 0.03
C GLY C 547 -5.73 -37.13 -0.24
N VAL C 548 -6.85 -37.70 -0.66
CA VAL C 548 -6.95 -39.13 -0.95
C VAL C 548 -7.21 -39.29 -2.44
N LEU C 549 -6.33 -40.04 -3.12
CA LEU C 549 -6.43 -40.27 -4.55
C LEU C 549 -7.11 -41.61 -4.78
N THR C 550 -8.16 -41.61 -5.60
CA THR C 550 -8.89 -42.82 -5.94
C THR C 550 -9.21 -42.81 -7.43
N GLU C 551 -9.56 -43.99 -7.94
CA GLU C 551 -9.97 -44.09 -9.33
C GLU C 551 -11.26 -43.31 -9.55
N SER C 552 -11.28 -42.49 -10.60
CA SER C 552 -12.36 -41.55 -10.84
C SER C 552 -13.21 -42.03 -12.01
N ASN C 553 -14.53 -41.92 -11.85
CA ASN C 553 -15.48 -42.28 -12.90
C ASN C 553 -15.81 -41.11 -13.81
N LYS C 554 -15.25 -39.93 -13.56
CA LYS C 554 -15.49 -38.79 -14.43
C LYS C 554 -14.90 -39.05 -15.81
N LYS C 555 -15.62 -38.60 -16.83
CA LYS C 555 -15.31 -38.96 -18.21
C LYS C 555 -15.14 -37.73 -19.10
N PHE C 556 -14.35 -36.76 -18.67
CA PHE C 556 -14.17 -35.57 -19.49
C PHE C 556 -13.42 -35.91 -20.76
N LEU C 557 -13.68 -35.13 -21.81
CA LEU C 557 -13.19 -35.44 -23.14
C LEU C 557 -11.67 -35.33 -23.18
N PRO C 558 -11.03 -35.97 -24.18
CA PRO C 558 -9.56 -36.10 -24.14
C PRO C 558 -8.82 -34.78 -24.07
N PHE C 559 -9.36 -33.70 -24.63
CA PHE C 559 -8.61 -32.44 -24.63
C PHE C 559 -8.50 -31.86 -23.23
N GLN C 560 -9.49 -32.11 -22.36
CA GLN C 560 -9.47 -31.55 -21.03
C GLN C 560 -8.42 -32.24 -20.16
N GLN C 561 -7.81 -31.49 -19.26
CA GLN C 561 -6.77 -32.01 -18.37
C GLN C 561 -7.19 -32.01 -16.91
N PHE C 562 -7.58 -30.87 -16.37
CA PHE C 562 -7.90 -30.75 -14.95
C PHE C 562 -9.38 -31.00 -14.70
N GLY C 563 -9.82 -30.60 -13.52
CA GLY C 563 -11.22 -30.67 -13.15
C GLY C 563 -11.52 -29.85 -11.92
N ARG C 564 -12.57 -29.05 -11.95
CA ARG C 564 -12.94 -28.21 -10.82
C ARG C 564 -14.32 -28.59 -10.31
N ASP C 565 -14.82 -27.80 -9.36
CA ASP C 565 -16.07 -28.13 -8.67
C ASP C 565 -16.86 -26.83 -8.49
N ILE C 566 -17.91 -26.92 -7.67
CA ILE C 566 -18.77 -25.77 -7.41
C ILE C 566 -17.98 -24.66 -6.72
N ALA C 567 -17.16 -25.02 -5.74
CA ALA C 567 -16.35 -24.05 -5.01
C ALA C 567 -15.12 -23.61 -5.77
N ASP C 568 -14.94 -24.10 -7.01
CA ASP C 568 -13.82 -23.73 -7.87
C ASP C 568 -12.48 -24.12 -7.23
N THR C 569 -12.35 -25.40 -6.90
CA THR C 569 -11.09 -25.98 -6.46
C THR C 569 -10.87 -27.30 -7.20
N THR C 570 -9.62 -27.66 -7.40
CA THR C 570 -9.28 -28.84 -8.19
C THR C 570 -9.65 -30.09 -7.42
N ASP C 571 -10.58 -30.87 -7.95
CA ASP C 571 -10.97 -32.15 -7.34
C ASP C 571 -10.77 -33.34 -8.26
N ALA C 572 -10.42 -33.11 -9.53
CA ALA C 572 -10.09 -34.19 -10.45
C ALA C 572 -8.84 -33.78 -11.22
N VAL C 573 -8.03 -34.76 -11.60
CA VAL C 573 -6.73 -34.52 -12.21
C VAL C 573 -6.37 -35.72 -13.09
N ARG C 574 -5.42 -35.49 -14.00
CA ARG C 574 -4.94 -36.52 -14.91
C ARG C 574 -3.44 -36.67 -14.76
N ASP C 575 -2.97 -37.90 -14.63
CA ASP C 575 -1.55 -38.15 -14.40
C ASP C 575 -0.76 -37.88 -15.68
N PRO C 576 0.33 -37.12 -15.62
CA PRO C 576 1.14 -36.88 -16.82
C PRO C 576 1.74 -38.14 -17.42
N GLN C 577 2.09 -39.12 -16.58
CA GLN C 577 2.77 -40.30 -17.09
C GLN C 577 1.78 -41.31 -17.68
N THR C 578 0.78 -41.71 -16.89
CA THR C 578 -0.27 -42.60 -17.35
C THR C 578 -1.56 -41.81 -17.47
N LEU C 579 -2.11 -41.76 -18.68
CA LEU C 579 -3.26 -40.91 -18.97
C LEU C 579 -4.50 -41.55 -18.36
N GLU C 580 -4.70 -41.31 -17.05
CA GLU C 580 -5.86 -41.80 -16.34
C GLU C 580 -6.39 -40.68 -15.45
N ILE C 581 -7.60 -40.88 -14.93
CA ILE C 581 -8.31 -39.86 -14.17
C ILE C 581 -8.28 -40.23 -12.69
N LEU C 582 -7.79 -39.30 -11.87
CA LEU C 582 -7.73 -39.49 -10.43
C LEU C 582 -8.64 -38.47 -9.76
N ASP C 583 -9.34 -38.91 -8.71
CA ASP C 583 -10.21 -38.05 -7.93
C ASP C 583 -9.50 -37.67 -6.64
N ILE C 584 -9.71 -36.43 -6.19
CA ILE C 584 -9.06 -35.90 -5.01
C ILE C 584 -10.13 -35.62 -3.96
N THR C 585 -9.95 -36.19 -2.77
CA THR C 585 -10.86 -36.01 -1.66
C THR C 585 -10.08 -35.70 -0.40
N PRO C 586 -10.45 -34.68 0.37
CA PRO C 586 -9.73 -34.38 1.61
C PRO C 586 -9.85 -35.52 2.61
N CYS C 587 -8.79 -35.68 3.40
CA CYS C 587 -8.75 -36.74 4.40
C CYS C 587 -9.79 -36.48 5.50
N SER C 588 -10.19 -37.56 6.17
CA SER C 588 -11.29 -37.52 7.12
C SER C 588 -11.06 -36.51 8.25
N PHE C 589 -12.09 -35.72 8.56
CA PHE C 589 -12.04 -34.73 9.62
C PHE C 589 -13.43 -34.53 10.19
N GLY C 590 -13.49 -33.90 11.36
CA GLY C 590 -14.76 -33.61 11.99
C GLY C 590 -14.55 -32.94 13.32
N GLY C 591 -15.66 -32.55 13.94
CA GLY C 591 -15.64 -31.87 15.22
C GLY C 591 -15.86 -32.87 16.35
N VAL C 592 -15.23 -32.60 17.49
CA VAL C 592 -15.33 -33.45 18.67
C VAL C 592 -15.71 -32.59 19.86
N SER C 593 -16.70 -33.05 20.63
CA SER C 593 -17.14 -32.37 21.84
C SER C 593 -17.15 -33.36 22.98
N VAL C 594 -17.01 -32.84 24.20
CA VAL C 594 -16.82 -33.65 25.40
C VAL C 594 -18.05 -33.51 26.28
N ILE C 595 -18.61 -34.65 26.69
CA ILE C 595 -19.73 -34.66 27.62
C ILE C 595 -19.17 -34.89 29.02
N THR C 596 -19.51 -34.00 29.95
CA THR C 596 -18.92 -34.14 31.28
C THR C 596 -19.82 -33.55 32.37
N PRO C 597 -20.01 -34.27 33.46
CA PRO C 597 -20.55 -33.64 34.67
C PRO C 597 -19.50 -32.73 35.29
N GLY C 598 -19.95 -31.88 36.20
CA GLY C 598 -19.04 -30.92 36.80
C GLY C 598 -17.89 -31.61 37.50
N THR C 599 -16.72 -30.96 37.48
CA THR C 599 -15.55 -31.50 38.16
C THR C 599 -15.73 -31.52 39.67
N ASN C 600 -16.71 -30.79 40.19
CA ASN C 600 -16.94 -30.78 41.64
C ASN C 600 -17.46 -32.13 42.12
N THR C 601 -18.11 -32.90 41.26
CA THR C 601 -18.70 -34.17 41.66
C THR C 601 -17.99 -35.39 41.08
N SER C 602 -17.39 -35.28 39.89
CA SER C 602 -16.72 -36.41 39.27
C SER C 602 -15.79 -35.90 38.19
N ASN C 603 -15.00 -36.82 37.62
CA ASN C 603 -14.09 -36.46 36.54
C ASN C 603 -14.12 -37.46 35.39
N GLN C 604 -15.24 -38.15 35.19
CA GLN C 604 -15.39 -38.99 34.01
C GLN C 604 -15.98 -38.19 32.87
N VAL C 605 -15.62 -38.56 31.63
CA VAL C 605 -16.06 -37.85 30.45
C VAL C 605 -16.51 -38.83 29.39
N ALA C 606 -17.34 -38.33 28.47
CA ALA C 606 -17.74 -39.07 27.28
C ALA C 606 -17.51 -38.18 26.07
N VAL C 607 -17.06 -38.80 24.98
CA VAL C 607 -16.62 -38.08 23.79
C VAL C 607 -17.62 -38.33 22.67
N LEU C 608 -18.10 -37.26 22.05
CA LEU C 608 -19.02 -37.33 20.93
C LEU C 608 -18.31 -36.84 19.68
N TYR C 609 -18.22 -37.71 18.67
CA TYR C 609 -17.61 -37.37 17.39
C TYR C 609 -18.73 -36.89 16.46
N GLN C 610 -18.75 -35.59 16.18
CA GLN C 610 -19.88 -34.98 15.50
C GLN C 610 -19.94 -35.39 14.03
N GLY C 611 -21.08 -35.92 13.61
CA GLY C 611 -21.35 -36.14 12.20
C GLY C 611 -20.40 -37.09 11.50
N VAL C 612 -20.12 -38.24 12.11
CA VAL C 612 -19.27 -39.25 11.48
C VAL C 612 -19.61 -40.61 12.08
N ASN C 613 -19.78 -41.60 11.20
CA ASN C 613 -19.99 -42.97 11.65
C ASN C 613 -18.70 -43.48 12.29
N CYS C 614 -18.84 -44.13 13.44
CA CYS C 614 -17.66 -44.54 14.20
C CYS C 614 -16.98 -45.78 13.66
N THR C 615 -17.55 -46.43 12.64
CA THR C 615 -16.81 -47.47 11.95
C THR C 615 -15.72 -46.91 11.05
N GLU C 616 -15.52 -45.59 11.05
CA GLU C 616 -14.50 -44.94 10.24
C GLU C 616 -13.58 -44.05 11.07
N VAL C 617 -13.47 -44.30 12.37
CA VAL C 617 -12.61 -43.50 13.23
C VAL C 617 -11.59 -44.39 13.94
N ASN C 638 -19.61 -49.98 24.93
CA ASN C 638 -19.92 -48.61 25.33
C ASN C 638 -19.82 -47.66 24.14
N VAL C 639 -20.20 -48.14 22.97
CA VAL C 639 -20.21 -47.34 21.75
C VAL C 639 -21.66 -47.23 21.27
N PHE C 640 -22.12 -46.00 21.09
CA PHE C 640 -23.50 -45.74 20.68
C PHE C 640 -23.51 -44.85 19.44
N GLN C 641 -24.36 -45.20 18.48
CA GLN C 641 -24.47 -44.48 17.22
C GLN C 641 -25.77 -43.67 17.24
N THR C 642 -25.63 -42.35 17.18
CA THR C 642 -26.78 -41.45 17.16
C THR C 642 -26.84 -40.71 15.83
N ARG C 643 -27.88 -39.89 15.69
CA ARG C 643 -28.03 -39.10 14.47
C ARG C 643 -26.98 -38.00 14.36
N ALA C 644 -26.58 -37.43 15.51
CA ALA C 644 -25.59 -36.37 15.49
C ALA C 644 -24.17 -36.89 15.38
N GLY C 645 -23.97 -38.19 15.54
CA GLY C 645 -22.64 -38.77 15.48
C GLY C 645 -22.58 -40.05 16.31
N CYS C 646 -21.36 -40.44 16.67
CA CYS C 646 -21.14 -41.60 17.51
C CYS C 646 -20.65 -41.15 18.87
N LEU C 647 -21.28 -41.65 19.92
CA LEU C 647 -20.96 -41.26 21.29
C LEU C 647 -20.19 -42.39 21.96
N ILE C 648 -19.03 -42.06 22.52
CA ILE C 648 -18.14 -43.03 23.12
C ILE C 648 -17.97 -42.69 24.59
N GLY C 649 -18.14 -43.69 25.45
CA GLY C 649 -17.95 -43.51 26.88
C GLY C 649 -19.22 -43.59 27.71
N ALA C 650 -20.38 -43.74 27.10
CA ALA C 650 -21.64 -43.86 27.82
C ALA C 650 -22.46 -44.99 27.22
N GLU C 651 -23.24 -45.65 28.07
CA GLU C 651 -24.05 -46.80 27.69
C GLU C 651 -25.51 -46.37 27.55
N TYR C 652 -26.20 -46.98 26.58
CA TYR C 652 -27.58 -46.65 26.32
C TYR C 652 -28.50 -47.30 27.36
N VAL C 653 -29.59 -46.61 27.67
CA VAL C 653 -30.56 -47.07 28.66
C VAL C 653 -31.95 -46.94 28.07
N ASN C 654 -32.78 -47.97 28.23
CA ASN C 654 -34.13 -47.96 27.67
C ASN C 654 -35.08 -47.09 28.46
N ASN C 655 -34.69 -46.63 29.64
CA ASN C 655 -35.56 -45.78 30.44
C ASN C 655 -35.61 -44.37 29.85
N SER C 656 -36.34 -43.48 30.52
CA SER C 656 -36.51 -42.12 30.06
C SER C 656 -36.69 -41.18 31.24
N TYR C 657 -35.93 -40.09 31.25
CA TYR C 657 -36.04 -39.05 32.27
C TYR C 657 -35.98 -37.70 31.56
N GLU C 658 -35.87 -36.64 32.36
CA GLU C 658 -35.73 -35.31 31.80
C GLU C 658 -34.36 -35.14 31.17
N CYS C 659 -34.24 -34.12 30.32
CA CYS C 659 -32.98 -33.84 29.64
C CYS C 659 -32.04 -33.06 30.55
N ASP C 660 -30.90 -33.66 30.87
CA ASP C 660 -29.89 -33.03 31.70
C ASP C 660 -28.78 -32.40 30.87
N ILE C 661 -28.11 -33.19 30.03
CA ILE C 661 -27.11 -32.67 29.10
C ILE C 661 -27.57 -32.99 27.69
N PRO C 662 -28.09 -32.01 26.94
CA PRO C 662 -28.70 -32.32 25.63
C PRO C 662 -27.64 -32.64 24.59
N ILE C 663 -27.69 -33.86 24.07
CA ILE C 663 -26.78 -34.28 23.01
C ILE C 663 -27.26 -33.81 21.65
N GLY C 664 -28.49 -34.10 21.31
CA GLY C 664 -29.07 -33.70 20.04
C GLY C 664 -29.90 -34.81 19.43
N ALA C 665 -30.83 -34.43 18.57
CA ALA C 665 -31.72 -35.36 17.86
C ALA C 665 -32.51 -36.21 18.84
N GLY C 666 -32.94 -35.62 19.95
CA GLY C 666 -33.78 -36.30 20.90
C GLY C 666 -33.06 -37.19 21.88
N ILE C 667 -31.74 -37.10 21.97
CA ILE C 667 -30.94 -37.91 22.89
C ILE C 667 -30.33 -37.00 23.93
N CYS C 668 -30.42 -37.41 25.19
CA CYS C 668 -29.86 -36.67 26.30
C CYS C 668 -29.00 -37.60 27.15
N ALA C 669 -27.97 -37.02 27.77
CA ALA C 669 -27.04 -37.78 28.60
C ALA C 669 -27.05 -37.22 30.00
N SER C 670 -26.86 -38.11 30.98
CA SER C 670 -26.89 -37.73 32.38
C SER C 670 -26.00 -38.68 33.17
N TYR C 671 -25.60 -38.22 34.36
CA TYR C 671 -24.74 -38.97 35.26
C TYR C 671 -25.55 -39.35 36.50
N GLN C 672 -25.58 -40.64 36.81
CA GLN C 672 -26.34 -41.11 37.96
C GLN C 672 -25.49 -41.99 38.87
N SER C 688 -21.77 -43.77 36.78
CA SER C 688 -21.52 -43.90 35.35
C SER C 688 -22.36 -42.92 34.55
N ILE C 689 -21.92 -42.63 33.33
CA ILE C 689 -22.61 -41.72 32.42
C ILE C 689 -23.47 -42.55 31.50
N ILE C 690 -24.75 -42.17 31.37
CA ILE C 690 -25.71 -42.92 30.58
C ILE C 690 -26.35 -41.99 29.56
N ALA C 691 -26.85 -42.58 28.48
CA ALA C 691 -27.57 -41.87 27.43
C ALA C 691 -28.95 -42.47 27.28
N TYR C 692 -29.94 -41.60 27.10
CA TYR C 692 -31.33 -42.05 27.04
C TYR C 692 -32.13 -41.12 26.16
N THR C 693 -33.27 -41.61 25.68
CA THR C 693 -34.19 -40.77 24.93
C THR C 693 -35.04 -39.95 25.91
N MET C 694 -35.06 -38.64 25.72
CA MET C 694 -35.70 -37.75 26.67
C MET C 694 -37.21 -38.01 26.72
N SER C 695 -37.80 -37.77 27.88
CA SER C 695 -39.23 -37.98 28.07
C SER C 695 -39.96 -36.65 27.99
N LEU C 696 -41.03 -36.59 27.20
CA LEU C 696 -41.74 -35.35 26.99
C LEU C 696 -42.46 -34.89 28.27
N GLY C 697 -43.09 -35.82 28.98
CA GLY C 697 -43.78 -35.47 30.20
C GLY C 697 -44.55 -36.65 30.74
N ALA C 698 -45.11 -36.45 31.92
CA ALA C 698 -45.90 -37.49 32.57
C ALA C 698 -47.20 -37.71 31.80
N GLU C 699 -47.40 -38.93 31.32
CA GLU C 699 -48.59 -39.24 30.53
C GLU C 699 -49.85 -39.12 31.38
N ASN C 700 -50.92 -38.62 30.76
CA ASN C 700 -52.19 -38.44 31.46
C ASN C 700 -53.31 -38.58 30.45
N SER C 701 -54.48 -39.00 30.95
CA SER C 701 -55.68 -39.13 30.12
C SER C 701 -56.88 -38.70 30.94
N VAL C 702 -57.68 -37.80 30.40
CA VAL C 702 -58.85 -37.28 31.08
C VAL C 702 -60.10 -37.97 30.54
N ALA C 703 -61.03 -38.27 31.45
CA ALA C 703 -62.23 -39.03 31.10
C ALA C 703 -63.28 -38.06 30.59
N TYR C 704 -63.44 -38.01 29.27
CA TYR C 704 -64.42 -37.13 28.64
C TYR C 704 -65.68 -37.92 28.33
N SER C 705 -66.83 -37.36 28.71
CA SER C 705 -68.12 -37.90 28.35
C SER C 705 -69.10 -36.74 28.21
N ASN C 706 -70.20 -36.98 27.50
CA ASN C 706 -71.08 -35.91 27.08
C ASN C 706 -72.08 -35.47 28.15
N ASN C 707 -72.03 -36.05 29.36
CA ASN C 707 -72.87 -35.53 30.43
C ASN C 707 -72.14 -35.52 31.78
N SER C 708 -70.83 -35.42 31.79
CA SER C 708 -70.04 -35.39 33.02
C SER C 708 -69.19 -34.14 33.07
N ILE C 709 -69.23 -33.45 34.21
CA ILE C 709 -68.48 -32.23 34.43
C ILE C 709 -67.74 -32.35 35.76
N ALA C 710 -66.67 -31.56 35.89
CA ALA C 710 -65.85 -31.54 37.09
C ALA C 710 -65.76 -30.10 37.60
N ILE C 711 -66.00 -29.91 38.88
CA ILE C 711 -66.05 -28.57 39.47
C ILE C 711 -65.15 -28.52 40.71
N PRO C 712 -64.31 -27.51 40.85
CA PRO C 712 -63.43 -27.43 42.03
C PRO C 712 -64.22 -27.17 43.30
N THR C 713 -63.64 -27.57 44.43
CA THR C 713 -64.21 -27.33 45.74
C THR C 713 -63.25 -26.61 46.69
N ASN C 714 -62.07 -26.24 46.21
CA ASN C 714 -61.08 -25.57 47.04
C ASN C 714 -60.10 -24.85 46.12
N PHE C 715 -59.28 -23.97 46.70
CA PHE C 715 -58.35 -23.19 45.91
C PHE C 715 -56.99 -23.16 46.59
N THR C 716 -56.06 -22.46 45.97
CA THR C 716 -54.70 -22.30 46.49
C THR C 716 -54.11 -21.02 45.95
N ILE C 717 -53.65 -20.16 46.86
CA ILE C 717 -53.00 -18.91 46.49
C ILE C 717 -51.53 -19.20 46.24
N SER C 718 -51.04 -18.83 45.06
CA SER C 718 -49.67 -19.12 44.66
C SER C 718 -48.94 -17.84 44.30
N VAL C 719 -47.65 -17.79 44.65
CA VAL C 719 -46.80 -16.64 44.37
C VAL C 719 -45.58 -17.12 43.60
N THR C 720 -45.32 -16.50 42.46
CA THR C 720 -44.20 -16.85 41.60
C THR C 720 -43.34 -15.62 41.36
N THR C 721 -42.15 -15.84 40.80
CA THR C 721 -41.20 -14.77 40.54
C THR C 721 -40.87 -14.71 39.06
N GLU C 722 -40.41 -13.56 38.61
CA GLU C 722 -40.02 -13.34 37.21
C GLU C 722 -38.93 -12.29 37.17
N ILE C 723 -37.77 -12.64 36.64
CA ILE C 723 -36.61 -11.76 36.58
C ILE C 723 -36.45 -11.26 35.15
N LEU C 724 -36.35 -9.94 34.99
CA LEU C 724 -36.23 -9.32 33.67
C LEU C 724 -35.11 -8.29 33.71
N PRO C 725 -34.08 -8.43 32.88
CA PRO C 725 -33.06 -7.37 32.80
C PRO C 725 -33.64 -6.11 32.21
N VAL C 726 -33.08 -4.97 32.63
CA VAL C 726 -33.60 -3.67 32.23
C VAL C 726 -32.53 -2.85 31.53
N SER C 727 -31.36 -2.72 32.15
CA SER C 727 -30.31 -1.86 31.63
C SER C 727 -28.97 -2.59 31.66
N MET C 728 -28.06 -2.15 30.81
CA MET C 728 -26.71 -2.69 30.75
C MET C 728 -25.70 -1.63 31.15
N THR C 729 -24.44 -2.05 31.26
CA THR C 729 -23.39 -1.16 31.74
C THR C 729 -23.08 -0.07 30.71
N LYS C 730 -23.13 1.18 31.15
CA LYS C 730 -22.75 2.30 30.29
C LYS C 730 -21.24 2.36 30.19
N THR C 731 -20.72 2.24 28.97
CA THR C 731 -19.28 2.21 28.73
C THR C 731 -18.87 3.35 27.82
N SER C 732 -17.56 3.61 27.81
CA SER C 732 -17.00 4.64 26.95
C SER C 732 -15.61 4.20 26.53
N VAL C 733 -15.15 4.75 25.41
CA VAL C 733 -13.89 4.35 24.80
C VAL C 733 -13.08 5.58 24.44
N ASP C 734 -11.79 5.52 24.74
CA ASP C 734 -10.83 6.55 24.35
C ASP C 734 -10.08 6.06 23.12
N CYS C 735 -10.26 6.76 22.00
CA CYS C 735 -9.76 6.28 20.72
C CYS C 735 -8.24 6.22 20.71
N THR C 736 -7.59 7.38 20.87
CA THR C 736 -6.14 7.46 20.68
C THR C 736 -5.37 6.72 21.76
N MET C 737 -5.90 6.69 23.00
CA MET C 737 -5.19 6.00 24.07
C MET C 737 -5.12 4.50 23.83
N TYR C 738 -6.14 3.94 23.17
CA TYR C 738 -6.14 2.51 22.91
C TYR C 738 -5.48 2.18 21.59
N ILE C 739 -5.85 2.89 20.52
CA ILE C 739 -5.34 2.56 19.19
C ILE C 739 -3.83 2.78 19.13
N CYS C 740 -3.33 3.80 19.83
CA CYS C 740 -1.91 4.04 19.97
C CYS C 740 -1.50 3.71 21.40
N GLY C 741 -0.24 3.96 21.73
CA GLY C 741 0.22 3.78 23.08
C GLY C 741 0.46 5.10 23.77
N ASP C 742 1.44 5.15 24.68
CA ASP C 742 1.82 6.40 25.31
C ASP C 742 2.65 7.29 24.39
N SER C 743 3.06 6.80 23.23
CA SER C 743 3.84 7.58 22.30
C SER C 743 2.99 8.70 21.69
N THR C 744 3.65 9.59 20.96
CA THR C 744 3.00 10.76 20.40
C THR C 744 2.88 10.74 18.90
N GLU C 745 3.97 10.44 18.18
CA GLU C 745 3.92 10.42 16.71
C GLU C 745 3.01 9.33 16.17
N CYS C 746 2.70 8.31 16.96
CA CYS C 746 1.69 7.35 16.54
C CYS C 746 0.36 8.04 16.29
N SER C 747 -0.01 8.98 17.17
CA SER C 747 -1.22 9.76 16.94
C SER C 747 -1.12 10.57 15.66
N ASN C 748 0.07 11.12 15.38
CA ASN C 748 0.26 11.87 14.15
C ASN C 748 0.02 10.99 12.92
N LEU C 749 0.52 9.76 12.95
CA LEU C 749 0.20 8.82 11.87
C LEU C 749 -1.28 8.48 11.86
N LEU C 750 -1.91 8.48 13.03
CA LEU C 750 -3.32 8.12 13.12
C LEU C 750 -4.23 9.16 12.48
N LEU C 751 -3.86 10.44 12.57
CA LEU C 751 -4.74 11.50 12.07
C LEU C 751 -5.09 11.33 10.60
N GLN C 752 -4.25 10.66 9.82
CA GLN C 752 -4.50 10.48 8.40
C GLN C 752 -5.44 9.32 8.09
N TYR C 753 -5.97 8.65 9.10
CA TYR C 753 -6.81 7.48 8.88
C TYR C 753 -8.31 7.77 8.87
N GLY C 754 -8.72 9.00 9.14
CA GLY C 754 -10.11 9.37 9.03
C GLY C 754 -10.65 9.91 10.34
N SER C 755 -11.97 9.78 10.49
CA SER C 755 -12.70 10.32 11.63
C SER C 755 -13.53 9.24 12.32
N PHE C 756 -12.91 8.08 12.58
CA PHE C 756 -13.65 6.95 13.12
C PHE C 756 -14.06 7.20 14.56
N CYS C 757 -13.28 8.05 15.26
CA CYS C 757 -13.55 8.33 16.66
C CYS C 757 -14.91 8.98 16.85
N THR C 758 -15.30 9.87 15.94
CA THR C 758 -16.60 10.50 16.03
C THR C 758 -17.72 9.47 15.96
N GLN C 759 -17.61 8.53 15.03
CA GLN C 759 -18.61 7.48 14.91
C GLN C 759 -18.69 6.64 16.18
N LEU C 760 -17.53 6.23 16.71
CA LEU C 760 -17.53 5.38 17.90
C LEU C 760 -18.11 6.12 19.10
N LYS C 761 -17.70 7.37 19.30
CA LYS C 761 -18.21 8.15 20.42
C LYS C 761 -19.72 8.35 20.29
N ARG C 762 -20.19 8.65 19.09
CA ARG C 762 -21.63 8.87 18.88
C ARG C 762 -22.42 7.61 19.18
N ALA C 763 -21.93 6.46 18.71
CA ALA C 763 -22.63 5.20 19.00
C ALA C 763 -22.66 4.92 20.49
N LEU C 764 -21.54 5.11 21.19
CA LEU C 764 -21.50 4.78 22.60
C LEU C 764 -22.36 5.71 23.43
N THR C 765 -22.36 7.01 23.11
CA THR C 765 -23.24 7.95 23.81
C THR C 765 -24.70 7.63 23.55
N GLY C 766 -25.04 7.25 22.31
CA GLY C 766 -26.40 6.82 22.05
C GLY C 766 -26.79 5.63 22.90
N ILE C 767 -25.88 4.66 23.03
CA ILE C 767 -26.16 3.49 23.87
C ILE C 767 -26.40 3.90 25.32
N ALA C 768 -25.55 4.81 25.83
CA ALA C 768 -25.69 5.23 27.23
C ALA C 768 -27.01 5.94 27.48
N VAL C 769 -27.36 6.89 26.62
CA VAL C 769 -28.63 7.60 26.81
C VAL C 769 -29.81 6.65 26.65
N GLU C 770 -29.67 5.63 25.78
CA GLU C 770 -30.73 4.63 25.67
C GLU C 770 -30.88 3.83 26.96
N GLN C 771 -29.77 3.49 27.62
CA GLN C 771 -29.85 2.81 28.91
C GLN C 771 -30.59 3.66 29.93
N ASP C 772 -30.25 4.94 29.99
CA ASP C 772 -30.92 5.82 30.95
C ASP C 772 -32.42 5.92 30.65
N LYS C 773 -32.77 6.02 29.36
CA LYS C 773 -34.18 6.07 28.98
C LYS C 773 -34.89 4.77 29.36
N ASN C 774 -34.21 3.63 29.19
CA ASN C 774 -34.80 2.35 29.57
C ASN C 774 -35.15 2.33 31.05
N THR C 775 -34.20 2.73 31.90
CA THR C 775 -34.48 2.73 33.33
C THR C 775 -35.62 3.69 33.67
N GLN C 776 -35.60 4.88 33.08
CA GLN C 776 -36.64 5.87 33.35
C GLN C 776 -38.02 5.36 32.96
N GLU C 777 -38.11 4.72 31.78
CA GLU C 777 -39.38 4.19 31.33
C GLU C 777 -39.86 3.06 32.22
N VAL C 778 -38.95 2.19 32.65
CA VAL C 778 -39.35 1.02 33.43
C VAL C 778 -39.87 1.44 34.80
N PHE C 779 -39.16 2.33 35.49
CA PHE C 779 -39.49 2.61 36.88
C PHE C 779 -40.31 3.88 37.07
N ALA C 780 -39.92 4.98 36.44
CA ALA C 780 -40.57 6.27 36.67
C ALA C 780 -41.91 6.30 35.93
N GLN C 781 -42.94 5.79 36.61
CA GLN C 781 -44.29 5.76 36.07
C GLN C 781 -45.32 6.44 36.95
N VAL C 782 -44.96 6.83 38.16
CA VAL C 782 -45.86 7.55 39.06
C VAL C 782 -45.25 8.90 39.38
N LYS C 783 -46.07 9.95 39.33
CA LYS C 783 -45.61 11.30 39.60
C LYS C 783 -45.86 11.75 41.03
N GLN C 784 -46.28 10.84 41.90
CA GLN C 784 -46.43 11.10 43.32
C GLN C 784 -45.65 10.05 44.11
N ILE C 785 -45.20 10.43 45.29
CA ILE C 785 -44.49 9.49 46.16
C ILE C 785 -45.37 9.16 47.35
N TYR C 786 -46.14 8.09 47.24
CA TYR C 786 -47.02 7.67 48.32
C TYR C 786 -46.21 7.06 49.45
N LYS C 787 -46.78 7.09 50.65
CA LYS C 787 -46.14 6.53 51.83
C LYS C 787 -47.12 5.63 52.57
N THR C 788 -46.62 4.48 53.01
CA THR C 788 -47.45 3.53 53.72
C THR C 788 -47.84 4.09 55.09
N PRO C 789 -49.04 3.75 55.59
CA PRO C 789 -49.45 4.24 56.89
C PRO C 789 -48.58 3.69 57.99
N PRO C 790 -48.40 4.42 59.09
CA PRO C 790 -47.53 3.92 60.17
C PRO C 790 -47.99 2.61 60.79
N ILE C 791 -49.30 2.37 60.86
CA ILE C 791 -49.83 1.15 61.46
C ILE C 791 -50.06 0.13 60.35
N LYS C 792 -49.21 -0.89 60.32
CA LYS C 792 -49.24 -1.90 59.25
C LYS C 792 -50.13 -3.07 59.61
N TYR C 793 -51.45 -2.84 59.56
CA TYR C 793 -52.44 -3.89 59.71
C TYR C 793 -53.38 -3.83 58.52
N PHE C 794 -53.46 -4.92 57.77
CA PHE C 794 -54.27 -5.00 56.56
C PHE C 794 -55.19 -6.20 56.61
N GLY C 795 -55.87 -6.38 57.73
CA GLY C 795 -56.84 -7.45 57.87
C GLY C 795 -56.25 -8.85 57.83
N GLY C 796 -55.08 -9.04 58.40
CA GLY C 796 -54.44 -10.34 58.47
C GLY C 796 -53.33 -10.58 57.47
N PHE C 797 -53.27 -9.77 56.42
CA PHE C 797 -52.20 -9.92 55.43
C PHE C 797 -50.91 -9.31 55.97
N ASN C 798 -49.79 -9.99 55.72
CA ASN C 798 -48.50 -9.63 56.29
C ASN C 798 -47.57 -9.24 55.15
N PHE C 799 -47.24 -7.95 55.07
CA PHE C 799 -46.43 -7.40 54.00
C PHE C 799 -45.03 -7.01 54.47
N SER C 800 -44.57 -7.55 55.60
CA SER C 800 -43.29 -7.12 56.15
C SER C 800 -42.12 -7.53 55.25
N GLN C 801 -42.28 -8.59 54.47
CA GLN C 801 -41.17 -9.07 53.66
C GLN C 801 -40.88 -8.18 52.45
N ILE C 802 -41.88 -7.46 51.94
CA ILE C 802 -41.69 -6.63 50.77
C ILE C 802 -41.63 -5.14 51.08
N LEU C 803 -42.11 -4.71 52.24
CA LEU C 803 -42.08 -3.30 52.57
C LEU C 803 -40.68 -2.89 53.03
N PRO C 804 -40.31 -1.62 52.85
CA PRO C 804 -38.95 -1.19 53.21
C PRO C 804 -38.66 -1.35 54.69
N ASP C 805 -37.38 -1.58 55.00
CA ASP C 805 -36.93 -1.78 56.37
C ASP C 805 -36.29 -0.49 56.89
N PRO C 806 -36.91 0.19 57.86
CA PRO C 806 -36.27 1.39 58.42
C PRO C 806 -34.98 1.12 59.16
N SER C 807 -34.76 -0.12 59.63
CA SER C 807 -33.59 -0.40 60.44
C SER C 807 -32.31 -0.31 59.63
N LYS C 808 -32.28 -0.94 58.46
CA LYS C 808 -31.08 -0.91 57.63
C LYS C 808 -30.85 0.49 57.07
N PRO C 809 -29.60 0.93 56.98
CA PRO C 809 -29.34 2.30 56.50
C PRO C 809 -29.81 2.57 55.09
N SER C 810 -29.79 1.56 54.21
CA SER C 810 -30.14 1.77 52.82
C SER C 810 -31.64 1.76 52.57
N LYS C 811 -32.45 1.40 53.57
CA LYS C 811 -33.91 1.38 53.47
C LYS C 811 -34.36 0.49 52.31
N ARG C 812 -34.05 -0.79 52.44
CA ARG C 812 -34.40 -1.79 51.43
C ARG C 812 -35.14 -2.94 52.09
N SER C 813 -36.06 -3.52 51.34
CA SER C 813 -36.80 -4.68 51.82
C SER C 813 -35.88 -5.89 51.93
N PRO C 814 -36.20 -6.84 52.81
CA PRO C 814 -35.36 -8.05 52.91
C PRO C 814 -35.20 -8.79 51.59
N ILE C 815 -36.24 -8.85 50.78
CA ILE C 815 -36.12 -9.53 49.48
C ILE C 815 -35.12 -8.81 48.60
N GLU C 816 -35.18 -7.47 48.57
CA GLU C 816 -34.22 -6.70 47.77
C GLU C 816 -32.81 -6.89 48.28
N ASP C 817 -32.61 -6.91 49.60
CA ASP C 817 -31.29 -7.12 50.16
C ASP C 817 -30.75 -8.49 49.78
N LEU C 818 -31.61 -9.52 49.84
CA LEU C 818 -31.20 -10.85 49.41
C LEU C 818 -30.80 -10.85 47.94
N LEU C 819 -31.58 -10.19 47.09
CA LEU C 819 -31.26 -10.13 45.68
C LEU C 819 -29.92 -9.44 45.44
N PHE C 820 -29.65 -8.36 46.18
CA PHE C 820 -28.39 -7.65 46.02
C PHE C 820 -27.21 -8.50 46.49
N ASN C 821 -27.38 -9.23 47.59
CA ASN C 821 -26.30 -10.09 48.05
C ASN C 821 -26.08 -11.26 47.11
N LYS C 822 -27.10 -11.66 46.37
CA LYS C 822 -26.98 -12.82 45.48
C LYS C 822 -26.32 -12.49 44.15
N VAL C 823 -26.14 -11.21 43.81
CA VAL C 823 -25.58 -10.80 42.53
C VAL C 823 -24.30 -10.02 42.79
N THR C 824 -23.23 -10.42 42.10
CA THR C 824 -21.95 -9.73 42.22
C THR C 824 -21.61 -8.99 40.93
N ALA C 849 -9.64 -5.98 35.83
CA ALA C 849 -10.15 -5.46 37.10
C ALA C 849 -10.46 -3.98 36.99
N GLN C 850 -9.41 -3.15 36.97
CA GLN C 850 -9.53 -1.71 36.87
C GLN C 850 -8.48 -1.15 35.93
N LYS C 851 -8.09 -1.95 34.94
CA LYS C 851 -7.08 -1.55 33.97
C LYS C 851 -7.69 -0.53 33.02
N PHE C 852 -7.42 0.75 33.30
CA PHE C 852 -7.91 1.85 32.47
C PHE C 852 -6.99 2.05 31.28
N LYS C 853 -7.11 1.14 30.31
CA LYS C 853 -6.37 1.26 29.06
C LYS C 853 -7.20 1.96 27.99
N GLY C 854 -7.76 3.12 28.36
CA GLY C 854 -8.67 3.85 27.52
C GLY C 854 -10.13 3.47 27.73
N LEU C 855 -10.39 2.40 28.47
CA LEU C 855 -11.76 1.96 28.72
C LEU C 855 -12.26 2.47 30.07
N THR C 856 -13.47 3.01 30.07
CA THR C 856 -14.07 3.56 31.29
C THR C 856 -15.49 3.04 31.42
N VAL C 857 -16.08 3.28 32.59
CA VAL C 857 -17.46 2.91 32.88
C VAL C 857 -18.14 4.12 33.50
N LEU C 858 -19.21 4.60 32.86
CA LEU C 858 -19.89 5.78 33.37
C LEU C 858 -20.96 5.37 34.38
N PRO C 859 -21.14 6.12 35.48
CA PRO C 859 -22.13 5.73 36.45
C PRO C 859 -23.53 6.00 35.93
N PRO C 860 -24.53 5.25 36.40
CA PRO C 860 -25.91 5.50 35.97
C PRO C 860 -26.46 6.79 36.56
N LEU C 861 -27.44 7.37 35.86
CA LEU C 861 -28.03 8.61 36.31
C LEU C 861 -28.81 8.43 37.61
N LEU C 862 -29.62 7.38 37.69
CA LEU C 862 -30.45 7.12 38.87
C LEU C 862 -29.69 6.21 39.82
N THR C 863 -29.36 6.74 41.00
CA THR C 863 -28.77 5.89 42.03
C THR C 863 -29.80 4.88 42.53
N ASP C 864 -29.31 3.90 43.30
CA ASP C 864 -30.19 2.80 43.68
C ASP C 864 -31.18 3.22 44.75
N GLU C 865 -30.86 4.22 45.56
CA GLU C 865 -31.81 4.71 46.55
C GLU C 865 -33.06 5.28 45.88
N MET C 866 -32.88 5.98 44.76
CA MET C 866 -34.03 6.52 44.04
C MET C 866 -34.90 5.41 43.47
N ILE C 867 -34.28 4.35 42.95
CA ILE C 867 -35.05 3.22 42.45
C ILE C 867 -35.81 2.54 43.58
N ALA C 868 -35.17 2.40 44.75
CA ALA C 868 -35.86 1.83 45.90
C ALA C 868 -37.04 2.69 46.31
N GLN C 869 -36.87 4.02 46.29
CA GLN C 869 -37.98 4.92 46.60
C GLN C 869 -39.12 4.76 45.61
N TYR C 870 -38.79 4.63 44.32
CA TYR C 870 -39.82 4.42 43.31
C TYR C 870 -40.61 3.15 43.56
N THR C 871 -39.91 2.04 43.83
CA THR C 871 -40.59 0.78 44.06
C THR C 871 -41.42 0.83 45.34
N SER C 872 -40.91 1.49 46.39
CA SER C 872 -41.67 1.62 47.62
C SER C 872 -42.94 2.45 47.40
N ALA C 873 -42.84 3.51 46.60
CA ALA C 873 -44.03 4.31 46.27
C ALA C 873 -45.05 3.47 45.51
N LEU C 874 -44.59 2.68 44.54
CA LEU C 874 -45.51 1.82 43.80
C LEU C 874 -46.18 0.82 44.73
N LEU C 875 -45.42 0.21 45.64
CA LEU C 875 -45.98 -0.76 46.57
C LEU C 875 -47.01 -0.12 47.49
N ALA C 876 -46.70 1.06 48.04
CA ALA C 876 -47.66 1.73 48.91
C ALA C 876 -48.93 2.09 48.16
N GLY C 877 -48.78 2.58 46.92
CA GLY C 877 -49.95 2.92 46.13
C GLY C 877 -50.83 1.73 45.84
N THR C 878 -50.22 0.60 45.45
CA THR C 878 -51.02 -0.57 45.12
C THR C 878 -51.56 -1.27 46.36
N ILE C 879 -50.97 -1.05 47.54
CA ILE C 879 -51.49 -1.63 48.77
C ILE C 879 -52.66 -0.82 49.33
N THR C 880 -52.52 0.50 49.36
CA THR C 880 -53.51 1.33 50.03
C THR C 880 -54.67 1.78 49.15
N SER C 881 -54.47 1.85 47.83
CA SER C 881 -55.47 2.47 46.96
C SER C 881 -55.87 1.60 45.78
N GLY C 882 -55.54 0.31 45.82
CA GLY C 882 -55.93 -0.56 44.72
C GLY C 882 -55.26 -0.16 43.42
N TRP C 883 -56.01 -0.24 42.33
CA TRP C 883 -55.51 0.14 41.01
C TRP C 883 -55.91 1.54 40.60
N THR C 884 -56.67 2.26 41.45
CA THR C 884 -57.18 3.56 41.05
C THR C 884 -56.08 4.61 40.93
N PHE C 885 -54.94 4.41 41.59
CA PHE C 885 -53.87 5.40 41.51
C PHE C 885 -53.16 5.39 40.17
N GLY C 886 -53.39 4.36 39.35
CA GLY C 886 -52.82 4.30 38.02
C GLY C 886 -53.69 4.88 36.93
N ALA C 887 -54.84 5.45 37.28
CA ALA C 887 -55.76 6.01 36.30
C ALA C 887 -56.37 7.33 36.77
N GLY C 888 -55.72 8.01 37.70
CA GLY C 888 -56.23 9.25 38.23
C GLY C 888 -55.83 9.46 39.68
N PRO C 889 -56.63 10.21 40.43
CA PRO C 889 -56.34 10.40 41.85
C PRO C 889 -56.45 9.10 42.62
N ALA C 890 -55.62 8.98 43.65
CA ALA C 890 -55.62 7.77 44.46
C ALA C 890 -56.78 7.81 45.46
N LEU C 891 -57.54 6.72 45.52
CA LEU C 891 -58.69 6.61 46.40
C LEU C 891 -58.45 5.43 47.34
N GLN C 892 -58.50 5.70 48.65
CA GLN C 892 -58.23 4.65 49.63
C GLN C 892 -59.40 3.66 49.66
N ILE C 893 -59.11 2.45 50.11
CA ILE C 893 -60.09 1.37 50.19
C ILE C 893 -59.55 0.29 51.12
N PRO C 894 -60.38 -0.29 51.99
CA PRO C 894 -59.89 -1.37 52.84
C PRO C 894 -59.38 -2.55 52.00
N PHE C 895 -58.29 -3.15 52.47
CA PHE C 895 -57.67 -4.23 51.71
C PHE C 895 -58.60 -5.42 51.49
N PRO C 896 -59.36 -5.91 52.48
CA PRO C 896 -60.31 -6.99 52.18
C PRO C 896 -61.29 -6.65 51.09
N MET C 897 -61.76 -5.40 51.02
CA MET C 897 -62.67 -5.00 49.96
C MET C 897 -61.98 -5.03 48.60
N GLN C 898 -60.72 -4.60 48.56
CA GLN C 898 -59.96 -4.67 47.31
C GLN C 898 -59.79 -6.11 46.86
N MET C 899 -59.49 -7.01 47.80
CA MET C 899 -59.37 -8.42 47.44
C MET C 899 -60.70 -9.00 46.99
N ALA C 900 -61.82 -8.54 47.57
CA ALA C 900 -63.13 -8.98 47.11
C ALA C 900 -63.39 -8.52 45.68
N TYR C 901 -63.01 -7.28 45.37
CA TYR C 901 -63.12 -6.80 43.99
C TYR C 901 -62.30 -7.67 43.05
N ARG C 902 -61.07 -7.99 43.44
CA ARG C 902 -60.20 -8.78 42.58
C ARG C 902 -60.72 -10.20 42.39
N PHE C 903 -61.28 -10.79 43.45
CA PHE C 903 -61.93 -12.09 43.30
C PHE C 903 -63.12 -12.00 42.36
N ASN C 904 -63.93 -10.94 42.47
CA ASN C 904 -65.04 -10.76 41.56
C ASN C 904 -64.56 -10.58 40.13
N GLY C 905 -63.31 -10.12 39.97
CA GLY C 905 -62.78 -9.95 38.62
C GLY C 905 -62.60 -11.27 37.87
N ILE C 906 -62.23 -12.33 38.58
CA ILE C 906 -61.90 -13.59 37.93
C ILE C 906 -63.11 -14.52 37.92
N GLY C 907 -64.28 -13.99 38.26
CA GLY C 907 -65.50 -14.78 38.18
C GLY C 907 -65.88 -15.54 39.42
N VAL C 908 -65.39 -15.14 40.59
CA VAL C 908 -65.74 -15.76 41.85
C VAL C 908 -66.37 -14.70 42.74
N THR C 909 -67.53 -15.02 43.33
CA THR C 909 -68.30 -14.04 44.08
C THR C 909 -67.54 -13.61 45.34
N GLN C 910 -68.05 -12.53 45.95
CA GLN C 910 -67.35 -11.91 47.07
C GLN C 910 -67.47 -12.73 48.35
N ASN C 911 -68.61 -13.40 48.56
CA ASN C 911 -68.79 -14.14 49.80
C ASN C 911 -67.75 -15.24 49.94
N VAL C 912 -67.20 -15.72 48.83
CA VAL C 912 -66.14 -16.74 48.89
C VAL C 912 -64.95 -16.20 49.66
N LEU C 913 -64.54 -14.96 49.37
CA LEU C 913 -63.45 -14.35 50.14
C LEU C 913 -63.91 -14.01 51.54
N TYR C 914 -65.08 -13.35 51.67
CA TYR C 914 -65.48 -12.83 52.96
C TYR C 914 -65.74 -13.92 53.99
N GLU C 915 -65.99 -15.16 53.55
CA GLU C 915 -66.15 -16.27 54.48
C GLU C 915 -64.86 -17.06 54.69
N ASN C 916 -63.82 -16.78 53.93
CA ASN C 916 -62.53 -17.48 54.04
C ASN C 916 -61.37 -16.48 54.05
N GLN C 917 -61.52 -15.43 54.85
CA GLN C 917 -60.48 -14.41 54.90
C GLN C 917 -59.23 -14.92 55.60
N LYS C 918 -59.40 -15.56 56.76
CA LYS C 918 -58.25 -15.99 57.55
C LYS C 918 -57.43 -17.04 56.82
N LEU C 919 -58.10 -18.00 56.18
CA LEU C 919 -57.39 -19.04 55.45
C LEU C 919 -56.57 -18.47 54.31
N ILE C 920 -57.15 -17.51 53.57
CA ILE C 920 -56.43 -16.91 52.45
C ILE C 920 -55.25 -16.08 52.96
N ALA C 921 -55.42 -15.37 54.08
CA ALA C 921 -54.30 -14.63 54.64
C ALA C 921 -53.16 -15.56 55.03
N ASN C 922 -53.49 -16.69 55.68
CA ASN C 922 -52.47 -17.65 56.06
C ASN C 922 -51.76 -18.21 54.84
N GLN C 923 -52.52 -18.55 53.80
CA GLN C 923 -51.92 -19.08 52.58
C GLN C 923 -50.98 -18.05 51.95
N PHE C 924 -51.39 -16.79 51.90
CA PHE C 924 -50.55 -15.76 51.31
C PHE C 924 -49.25 -15.58 52.10
N ASN C 925 -49.34 -15.57 53.43
CA ASN C 925 -48.13 -15.42 54.24
C ASN C 925 -47.18 -16.60 54.05
N SER C 926 -47.72 -17.82 54.02
CA SER C 926 -46.88 -18.99 53.82
C SER C 926 -46.23 -18.96 52.45
N ALA C 927 -46.98 -18.53 51.43
CA ALA C 927 -46.41 -18.44 50.08
C ALA C 927 -45.27 -17.43 50.04
N ILE C 928 -45.44 -16.29 50.71
CA ILE C 928 -44.36 -15.29 50.73
C ILE C 928 -43.11 -15.85 51.40
N GLY C 929 -43.29 -16.51 52.54
CA GLY C 929 -42.13 -17.10 53.21
C GLY C 929 -41.43 -18.14 52.35
N LYS C 930 -42.21 -19.01 51.70
CA LYS C 930 -41.63 -20.01 50.81
C LYS C 930 -40.90 -19.36 49.65
N ILE C 931 -41.44 -18.25 49.13
CA ILE C 931 -40.78 -17.55 48.04
C ILE C 931 -39.42 -17.03 48.48
N GLN C 932 -39.36 -16.45 49.69
CA GLN C 932 -38.08 -15.97 50.20
C GLN C 932 -37.09 -17.12 50.34
N ASP C 933 -37.54 -18.24 50.92
CA ASP C 933 -36.63 -19.37 51.10
C ASP C 933 -36.13 -19.92 49.77
N SER C 934 -37.03 -20.06 48.79
CA SER C 934 -36.65 -20.57 47.49
C SER C 934 -35.67 -19.65 46.80
N LEU C 935 -35.89 -18.33 46.89
CA LEU C 935 -34.95 -17.39 46.30
C LEU C 935 -33.58 -17.49 46.97
N SER C 936 -33.57 -17.67 48.30
CA SER C 936 -32.30 -17.74 49.02
C SER C 936 -31.54 -19.02 48.69
N SER C 937 -32.24 -20.14 48.52
CA SER C 937 -31.62 -21.45 48.47
C SER C 937 -31.34 -21.97 47.07
N THR C 938 -31.56 -21.17 46.03
CA THR C 938 -31.33 -21.64 44.66
C THR C 938 -30.25 -20.79 44.00
N PRO C 939 -29.22 -21.40 43.42
CA PRO C 939 -28.13 -20.62 42.82
C PRO C 939 -28.43 -20.10 41.42
N SER C 940 -29.26 -20.82 40.67
CA SER C 940 -29.54 -20.51 39.28
C SER C 940 -30.78 -19.65 39.10
N ALA C 941 -31.42 -19.20 40.18
CA ALA C 941 -32.64 -18.42 40.07
C ALA C 941 -32.39 -17.08 39.39
N LEU C 942 -31.28 -16.41 39.74
CA LEU C 942 -30.97 -15.07 39.26
C LEU C 942 -30.00 -15.09 38.09
N GLY C 943 -30.20 -16.01 37.14
CA GLY C 943 -29.22 -16.19 36.07
C GLY C 943 -29.10 -15.01 35.12
N LYS C 944 -30.23 -14.43 34.71
CA LYS C 944 -30.23 -13.52 33.56
C LYS C 944 -29.33 -12.31 33.81
N LEU C 945 -29.46 -11.68 34.98
CA LEU C 945 -28.62 -10.53 35.32
C LEU C 945 -27.15 -10.92 35.36
N GLN C 946 -26.85 -12.11 35.91
CA GLN C 946 -25.47 -12.55 35.99
C GLN C 946 -24.87 -12.77 34.61
N ASP C 947 -25.64 -13.35 33.69
CA ASP C 947 -25.17 -13.49 32.31
C ASP C 947 -24.97 -12.14 31.65
N VAL C 948 -25.85 -11.18 31.93
CA VAL C 948 -25.65 -9.83 31.38
C VAL C 948 -24.30 -9.27 31.83
N VAL C 949 -24.04 -9.33 33.14
CA VAL C 949 -22.80 -8.80 33.68
C VAL C 949 -21.60 -9.56 33.13
N ASN C 950 -21.69 -10.89 33.06
CA ASN C 950 -20.59 -11.69 32.56
C ASN C 950 -20.30 -11.39 31.10
N HIS C 951 -21.35 -11.23 30.29
CA HIS C 951 -21.16 -10.90 28.88
C HIS C 951 -20.43 -9.57 28.72
N ASN C 952 -20.87 -8.55 29.45
CA ASN C 952 -20.20 -7.25 29.35
C ASN C 952 -18.75 -7.33 29.78
N ALA C 953 -18.49 -7.94 30.94
CA ALA C 953 -17.13 -8.01 31.46
C ALA C 953 -16.23 -8.83 30.54
N GLN C 954 -16.75 -9.94 30.01
CA GLN C 954 -15.95 -10.79 29.13
C GLN C 954 -15.64 -10.10 27.81
N ALA C 955 -16.61 -9.36 27.26
CA ALA C 955 -16.33 -8.60 26.04
C ALA C 955 -15.24 -7.56 26.28
N LEU C 956 -15.33 -6.85 27.41
CA LEU C 956 -14.32 -5.84 27.71
C LEU C 956 -12.95 -6.48 27.89
N ASN C 957 -12.89 -7.61 28.60
CA ASN C 957 -11.61 -8.28 28.82
C ASN C 957 -11.03 -8.82 27.53
N THR C 958 -11.88 -9.33 26.64
CA THR C 958 -11.41 -9.77 25.33
C THR C 958 -10.82 -8.62 24.54
N LEU C 959 -11.49 -7.46 24.57
CA LEU C 959 -10.94 -6.29 23.89
C LEU C 959 -9.59 -5.90 24.47
N VAL C 960 -9.46 -5.96 25.80
CA VAL C 960 -8.17 -5.66 26.41
C VAL C 960 -7.10 -6.64 25.96
N LYS C 961 -7.42 -7.95 25.97
CA LYS C 961 -6.44 -8.97 25.64
C LYS C 961 -6.02 -8.89 24.17
N GLN C 962 -6.92 -8.43 23.30
CA GLN C 962 -6.57 -8.32 21.88
C GLN C 962 -5.45 -7.33 21.63
N LEU C 963 -5.15 -6.45 22.59
CA LEU C 963 -4.12 -5.44 22.40
C LEU C 963 -2.72 -6.04 22.32
N SER C 964 -2.55 -7.30 22.72
CA SER C 964 -1.23 -7.92 22.83
C SER C 964 -0.86 -8.77 21.63
N SER C 965 -1.65 -8.75 20.57
CA SER C 965 -1.39 -9.57 19.40
C SER C 965 -0.53 -8.82 18.39
N LYS C 966 0.39 -9.55 17.75
CA LYS C 966 1.31 -8.93 16.82
C LYS C 966 0.65 -8.58 15.49
N PHE C 967 -0.41 -9.30 15.12
CA PHE C 967 -1.13 -9.08 13.86
C PHE C 967 -0.22 -9.25 12.66
N GLY C 968 0.82 -10.08 12.81
CA GLY C 968 1.74 -10.34 11.72
C GLY C 968 2.93 -9.41 11.62
N ALA C 969 3.03 -8.42 12.51
CA ALA C 969 4.20 -7.55 12.51
C ALA C 969 5.36 -8.22 13.25
N ILE C 970 6.51 -7.56 13.23
CA ILE C 970 7.69 -8.11 13.89
C ILE C 970 7.48 -8.18 15.40
N SER C 971 6.89 -7.14 15.98
CA SER C 971 6.66 -7.09 17.42
C SER C 971 5.38 -6.33 17.70
N SER C 972 4.84 -6.55 18.89
CA SER C 972 3.60 -5.91 19.32
C SER C 972 3.83 -4.68 20.18
N VAL C 973 5.07 -4.21 20.30
CA VAL C 973 5.40 -3.04 21.10
C VAL C 973 5.68 -1.90 20.13
N LEU C 974 4.92 -0.81 20.27
CA LEU C 974 5.01 0.28 19.31
C LEU C 974 6.31 1.06 19.44
N ASN C 975 6.70 1.40 20.67
CA ASN C 975 7.94 2.15 20.86
C ASN C 975 9.16 1.34 20.45
N ASP C 976 9.07 0.02 20.57
CA ASP C 976 10.17 -0.84 20.10
C ASP C 976 10.34 -0.73 18.59
N ILE C 977 9.24 -0.74 17.84
CA ILE C 977 9.32 -0.52 16.40
C ILE C 977 9.84 0.87 16.10
N PHE C 978 9.43 1.85 16.91
CA PHE C 978 10.00 3.19 16.80
C PHE C 978 11.50 3.19 16.99
N SER C 979 12.00 2.45 17.98
CA SER C 979 13.40 2.52 18.35
C SER C 979 14.26 1.47 17.66
N ARG C 980 13.71 0.70 16.73
CA ARG C 980 14.46 -0.37 16.08
C ARG C 980 14.66 -0.16 14.59
N LEU C 981 13.67 0.34 13.87
CA LEU C 981 13.72 0.37 12.42
C LEU C 981 13.81 1.80 11.89
N ASP C 982 13.93 1.90 10.58
CA ASP C 982 14.06 3.18 9.91
C ASP C 982 12.69 3.55 9.34
N PRO C 983 12.26 4.80 9.43
CA PRO C 983 10.81 5.15 9.29
C PRO C 983 10.07 4.42 8.17
N PRO C 984 10.50 4.52 6.90
CA PRO C 984 9.57 4.14 5.81
C PRO C 984 9.18 2.66 5.77
N GLU C 985 9.63 1.84 6.72
CA GLU C 985 9.08 0.50 6.89
C GLU C 985 8.45 0.28 8.26
N ALA C 986 8.95 0.96 9.29
CA ALA C 986 8.23 1.01 10.55
C ALA C 986 6.83 1.57 10.35
N GLU C 987 6.67 2.50 9.40
CA GLU C 987 5.35 3.02 9.11
C GLU C 987 4.44 1.95 8.50
N VAL C 988 5.01 1.04 7.69
CA VAL C 988 4.23 -0.08 7.18
C VAL C 988 3.77 -0.97 8.33
N GLN C 989 4.70 -1.30 9.23
CA GLN C 989 4.36 -2.16 10.36
C GLN C 989 3.27 -1.52 11.22
N ILE C 990 3.41 -0.23 11.50
CA ILE C 990 2.43 0.47 12.32
C ILE C 990 1.09 0.58 11.59
N ASP C 991 1.11 0.73 10.27
CA ASP C 991 -0.14 0.70 9.51
C ASP C 991 -0.86 -0.62 9.72
N ARG C 992 -0.11 -1.72 9.65
CA ARG C 992 -0.72 -3.04 9.87
C ARG C 992 -1.32 -3.13 11.27
N LEU C 993 -0.56 -2.70 12.29
CA LEU C 993 -1.05 -2.78 13.66
C LEU C 993 -2.30 -1.92 13.86
N ILE C 994 -2.29 -0.71 13.30
CA ILE C 994 -3.42 0.20 13.45
C ILE C 994 -4.66 -0.37 12.78
N THR C 995 -4.50 -0.95 11.58
CA THR C 995 -5.65 -1.56 10.92
C THR C 995 -6.23 -2.69 11.75
N GLY C 996 -5.37 -3.54 12.31
CA GLY C 996 -5.87 -4.64 13.13
C GLY C 996 -6.63 -4.15 14.36
N ARG C 997 -6.05 -3.18 15.07
CA ARG C 997 -6.70 -2.68 16.28
C ARG C 997 -8.01 -1.96 15.96
N LEU C 998 -8.04 -1.22 14.84
CA LEU C 998 -9.29 -0.57 14.42
C LEU C 998 -10.36 -1.60 14.12
N GLN C 999 -9.99 -2.69 13.45
CA GLN C 999 -10.96 -3.74 13.16
C GLN C 999 -11.51 -4.36 14.44
N SER C 1000 -10.63 -4.61 15.42
CA SER C 1000 -11.10 -5.16 16.70
C SER C 1000 -12.08 -4.20 17.38
N LEU C 1001 -11.74 -2.91 17.39
CA LEU C 1001 -12.62 -1.94 18.03
C LEU C 1001 -13.98 -1.88 17.33
N GLN C 1002 -13.98 -1.92 15.99
CA GLN C 1002 -15.31 -1.94 15.35
C GLN C 1002 -16.03 -3.18 15.87
N THR C 1003 -15.46 -4.35 15.69
CA THR C 1003 -16.21 -5.54 16.08
C THR C 1003 -16.85 -5.36 17.45
N TYR C 1004 -16.08 -4.82 18.40
CA TYR C 1004 -16.64 -4.61 19.73
C TYR C 1004 -17.83 -3.66 19.70
N VAL C 1005 -17.72 -2.57 18.93
CA VAL C 1005 -18.82 -1.61 18.86
C VAL C 1005 -20.08 -2.26 18.29
N THR C 1006 -19.92 -3.05 17.23
CA THR C 1006 -21.07 -3.71 16.64
C THR C 1006 -21.74 -4.67 17.63
N GLN C 1007 -20.94 -5.46 18.35
CA GLN C 1007 -21.52 -6.36 19.35
C GLN C 1007 -22.27 -5.58 20.42
N GLN C 1008 -21.71 -4.45 20.86
CA GLN C 1008 -22.39 -3.63 21.86
C GLN C 1008 -23.72 -3.12 21.33
N LEU C 1009 -23.75 -2.69 20.07
CA LEU C 1009 -25.02 -2.19 19.50
C LEU C 1009 -26.08 -3.28 19.50
N ILE C 1010 -25.71 -4.48 19.08
CA ILE C 1010 -26.70 -5.57 19.03
C ILE C 1010 -27.20 -5.90 20.43
N ARG C 1011 -26.29 -6.00 21.40
CA ARG C 1011 -26.72 -6.30 22.76
C ARG C 1011 -27.61 -5.20 23.33
N ALA C 1012 -27.30 -3.94 23.01
CA ALA C 1012 -28.14 -2.84 23.47
C ALA C 1012 -29.54 -2.93 22.89
N ALA C 1013 -29.66 -3.31 21.61
CA ALA C 1013 -30.99 -3.50 21.03
C ALA C 1013 -31.75 -4.59 21.77
N GLU C 1014 -31.08 -5.71 22.06
CA GLU C 1014 -31.77 -6.81 22.75
C GLU C 1014 -32.25 -6.36 24.13
N ILE C 1015 -31.39 -5.64 24.85
CA ILE C 1015 -31.74 -5.16 26.20
C ILE C 1015 -32.88 -4.15 26.14
N ARG C 1016 -32.90 -3.31 25.09
CA ARG C 1016 -34.00 -2.37 24.94
C ARG C 1016 -35.32 -3.10 24.74
N ALA C 1017 -35.31 -4.17 23.94
CA ALA C 1017 -36.53 -4.96 23.78
C ALA C 1017 -36.98 -5.55 25.11
N SER C 1018 -36.04 -6.09 25.89
CA SER C 1018 -36.38 -6.66 27.18
C SER C 1018 -36.94 -5.60 28.12
N ALA C 1019 -36.37 -4.40 28.09
CA ALA C 1019 -36.85 -3.31 28.94
C ALA C 1019 -38.27 -2.89 28.56
N ASN C 1020 -38.56 -2.87 27.25
CA ASN C 1020 -39.93 -2.57 26.82
C ASN C 1020 -40.90 -3.62 27.34
N LEU C 1021 -40.52 -4.90 27.26
CA LEU C 1021 -41.39 -5.94 27.80
C LEU C 1021 -41.61 -5.77 29.30
N ALA C 1022 -40.53 -5.43 30.03
CA ALA C 1022 -40.66 -5.24 31.47
C ALA C 1022 -41.58 -4.06 31.80
N ALA C 1023 -41.47 -2.96 31.04
CA ALA C 1023 -42.34 -1.82 31.27
C ALA C 1023 -43.80 -2.18 31.02
N THR C 1024 -44.07 -2.93 29.95
CA THR C 1024 -45.44 -3.37 29.69
C THR C 1024 -45.96 -4.25 30.82
N LYS C 1025 -45.13 -5.19 31.28
CA LYS C 1025 -45.55 -6.06 32.38
C LYS C 1025 -45.86 -5.26 33.63
N MET C 1026 -45.02 -4.28 33.96
CA MET C 1026 -45.29 -3.44 35.12
C MET C 1026 -46.62 -2.72 34.96
N SER C 1027 -46.81 -2.04 33.83
CA SER C 1027 -48.00 -1.22 33.64
C SER C 1027 -49.27 -2.06 33.67
N GLU C 1028 -49.22 -3.29 33.17
CA GLU C 1028 -50.44 -4.07 33.06
C GLU C 1028 -50.72 -4.99 34.24
N CYS C 1029 -49.69 -5.54 34.89
CA CYS C 1029 -49.94 -6.42 36.03
C CYS C 1029 -49.88 -5.70 37.38
N VAL C 1030 -49.07 -4.66 37.52
CA VAL C 1030 -48.95 -4.00 38.82
C VAL C 1030 -50.07 -2.98 38.99
N LEU C 1031 -50.22 -2.08 38.03
CA LEU C 1031 -51.20 -1.01 38.11
C LEU C 1031 -52.62 -1.47 37.81
N GLY C 1032 -52.86 -2.77 37.64
CA GLY C 1032 -54.20 -3.23 37.36
C GLY C 1032 -54.23 -4.75 37.32
N GLN C 1033 -55.39 -5.28 36.99
CA GLN C 1033 -55.60 -6.72 36.88
C GLN C 1033 -55.80 -7.08 35.41
N SER C 1034 -55.08 -8.12 34.96
CA SER C 1034 -55.06 -8.50 33.55
C SER C 1034 -55.73 -9.85 33.37
N LYS C 1035 -56.51 -9.97 32.30
CA LYS C 1035 -57.14 -11.22 31.91
C LYS C 1035 -56.33 -12.00 30.89
N ARG C 1036 -55.18 -11.47 30.46
CA ARG C 1036 -54.35 -12.18 29.51
C ARG C 1036 -53.76 -13.43 30.14
N VAL C 1037 -53.88 -14.56 29.46
CA VAL C 1037 -53.49 -15.84 30.02
C VAL C 1037 -51.98 -15.95 30.05
N ASP C 1038 -51.44 -16.36 31.19
CA ASP C 1038 -50.02 -16.62 31.41
C ASP C 1038 -49.15 -15.38 31.26
N PHE C 1039 -49.76 -14.20 31.11
CA PHE C 1039 -48.96 -12.98 31.02
C PHE C 1039 -48.35 -12.61 32.36
N CYS C 1040 -49.16 -12.65 33.43
CA CYS C 1040 -48.66 -12.27 34.74
C CYS C 1040 -48.69 -13.46 35.70
N GLY C 1041 -48.24 -14.62 35.23
CA GLY C 1041 -48.12 -15.78 36.10
C GLY C 1041 -48.98 -16.94 35.62
N LYS C 1042 -48.75 -18.10 36.25
CA LYS C 1042 -49.50 -19.30 35.94
C LYS C 1042 -50.76 -19.38 36.80
N GLY C 1043 -51.92 -19.38 36.15
CA GLY C 1043 -53.19 -19.37 36.85
C GLY C 1043 -53.93 -18.06 36.64
N TYR C 1044 -55.01 -17.91 37.40
CA TYR C 1044 -55.79 -16.67 37.34
C TYR C 1044 -55.07 -15.59 38.14
N HIS C 1045 -54.90 -14.42 37.54
CA HIS C 1045 -54.09 -13.36 38.14
C HIS C 1045 -54.91 -12.54 39.13
N LEU C 1046 -54.28 -12.17 40.24
CA LEU C 1046 -54.89 -11.32 41.25
C LEU C 1046 -54.17 -9.99 41.41
N MET C 1047 -52.86 -10.02 41.65
CA MET C 1047 -52.07 -8.82 41.81
C MET C 1047 -50.60 -9.19 41.71
N SER C 1048 -49.73 -8.18 41.74
CA SER C 1048 -48.30 -8.42 41.68
C SER C 1048 -47.58 -7.27 42.35
N PHE C 1049 -46.35 -7.54 42.79
CA PHE C 1049 -45.54 -6.56 43.50
C PHE C 1049 -44.16 -6.50 42.85
N PRO C 1050 -43.64 -5.30 42.61
CA PRO C 1050 -42.32 -5.16 42.02
C PRO C 1050 -41.21 -5.08 43.06
N GLN C 1051 -40.05 -5.60 42.68
CA GLN C 1051 -38.85 -5.53 43.51
C GLN C 1051 -37.67 -5.18 42.62
N SER C 1052 -36.79 -4.32 43.12
CA SER C 1052 -35.65 -3.91 42.34
C SER C 1052 -34.52 -4.94 42.43
N ALA C 1053 -33.57 -4.81 41.52
CA ALA C 1053 -32.42 -5.71 41.45
C ALA C 1053 -31.35 -5.04 40.60
N PRO C 1054 -30.08 -5.46 40.73
CA PRO C 1054 -29.03 -4.86 39.91
C PRO C 1054 -29.26 -5.08 38.42
N HIS C 1055 -29.47 -4.00 37.69
CA HIS C 1055 -29.74 -4.05 36.24
C HIS C 1055 -30.93 -4.93 35.92
N GLY C 1056 -31.99 -4.81 36.70
CA GLY C 1056 -33.19 -5.58 36.42
C GLY C 1056 -34.27 -5.32 37.45
N VAL C 1057 -35.41 -5.98 37.24
CA VAL C 1057 -36.56 -5.89 38.12
C VAL C 1057 -37.07 -7.30 38.36
N VAL C 1058 -37.75 -7.49 39.50
CA VAL C 1058 -38.29 -8.78 39.90
C VAL C 1058 -39.75 -8.60 40.28
N PHE C 1059 -40.62 -9.42 39.72
CA PHE C 1059 -42.06 -9.35 39.98
C PHE C 1059 -42.47 -10.53 40.85
N LEU C 1060 -43.48 -10.31 41.69
CA LEU C 1060 -44.03 -11.37 42.53
C LEU C 1060 -45.51 -11.51 42.20
N HIS C 1061 -45.83 -12.39 41.25
CA HIS C 1061 -47.19 -12.54 40.77
C HIS C 1061 -47.99 -13.41 41.73
N VAL C 1062 -49.01 -12.82 42.35
CA VAL C 1062 -49.94 -13.56 43.19
C VAL C 1062 -51.08 -14.05 42.31
N THR C 1063 -51.34 -15.35 42.34
CA THR C 1063 -52.29 -15.95 41.42
C THR C 1063 -53.17 -16.95 42.18
N TYR C 1064 -54.33 -17.22 41.59
CA TYR C 1064 -55.35 -18.10 42.17
C TYR C 1064 -55.38 -19.40 41.36
N VAL C 1065 -55.30 -20.53 42.06
CA VAL C 1065 -55.24 -21.84 41.43
C VAL C 1065 -56.29 -22.75 42.04
N PRO C 1066 -57.19 -23.33 41.25
CA PRO C 1066 -58.18 -24.26 41.81
C PRO C 1066 -57.54 -25.57 42.23
N ALA C 1067 -58.25 -26.28 43.12
CA ALA C 1067 -57.78 -27.57 43.59
C ALA C 1067 -58.96 -28.36 44.14
N GLN C 1068 -58.75 -29.67 44.31
CA GLN C 1068 -59.73 -30.59 44.88
C GLN C 1068 -61.03 -30.58 44.07
N GLU C 1069 -60.91 -31.02 42.81
CA GLU C 1069 -62.07 -31.09 41.93
C GLU C 1069 -62.93 -32.29 42.27
N LYS C 1070 -64.14 -32.31 41.72
CA LYS C 1070 -65.11 -33.35 41.96
C LYS C 1070 -66.06 -33.46 40.78
N ASN C 1071 -66.29 -34.68 40.31
CA ASN C 1071 -67.08 -34.92 39.12
C ASN C 1071 -68.56 -34.81 39.42
N PHE C 1072 -69.34 -34.51 38.37
CA PHE C 1072 -70.78 -34.34 38.51
C PHE C 1072 -71.45 -34.74 37.20
N THR C 1073 -72.78 -34.74 37.22
CA THR C 1073 -73.60 -34.96 36.03
C THR C 1073 -74.33 -33.66 35.70
N THR C 1074 -74.24 -33.24 34.44
CA THR C 1074 -74.76 -31.95 34.03
C THR C 1074 -75.77 -32.10 32.89
N ALA C 1075 -76.54 -31.03 32.68
CA ALA C 1075 -77.50 -30.94 31.60
C ALA C 1075 -77.51 -29.52 31.07
N PRO C 1076 -77.79 -29.31 29.78
CA PRO C 1076 -77.75 -27.94 29.25
C PRO C 1076 -78.92 -27.08 29.70
N ALA C 1077 -80.13 -27.62 29.71
CA ALA C 1077 -81.31 -26.84 30.06
C ALA C 1077 -82.27 -27.71 30.84
N ILE C 1078 -83.30 -27.08 31.41
CA ILE C 1078 -84.30 -27.75 32.23
C ILE C 1078 -85.68 -27.44 31.64
N CYS C 1079 -86.39 -28.49 31.21
CA CYS C 1079 -87.72 -28.32 30.65
C CYS C 1079 -88.75 -28.43 31.78
N HIS C 1080 -89.46 -27.33 32.04
CA HIS C 1080 -90.49 -27.31 33.07
C HIS C 1080 -91.71 -26.59 32.51
N ASP C 1081 -92.86 -27.28 32.55
CA ASP C 1081 -94.11 -26.75 32.01
C ASP C 1081 -93.99 -26.37 30.55
N GLY C 1082 -93.26 -27.17 29.77
CA GLY C 1082 -93.15 -26.95 28.35
C GLY C 1082 -92.18 -25.87 27.93
N LYS C 1083 -91.43 -25.29 28.87
CA LYS C 1083 -90.47 -24.25 28.56
C LYS C 1083 -89.07 -24.66 29.00
N ALA C 1084 -88.06 -24.19 28.28
CA ALA C 1084 -86.67 -24.53 28.54
C ALA C 1084 -86.02 -23.39 29.32
N HIS C 1085 -85.43 -23.73 30.47
CA HIS C 1085 -84.79 -22.75 31.33
C HIS C 1085 -83.28 -22.92 31.27
N PHE C 1086 -82.58 -21.81 31.08
CA PHE C 1086 -81.13 -21.81 31.02
C PHE C 1086 -80.55 -21.05 32.21
N PRO C 1087 -79.35 -21.40 32.66
CA PRO C 1087 -78.74 -20.66 33.77
C PRO C 1087 -78.34 -19.26 33.34
N ARG C 1088 -78.29 -18.36 34.32
CA ARG C 1088 -77.86 -17.00 34.05
C ARG C 1088 -76.33 -16.91 33.97
N GLU C 1089 -75.65 -17.27 35.06
CA GLU C 1089 -74.20 -17.33 35.07
C GLU C 1089 -73.65 -18.67 35.55
N GLY C 1090 -74.48 -19.52 36.14
CA GLY C 1090 -74.03 -20.78 36.71
C GLY C 1090 -74.05 -21.92 35.73
N VAL C 1091 -74.17 -23.14 36.28
CA VAL C 1091 -74.20 -24.35 35.48
C VAL C 1091 -75.01 -25.39 36.24
N PHE C 1092 -75.83 -26.14 35.53
CA PHE C 1092 -76.68 -27.14 36.15
C PHE C 1092 -75.87 -28.39 36.45
N VAL C 1093 -75.88 -28.82 37.72
CA VAL C 1093 -75.18 -30.01 38.15
C VAL C 1093 -76.12 -30.84 39.01
N SER C 1094 -75.76 -32.11 39.18
CA SER C 1094 -76.56 -33.03 39.98
C SER C 1094 -75.64 -34.01 40.67
N ASN C 1095 -76.00 -34.38 41.90
CA ASN C 1095 -75.26 -35.39 42.64
C ASN C 1095 -75.87 -36.78 42.50
N GLY C 1096 -76.91 -36.93 41.69
CA GLY C 1096 -77.54 -38.22 41.49
C GLY C 1096 -79.04 -38.19 41.66
N THR C 1097 -79.53 -37.39 42.60
CA THR C 1097 -80.96 -37.35 42.89
C THR C 1097 -81.55 -35.95 42.72
N HIS C 1098 -80.80 -34.91 43.02
CA HIS C 1098 -81.30 -33.55 42.95
C HIS C 1098 -80.42 -32.72 42.02
N TRP C 1099 -81.02 -31.66 41.46
CA TRP C 1099 -80.33 -30.76 40.55
C TRP C 1099 -80.11 -29.41 41.22
N PHE C 1100 -79.00 -28.77 40.92
CA PHE C 1100 -78.66 -27.48 41.46
C PHE C 1100 -78.01 -26.63 40.38
N VAL C 1101 -77.84 -25.35 40.69
CA VAL C 1101 -77.12 -24.41 39.83
C VAL C 1101 -76.01 -23.78 40.65
N THR C 1102 -74.79 -23.81 40.11
CA THR C 1102 -73.62 -23.35 40.83
C THR C 1102 -72.67 -22.65 39.87
N GLN C 1103 -71.82 -21.80 40.42
CA GLN C 1103 -70.85 -21.07 39.62
C GLN C 1103 -69.79 -22.02 39.06
N ARG C 1104 -69.11 -21.56 38.02
CA ARG C 1104 -68.20 -22.44 37.28
C ARG C 1104 -66.94 -22.75 38.08
N ASN C 1105 -66.34 -21.75 38.72
CA ASN C 1105 -65.02 -21.89 39.33
C ASN C 1105 -65.06 -22.31 40.79
N PHE C 1106 -66.23 -22.55 41.35
CA PHE C 1106 -66.33 -22.93 42.76
C PHE C 1106 -67.63 -23.69 42.96
N TYR C 1107 -67.63 -24.65 43.87
CA TYR C 1107 -68.81 -25.46 44.12
C TYR C 1107 -69.64 -24.81 45.23
N GLU C 1108 -70.78 -24.24 44.85
CA GLU C 1108 -71.71 -23.67 45.80
C GLU C 1108 -73.12 -23.91 45.28
N PRO C 1109 -73.75 -25.03 45.66
CA PRO C 1109 -75.05 -25.37 45.07
C PRO C 1109 -76.16 -24.43 45.54
N GLN C 1110 -77.14 -24.25 44.66
CA GLN C 1110 -78.32 -23.44 44.95
C GLN C 1110 -79.54 -24.13 44.36
N ILE C 1111 -80.68 -23.89 44.99
CA ILE C 1111 -81.95 -24.40 44.48
C ILE C 1111 -82.30 -23.65 43.20
N ILE C 1112 -82.83 -24.37 42.22
CA ILE C 1112 -83.16 -23.77 40.93
C ILE C 1112 -84.47 -23.00 41.07
N THR C 1113 -84.39 -21.69 40.95
CA THR C 1113 -85.56 -20.82 40.99
C THR C 1113 -85.64 -20.02 39.70
N THR C 1114 -86.59 -19.10 39.65
CA THR C 1114 -86.73 -18.21 38.51
C THR C 1114 -85.88 -16.95 38.63
N ASP C 1115 -85.17 -16.78 39.75
CA ASP C 1115 -84.28 -15.64 39.89
C ASP C 1115 -82.99 -15.84 39.11
N ASN C 1116 -82.51 -17.09 39.02
CA ASN C 1116 -81.24 -17.38 38.36
C ASN C 1116 -81.42 -18.19 37.08
N THR C 1117 -82.63 -18.27 36.54
CA THR C 1117 -82.88 -18.96 35.28
C THR C 1117 -83.76 -18.08 34.40
N PHE C 1118 -83.53 -18.16 33.09
CA PHE C 1118 -84.34 -17.43 32.12
C PHE C 1118 -84.90 -18.39 31.08
N VAL C 1119 -86.08 -18.06 30.59
CA VAL C 1119 -86.84 -18.93 29.69
C VAL C 1119 -86.58 -18.51 28.25
N SER C 1120 -86.48 -19.49 27.35
CA SER C 1120 -86.30 -19.20 25.93
C SER C 1120 -86.86 -20.37 25.12
N GLY C 1121 -88.07 -20.20 24.60
CA GLY C 1121 -88.67 -21.19 23.74
C GLY C 1121 -89.15 -22.42 24.48
N ASN C 1122 -89.51 -23.45 23.72
CA ASN C 1122 -89.94 -24.71 24.29
C ASN C 1122 -88.76 -25.69 24.36
N CYS C 1123 -89.04 -26.87 24.93
CA CYS C 1123 -88.00 -27.87 25.18
C CYS C 1123 -88.03 -29.01 24.17
N ASP C 1124 -88.28 -28.71 22.89
CA ASP C 1124 -88.25 -29.70 21.83
C ASP C 1124 -87.13 -29.48 20.83
N VAL C 1125 -86.29 -28.46 21.03
CA VAL C 1125 -85.23 -28.13 20.09
C VAL C 1125 -83.85 -28.43 20.67
N VAL C 1126 -83.65 -28.17 21.96
CA VAL C 1126 -82.36 -28.42 22.59
C VAL C 1126 -82.16 -29.92 22.79
N ILE C 1127 -80.95 -30.39 22.49
CA ILE C 1127 -80.62 -31.81 22.59
C ILE C 1127 -79.98 -32.06 23.93
N GLY C 1128 -80.61 -32.91 24.75
CA GLY C 1128 -80.09 -33.25 26.05
C GLY C 1128 -80.80 -32.62 27.22
N ILE C 1129 -81.97 -32.01 27.02
CA ILE C 1129 -82.71 -31.42 28.11
C ILE C 1129 -83.24 -32.51 29.03
N VAL C 1130 -83.36 -32.21 30.32
CA VAL C 1130 -83.83 -33.15 31.33
C VAL C 1130 -84.98 -32.51 32.09
N ASN C 1131 -85.98 -33.32 32.44
CA ASN C 1131 -87.12 -32.84 33.19
C ASN C 1131 -86.72 -32.49 34.62
N ASN C 1132 -87.35 -31.47 35.17
CA ASN C 1132 -87.25 -31.13 36.58
C ASN C 1132 -88.27 -30.05 36.89
N THR C 1133 -88.30 -29.63 38.15
CA THR C 1133 -89.17 -28.55 38.56
C THR C 1133 -88.35 -27.32 38.97
N VAL C 1134 -88.91 -26.15 38.71
CA VAL C 1134 -88.27 -24.88 39.02
C VAL C 1134 -89.12 -24.18 40.07
N TYR C 1135 -88.57 -24.04 41.27
CA TYR C 1135 -89.31 -23.43 42.36
C TYR C 1135 -89.54 -21.95 42.09
N ASP C 1136 -90.76 -21.49 42.37
CA ASP C 1136 -91.11 -20.09 42.18
C ASP C 1136 -91.16 -19.41 43.55
N PRO C 1137 -90.29 -18.44 43.82
CA PRO C 1137 -90.30 -17.80 45.14
C PRO C 1137 -91.57 -17.03 45.43
N LEU C 1138 -92.32 -16.63 44.40
CA LEU C 1138 -93.49 -15.80 44.58
C LEU C 1138 -94.69 -16.59 45.09
N GLN C 1139 -94.75 -17.89 44.82
CA GLN C 1139 -95.94 -18.68 45.12
C GLN C 1139 -96.32 -18.66 46.59
N PRO C 1140 -95.43 -18.89 47.56
CA PRO C 1140 -95.86 -18.87 48.97
C PRO C 1140 -96.41 -17.53 49.42
N GLU C 1141 -96.03 -16.43 48.77
CA GLU C 1141 -96.52 -15.12 49.20
C GLU C 1141 -98.00 -14.97 48.94
N LEU C 1142 -98.46 -15.31 47.73
CA LEU C 1142 -99.89 -15.29 47.47
C LEU C 1142 -100.60 -16.55 47.97
N ASP C 1143 -99.85 -17.55 48.43
CA ASP C 1143 -100.49 -18.70 49.06
C ASP C 1143 -101.22 -18.29 50.32
N SER C 1144 -100.62 -17.40 51.12
CA SER C 1144 -101.25 -16.89 52.33
C SER C 1144 -102.11 -15.67 52.02
N ASP D 1 64.85 -7.38 -7.19
CA ASP D 1 65.66 -7.63 -6.01
C ASP D 1 65.86 -6.36 -5.21
N ILE D 2 65.33 -6.34 -3.98
CA ILE D 2 65.43 -5.17 -3.11
C ILE D 2 66.64 -5.37 -2.20
N GLN D 3 67.72 -4.63 -2.48
CA GLN D 3 68.88 -4.62 -1.62
C GLN D 3 68.55 -3.87 -0.34
N MET D 4 69.10 -4.34 0.78
CA MET D 4 68.71 -3.86 2.09
C MET D 4 69.93 -3.64 2.96
N THR D 5 69.95 -2.53 3.68
CA THR D 5 71.12 -2.09 4.43
C THR D 5 70.77 -1.87 5.91
N GLN D 6 71.81 -1.87 6.74
CA GLN D 6 71.67 -1.64 8.18
C GLN D 6 72.68 -0.62 8.63
N SER D 7 72.33 0.11 9.70
CA SER D 7 73.23 1.08 10.29
C SER D 7 73.00 1.11 11.80
N PRO D 8 74.06 1.10 12.61
CA PRO D 8 75.48 1.02 12.23
C PRO D 8 75.91 -0.42 11.97
N SER D 9 76.98 -0.62 11.19
CA SER D 9 77.50 -1.96 10.99
C SER D 9 78.01 -2.57 12.29
N THR D 10 78.69 -1.76 13.11
CA THR D 10 79.15 -2.18 14.42
C THR D 10 78.74 -1.11 15.43
N LEU D 11 78.17 -1.56 16.55
CA LEU D 11 77.68 -0.66 17.60
C LEU D 11 78.37 -0.98 18.91
N SER D 12 78.77 0.06 19.63
CA SER D 12 79.39 -0.07 20.95
C SER D 12 78.54 0.63 21.99
N ALA D 13 78.24 -0.06 23.09
CA ALA D 13 77.42 0.49 24.15
C ALA D 13 77.77 -0.22 25.45
N SER D 14 76.95 -0.01 26.48
CA SER D 14 77.16 -0.60 27.79
C SER D 14 75.85 -1.17 28.31
N VAL D 15 75.95 -2.06 29.29
CA VAL D 15 74.78 -2.72 29.84
C VAL D 15 73.85 -1.69 30.48
N GLY D 16 72.56 -1.82 30.20
CA GLY D 16 71.57 -0.91 30.73
C GLY D 16 71.28 0.31 29.88
N ASP D 17 72.03 0.51 28.80
CA ASP D 17 71.81 1.65 27.92
C ASP D 17 70.73 1.34 26.89
N ARG D 18 70.29 2.38 26.19
CA ARG D 18 69.30 2.25 25.14
C ARG D 18 70.01 2.29 23.78
N VAL D 19 69.79 1.25 22.98
CA VAL D 19 70.43 1.11 21.68
C VAL D 19 69.35 1.08 20.60
N THR D 20 69.62 1.78 19.50
CA THR D 20 68.71 1.83 18.36
C THR D 20 69.46 1.44 17.10
N ILE D 21 68.89 0.53 16.32
CA ILE D 21 69.46 0.10 15.06
C ILE D 21 68.43 0.36 13.95
N THR D 22 68.87 1.04 12.90
CA THR D 22 67.99 1.42 11.80
C THR D 22 68.32 0.59 10.56
N CYS D 23 67.27 0.08 9.91
CA CYS D 23 67.42 -0.81 8.76
C CYS D 23 66.59 -0.25 7.61
N ARG D 24 67.22 -0.08 6.45
CA ARG D 24 66.57 0.51 5.29
C ARG D 24 66.60 -0.45 4.11
N ALA D 25 65.58 -0.37 3.27
CA ALA D 25 65.47 -1.17 2.06
C ALA D 25 65.52 -0.25 0.84
N SER D 26 66.07 -0.77 -0.26
CA SER D 26 66.19 0.04 -1.47
C SER D 26 64.83 0.42 -2.02
N GLN D 27 63.88 -0.51 -2.01
CA GLN D 27 62.53 -0.27 -2.51
C GLN D 27 61.51 -0.59 -1.42
N SER D 28 60.26 -0.20 -1.68
CA SER D 28 59.20 -0.37 -0.69
C SER D 28 58.93 -1.86 -0.47
N ILE D 29 58.82 -2.25 0.81
CA ILE D 29 58.53 -3.67 1.17
C ILE D 29 57.29 -3.70 2.06
N SER D 30 56.64 -2.54 2.25
CA SER D 30 55.42 -2.45 3.10
C SER D 30 55.76 -2.78 4.55
N SER D 31 54.80 -3.31 5.31
CA SER D 31 55.02 -3.59 6.76
C SER D 31 55.36 -5.07 6.98
N TRP D 32 56.12 -5.67 6.06
CA TRP D 32 56.55 -7.06 6.23
C TRP D 32 58.06 -7.09 6.41
N LEU D 33 58.51 -7.49 7.60
CA LEU D 33 59.93 -7.49 7.91
C LEU D 33 60.20 -8.48 9.05
N ALA D 34 61.44 -8.94 9.13
CA ALA D 34 61.85 -9.86 10.17
C ALA D 34 63.25 -9.49 10.67
N TRP D 35 63.43 -9.57 11.99
CA TRP D 35 64.71 -9.34 12.64
C TRP D 35 65.24 -10.64 13.22
N TYR D 36 66.53 -10.89 13.01
CA TYR D 36 67.16 -12.12 13.49
C TYR D 36 68.41 -11.77 14.29
N GLN D 37 68.58 -12.46 15.41
CA GLN D 37 69.72 -12.28 16.30
C GLN D 37 70.54 -13.56 16.35
N GLN D 38 71.83 -13.47 16.02
CA GLN D 38 72.68 -14.64 15.90
C GLN D 38 73.83 -14.55 16.91
N LYS D 39 73.92 -15.53 17.79
CA LYS D 39 75.09 -15.67 18.65
C LYS D 39 76.30 -16.05 17.82
N PRO D 40 77.51 -15.69 18.26
CA PRO D 40 78.71 -16.06 17.49
C PRO D 40 78.88 -17.57 17.42
N GLY D 41 78.76 -18.09 16.20
CA GLY D 41 78.91 -19.51 15.97
C GLY D 41 77.67 -20.34 16.23
N LYS D 42 76.52 -19.71 16.45
CA LYS D 42 75.27 -20.41 16.72
C LYS D 42 74.20 -19.99 15.73
N ALA D 43 73.13 -20.77 15.68
CA ALA D 43 72.02 -20.47 14.78
C ALA D 43 71.33 -19.17 15.19
N PRO D 44 70.99 -18.31 14.24
CA PRO D 44 70.29 -17.06 14.58
C PRO D 44 68.91 -17.31 15.14
N LYS D 45 68.48 -16.40 16.01
CA LYS D 45 67.16 -16.43 16.64
C LYS D 45 66.29 -15.34 16.05
N LEU D 46 65.06 -15.70 15.68
CA LEU D 46 64.09 -14.70 15.25
C LEU D 46 63.49 -14.02 16.48
N LEU D 47 63.42 -12.69 16.43
CA LEU D 47 62.90 -11.92 17.56
C LEU D 47 61.65 -11.12 17.23
N ILE D 48 61.57 -10.51 16.06
CA ILE D 48 60.40 -9.72 15.66
C ILE D 48 60.09 -10.01 14.20
N TYR D 49 58.82 -10.25 13.91
CA TYR D 49 58.33 -10.43 12.54
C TYR D 49 57.28 -9.37 12.25
N LYS D 50 57.13 -9.05 10.96
CA LYS D 50 56.27 -7.97 10.47
C LYS D 50 56.71 -6.60 10.96
N ALA D 51 57.87 -6.50 11.60
CA ALA D 51 58.48 -5.29 12.14
C ALA D 51 57.68 -4.69 13.29
N SER D 52 56.53 -5.27 13.66
CA SER D 52 55.74 -4.74 14.76
C SER D 52 55.30 -5.87 15.70
N SER D 53 55.29 -7.09 15.20
CA SER D 53 54.83 -8.25 15.96
C SER D 53 56.02 -8.97 16.59
N LEU D 54 55.88 -9.34 17.86
CA LEU D 54 56.92 -10.02 18.60
C LEU D 54 56.58 -11.51 18.72
N GLU D 55 57.60 -12.35 18.58
CA GLU D 55 57.42 -13.79 18.70
C GLU D 55 57.17 -14.19 20.15
N SER D 56 56.77 -15.44 20.33
CA SER D 56 56.61 -15.98 21.67
C SER D 56 57.96 -16.36 22.25
N GLY D 57 58.24 -15.91 23.48
CA GLY D 57 59.47 -16.18 24.16
C GLY D 57 60.49 -15.06 24.10
N VAL D 58 60.36 -14.16 23.14
CA VAL D 58 61.26 -13.00 23.11
C VAL D 58 60.87 -12.02 24.20
N PRO D 59 61.82 -11.40 24.90
CA PRO D 59 61.46 -10.43 25.94
C PRO D 59 60.79 -9.20 25.33
N SER D 60 59.93 -8.56 26.13
CA SER D 60 59.30 -7.31 25.71
C SER D 60 60.30 -6.17 25.60
N ARG D 61 61.53 -6.36 26.08
CA ARG D 61 62.55 -5.32 25.99
C ARG D 61 62.81 -4.91 24.56
N PHE D 62 62.77 -5.86 23.62
CA PHE D 62 62.92 -5.55 22.22
C PHE D 62 61.62 -4.98 21.66
N SER D 63 61.75 -3.95 20.83
CA SER D 63 60.60 -3.31 20.21
C SER D 63 61.01 -2.70 18.88
N GLY D 64 60.23 -3.00 17.84
CA GLY D 64 60.51 -2.49 16.51
C GLY D 64 59.33 -1.71 15.95
N SER D 65 59.64 -0.75 15.09
CA SER D 65 58.60 0.06 14.47
C SER D 65 59.05 0.46 13.07
N GLY D 66 58.10 0.52 12.14
CA GLY D 66 58.41 0.89 10.78
C GLY D 66 57.24 0.68 9.83
N SER D 67 57.11 1.56 8.84
CA SER D 67 56.02 1.49 7.87
C SER D 67 56.50 1.08 6.48
N GLY D 68 57.53 1.75 5.96
CA GLY D 68 58.08 1.42 4.66
C GLY D 68 59.33 2.19 4.35
N THR D 69 60.37 1.49 3.87
CA THR D 69 61.67 2.03 3.49
C THR D 69 62.46 2.53 4.71
N GLU D 70 61.86 2.49 5.91
CA GLU D 70 62.54 2.95 7.12
C GLU D 70 62.02 2.13 8.29
N PHE D 71 62.90 1.35 8.90
CA PHE D 71 62.54 0.50 10.03
C PHE D 71 63.61 0.62 11.11
N THR D 72 63.17 0.53 12.36
CA THR D 72 64.08 0.67 13.49
C THR D 72 63.72 -0.37 14.54
N LEU D 73 64.76 -0.85 15.24
CA LEU D 73 64.61 -1.75 16.37
C LEU D 73 65.37 -1.15 17.55
N THR D 74 64.71 -1.08 18.71
CA THR D 74 65.28 -0.42 19.87
C THR D 74 65.18 -1.31 21.09
N ILE D 75 66.20 -1.22 21.94
CA ILE D 75 66.23 -1.90 23.23
C ILE D 75 66.44 -0.85 24.30
N SER D 76 65.45 -0.65 25.15
CA SER D 76 65.53 0.42 26.15
C SER D 76 66.59 0.15 27.20
N SER D 77 66.71 -1.10 27.64
CA SER D 77 67.71 -1.48 28.64
C SER D 77 68.57 -2.60 28.06
N LEU D 78 69.82 -2.28 27.73
CA LEU D 78 70.71 -3.26 27.14
C LEU D 78 71.05 -4.35 28.14
N GLN D 79 71.12 -5.59 27.65
CA GLN D 79 71.37 -6.76 28.48
C GLN D 79 72.54 -7.55 27.89
N PRO D 80 73.42 -8.09 28.74
CA PRO D 80 74.63 -8.75 28.21
C PRO D 80 74.35 -9.89 27.25
N ASP D 81 73.29 -10.69 27.49
CA ASP D 81 73.02 -11.82 26.61
C ASP D 81 72.47 -11.39 25.25
N ASP D 82 72.08 -10.13 25.09
CA ASP D 82 71.64 -9.62 23.80
C ASP D 82 72.79 -9.29 22.87
N PHE D 83 74.03 -9.35 23.34
CA PHE D 83 75.19 -9.02 22.51
C PHE D 83 75.35 -10.09 21.43
N ALA D 84 75.01 -9.74 20.20
CA ALA D 84 75.06 -10.68 19.08
C ALA D 84 75.03 -9.87 17.79
N THR D 85 74.86 -10.56 16.67
CA THR D 85 74.76 -9.94 15.35
C THR D 85 73.30 -9.96 14.91
N TYR D 86 72.79 -8.80 14.50
CA TYR D 86 71.39 -8.65 14.12
C TYR D 86 71.28 -8.53 12.61
N TYR D 87 70.39 -9.33 12.01
CA TYR D 87 70.20 -9.36 10.58
C TYR D 87 68.75 -9.02 10.23
N CYS D 88 68.58 -8.25 9.16
CA CYS D 88 67.27 -7.93 8.63
C CYS D 88 66.85 -8.97 7.59
N GLN D 89 65.56 -8.96 7.25
CA GLN D 89 65.04 -9.80 6.20
C GLN D 89 63.70 -9.26 5.73
N GLN D 90 63.51 -9.20 4.42
CA GLN D 90 62.24 -8.81 3.82
C GLN D 90 61.69 -9.98 3.03
N TYR D 91 60.42 -10.29 3.24
CA TYR D 91 59.76 -11.40 2.57
C TYR D 91 58.63 -10.91 1.68
N ASN D 92 58.79 -9.71 1.12
CA ASN D 92 57.91 -9.20 0.09
C ASN D 92 58.58 -9.44 -1.25
N SER D 93 57.88 -10.16 -2.15
CA SER D 93 58.42 -10.61 -3.43
C SER D 93 59.53 -11.63 -3.20
N TYR D 94 59.83 -12.45 -4.22
CA TYR D 94 60.81 -13.51 -4.09
C TYR D 94 62.22 -12.96 -3.90
N SER D 95 63.19 -13.87 -3.75
CA SER D 95 64.60 -13.49 -3.52
C SER D 95 64.72 -12.64 -2.25
N HIS D 96 64.42 -13.27 -1.12
CA HIS D 96 64.41 -12.59 0.15
C HIS D 96 65.83 -12.21 0.57
N THR D 97 66.24 -10.98 0.26
CA THR D 97 67.57 -10.54 0.62
C THR D 97 67.66 -10.25 2.11
N PHE D 98 68.79 -10.60 2.71
CA PHE D 98 69.03 -10.37 4.13
C PHE D 98 69.74 -9.03 4.31
N GLY D 99 70.13 -8.73 5.56
CA GLY D 99 70.86 -7.52 5.86
C GLY D 99 72.35 -7.74 5.93
N GLN D 100 73.08 -6.63 6.14
CA GLN D 100 74.53 -6.71 6.23
C GLN D 100 74.98 -7.27 7.58
N GLY D 101 74.21 -7.02 8.64
CA GLY D 101 74.55 -7.54 9.95
C GLY D 101 75.13 -6.49 10.88
N THR D 102 74.41 -6.16 11.95
CA THR D 102 74.85 -5.19 12.93
C THR D 102 75.51 -5.93 14.09
N LYS D 103 76.76 -5.58 14.37
CA LYS D 103 77.57 -6.26 15.38
C LYS D 103 77.53 -5.49 16.69
N LEU D 104 77.33 -6.21 17.79
CA LEU D 104 77.31 -5.65 19.13
C LEU D 104 78.55 -6.09 19.88
N GLU D 105 79.26 -5.13 20.48
CA GLU D 105 80.48 -5.44 21.22
C GLU D 105 80.45 -4.80 22.60
N ILE D 106 81.55 -4.89 23.34
CA ILE D 106 81.66 -4.39 24.70
C ILE D 106 82.51 -3.12 24.67
N LYS D 107 81.98 -2.04 25.27
CA LYS D 107 82.70 -0.79 25.37
C LYS D 107 83.75 -0.87 26.47
N ARG D 108 84.98 -0.50 26.15
CA ARG D 108 86.07 -0.53 27.12
C ARG D 108 86.69 0.86 27.30
N GLN E 1 59.03 -27.37 22.12
CA GLN E 1 58.08 -28.36 21.63
C GLN E 1 58.55 -28.97 20.31
N VAL E 2 58.51 -28.16 19.25
CA VAL E 2 58.89 -28.61 17.92
C VAL E 2 60.36 -28.27 17.68
N GLN E 3 61.15 -29.28 17.32
CA GLN E 3 62.57 -29.13 17.08
C GLN E 3 62.94 -29.81 15.78
N LEU E 4 64.07 -29.39 15.20
CA LEU E 4 64.55 -29.92 13.93
C LEU E 4 65.98 -30.43 14.09
N VAL E 5 66.26 -31.58 13.49
CA VAL E 5 67.58 -32.20 13.54
C VAL E 5 68.06 -32.43 12.12
N GLN E 6 69.30 -32.03 11.85
CA GLN E 6 69.91 -32.15 10.52
C GLN E 6 71.02 -33.20 10.55
N SER E 7 71.69 -33.35 9.42
CA SER E 7 72.75 -34.33 9.28
C SER E 7 74.08 -33.76 9.77
N GLY E 8 75.15 -34.53 9.59
CA GLY E 8 76.48 -34.12 9.99
C GLY E 8 77.20 -33.34 8.90
N ALA E 9 78.48 -33.07 9.16
CA ALA E 9 79.31 -32.35 8.21
C ALA E 9 79.58 -33.20 6.97
N GLU E 10 79.66 -32.53 5.83
CA GLU E 10 79.86 -33.18 4.54
C GLU E 10 81.05 -32.57 3.83
N VAL E 11 81.84 -33.42 3.17
CA VAL E 11 82.95 -32.99 2.33
C VAL E 11 82.75 -33.60 0.95
N LYS E 12 82.57 -32.75 -0.06
CA LYS E 12 82.24 -33.19 -1.40
C LYS E 12 83.15 -32.52 -2.42
N LYS E 13 83.44 -33.25 -3.49
CA LYS E 13 84.22 -32.70 -4.60
C LYS E 13 83.37 -31.72 -5.39
N PRO E 14 84.01 -30.80 -6.12
CA PRO E 14 83.23 -29.87 -6.97
C PRO E 14 82.37 -30.59 -8.00
N GLY E 15 82.84 -31.70 -8.55
CA GLY E 15 82.08 -32.45 -9.53
C GLY E 15 81.22 -33.54 -8.92
N SER E 16 80.28 -33.16 -8.07
CA SER E 16 79.40 -34.12 -7.41
C SER E 16 78.18 -33.37 -6.89
N SER E 17 77.35 -34.06 -6.10
CA SER E 17 76.16 -33.47 -5.50
C SER E 17 76.08 -33.86 -4.04
N VAL E 18 75.44 -33.01 -3.25
CA VAL E 18 75.36 -33.17 -1.79
C VAL E 18 73.89 -33.21 -1.40
N LYS E 19 73.53 -34.19 -0.55
CA LYS E 19 72.18 -34.33 -0.03
C LYS E 19 72.21 -34.05 1.47
N VAL E 20 71.35 -33.12 1.90
CA VAL E 20 71.26 -32.72 3.31
C VAL E 20 69.84 -32.98 3.78
N SER E 21 69.70 -33.70 4.88
CA SER E 21 68.41 -34.04 5.45
C SER E 21 68.03 -33.07 6.57
N CYS E 22 66.73 -33.00 6.84
CA CYS E 22 66.22 -32.13 7.90
C CYS E 22 64.97 -32.79 8.48
N LYS E 23 65.12 -33.40 9.65
CA LYS E 23 64.02 -34.10 10.32
C LYS E 23 63.38 -33.16 11.34
N ALA E 24 62.07 -32.97 11.23
CA ALA E 24 61.32 -32.11 12.14
C ALA E 24 60.32 -32.96 12.92
N SER E 25 60.30 -32.78 14.24
CA SER E 25 59.43 -33.53 15.12
C SER E 25 58.59 -32.57 15.96
N GLY E 26 57.30 -32.84 16.04
CA GLY E 26 56.40 -32.01 16.84
C GLY E 26 55.29 -31.38 16.04
N GLY E 27 54.07 -31.41 16.59
CA GLY E 27 52.94 -30.81 15.91
C GLY E 27 52.49 -31.60 14.70
N THR E 28 51.81 -30.90 13.79
CA THR E 28 51.31 -31.48 12.56
C THR E 28 52.22 -31.11 11.40
N PHE E 29 52.58 -32.09 10.58
CA PHE E 29 53.50 -31.86 9.48
C PHE E 29 52.85 -31.09 8.33
N SER E 30 51.53 -31.16 8.19
CA SER E 30 50.86 -30.50 7.07
C SER E 30 50.82 -28.98 7.24
N SER E 31 50.92 -28.47 8.46
CA SER E 31 50.86 -27.04 8.73
C SER E 31 52.25 -26.42 8.84
N TYR E 32 53.23 -26.95 8.12
CA TYR E 32 54.60 -26.48 8.21
C TYR E 32 55.09 -25.96 6.88
N SER E 33 55.83 -24.85 6.92
CA SER E 33 56.53 -24.30 5.77
C SER E 33 58.02 -24.37 6.03
N PHE E 34 58.75 -25.00 5.13
CA PHE E 34 60.19 -25.25 5.28
C PHE E 34 60.96 -24.29 4.39
N ILE E 35 61.90 -23.56 4.98
CA ILE E 35 62.81 -22.71 4.24
C ILE E 35 64.23 -23.10 4.60
N TRP E 36 65.17 -22.81 3.69
CA TRP E 36 66.57 -23.12 3.88
C TRP E 36 67.39 -21.86 3.76
N VAL E 37 68.29 -21.64 4.72
CA VAL E 37 69.12 -20.44 4.79
C VAL E 37 70.58 -20.87 4.79
N ARG E 38 71.37 -20.26 3.91
CA ARG E 38 72.81 -20.51 3.82
C ARG E 38 73.58 -19.41 4.53
N GLN E 39 74.66 -19.78 5.20
CA GLN E 39 75.52 -18.84 5.90
C GLN E 39 76.96 -19.02 5.42
N ALA E 40 77.55 -17.93 4.94
CA ALA E 40 78.93 -17.97 4.50
C ALA E 40 79.87 -18.16 5.69
N PRO E 41 81.06 -18.72 5.47
CA PRO E 41 81.99 -18.92 6.59
C PRO E 41 82.39 -17.63 7.28
N GLY E 42 82.34 -16.49 6.59
CA GLY E 42 82.73 -15.23 7.20
C GLY E 42 81.70 -14.13 7.05
N GLN E 43 80.71 -14.34 6.20
CA GLN E 43 79.69 -13.34 5.92
C GLN E 43 78.36 -13.75 6.56
N GLY E 44 77.31 -12.97 6.26
CA GLY E 44 76.01 -13.20 6.85
C GLY E 44 75.21 -14.25 6.10
N LEU E 45 73.93 -14.34 6.47
CA LEU E 45 73.03 -15.33 5.90
C LEU E 45 72.60 -14.94 4.49
N GLU E 46 72.24 -15.95 3.71
CA GLU E 46 71.66 -15.76 2.38
C GLU E 46 70.57 -16.79 2.17
N TRP E 47 69.60 -16.45 1.32
CA TRP E 47 68.40 -17.27 1.14
C TRP E 47 68.50 -18.13 -0.10
N MET E 48 67.93 -19.33 -0.03
CA MET E 48 67.93 -20.26 -1.15
C MET E 48 66.53 -20.50 -1.70
N GLY E 49 65.59 -20.94 -0.86
CA GLY E 49 64.26 -21.25 -1.36
C GLY E 49 63.36 -21.65 -0.23
N ARG E 50 62.10 -21.87 -0.58
CA ARG E 50 61.07 -22.29 0.36
C ARG E 50 60.20 -23.37 -0.30
N ILE E 51 59.73 -24.31 0.52
CA ILE E 51 58.88 -25.39 0.05
C ILE E 51 57.66 -25.49 0.96
N ILE E 52 56.49 -25.70 0.36
CA ILE E 52 55.25 -25.89 1.10
C ILE E 52 54.75 -27.30 0.81
N PRO E 53 55.01 -28.27 1.69
CA PRO E 53 54.60 -29.65 1.39
C PRO E 53 53.11 -29.83 1.21
N ILE E 54 52.29 -29.10 1.96
CA ILE E 54 50.85 -29.28 1.87
C ILE E 54 50.31 -28.76 0.55
N LEU E 55 50.87 -27.65 0.04
CA LEU E 55 50.43 -27.09 -1.23
C LEU E 55 51.26 -27.56 -2.41
N GLY E 56 52.44 -28.13 -2.17
CA GLY E 56 53.29 -28.60 -3.26
C GLY E 56 53.78 -27.50 -4.18
N ILE E 57 54.22 -26.39 -3.60
CA ILE E 57 54.72 -25.24 -4.36
C ILE E 57 56.10 -24.89 -3.84
N ALA E 58 57.00 -24.52 -4.76
CA ALA E 58 58.37 -24.19 -4.41
C ALA E 58 58.82 -22.92 -5.13
N ASN E 59 59.71 -22.18 -4.47
CA ASN E 59 60.34 -21.01 -5.06
C ASN E 59 61.83 -21.05 -4.75
N TYR E 60 62.63 -20.40 -5.59
CA TYR E 60 64.08 -20.43 -5.46
C TYR E 60 64.66 -19.10 -5.88
N ALA E 61 65.87 -18.82 -5.38
CA ALA E 61 66.58 -17.61 -5.75
C ALA E 61 67.14 -17.74 -7.17
N GLN E 62 67.16 -16.60 -7.88
CA GLN E 62 67.61 -16.60 -9.27
C GLN E 62 69.08 -16.98 -9.40
N LYS E 63 69.92 -16.50 -8.47
CA LYS E 63 71.35 -16.85 -8.53
C LYS E 63 71.54 -18.35 -8.39
N PHE E 64 70.79 -18.98 -7.49
CA PHE E 64 70.94 -20.40 -7.23
C PHE E 64 69.86 -21.24 -7.90
N GLN E 65 69.13 -20.66 -8.84
CA GLN E 65 68.08 -21.40 -9.55
C GLN E 65 68.69 -22.48 -10.44
N GLY E 66 67.99 -23.60 -10.55
CA GLY E 66 68.40 -24.68 -11.42
C GLY E 66 69.49 -25.57 -10.87
N ARG E 67 69.92 -25.38 -9.63
CA ARG E 67 70.96 -26.22 -9.05
C ARG E 67 70.52 -26.78 -7.70
N VAL E 68 69.48 -26.19 -7.11
CA VAL E 68 68.98 -26.59 -5.80
C VAL E 68 67.56 -27.13 -5.97
N THR E 69 67.26 -28.22 -5.25
CA THR E 69 65.94 -28.82 -5.26
C THR E 69 65.60 -29.27 -3.85
N ILE E 70 64.50 -28.75 -3.31
CA ILE E 70 64.07 -29.07 -1.95
C ILE E 70 62.82 -29.93 -2.03
N THR E 71 62.88 -31.11 -1.44
CA THR E 71 61.76 -32.04 -1.41
C THR E 71 61.47 -32.46 0.02
N ALA E 72 60.21 -32.80 0.28
CA ALA E 72 59.77 -33.22 1.60
C ALA E 72 58.90 -34.45 1.48
N ASP E 73 58.86 -35.23 2.56
CA ASP E 73 58.09 -36.46 2.61
C ASP E 73 57.19 -36.46 3.83
N LYS E 74 56.11 -37.23 3.78
CA LYS E 74 55.17 -37.32 4.88
C LYS E 74 55.33 -38.61 5.68
N SER E 75 55.74 -39.70 5.03
CA SER E 75 55.94 -40.96 5.74
C SER E 75 57.05 -40.84 6.78
N THR E 76 58.14 -40.16 6.43
CA THR E 76 59.25 -39.95 7.34
C THR E 76 59.26 -38.57 7.98
N THR E 77 58.45 -37.64 7.46
CA THR E 77 58.39 -36.26 7.94
C THR E 77 59.78 -35.61 7.95
N THR E 78 60.42 -35.67 6.78
CA THR E 78 61.77 -35.14 6.61
C THR E 78 61.83 -34.31 5.34
N ALA E 79 62.61 -33.23 5.38
CA ALA E 79 62.80 -32.35 4.23
C ALA E 79 64.22 -32.53 3.72
N TYR E 80 64.34 -32.80 2.41
CA TYR E 80 65.63 -33.08 1.79
C TYR E 80 66.05 -31.94 0.88
N MET E 81 67.36 -31.65 0.88
CA MET E 81 67.96 -30.60 0.09
C MET E 81 69.02 -31.20 -0.81
N GLU E 82 68.93 -30.92 -2.11
CA GLU E 82 69.87 -31.43 -3.09
C GLU E 82 70.56 -30.26 -3.79
N LEU E 83 71.88 -30.25 -3.78
CA LEU E 83 72.68 -29.25 -4.47
C LEU E 83 73.66 -29.95 -5.39
N SER E 84 73.71 -29.51 -6.65
CA SER E 84 74.56 -30.12 -7.66
C SER E 84 75.50 -29.07 -8.24
N SER E 85 76.57 -29.56 -8.87
CA SER E 85 77.61 -28.72 -9.48
C SER E 85 78.21 -27.77 -8.45
N LEU E 86 78.75 -28.35 -7.39
CA LEU E 86 79.35 -27.57 -6.32
C LEU E 86 80.61 -26.86 -6.81
N ARG E 87 80.88 -25.69 -6.23
CA ARG E 87 82.03 -24.89 -6.59
C ARG E 87 82.92 -24.70 -5.37
N SER E 88 84.06 -24.04 -5.60
CA SER E 88 85.02 -23.83 -4.52
C SER E 88 84.44 -22.97 -3.39
N GLU E 89 83.71 -21.93 -3.76
CA GLU E 89 83.09 -21.04 -2.78
C GLU E 89 81.73 -21.54 -2.29
N ASP E 90 81.27 -22.69 -2.81
CA ASP E 90 79.99 -23.25 -2.36
C ASP E 90 80.04 -23.76 -0.93
N THR E 91 81.22 -23.89 -0.33
CA THR E 91 81.31 -24.32 1.06
C THR E 91 80.69 -23.26 1.97
N ALA E 92 79.79 -23.70 2.83
CA ALA E 92 79.03 -22.80 3.70
C ALA E 92 78.30 -23.64 4.74
N VAL E 93 77.47 -22.98 5.53
CA VAL E 93 76.65 -23.61 6.56
C VAL E 93 75.21 -23.60 6.09
N TYR E 94 74.56 -24.76 6.12
CA TYR E 94 73.18 -24.91 5.67
C TYR E 94 72.26 -24.98 6.87
N TYR E 95 71.24 -24.12 6.89
CA TYR E 95 70.27 -24.06 7.97
C TYR E 95 68.89 -24.39 7.44
N CYS E 96 68.23 -25.35 8.07
CA CYS E 96 66.87 -25.74 7.73
C CYS E 96 65.92 -25.12 8.74
N ALA E 97 65.02 -24.26 8.26
CA ALA E 97 64.11 -23.51 9.11
C ALA E 97 62.67 -23.88 8.79
N ARG E 98 61.81 -23.73 9.80
CA ARG E 98 60.41 -24.12 9.70
C ARG E 98 59.50 -22.97 10.10
N GLY E 99 58.41 -22.80 9.37
CA GLY E 99 57.43 -21.77 9.66
C GLY E 99 56.05 -22.37 9.81
N THR E 100 55.25 -21.76 10.69
CA THR E 100 53.92 -22.27 10.99
C THR E 100 52.87 -21.60 10.11
N GLU E 101 51.72 -22.27 10.00
CA GLU E 101 50.60 -21.69 9.27
C GLU E 101 50.11 -20.41 9.94
N TYR E 102 50.02 -20.42 11.27
CA TYR E 102 49.69 -19.22 12.02
C TYR E 102 50.91 -18.29 12.03
N GLY E 103 50.70 -17.04 11.64
CA GLY E 103 51.79 -16.11 11.45
C GLY E 103 52.09 -15.88 9.99
N ASP E 104 53.16 -16.47 9.48
CA ASP E 104 53.50 -16.33 8.07
C ASP E 104 54.30 -17.55 7.63
N TYR E 105 54.02 -18.03 6.41
CA TYR E 105 54.84 -19.08 5.83
C TYR E 105 56.25 -18.61 5.56
N ASP E 106 56.41 -17.37 5.09
CA ASP E 106 57.73 -16.86 4.74
C ASP E 106 58.64 -16.74 5.95
N VAL E 107 58.10 -16.27 7.08
CA VAL E 107 58.91 -16.14 8.29
C VAL E 107 59.24 -17.52 8.84
N SER E 108 60.37 -17.62 9.53
CA SER E 108 60.87 -18.89 10.04
C SER E 108 60.95 -18.83 11.56
N HIS E 109 60.34 -19.82 12.22
CA HIS E 109 60.24 -19.82 13.68
C HIS E 109 61.38 -20.61 14.34
N ASP E 110 61.50 -21.90 14.03
CA ASP E 110 62.49 -22.76 14.65
C ASP E 110 63.46 -23.28 13.59
N TRP E 111 64.76 -23.17 13.88
CA TRP E 111 65.80 -23.55 12.94
C TRP E 111 66.57 -24.74 13.48
N GLY E 112 67.29 -25.42 12.56
CA GLY E 112 68.09 -26.56 12.92
C GLY E 112 69.47 -26.18 13.41
N GLN E 113 70.26 -27.21 13.71
CA GLN E 113 71.60 -27.00 14.24
C GLN E 113 72.56 -26.50 13.16
N GLY E 114 72.37 -26.90 11.92
CA GLY E 114 73.24 -26.47 10.84
C GLY E 114 74.28 -27.50 10.44
N THR E 115 74.46 -27.68 9.13
CA THR E 115 75.44 -28.62 8.59
C THR E 115 76.54 -27.84 7.88
N LEU E 116 77.79 -28.23 8.12
CA LEU E 116 78.94 -27.60 7.49
C LEU E 116 79.36 -28.45 6.28
N VAL E 117 79.37 -27.83 5.11
CA VAL E 117 79.75 -28.50 3.86
C VAL E 117 81.06 -27.90 3.37
N THR E 118 82.01 -28.77 3.04
CA THR E 118 83.33 -28.35 2.59
C THR E 118 83.57 -28.86 1.17
N VAL E 119 84.01 -27.98 0.29
CA VAL E 119 84.35 -28.31 -1.09
C VAL E 119 85.83 -28.01 -1.30
N SER E 120 86.58 -29.02 -1.70
CA SER E 120 88.02 -28.89 -1.92
C SER E 120 88.48 -30.06 -2.79
N SER E 121 89.80 -30.20 -2.91
CA SER E 121 90.37 -31.28 -3.70
C SER E 121 90.91 -32.39 -2.79
N ASP F 1 41.28 48.02 -55.88
CA ASP F 1 40.83 48.82 -54.73
C ASP F 1 39.32 49.06 -54.81
N ILE F 2 38.71 49.33 -53.66
CA ILE F 2 37.28 49.59 -53.58
C ILE F 2 37.06 51.11 -53.56
N GLN F 3 36.30 51.60 -54.53
CA GLN F 3 35.98 53.02 -54.63
C GLN F 3 34.51 53.20 -54.29
N MET F 4 34.27 53.97 -53.23
CA MET F 4 32.88 54.23 -52.78
C MET F 4 32.59 55.72 -52.84
N THR F 5 31.33 56.10 -52.90
CA THR F 5 30.91 57.49 -52.98
C THR F 5 29.83 57.77 -51.96
N GLN F 6 29.94 58.92 -51.29
CA GLN F 6 28.95 59.38 -50.33
C GLN F 6 28.14 60.51 -50.96
N SER F 7 26.82 60.33 -51.00
CA SER F 7 25.92 61.30 -51.60
C SER F 7 24.75 61.57 -50.68
N PRO F 8 24.19 62.79 -50.71
CA PRO F 8 24.65 63.96 -51.48
C PRO F 8 25.89 64.58 -50.84
N SER F 9 26.68 65.33 -51.62
CA SER F 9 27.88 65.94 -51.07
C SER F 9 27.54 67.07 -50.10
N THR F 10 26.53 67.88 -50.43
CA THR F 10 26.14 69.02 -49.64
C THR F 10 24.67 68.92 -49.27
N LEU F 11 24.38 69.03 -47.97
CA LEU F 11 23.00 68.96 -47.47
C LEU F 11 22.74 70.15 -46.56
N SER F 12 21.55 70.72 -46.68
CA SER F 12 21.11 71.81 -45.81
C SER F 12 19.91 71.32 -45.01
N ALA F 13 20.01 71.38 -43.69
CA ALA F 13 18.95 70.91 -42.80
C ALA F 13 18.85 71.85 -41.60
N SER F 14 17.72 71.77 -40.91
CA SER F 14 17.43 72.61 -39.76
C SER F 14 17.26 71.76 -38.51
N VAL F 15 17.21 72.44 -37.36
CA VAL F 15 17.07 71.74 -36.10
C VAL F 15 15.71 71.05 -36.03
N GLY F 16 15.70 69.80 -35.57
CA GLY F 16 14.49 69.04 -35.45
C GLY F 16 14.02 68.35 -36.72
N ASP F 17 14.76 68.48 -37.82
CA ASP F 17 14.38 67.85 -39.07
C ASP F 17 14.94 66.43 -39.16
N ARG F 18 14.39 65.66 -40.09
CA ARG F 18 14.84 64.30 -40.35
C ARG F 18 15.67 64.28 -41.62
N VAL F 19 16.89 63.77 -41.53
CA VAL F 19 17.83 63.77 -42.65
C VAL F 19 18.47 62.39 -42.76
N THR F 20 18.93 62.08 -43.97
CA THR F 20 19.62 60.83 -44.24
C THR F 20 20.67 61.05 -45.31
N ILE F 21 21.75 60.29 -45.23
CA ILE F 21 22.87 60.39 -46.17
C ILE F 21 23.19 58.99 -46.69
N THR F 22 23.27 58.85 -48.00
CA THR F 22 23.56 57.59 -48.64
C THR F 22 25.07 57.40 -48.80
N CYS F 23 25.48 56.14 -48.86
CA CYS F 23 26.89 55.80 -49.05
C CYS F 23 26.95 54.46 -49.78
N ARG F 24 27.41 54.47 -51.02
CA ARG F 24 27.39 53.29 -51.89
C ARG F 24 28.80 52.96 -52.35
N ALA F 25 29.10 51.67 -52.45
CA ALA F 25 30.40 51.20 -52.88
C ALA F 25 30.35 50.76 -54.34
N SER F 26 31.53 50.47 -54.89
CA SER F 26 31.62 49.97 -56.26
C SER F 26 31.14 48.52 -56.34
N GLN F 27 31.77 47.64 -55.58
CA GLN F 27 31.38 46.24 -55.50
C GLN F 27 30.99 45.90 -54.05
N SER F 28 30.68 44.63 -53.83
CA SER F 28 30.24 44.19 -52.51
C SER F 28 31.37 44.34 -51.48
N ILE F 29 31.02 44.88 -50.31
CA ILE F 29 31.97 45.05 -49.23
C ILE F 29 31.40 44.39 -47.97
N SER F 30 30.45 43.49 -48.17
CA SER F 30 29.71 42.83 -47.07
C SER F 30 29.04 43.92 -46.26
N SER F 31 29.10 43.89 -44.93
CA SER F 31 28.50 44.91 -44.09
C SER F 31 29.52 45.50 -43.12
N TRP F 32 30.81 45.35 -43.43
CA TRP F 32 31.89 45.79 -42.56
C TRP F 32 32.16 47.26 -42.87
N LEU F 33 31.47 48.15 -42.18
CA LEU F 33 31.55 49.57 -42.49
C LEU F 33 31.59 50.38 -41.20
N ALA F 34 32.10 51.60 -41.29
CA ALA F 34 32.14 52.53 -40.18
C ALA F 34 31.76 53.92 -40.65
N TRP F 35 31.24 54.73 -39.72
CA TRP F 35 30.85 56.11 -39.99
C TRP F 35 31.53 57.03 -38.99
N TYR F 36 31.86 58.23 -39.44
CA TYR F 36 32.53 59.22 -38.60
C TYR F 36 31.98 60.61 -38.86
N GLN F 37 32.01 61.44 -37.82
CA GLN F 37 31.66 62.85 -37.92
C GLN F 37 32.86 63.69 -37.50
N GLN F 38 32.98 64.88 -38.08
CA GLN F 38 34.11 65.75 -37.83
C GLN F 38 33.63 67.18 -37.65
N LYS F 39 33.84 67.73 -36.45
CA LYS F 39 33.65 69.15 -36.26
C LYS F 39 34.72 69.92 -37.03
N PRO F 40 34.43 71.16 -37.45
CA PRO F 40 35.43 71.92 -38.20
C PRO F 40 36.69 72.19 -37.39
N GLY F 41 37.80 71.57 -37.80
CA GLY F 41 39.06 71.73 -37.10
C GLY F 41 39.29 70.77 -35.96
N LYS F 42 38.32 69.92 -35.64
CA LYS F 42 38.43 68.98 -34.52
C LYS F 42 38.63 67.56 -35.04
N ALA F 43 38.95 66.66 -34.10
CA ALA F 43 39.22 65.27 -34.42
C ALA F 43 37.94 64.51 -34.76
N PRO F 44 38.03 63.53 -35.65
CA PRO F 44 36.84 62.72 -35.97
C PRO F 44 36.42 61.84 -34.81
N LYS F 45 35.14 61.48 -34.81
CA LYS F 45 34.59 60.60 -33.79
C LYS F 45 33.76 59.51 -34.46
N LEU F 46 33.89 58.28 -33.96
CA LEU F 46 33.16 57.15 -34.50
C LEU F 46 31.73 57.15 -34.00
N LEU F 47 30.78 56.84 -34.89
CA LEU F 47 29.37 56.77 -34.54
C LEU F 47 28.83 55.35 -34.63
N ILE F 48 28.93 54.72 -35.80
CA ILE F 48 28.38 53.39 -36.02
C ILE F 48 29.41 52.55 -36.78
N TYR F 49 29.74 51.39 -36.24
CA TYR F 49 30.55 50.40 -36.92
C TYR F 49 29.69 49.19 -37.25
N LYS F 50 30.13 48.41 -38.23
CA LYS F 50 29.37 47.31 -38.82
C LYS F 50 28.07 47.78 -39.47
N ALA F 51 27.90 49.10 -39.63
CA ALA F 51 26.76 49.72 -40.29
C ALA F 51 25.47 49.54 -39.51
N SER F 52 25.52 48.82 -38.38
CA SER F 52 24.34 48.64 -37.55
C SER F 52 24.64 48.88 -36.08
N SER F 53 25.86 48.58 -35.65
CA SER F 53 26.22 48.67 -34.24
C SER F 53 26.51 50.12 -33.86
N LEU F 54 25.90 50.59 -32.79
CA LEU F 54 26.01 51.97 -32.35
C LEU F 54 27.07 52.07 -31.26
N GLU F 55 28.00 53.00 -31.43
CA GLU F 55 29.09 53.18 -30.48
C GLU F 55 28.58 53.71 -29.15
N SER F 56 29.14 53.20 -28.05
CA SER F 56 28.76 53.67 -26.73
C SER F 56 29.10 55.14 -26.56
N GLY F 57 28.15 55.90 -26.00
CA GLY F 57 28.29 57.32 -25.80
C GLY F 57 27.67 58.17 -26.90
N VAL F 58 27.43 57.59 -28.07
CA VAL F 58 26.77 58.29 -29.17
C VAL F 58 25.27 58.21 -28.95
N PRO F 59 24.52 59.29 -29.15
CA PRO F 59 23.07 59.23 -28.97
C PRO F 59 22.42 58.20 -29.88
N SER F 60 21.37 57.57 -29.38
CA SER F 60 20.68 56.51 -30.10
C SER F 60 19.90 57.01 -31.31
N ARG F 61 19.78 58.32 -31.49
CA ARG F 61 19.06 58.86 -32.63
C ARG F 61 19.70 58.42 -33.95
N PHE F 62 21.02 58.46 -34.02
CA PHE F 62 21.72 58.04 -35.24
C PHE F 62 21.45 56.58 -35.52
N SER F 63 21.07 56.28 -36.76
CA SER F 63 20.71 54.92 -37.15
C SER F 63 21.33 54.60 -38.50
N GLY F 64 21.93 53.41 -38.61
CA GLY F 64 22.48 52.94 -39.86
C GLY F 64 21.68 51.76 -40.40
N SER F 65 21.44 51.77 -41.71
CA SER F 65 20.65 50.73 -42.35
C SER F 65 21.32 50.35 -43.66
N GLY F 66 21.46 49.05 -43.90
CA GLY F 66 22.04 48.56 -45.14
C GLY F 66 22.64 47.18 -45.01
N SER F 67 22.79 46.48 -46.14
CA SER F 67 23.37 45.15 -46.17
C SER F 67 24.70 45.12 -46.93
N GLY F 68 24.73 45.61 -48.16
CA GLY F 68 25.94 45.64 -48.94
C GLY F 68 25.80 46.51 -50.17
N THR F 69 26.86 47.26 -50.49
CA THR F 69 26.96 48.17 -51.63
C THR F 69 26.00 49.36 -51.49
N GLU F 70 25.22 49.43 -50.41
CA GLU F 70 24.29 50.54 -50.19
C GLU F 70 24.09 50.70 -48.69
N PHE F 71 24.52 51.83 -48.15
CA PHE F 71 24.44 52.08 -46.72
C PHE F 71 23.99 53.52 -46.48
N THR F 72 23.11 53.69 -45.49
CA THR F 72 22.54 55.00 -45.18
C THR F 72 22.59 55.25 -43.68
N LEU F 73 22.80 56.50 -43.30
CA LEU F 73 22.72 56.95 -41.92
C LEU F 73 21.56 57.93 -41.80
N THR F 74 20.65 57.67 -40.86
CA THR F 74 19.43 58.45 -40.71
C THR F 74 19.43 59.18 -39.37
N ILE F 75 18.97 60.43 -39.39
CA ILE F 75 18.85 61.24 -38.19
C ILE F 75 17.38 61.62 -38.04
N SER F 76 16.83 61.38 -36.83
CA SER F 76 15.41 61.63 -36.60
C SER F 76 15.14 63.10 -36.30
N SER F 77 15.71 63.61 -35.21
CA SER F 77 15.49 64.98 -34.77
C SER F 77 16.84 65.69 -34.71
N LEU F 78 17.13 66.51 -35.72
CA LEU F 78 18.42 67.17 -35.82
C LEU F 78 18.56 68.25 -34.76
N GLN F 79 19.80 68.44 -34.30
CA GLN F 79 20.17 69.43 -33.30
C GLN F 79 21.32 70.29 -33.83
N PRO F 80 21.51 71.49 -33.28
CA PRO F 80 22.60 72.36 -33.79
C PRO F 80 23.98 71.77 -33.63
N ASP F 81 24.18 70.80 -32.73
CA ASP F 81 25.48 70.17 -32.60
C ASP F 81 25.72 69.06 -33.63
N ASP F 82 24.73 68.76 -34.45
CA ASP F 82 24.84 67.70 -35.46
C ASP F 82 25.43 68.21 -36.77
N PHE F 83 25.72 69.51 -36.89
CA PHE F 83 26.29 70.06 -38.10
C PHE F 83 27.78 69.73 -38.14
N ALA F 84 28.16 68.83 -39.02
CA ALA F 84 29.55 68.38 -39.13
C ALA F 84 29.76 67.77 -40.51
N THR F 85 30.92 67.14 -40.71
CA THR F 85 31.25 66.45 -41.94
C THR F 85 31.24 64.95 -41.68
N TYR F 86 30.49 64.21 -42.50
CA TYR F 86 30.27 62.79 -42.30
C TYR F 86 31.09 61.99 -43.30
N TYR F 87 31.83 61.00 -42.80
CA TYR F 87 32.70 60.17 -43.62
C TYR F 87 32.37 58.70 -43.41
N CYS F 88 32.37 57.94 -44.50
CA CYS F 88 32.28 56.49 -44.43
C CYS F 88 33.68 55.88 -44.38
N GLN F 89 33.73 54.60 -44.05
CA GLN F 89 34.99 53.87 -44.12
C GLN F 89 34.70 52.39 -44.32
N GLN F 90 34.90 51.90 -45.54
CA GLN F 90 34.89 50.47 -45.81
C GLN F 90 36.25 49.88 -45.47
N TYR F 91 36.24 48.73 -44.80
CA TYR F 91 37.48 48.07 -44.39
C TYR F 91 37.41 46.57 -44.64
N ASN F 92 36.56 46.15 -45.57
CA ASN F 92 36.60 44.81 -46.11
C ASN F 92 37.63 44.80 -47.22
N SER F 93 38.58 43.86 -47.14
CA SER F 93 39.78 43.84 -47.97
C SER F 93 40.66 45.05 -47.65
N TYR F 94 41.92 45.02 -48.08
CA TYR F 94 42.84 46.09 -47.76
C TYR F 94 42.52 47.34 -48.57
N SER F 95 43.36 48.36 -48.40
CA SER F 95 43.19 49.67 -49.05
C SER F 95 41.83 50.28 -48.68
N HIS F 96 41.67 50.56 -47.38
CA HIS F 96 40.44 51.15 -46.87
C HIS F 96 40.29 52.58 -47.35
N THR F 97 39.26 52.83 -48.16
CA THR F 97 39.00 54.16 -48.69
C THR F 97 37.78 54.78 -48.01
N PHE F 98 37.95 56.05 -47.62
CA PHE F 98 36.83 56.77 -46.99
C PHE F 98 36.05 57.51 -48.07
N GLY F 99 35.07 58.32 -47.66
CA GLY F 99 34.22 59.05 -48.58
C GLY F 99 34.67 60.49 -48.80
N GLN F 100 33.89 61.18 -49.62
CA GLN F 100 34.20 62.57 -49.93
C GLN F 100 33.98 63.47 -48.71
N GLY F 101 32.96 63.18 -47.92
CA GLY F 101 32.66 63.98 -46.76
C GLY F 101 31.42 64.84 -46.93
N THR F 102 30.31 64.43 -46.33
CA THR F 102 29.06 65.17 -46.43
C THR F 102 29.01 66.23 -45.33
N LYS F 103 28.92 67.49 -45.74
CA LYS F 103 28.84 68.61 -44.81
C LYS F 103 27.40 69.09 -44.73
N LEU F 104 26.86 69.18 -43.52
CA LEU F 104 25.49 69.59 -43.28
C LEU F 104 25.51 71.01 -42.71
N GLU F 105 24.72 71.90 -43.30
CA GLU F 105 24.70 73.30 -42.93
C GLU F 105 23.26 73.77 -42.72
N ILE F 106 23.12 74.99 -42.22
CA ILE F 106 21.81 75.57 -41.98
C ILE F 106 21.34 76.33 -43.22
N LYS F 107 20.03 76.56 -43.30
CA LYS F 107 19.45 77.35 -44.37
C LYS F 107 19.46 78.83 -43.98
N ARG F 108 20.23 79.63 -44.70
CA ARG F 108 20.33 81.05 -44.40
C ARG F 108 19.09 81.81 -44.85
N GLN G 1 37.79 57.34 -21.84
CA GLN G 1 38.52 56.31 -21.10
C GLN G 1 40.03 56.41 -21.38
N VAL G 2 40.41 56.15 -22.62
CA VAL G 2 41.81 56.17 -23.04
C VAL G 2 42.11 57.49 -23.72
N GLN G 3 43.13 58.18 -23.25
CA GLN G 3 43.56 59.46 -23.81
C GLN G 3 44.75 59.24 -24.73
N LEU G 4 44.81 60.04 -25.80
CA LEU G 4 45.87 59.94 -26.80
C LEU G 4 46.60 61.28 -26.89
N VAL G 5 47.92 61.22 -26.91
CA VAL G 5 48.77 62.40 -27.06
C VAL G 5 49.67 62.20 -28.27
N GLN G 6 49.65 63.15 -29.18
CA GLN G 6 50.49 63.14 -30.37
C GLN G 6 51.60 64.19 -30.24
N SER G 7 52.46 64.24 -31.24
CA SER G 7 53.60 65.15 -31.23
C SER G 7 53.14 66.55 -31.61
N GLY G 8 54.09 67.48 -31.72
CA GLY G 8 53.78 68.86 -32.07
C GLY G 8 53.89 69.12 -33.56
N ALA G 9 53.82 70.40 -33.91
CA ALA G 9 53.95 70.81 -35.30
C ALA G 9 55.35 70.51 -35.82
N GLU G 10 55.42 70.06 -37.08
CA GLU G 10 56.68 69.68 -37.69
C GLU G 10 56.88 70.46 -38.97
N VAL G 11 57.94 71.27 -39.02
CA VAL G 11 58.31 72.02 -40.21
C VAL G 11 59.72 71.59 -40.61
N LYS G 12 59.88 71.21 -41.88
CA LYS G 12 61.12 70.60 -42.32
C LYS G 12 61.22 70.73 -43.83
N LYS G 13 62.44 70.55 -44.35
CA LYS G 13 62.65 70.47 -45.78
C LYS G 13 62.20 69.11 -46.30
N PRO G 14 61.78 69.03 -47.56
CA PRO G 14 61.25 67.76 -48.09
C PRO G 14 62.24 66.60 -48.05
N GLY G 15 63.55 66.87 -48.11
CA GLY G 15 64.53 65.82 -48.18
C GLY G 15 64.98 65.26 -46.84
N SER G 16 64.07 64.62 -46.12
CA SER G 16 64.41 63.98 -44.85
C SER G 16 63.24 63.07 -44.46
N SER G 17 63.41 62.36 -43.34
CA SER G 17 62.40 61.45 -42.82
C SER G 17 61.86 61.98 -41.50
N VAL G 18 60.54 61.95 -41.35
CA VAL G 18 59.86 62.52 -40.20
C VAL G 18 59.29 61.39 -39.36
N LYS G 19 59.57 61.41 -38.05
CA LYS G 19 59.10 60.40 -37.12
C LYS G 19 58.05 61.02 -36.21
N VAL G 20 56.90 60.37 -36.10
CA VAL G 20 55.76 60.87 -35.32
C VAL G 20 55.41 59.85 -34.26
N SER G 21 55.26 60.32 -33.02
CA SER G 21 54.93 59.47 -31.89
C SER G 21 53.46 59.60 -31.52
N CYS G 22 52.97 58.62 -30.76
CA CYS G 22 51.59 58.61 -30.30
C CYS G 22 51.51 57.79 -29.02
N LYS G 23 51.06 58.41 -27.94
CA LYS G 23 51.00 57.78 -26.63
C LYS G 23 49.55 57.52 -26.25
N ALA G 24 49.25 56.29 -25.86
CA ALA G 24 47.92 55.89 -25.42
C ALA G 24 48.01 55.31 -24.02
N SER G 25 47.19 55.84 -23.10
CA SER G 25 47.19 55.41 -21.71
C SER G 25 45.77 55.10 -21.27
N GLY G 26 45.58 53.92 -20.69
CA GLY G 26 44.27 53.51 -20.21
C GLY G 26 43.91 52.10 -20.64
N GLY G 27 43.59 51.24 -19.68
CA GLY G 27 43.25 49.86 -19.98
C GLY G 27 44.47 49.03 -20.34
N THR G 28 44.20 47.82 -20.81
CA THR G 28 45.28 46.92 -21.21
C THR G 28 45.88 47.34 -22.54
N PHE G 29 47.21 47.43 -22.58
CA PHE G 29 47.91 47.87 -23.78
C PHE G 29 47.96 46.79 -24.84
N SER G 30 48.04 45.52 -24.44
CA SER G 30 48.19 44.42 -25.39
C SER G 30 46.94 44.22 -26.26
N SER G 31 45.80 44.78 -25.88
CA SER G 31 44.56 44.63 -26.64
C SER G 31 44.31 45.78 -27.60
N TYR G 32 45.30 46.63 -27.83
CA TYR G 32 45.12 47.82 -28.65
C TYR G 32 45.82 47.68 -29.98
N SER G 33 45.15 48.13 -31.04
CA SER G 33 45.72 48.21 -32.38
C SER G 33 45.77 49.67 -32.80
N PHE G 34 46.92 50.09 -33.35
CA PHE G 34 47.18 51.48 -33.67
C PHE G 34 46.99 51.72 -35.16
N ILE G 35 46.23 52.76 -35.49
CA ILE G 35 45.95 53.14 -36.87
C ILE G 35 46.31 54.61 -37.05
N TRP G 36 46.81 54.95 -38.23
CA TRP G 36 47.22 56.31 -38.55
C TRP G 36 46.46 56.78 -39.78
N VAL G 37 45.97 58.02 -39.74
CA VAL G 37 45.19 58.59 -40.82
C VAL G 37 45.74 59.96 -41.18
N ARG G 38 45.87 60.21 -42.48
CA ARG G 38 46.24 61.50 -43.03
C ARG G 38 45.00 62.35 -43.27
N GLN G 39 45.14 63.66 -43.06
CA GLN G 39 44.03 64.59 -43.32
C GLN G 39 44.63 65.82 -43.99
N ALA G 40 44.47 65.91 -45.31
CA ALA G 40 45.00 67.05 -46.05
C ALA G 40 44.11 68.28 -45.83
N PRO G 41 44.71 69.47 -45.84
CA PRO G 41 43.90 70.69 -45.68
C PRO G 41 42.84 70.88 -46.75
N GLY G 42 43.11 70.46 -47.98
CA GLY G 42 42.22 70.69 -49.10
C GLY G 42 41.38 69.51 -49.53
N GLN G 43 41.30 68.46 -48.72
CA GLN G 43 40.49 67.29 -49.07
C GLN G 43 40.17 66.54 -47.77
N GLY G 44 39.63 65.34 -47.91
CA GLY G 44 39.23 64.53 -46.78
C GLY G 44 40.39 63.82 -46.12
N LEU G 45 40.15 62.57 -45.73
CA LEU G 45 41.12 61.79 -45.00
C LEU G 45 41.64 60.63 -45.84
N GLU G 46 42.80 60.10 -45.46
CA GLU G 46 43.43 59.00 -46.18
C GLU G 46 44.14 58.09 -45.18
N TRP G 47 44.03 56.79 -45.39
CA TRP G 47 44.65 55.80 -44.52
C TRP G 47 45.96 55.33 -45.13
N MET G 48 46.97 55.14 -44.27
CA MET G 48 48.27 54.65 -44.71
C MET G 48 48.63 53.30 -44.12
N GLY G 49 48.53 53.12 -42.81
CA GLY G 49 48.97 51.88 -42.20
C GLY G 49 48.25 51.55 -40.91
N ARG G 50 48.21 50.25 -40.61
CA ARG G 50 47.63 49.72 -39.38
C ARG G 50 48.58 48.68 -38.80
N ILE G 51 48.70 48.66 -37.48
CA ILE G 51 49.62 47.78 -36.79
C ILE G 51 48.94 47.14 -35.59
N ILE G 52 49.17 45.84 -35.40
CA ILE G 52 48.78 45.13 -34.19
C ILE G 52 50.05 44.71 -33.48
N PRO G 53 50.44 45.38 -32.38
CA PRO G 53 51.74 45.08 -31.77
C PRO G 53 51.78 43.74 -31.06
N ILE G 54 50.67 43.30 -30.47
CA ILE G 54 50.67 42.03 -29.75
C ILE G 54 50.78 40.86 -30.73
N LEU G 55 50.29 41.02 -31.96
CA LEU G 55 50.33 39.96 -32.95
C LEU G 55 51.36 40.20 -34.05
N GLY G 56 51.90 41.41 -34.16
CA GLY G 56 52.95 41.70 -35.12
C GLY G 56 52.53 41.63 -36.57
N ILE G 57 51.36 42.18 -36.90
CA ILE G 57 50.90 42.30 -38.28
C ILE G 57 50.87 43.77 -38.65
N ALA G 58 51.65 44.14 -39.66
CA ALA G 58 51.70 45.50 -40.18
C ALA G 58 51.24 45.51 -41.63
N ASN G 59 50.28 46.39 -41.93
CA ASN G 59 49.71 46.48 -43.26
C ASN G 59 49.67 47.93 -43.69
N TYR G 60 50.44 48.29 -44.71
CA TYR G 60 50.52 49.64 -45.20
C TYR G 60 49.68 49.82 -46.46
N ALA G 61 49.44 51.08 -46.82
CA ALA G 61 48.69 51.39 -48.02
C ALA G 61 49.52 51.03 -49.26
N GLN G 62 48.81 50.82 -50.37
CA GLN G 62 49.47 50.41 -51.60
C GLN G 62 50.42 51.49 -52.12
N LYS G 63 50.05 52.76 -51.97
CA LYS G 63 50.86 53.87 -52.47
C LYS G 63 51.92 54.32 -51.47
N PHE G 64 52.02 53.66 -50.32
CA PHE G 64 53.01 54.01 -49.29
C PHE G 64 54.03 52.90 -49.07
N GLN G 65 54.28 52.07 -50.09
CA GLN G 65 55.27 51.00 -49.95
C GLN G 65 56.67 51.57 -50.05
N GLY G 66 57.54 51.15 -49.13
CA GLY G 66 58.92 51.59 -49.11
C GLY G 66 59.14 53.00 -48.62
N ARG G 67 58.09 53.69 -48.20
CA ARG G 67 58.19 55.07 -47.73
C ARG G 67 57.94 55.23 -46.25
N VAL G 68 57.08 54.40 -45.66
CA VAL G 68 56.66 54.56 -44.28
C VAL G 68 56.67 53.21 -43.58
N THR G 69 57.07 53.21 -42.30
CA THR G 69 57.02 52.05 -41.44
C THR G 69 56.40 52.43 -40.11
N ILE G 70 55.70 51.49 -39.49
CA ILE G 70 55.04 51.72 -38.21
C ILE G 70 55.59 50.72 -37.20
N THR G 71 56.02 51.22 -36.05
CA THR G 71 56.52 50.39 -34.95
C THR G 71 55.91 50.88 -33.64
N ALA G 72 56.06 50.07 -32.60
CA ALA G 72 55.57 50.42 -31.28
C ALA G 72 56.49 49.81 -30.23
N ASP G 73 56.47 50.41 -29.03
CA ASP G 73 57.28 49.96 -27.92
C ASP G 73 56.37 49.68 -26.74
N LYS G 74 56.42 48.44 -26.24
CA LYS G 74 55.58 48.06 -25.10
C LYS G 74 56.08 48.65 -23.79
N SER G 75 57.38 48.95 -23.71
CA SER G 75 57.92 49.55 -22.49
C SER G 75 57.38 50.95 -22.27
N THR G 76 57.38 51.78 -23.33
CA THR G 76 56.85 53.13 -23.24
C THR G 76 55.36 53.20 -23.55
N THR G 77 54.76 52.09 -24.00
CA THR G 77 53.35 52.05 -24.38
C THR G 77 53.02 53.14 -25.40
N THR G 78 53.84 53.22 -26.44
CA THR G 78 53.72 54.26 -27.45
C THR G 78 53.77 53.65 -28.84
N ALA G 79 53.20 54.37 -29.81
CA ALA G 79 53.22 53.98 -31.20
C ALA G 79 54.03 55.00 -32.00
N TYR G 80 54.76 54.50 -32.99
CA TYR G 80 55.66 55.34 -33.78
C TYR G 80 55.48 55.07 -35.26
N MET G 81 55.53 56.15 -36.05
CA MET G 81 55.45 56.08 -37.49
C MET G 81 56.49 57.04 -38.08
N GLU G 82 57.25 56.55 -39.05
CA GLU G 82 58.27 57.35 -39.72
C GLU G 82 58.05 57.31 -41.23
N LEU G 83 57.97 58.48 -41.85
CA LEU G 83 57.77 58.60 -43.29
C LEU G 83 59.01 59.24 -43.91
N SER G 84 59.56 58.59 -44.93
CA SER G 84 60.78 59.02 -45.58
C SER G 84 60.49 59.53 -46.99
N SER G 85 61.42 60.32 -47.52
CA SER G 85 61.34 60.87 -48.87
C SER G 85 60.06 61.69 -49.06
N LEU G 86 59.97 62.75 -48.27
CA LEU G 86 58.79 63.60 -48.28
C LEU G 86 58.72 64.42 -49.56
N ARG G 87 57.50 64.62 -50.06
CA ARG G 87 57.22 65.48 -51.19
C ARG G 87 56.36 66.66 -50.74
N SER G 88 56.29 67.67 -51.62
CA SER G 88 55.57 68.89 -51.27
C SER G 88 54.07 68.64 -51.10
N GLU G 89 53.54 67.58 -51.70
CA GLU G 89 52.13 67.25 -51.59
C GLU G 89 51.82 66.35 -50.41
N ASP G 90 52.81 66.05 -49.57
CA ASP G 90 52.61 65.21 -48.39
C ASP G 90 52.26 66.02 -47.14
N THR G 91 52.17 67.34 -47.25
CA THR G 91 51.83 68.17 -46.10
C THR G 91 50.36 67.99 -45.74
N ALA G 92 50.10 67.68 -44.47
CA ALA G 92 48.76 67.40 -43.97
C ALA G 92 48.83 67.28 -42.46
N VAL G 93 47.68 67.01 -41.86
CA VAL G 93 47.57 66.76 -40.43
C VAL G 93 47.43 65.26 -40.21
N TYR G 94 48.31 64.68 -39.40
CA TYR G 94 48.38 63.24 -39.21
C TYR G 94 47.62 62.86 -37.94
N TYR G 95 46.75 61.86 -38.07
CA TYR G 95 45.88 61.44 -36.97
C TYR G 95 46.28 60.04 -36.52
N CYS G 96 46.43 59.87 -35.20
CA CYS G 96 46.71 58.58 -34.60
C CYS G 96 45.41 58.00 -34.03
N ALA G 97 45.13 56.74 -34.37
CA ALA G 97 43.89 56.09 -33.97
C ALA G 97 44.19 54.78 -33.27
N ARG G 98 43.24 54.33 -32.46
CA ARG G 98 43.39 53.11 -31.68
C ARG G 98 42.20 52.19 -31.95
N GLY G 99 42.47 50.90 -32.06
CA GLY G 99 41.44 49.88 -32.21
C GLY G 99 41.47 48.91 -31.04
N THR G 100 40.30 48.39 -30.69
CA THR G 100 40.14 47.52 -29.53
C THR G 100 39.74 46.12 -29.99
N GLU G 101 40.35 45.10 -29.36
CA GLU G 101 40.02 43.72 -29.68
C GLU G 101 38.55 43.44 -29.36
N TYR G 102 38.06 43.91 -28.22
CA TYR G 102 36.64 43.86 -27.90
C TYR G 102 35.94 44.90 -28.76
N GLY G 103 35.43 44.48 -29.91
CA GLY G 103 34.94 45.40 -30.91
C GLY G 103 35.58 45.14 -32.25
N ASP G 104 36.39 46.10 -32.73
CA ASP G 104 37.09 45.93 -33.99
C ASP G 104 38.43 46.66 -33.92
N TYR G 105 39.48 45.97 -34.40
CA TYR G 105 40.79 46.61 -34.46
C TYR G 105 40.87 47.58 -35.63
N ASP G 106 40.12 47.32 -36.70
CA ASP G 106 40.22 48.14 -37.90
C ASP G 106 39.50 49.47 -37.73
N VAL G 107 38.49 49.52 -36.87
CA VAL G 107 37.80 50.77 -36.59
C VAL G 107 38.61 51.59 -35.58
N SER G 108 38.34 52.89 -35.57
CA SER G 108 39.03 53.83 -34.69
C SER G 108 38.07 54.23 -33.58
N HIS G 109 38.33 53.74 -32.36
CA HIS G 109 37.50 54.09 -31.22
C HIS G 109 37.91 55.45 -30.66
N ASP G 110 39.22 55.69 -30.54
CA ASP G 110 39.75 56.94 -30.03
C ASP G 110 40.64 57.59 -31.09
N TRP G 111 40.58 58.91 -31.16
CA TRP G 111 41.37 59.70 -32.10
C TRP G 111 42.27 60.66 -31.35
N GLY G 112 43.46 60.89 -31.90
CA GLY G 112 44.36 61.89 -31.36
C GLY G 112 44.02 63.29 -31.85
N GLN G 113 44.69 64.26 -31.24
CA GLN G 113 44.48 65.67 -31.62
C GLN G 113 45.11 66.00 -32.97
N GLY G 114 46.09 65.23 -33.43
CA GLY G 114 46.67 65.43 -34.73
C GLY G 114 47.96 66.23 -34.70
N THR G 115 48.82 65.94 -35.68
CA THR G 115 50.09 66.65 -35.86
C THR G 115 50.11 67.26 -37.25
N LEU G 116 50.37 68.56 -37.31
CA LEU G 116 50.48 69.24 -38.60
C LEU G 116 51.92 69.15 -39.10
N VAL G 117 52.09 68.69 -40.34
CA VAL G 117 53.40 68.52 -40.94
C VAL G 117 53.41 69.28 -42.26
N THR G 118 54.43 70.12 -42.46
CA THR G 118 54.59 70.89 -43.68
C THR G 118 56.01 70.77 -44.17
N VAL G 119 56.19 70.79 -45.49
CA VAL G 119 57.50 70.71 -46.12
C VAL G 119 57.56 71.76 -47.22
N SER G 120 58.66 72.51 -47.26
CA SER G 120 58.87 73.56 -48.26
C SER G 120 60.34 73.94 -48.24
N SER G 121 60.68 74.98 -48.98
CA SER G 121 62.06 75.46 -49.05
C SER G 121 62.20 76.82 -48.37
N GLU H 1 73.52 43.41 -35.77
CA GLU H 1 73.32 44.20 -34.56
C GLU H 1 74.11 43.61 -33.39
N ILE H 2 74.55 42.37 -33.54
CA ILE H 2 75.35 41.69 -32.52
C ILE H 2 76.60 41.13 -33.21
N VAL H 3 77.76 41.45 -32.68
CA VAL H 3 79.04 41.04 -33.24
C VAL H 3 79.80 40.23 -32.19
N LEU H 4 80.25 39.05 -32.56
CA LEU H 4 81.01 38.16 -31.68
C LEU H 4 82.37 37.91 -32.32
N THR H 5 83.36 38.73 -31.96
CA THR H 5 84.70 38.56 -32.47
C THR H 5 85.33 37.29 -31.93
N GLN H 6 86.06 36.58 -32.78
CA GLN H 6 86.73 35.34 -32.43
C GLN H 6 88.22 35.46 -32.68
N SER H 7 89.03 35.01 -31.73
CA SER H 7 90.48 35.05 -31.83
C SER H 7 91.05 34.06 -30.84
N PRO H 8 92.15 33.37 -31.19
CA PRO H 8 92.90 33.43 -32.45
C PRO H 8 92.24 32.59 -33.55
N GLY H 9 92.56 32.90 -34.82
CA GLY H 9 91.99 32.13 -35.92
C GLY H 9 92.49 30.70 -35.96
N THR H 10 93.77 30.50 -35.64
CA THR H 10 94.38 29.18 -35.70
C THR H 10 94.94 28.80 -34.33
N LEU H 11 94.89 27.51 -34.02
CA LEU H 11 95.39 26.98 -32.76
C LEU H 11 96.30 25.78 -33.06
N SER H 12 97.40 25.70 -32.31
CA SER H 12 98.41 24.65 -32.51
C SER H 12 98.75 24.05 -31.15
N LEU H 13 98.05 22.96 -30.79
CA LEU H 13 98.30 22.24 -29.55
C LEU H 13 98.29 20.75 -29.83
N SER H 14 98.91 20.00 -28.93
CA SER H 14 99.00 18.56 -28.99
C SER H 14 98.07 17.91 -27.96
N PRO H 15 97.60 16.70 -28.22
CA PRO H 15 96.68 16.07 -27.27
C PRO H 15 97.35 15.75 -25.95
N GLY H 16 96.54 15.72 -24.89
CA GLY H 16 97.02 15.55 -23.54
C GLY H 16 97.21 16.85 -22.77
N GLU H 17 97.08 17.99 -23.44
CA GLU H 17 97.19 19.30 -22.81
C GLU H 17 95.83 19.99 -22.83
N ARG H 18 95.83 21.26 -22.41
CA ARG H 18 94.60 22.03 -22.28
C ARG H 18 94.66 23.23 -23.22
N ALA H 19 93.60 23.40 -24.01
CA ALA H 19 93.49 24.51 -24.95
C ALA H 19 92.42 25.49 -24.47
N THR H 20 92.33 26.62 -25.16
CA THR H 20 91.40 27.69 -24.81
C THR H 20 90.68 28.17 -26.07
N LEU H 21 89.38 28.42 -25.95
CA LEU H 21 88.58 29.02 -27.00
C LEU H 21 87.83 30.22 -26.43
N SER H 22 87.84 31.32 -27.18
CA SER H 22 87.25 32.57 -26.72
C SER H 22 86.35 33.14 -27.80
N CYS H 23 85.11 33.46 -27.44
CA CYS H 23 84.17 34.17 -28.30
C CYS H 23 83.80 35.47 -27.61
N ARG H 24 84.38 36.58 -28.07
CA ARG H 24 84.17 37.88 -27.45
C ARG H 24 83.10 38.64 -28.23
N ALA H 25 81.98 38.93 -27.57
CA ALA H 25 80.90 39.68 -28.18
C ALA H 25 81.15 41.18 -28.02
N SER H 26 80.51 41.96 -28.90
CA SER H 26 80.69 43.40 -28.91
C SER H 26 79.72 44.13 -27.97
N GLN H 27 78.57 43.53 -27.65
CA GLN H 27 77.59 44.15 -26.78
C GLN H 27 77.24 43.16 -25.68
N SER H 28 76.24 43.52 -24.87
CA SER H 28 75.82 42.70 -23.74
C SER H 28 74.86 41.61 -24.23
N VAL H 29 75.16 40.37 -23.90
CA VAL H 29 74.34 39.23 -24.27
C VAL H 29 74.11 38.37 -23.03
N ARG H 30 72.85 37.97 -22.81
CA ARG H 30 72.50 37.14 -21.66
C ARG H 30 73.10 35.74 -21.81
N SER H 31 73.54 35.18 -20.69
CA SER H 31 74.20 33.88 -20.69
C SER H 31 73.29 32.75 -21.17
N SER H 32 71.98 32.89 -21.03
CA SER H 32 71.05 31.84 -21.44
C SER H 32 70.71 31.89 -22.92
N TYR H 33 71.27 32.82 -23.68
CA TYR H 33 70.93 33.01 -25.09
C TYR H 33 72.17 32.93 -25.96
N LEU H 34 73.01 31.92 -25.74
CA LEU H 34 74.13 31.66 -26.62
C LEU H 34 74.39 30.16 -26.68
N GLY H 35 75.03 29.72 -27.78
CA GLY H 35 75.38 28.32 -27.94
C GLY H 35 76.68 28.18 -28.70
N TRP H 36 77.37 27.07 -28.46
CA TRP H 36 78.65 26.78 -29.08
C TRP H 36 78.52 25.51 -29.91
N TYR H 37 79.04 25.55 -31.13
CA TYR H 37 78.90 24.45 -32.07
C TYR H 37 80.27 24.04 -32.61
N GLN H 38 80.47 22.73 -32.74
CA GLN H 38 81.67 22.15 -33.30
C GLN H 38 81.29 21.14 -34.38
N GLN H 39 81.95 21.22 -35.54
CA GLN H 39 81.72 20.27 -36.61
C GLN H 39 83.04 19.70 -37.10
N LYS H 40 83.05 18.39 -37.34
CA LYS H 40 84.17 17.77 -38.01
C LYS H 40 84.18 18.13 -39.48
N PRO H 41 85.35 18.08 -40.15
CA PRO H 41 85.41 18.46 -41.57
C PRO H 41 84.43 17.69 -42.43
N GLY H 42 83.46 18.40 -43.00
CA GLY H 42 82.44 17.81 -43.84
C GLY H 42 81.19 17.36 -43.11
N GLN H 43 81.18 17.44 -41.78
CA GLN H 43 80.03 17.01 -41.00
C GLN H 43 79.26 18.21 -40.45
N ALA H 44 78.00 17.96 -40.11
CA ALA H 44 77.14 19.00 -39.54
C ALA H 44 77.57 19.31 -38.10
N PRO H 45 77.40 20.56 -37.68
CA PRO H 45 77.78 20.94 -36.31
C PRO H 45 76.87 20.32 -35.27
N ARG H 46 77.42 20.19 -34.06
CA ARG H 46 76.67 19.71 -32.90
C ARG H 46 76.79 20.73 -31.78
N LEU H 47 75.76 20.78 -30.93
CA LEU H 47 75.75 21.72 -29.81
C LEU H 47 76.64 21.20 -28.69
N LEU H 48 77.49 22.08 -28.16
CA LEU H 48 78.39 21.72 -27.07
C LEU H 48 78.07 22.45 -25.78
N ILE H 49 78.00 23.77 -25.80
CA ILE H 49 77.80 24.57 -24.59
C ILE H 49 76.57 25.45 -24.83
N TYR H 50 75.55 25.29 -23.99
CA TYR H 50 74.40 26.17 -23.95
C TYR H 50 74.21 26.68 -22.54
N GLY H 51 73.87 27.96 -22.43
CA GLY H 51 73.82 28.61 -21.13
C GLY H 51 75.16 29.07 -20.60
N ALA H 52 76.23 28.90 -21.38
CA ALA H 52 77.57 29.39 -21.08
C ALA H 52 78.23 28.62 -19.94
N SER H 53 77.49 27.73 -19.29
CA SER H 53 78.04 26.93 -18.20
C SER H 53 77.62 25.47 -18.20
N SER H 54 76.61 25.08 -18.97
CA SER H 54 76.04 23.74 -18.90
C SER H 54 76.40 22.94 -20.16
N ARG H 55 76.81 21.70 -19.96
CA ARG H 55 77.08 20.80 -21.07
C ARG H 55 75.78 20.26 -21.64
N ALA H 56 75.88 19.63 -22.81
CA ALA H 56 74.75 18.95 -23.43
C ALA H 56 74.83 17.46 -23.15
N THR H 57 73.81 16.73 -23.62
CA THR H 57 73.76 15.29 -23.42
C THR H 57 74.82 14.62 -24.28
N GLY H 58 75.65 13.78 -23.66
CA GLY H 58 76.72 13.11 -24.34
C GLY H 58 78.01 13.91 -24.46
N ILE H 59 78.02 15.15 -24.00
CA ILE H 59 79.24 15.96 -24.06
C ILE H 59 80.26 15.41 -23.07
N PRO H 60 81.51 15.19 -23.48
CA PRO H 60 82.53 14.73 -22.54
C PRO H 60 82.78 15.76 -21.44
N ASP H 61 83.17 15.25 -20.27
CA ASP H 61 83.42 16.12 -19.13
C ASP H 61 84.66 16.98 -19.31
N ARG H 62 85.48 16.70 -20.34
CA ARG H 62 86.69 17.48 -20.56
C ARG H 62 86.40 18.92 -20.94
N PHE H 63 85.17 19.22 -21.37
CA PHE H 63 84.79 20.57 -21.76
C PHE H 63 84.09 21.28 -20.61
N SER H 64 84.56 22.50 -20.32
CA SER H 64 83.98 23.30 -19.24
C SER H 64 84.05 24.76 -19.65
N GLY H 65 82.89 25.40 -19.77
CA GLY H 65 82.84 26.79 -20.15
C GLY H 65 83.11 27.72 -18.98
N SER H 66 83.25 29.00 -19.31
CA SER H 66 83.49 30.05 -18.32
C SER H 66 82.27 30.93 -18.11
N GLY H 67 81.69 31.45 -19.18
CA GLY H 67 80.48 32.27 -19.06
C GLY H 67 80.71 33.60 -18.39
N SER H 68 81.45 34.49 -19.03
CA SER H 68 81.71 35.82 -18.48
C SER H 68 80.50 36.72 -18.74
N GLY H 69 80.67 38.01 -18.50
CA GLY H 69 79.59 38.96 -18.71
C GLY H 69 79.18 39.07 -20.18
N THR H 70 80.06 39.61 -21.01
CA THR H 70 79.79 39.75 -22.43
C THR H 70 80.81 39.05 -23.32
N ASP H 71 81.90 38.54 -22.74
CA ASP H 71 82.99 37.91 -23.51
C ASP H 71 83.08 36.46 -23.06
N PHE H 72 82.32 35.59 -23.72
CA PHE H 72 82.29 34.18 -23.33
C PHE H 72 83.62 33.50 -23.64
N THR H 73 83.95 32.51 -22.82
CA THR H 73 85.18 31.75 -22.99
C THR H 73 84.90 30.29 -22.69
N LEU H 74 85.61 29.41 -23.40
CA LEU H 74 85.50 27.97 -23.20
C LEU H 74 86.91 27.41 -23.13
N THR H 75 87.32 26.96 -21.95
CA THR H 75 88.63 26.38 -21.76
C THR H 75 88.52 24.85 -21.77
N ILE H 76 89.23 24.22 -22.70
CA ILE H 76 89.21 22.77 -22.82
C ILE H 76 90.15 22.20 -21.76
N SER H 77 89.58 21.57 -20.73
CA SER H 77 90.37 21.03 -19.63
C SER H 77 91.14 19.77 -20.02
N ARG H 78 90.82 19.14 -21.14
CA ARG H 78 91.52 17.95 -21.60
C ARG H 78 91.29 17.72 -23.08
N LEU H 79 92.36 17.55 -23.85
CA LEU H 79 92.28 17.47 -25.30
C LEU H 79 92.34 16.02 -25.77
N GLU H 80 91.53 15.70 -26.76
CA GLU H 80 91.52 14.40 -27.41
C GLU H 80 91.65 14.58 -28.91
N SER H 81 91.91 13.46 -29.60
CA SER H 81 92.06 13.50 -31.06
C SER H 81 90.77 13.90 -31.76
N GLU H 82 89.62 13.69 -31.12
CA GLU H 82 88.34 14.08 -31.72
C GLU H 82 88.13 15.59 -31.68
N ASP H 83 88.73 16.27 -30.70
CA ASP H 83 88.48 17.70 -30.48
C ASP H 83 89.13 18.59 -31.52
N PHE H 84 89.94 18.04 -32.43
CA PHE H 84 90.61 18.85 -33.46
C PHE H 84 89.65 19.06 -34.61
N ALA H 85 88.99 20.21 -34.61
CA ALA H 85 88.02 20.57 -35.64
C ALA H 85 87.82 22.09 -35.60
N VAL H 86 86.82 22.56 -36.35
CA VAL H 86 86.48 23.98 -36.37
C VAL H 86 85.34 24.22 -35.39
N TYR H 87 85.32 25.41 -34.80
CA TYR H 87 84.34 25.77 -33.79
C TYR H 87 83.65 27.08 -34.17
N TYR H 88 82.34 27.14 -33.93
CA TYR H 88 81.55 28.33 -34.18
C TYR H 88 80.67 28.62 -32.99
N CYS H 89 80.42 29.90 -32.73
CA CYS H 89 79.55 30.34 -31.65
C CYS H 89 78.51 31.31 -32.18
N GLN H 90 77.28 31.17 -31.70
CA GLN H 90 76.15 31.95 -32.18
C GLN H 90 75.45 32.62 -31.01
N GLN H 91 74.97 33.83 -31.25
CA GLN H 91 74.18 34.57 -30.27
C GLN H 91 72.70 34.35 -30.55
N TYR H 92 71.93 34.20 -29.47
CA TYR H 92 70.51 33.86 -29.56
C TYR H 92 69.60 35.02 -29.16
N ASP H 93 70.11 36.25 -29.13
CA ASP H 93 69.34 37.37 -28.66
C ASP H 93 68.31 37.80 -29.72
N ASN H 94 67.61 38.90 -29.43
CA ASN H 94 66.55 39.35 -30.31
C ASN H 94 67.09 39.87 -31.64
N SER H 95 68.36 40.28 -31.66
CA SER H 95 68.97 40.77 -32.89
C SER H 95 69.15 39.64 -33.90
N PRO H 96 69.30 39.97 -35.18
CA PRO H 96 69.59 38.94 -36.18
C PRO H 96 70.80 38.11 -35.78
N TRP H 97 70.70 36.80 -35.96
CA TRP H 97 71.69 35.89 -35.40
C TRP H 97 72.91 35.81 -36.31
N THR H 98 74.09 35.96 -35.72
CA THR H 98 75.34 35.96 -36.46
C THR H 98 76.25 34.87 -35.91
N PHE H 99 77.16 34.41 -36.78
CA PHE H 99 78.13 33.38 -36.42
C PHE H 99 79.52 34.00 -36.41
N GLY H 100 80.41 33.39 -35.64
CA GLY H 100 81.79 33.80 -35.62
C GLY H 100 82.54 33.38 -36.87
N GLN H 101 83.74 33.93 -37.03
CA GLN H 101 84.55 33.61 -38.19
C GLN H 101 84.94 32.14 -38.22
N GLY H 102 85.27 31.57 -37.05
CA GLY H 102 85.66 30.18 -36.96
C GLY H 102 87.08 29.99 -36.47
N THR H 103 87.26 29.12 -35.48
CA THR H 103 88.57 28.85 -34.90
C THR H 103 89.01 27.44 -35.25
N LYS H 104 90.21 27.33 -35.81
CA LYS H 104 90.77 26.05 -36.22
C LYS H 104 91.88 25.65 -35.27
N VAL H 105 91.86 24.40 -34.82
CA VAL H 105 92.86 23.86 -33.90
C VAL H 105 93.61 22.73 -34.61
N GLU H 106 94.94 22.80 -34.56
CA GLU H 106 95.78 21.80 -35.20
C GLU H 106 96.24 20.74 -34.21
N GLN I 1 63.42 7.12 -32.14
CA GLN I 1 64.76 7.69 -32.02
C GLN I 1 64.80 9.10 -32.60
N MET I 2 65.42 10.02 -31.84
CA MET I 2 65.56 11.39 -32.30
C MET I 2 66.48 11.45 -33.51
N GLN I 3 66.00 12.08 -34.59
CA GLN I 3 66.79 12.21 -35.80
C GLN I 3 66.17 13.28 -36.68
N LEU I 4 67.01 13.90 -37.51
CA LEU I 4 66.57 14.84 -38.54
C LEU I 4 67.07 14.34 -39.88
N VAL I 5 66.16 13.87 -40.72
CA VAL I 5 66.49 13.35 -42.04
C VAL I 5 66.14 14.39 -43.09
N GLN I 6 67.12 14.75 -43.92
CA GLN I 6 66.98 15.76 -44.93
C GLN I 6 67.07 15.13 -46.32
N SER I 7 66.61 15.88 -47.32
CA SER I 7 66.54 15.36 -48.68
C SER I 7 67.94 15.31 -49.29
N GLY I 8 68.02 14.98 -50.57
CA GLY I 8 69.28 14.83 -51.25
C GLY I 8 69.74 16.10 -51.93
N PRO I 9 71.01 16.15 -52.33
CA PRO I 9 71.52 17.32 -53.04
C PRO I 9 70.77 17.57 -54.34
N GLU I 10 70.63 18.85 -54.69
CA GLU I 10 69.96 19.25 -55.92
C GLU I 10 70.85 20.22 -56.69
N VAL I 11 70.69 20.22 -58.01
CA VAL I 11 71.43 21.10 -58.90
C VAL I 11 70.44 21.86 -59.76
N LYS I 12 70.58 23.18 -59.80
CA LYS I 12 69.65 24.02 -60.56
C LYS I 12 70.41 25.03 -61.41
N LYS I 13 69.68 25.99 -61.99
CA LYS I 13 70.22 27.00 -62.86
C LYS I 13 69.86 28.39 -62.34
N PRO I 14 70.63 29.43 -62.70
CA PRO I 14 70.32 30.77 -62.23
C PRO I 14 68.94 31.22 -62.68
N GLY I 15 68.26 31.96 -61.80
CA GLY I 15 66.92 32.45 -62.06
C GLY I 15 65.81 31.47 -61.73
N THR I 16 66.14 30.26 -61.32
CA THR I 16 65.14 29.25 -60.98
C THR I 16 64.89 29.29 -59.47
N SER I 17 64.16 28.32 -58.94
CA SER I 17 63.85 28.23 -57.52
C SER I 17 64.33 26.90 -56.98
N VAL I 18 64.62 26.87 -55.68
CA VAL I 18 65.13 25.68 -55.01
C VAL I 18 64.22 25.35 -53.83
N LYS I 19 63.85 24.07 -53.73
CA LYS I 19 63.00 23.59 -52.65
C LYS I 19 63.67 22.39 -51.99
N VAL I 20 63.83 22.45 -50.67
CA VAL I 20 64.43 21.37 -49.90
C VAL I 20 63.68 21.25 -48.58
N SER I 21 63.49 20.01 -48.12
CA SER I 21 62.77 19.75 -46.89
C SER I 21 63.53 18.73 -46.06
N CYS I 22 63.32 18.78 -44.75
CA CYS I 22 63.88 17.81 -43.82
C CYS I 22 62.79 17.34 -42.87
N LYS I 23 62.71 16.03 -42.67
CA LYS I 23 61.70 15.41 -41.84
C LYS I 23 62.22 15.27 -40.41
N ALA I 24 61.35 15.54 -39.43
CA ALA I 24 61.68 15.38 -38.03
C ALA I 24 60.85 14.25 -37.43
N SER I 25 61.51 13.39 -36.67
CA SER I 25 60.82 12.25 -36.06
C SER I 25 61.51 11.90 -34.75
N GLY I 26 60.78 11.21 -33.89
CA GLY I 26 61.32 10.72 -32.63
C GLY I 26 61.16 11.62 -31.43
N PHE I 27 60.37 12.69 -31.55
CA PHE I 27 60.19 13.63 -30.43
C PHE I 27 58.92 14.42 -30.66
N THR I 28 58.67 15.34 -29.74
CA THR I 28 57.50 16.22 -29.80
C THR I 28 57.81 17.36 -30.77
N PHE I 29 57.38 17.22 -32.03
CA PHE I 29 57.60 18.22 -33.04
C PHE I 29 56.57 19.34 -33.00
N SER I 30 55.57 19.25 -32.13
CA SER I 30 54.53 20.28 -32.06
C SER I 30 54.96 21.50 -31.24
N SER I 31 56.04 21.40 -30.47
CA SER I 31 56.49 22.52 -29.64
C SER I 31 57.96 22.88 -29.90
N SER I 32 58.50 22.43 -31.02
CA SER I 32 59.91 22.66 -31.34
C SER I 32 60.06 23.93 -32.18
N ALA I 33 61.24 24.12 -32.75
CA ALA I 33 61.49 25.20 -33.70
C ALA I 33 62.61 24.75 -34.63
N VAL I 34 62.62 25.30 -35.84
CA VAL I 34 63.61 24.93 -36.84
C VAL I 34 64.26 26.19 -37.41
N GLN I 35 65.58 26.17 -37.50
CA GLN I 35 66.35 27.24 -38.11
C GLN I 35 67.09 26.71 -39.33
N TRP I 36 67.28 27.58 -40.31
CA TRP I 36 67.99 27.24 -41.53
C TRP I 36 69.26 28.06 -41.65
N VAL I 37 70.37 27.40 -41.92
CA VAL I 37 71.66 28.05 -42.12
C VAL I 37 72.31 27.46 -43.38
N ARG I 38 73.22 28.23 -43.96
CA ARG I 38 73.95 27.81 -45.14
C ARG I 38 75.45 28.00 -44.91
N GLN I 39 76.24 27.13 -45.54
CA GLN I 39 77.69 27.16 -45.37
C GLN I 39 78.34 26.59 -46.61
N ALA I 40 79.16 27.41 -47.27
CA ALA I 40 79.91 26.95 -48.42
C ALA I 40 81.11 26.11 -47.98
N ARG I 41 81.75 25.46 -48.95
CA ARG I 41 82.88 24.60 -48.65
C ARG I 41 84.07 25.45 -48.20
N GLY I 42 84.42 25.32 -46.92
CA GLY I 42 85.52 26.08 -46.35
C GLY I 42 85.16 27.46 -45.85
N GLN I 43 83.88 27.81 -45.81
CA GLN I 43 83.43 29.11 -45.34
C GLN I 43 82.72 28.97 -44.00
N HIS I 44 82.52 30.11 -43.35
CA HIS I 44 81.87 30.14 -42.04
C HIS I 44 80.35 30.02 -42.20
N LEU I 45 79.70 29.64 -41.12
CA LEU I 45 78.25 29.46 -41.12
C LEU I 45 77.55 30.81 -41.19
N GLU I 46 76.40 30.83 -41.87
CA GLU I 46 75.57 32.02 -41.99
C GLU I 46 74.12 31.65 -41.73
N TRP I 47 73.46 32.42 -40.87
CA TRP I 47 72.07 32.18 -40.52
C TRP I 47 71.14 32.77 -41.58
N ILE I 48 70.03 32.10 -41.83
CA ILE I 48 69.06 32.54 -42.84
C ILE I 48 67.77 32.96 -42.14
N GLY I 49 67.13 32.03 -41.44
CA GLY I 49 65.87 32.33 -40.78
C GLY I 49 65.39 31.15 -39.97
N TRP I 50 64.28 31.37 -39.27
CA TRP I 50 63.67 30.33 -38.46
C TRP I 50 62.16 30.54 -38.43
N ILE I 51 61.43 29.47 -38.15
CA ILE I 51 59.98 29.49 -38.09
C ILE I 51 59.53 28.69 -36.88
N VAL I 52 58.43 29.13 -36.26
CA VAL I 52 57.82 28.38 -35.17
C VAL I 52 56.91 27.30 -35.76
N VAL I 53 57.10 26.07 -35.30
CA VAL I 53 56.38 24.94 -35.88
C VAL I 53 54.89 25.02 -35.56
N GLY I 54 54.55 25.46 -34.35
CA GLY I 54 53.16 25.54 -33.95
C GLY I 54 52.49 26.87 -34.17
N SER I 55 53.27 27.91 -34.47
CA SER I 55 52.76 29.25 -34.67
C SER I 55 52.85 29.74 -36.10
N GLY I 56 53.91 29.38 -36.82
CA GLY I 56 54.15 29.90 -38.14
C GLY I 56 54.87 31.23 -38.19
N ASN I 57 55.18 31.82 -37.03
CA ASN I 57 55.90 33.08 -37.00
C ASN I 57 57.32 32.89 -37.55
N THR I 58 57.74 33.83 -38.38
CA THR I 58 59.03 33.76 -39.05
C THR I 58 59.86 34.99 -38.72
N ASN I 59 61.18 34.80 -38.67
CA ASN I 59 62.12 35.89 -38.50
C ASN I 59 63.31 35.62 -39.42
N TYR I 60 63.51 36.49 -40.40
CA TYR I 60 64.50 36.29 -41.44
C TYR I 60 65.76 37.12 -41.16
N ALA I 61 66.83 36.77 -41.85
CA ALA I 61 68.03 37.58 -41.82
C ALA I 61 67.81 38.88 -42.60
N GLN I 62 68.56 39.91 -42.22
CA GLN I 62 68.41 41.21 -42.86
C GLN I 62 68.75 41.17 -44.34
N LYS I 63 69.76 40.37 -44.72
CA LYS I 63 70.19 40.33 -46.11
C LYS I 63 69.19 39.60 -46.99
N PHE I 64 68.69 38.44 -46.54
CA PHE I 64 67.91 37.54 -47.37
C PHE I 64 66.41 37.62 -47.13
N GLN I 65 65.94 38.65 -46.40
CA GLN I 65 64.53 38.72 -46.04
C GLN I 65 63.61 38.84 -47.26
N GLU I 66 64.13 39.27 -48.40
CA GLU I 66 63.31 39.42 -49.60
C GLU I 66 63.31 38.19 -50.50
N ARG I 67 64.08 37.14 -50.18
CA ARG I 67 64.18 35.99 -51.06
C ARG I 67 64.19 34.68 -50.29
N VAL I 68 63.60 34.64 -49.10
CA VAL I 68 63.46 33.41 -48.34
C VAL I 68 62.01 33.33 -47.82
N THR I 69 61.48 32.12 -47.80
CA THR I 69 60.18 31.85 -47.20
C THR I 69 60.24 30.55 -46.43
N LEU I 70 59.39 30.43 -45.42
CA LEU I 70 59.38 29.28 -44.53
C LEU I 70 57.96 28.74 -44.42
N THR I 71 57.81 27.43 -44.67
CA THR I 71 56.50 26.78 -44.62
C THR I 71 56.65 25.44 -43.92
N ARG I 72 55.69 25.13 -43.06
CA ARG I 72 55.68 23.88 -42.33
C ARG I 72 54.31 23.22 -42.45
N ASP I 73 54.31 21.90 -42.42
CA ASP I 73 53.09 21.10 -42.50
C ASP I 73 52.98 20.23 -41.25
N MET I 74 51.90 20.41 -40.49
CA MET I 74 51.71 19.63 -39.27
C MET I 74 51.40 18.17 -39.58
N SER I 75 50.68 17.91 -40.68
CA SER I 75 50.31 16.54 -41.00
C SER I 75 51.54 15.67 -41.28
N THR I 76 52.50 16.21 -42.04
CA THR I 76 53.72 15.48 -42.38
C THR I 76 54.89 15.83 -41.46
N ARG I 77 54.67 16.67 -40.45
CA ARG I 77 55.69 17.16 -39.52
C ARG I 77 57.00 17.46 -40.25
N THR I 78 56.89 18.33 -41.25
CA THR I 78 58.01 18.67 -42.12
C THR I 78 58.20 20.19 -42.16
N ALA I 79 59.45 20.61 -42.29
CA ALA I 79 59.81 22.01 -42.42
C ALA I 79 60.34 22.25 -43.82
N TYR I 80 59.82 23.28 -44.49
CA TYR I 80 60.18 23.61 -45.86
C TYR I 80 60.75 25.01 -45.91
N MET I 81 61.83 25.18 -46.68
CA MET I 81 62.37 26.50 -46.96
C MET I 81 62.57 26.62 -48.46
N GLU I 82 62.38 27.83 -49.00
CA GLU I 82 62.50 28.09 -50.41
C GLU I 82 63.33 29.35 -50.62
N LEU I 83 64.28 29.29 -51.54
CA LEU I 83 65.15 30.42 -51.87
C LEU I 83 64.94 30.78 -53.34
N SER I 84 64.65 32.05 -53.60
CA SER I 84 64.43 32.56 -54.94
C SER I 84 65.62 33.39 -55.39
N SER I 85 65.65 33.70 -56.69
CA SER I 85 66.71 34.49 -57.32
C SER I 85 68.07 33.83 -57.09
N LEU I 86 68.22 32.63 -57.63
CA LEU I 86 69.46 31.88 -57.49
C LEU I 86 70.61 32.60 -58.18
N ARG I 87 71.78 32.55 -57.52
CA ARG I 87 72.98 33.19 -58.04
C ARG I 87 74.13 32.21 -57.94
N SER I 88 75.26 32.57 -58.57
CA SER I 88 76.43 31.70 -58.58
C SER I 88 77.08 31.59 -57.20
N GLU I 89 76.78 32.51 -56.29
CA GLU I 89 77.33 32.48 -54.94
C GLU I 89 76.40 31.82 -53.94
N ASP I 90 75.30 31.22 -54.40
CA ASP I 90 74.33 30.56 -53.53
C ASP I 90 74.66 29.09 -53.30
N THR I 91 75.81 28.63 -53.80
CA THR I 91 76.21 27.23 -53.65
C THR I 91 76.73 27.02 -52.23
N ALA I 92 75.91 26.40 -51.38
CA ALA I 92 76.28 26.17 -49.99
C ALA I 92 75.47 24.98 -49.47
N VAL I 93 75.93 24.45 -48.35
CA VAL I 93 75.27 23.33 -47.69
C VAL I 93 74.25 23.87 -46.70
N TYR I 94 73.00 23.42 -46.81
CA TYR I 94 71.90 23.92 -45.99
C TYR I 94 71.58 22.91 -44.91
N TYR I 95 71.41 23.40 -43.69
CA TYR I 95 71.10 22.55 -42.53
C TYR I 95 69.83 23.05 -41.84
N CYS I 96 69.12 22.11 -41.21
CA CYS I 96 67.99 22.42 -40.36
C CYS I 96 68.23 21.83 -38.98
N ALA I 97 68.04 22.64 -37.94
CA ALA I 97 68.30 22.24 -36.57
C ALA I 97 67.07 22.50 -35.71
N ALA I 98 66.78 21.57 -34.81
CA ALA I 98 65.65 21.67 -33.90
C ALA I 98 66.08 21.25 -32.49
N PRO I 99 65.49 21.85 -31.47
CA PRO I 99 65.78 21.43 -30.10
C PRO I 99 65.06 20.13 -29.75
N ASN I 100 65.38 19.61 -28.57
CA ASN I 100 64.77 18.39 -28.06
C ASN I 100 63.57 18.73 -27.19
N CYS I 101 62.54 17.90 -27.28
CA CYS I 101 61.33 18.10 -26.49
C CYS I 101 60.81 16.74 -26.02
N ASN I 102 60.13 16.75 -24.87
CA ASN I 102 59.51 15.56 -24.32
C ASN I 102 58.02 15.77 -24.07
N SER I 103 57.40 16.71 -24.79
CA SER I 103 55.99 17.06 -24.68
C SER I 103 55.69 17.77 -23.37
N THR I 104 56.67 17.84 -22.47
CA THR I 104 56.55 18.56 -21.21
C THR I 104 57.51 19.73 -21.11
N THR I 105 58.80 19.48 -21.33
CA THR I 105 59.83 20.52 -21.25
C THR I 105 60.75 20.38 -22.45
N CYS I 106 60.91 21.46 -23.20
CA CYS I 106 61.75 21.46 -24.38
C CYS I 106 63.18 21.87 -24.03
N HIS I 107 64.14 21.30 -24.77
CA HIS I 107 65.54 21.62 -24.56
C HIS I 107 65.83 23.07 -24.95
N ASP I 108 66.81 23.65 -24.27
CA ASP I 108 67.22 25.03 -24.53
C ASP I 108 68.34 25.01 -25.57
N GLY I 109 68.12 25.67 -26.69
CA GLY I 109 69.07 25.72 -27.78
C GLY I 109 68.88 24.56 -28.75
N PHE I 110 69.50 24.72 -29.91
CA PHE I 110 69.42 23.73 -30.99
C PHE I 110 70.53 22.71 -30.79
N ASP I 111 70.16 21.49 -30.41
CA ASP I 111 71.11 20.43 -30.12
C ASP I 111 71.39 19.53 -31.32
N ILE I 112 70.37 18.91 -31.88
CA ILE I 112 70.56 17.97 -32.99
C ILE I 112 70.53 18.73 -34.31
N TRP I 113 71.09 18.12 -35.35
CA TRP I 113 71.22 18.76 -36.64
C TRP I 113 70.94 17.74 -37.74
N GLY I 114 70.64 18.25 -38.93
CA GLY I 114 70.42 17.41 -40.09
C GLY I 114 71.71 17.00 -40.77
N GLN I 115 71.56 16.32 -41.90
CA GLN I 115 72.72 15.86 -42.66
C GLN I 115 73.25 16.92 -43.62
N GLY I 116 72.38 17.74 -44.18
CA GLY I 116 72.81 18.79 -45.09
C GLY I 116 72.63 18.45 -46.55
N THR I 117 72.31 19.46 -47.36
CA THR I 117 72.12 19.31 -48.80
C THR I 117 73.03 20.27 -49.54
N VAL I 118 73.75 19.74 -50.53
CA VAL I 118 74.65 20.54 -51.35
C VAL I 118 73.90 20.98 -52.60
N VAL I 119 73.80 22.29 -52.80
CA VAL I 119 73.07 22.87 -53.93
C VAL I 119 74.06 23.64 -54.77
N THR I 120 74.05 23.39 -56.08
CA THR I 120 74.92 24.06 -57.03
C THR I 120 74.09 24.78 -58.07
N VAL I 121 74.40 26.06 -58.28
CA VAL I 121 73.73 26.89 -59.28
C VAL I 121 74.74 27.19 -60.38
N SER I 122 74.49 26.65 -61.57
CA SER I 122 75.39 26.81 -62.70
C SER I 122 74.60 26.75 -63.99
N SER I 123 75.25 27.15 -65.09
CA SER I 123 74.61 27.14 -66.40
C SER I 123 75.55 26.55 -67.45
N ASP J 1 49.52 1.71 -35.44
CA ASP J 1 48.99 0.81 -36.46
C ASP J 1 49.32 -0.64 -36.12
N ILE J 2 48.35 -1.53 -36.31
CA ILE J 2 48.53 -2.95 -36.00
C ILE J 2 49.04 -3.65 -37.27
N GLN J 3 50.18 -4.31 -37.15
CA GLN J 3 50.76 -5.03 -38.26
C GLN J 3 50.37 -6.51 -38.20
N MET J 4 50.21 -7.12 -39.37
CA MET J 4 49.74 -8.49 -39.49
C MET J 4 50.80 -9.34 -40.17
N THR J 5 51.10 -10.50 -39.59
CA THR J 5 52.03 -11.45 -40.17
C THR J 5 51.34 -12.79 -40.37
N GLN J 6 51.57 -13.40 -41.53
CA GLN J 6 51.00 -14.70 -41.88
C GLN J 6 52.13 -15.69 -42.11
N SER J 7 52.04 -16.85 -41.47
CA SER J 7 53.06 -17.88 -41.57
C SER J 7 52.41 -19.22 -41.91
N PRO J 8 53.02 -19.99 -42.81
CA PRO J 8 54.24 -19.70 -43.58
C PRO J 8 53.96 -18.82 -44.78
N SER J 9 55.00 -18.28 -45.44
CA SER J 9 54.79 -17.45 -46.62
C SER J 9 54.15 -18.24 -47.74
N THR J 10 54.59 -19.48 -47.95
CA THR J 10 53.99 -20.37 -48.94
C THR J 10 53.81 -21.74 -48.31
N LEU J 11 52.76 -22.43 -48.75
CA LEU J 11 52.43 -23.73 -48.20
C LEU J 11 52.05 -24.68 -49.34
N SER J 12 52.79 -25.79 -49.45
CA SER J 12 52.54 -26.80 -50.45
C SER J 12 51.69 -27.91 -49.85
N ALA J 13 50.60 -28.27 -50.54
CA ALA J 13 49.66 -29.26 -50.06
C ALA J 13 49.22 -30.14 -51.22
N SER J 14 48.24 -31.01 -50.95
CA SER J 14 47.66 -31.87 -51.97
C SER J 14 46.20 -32.09 -51.62
N VAL J 15 45.43 -32.52 -52.62
CA VAL J 15 43.99 -32.70 -52.45
C VAL J 15 43.73 -33.75 -51.37
N GLY J 16 42.83 -33.44 -50.45
CA GLY J 16 42.46 -34.35 -49.39
C GLY J 16 43.33 -34.30 -48.14
N ASP J 17 44.27 -33.37 -48.07
CA ASP J 17 45.15 -33.27 -46.91
C ASP J 17 44.52 -32.36 -45.85
N ARG J 18 45.29 -32.06 -44.81
CA ARG J 18 44.89 -31.13 -43.77
C ARG J 18 45.99 -30.10 -43.60
N VAL J 19 45.63 -28.81 -43.66
CA VAL J 19 46.59 -27.72 -43.57
C VAL J 19 46.13 -26.74 -42.51
N THR J 20 47.10 -25.96 -42.00
CA THR J 20 46.85 -24.91 -41.03
C THR J 20 47.65 -23.67 -41.41
N ILE J 21 47.02 -22.50 -41.25
CA ILE J 21 47.66 -21.23 -41.55
C ILE J 21 47.63 -20.39 -40.29
N THR J 22 48.80 -19.90 -39.88
CA THR J 22 48.95 -19.13 -38.65
C THR J 22 49.04 -17.64 -38.96
N CYS J 23 48.27 -16.84 -38.24
CA CYS J 23 48.26 -15.39 -38.39
C CYS J 23 48.55 -14.76 -37.04
N ARG J 24 49.48 -13.81 -37.02
CA ARG J 24 49.94 -13.18 -35.80
C ARG J 24 49.74 -11.67 -35.87
N ALA J 25 49.35 -11.08 -34.74
CA ALA J 25 49.13 -9.65 -34.63
C ALA J 25 50.12 -9.04 -33.64
N SER J 26 50.52 -7.81 -33.90
CA SER J 26 51.49 -7.13 -33.03
C SER J 26 50.90 -6.90 -31.64
N GLN J 27 49.66 -6.43 -31.57
CA GLN J 27 49.00 -6.13 -30.30
C GLN J 27 47.67 -6.86 -30.25
N SER J 28 47.02 -6.79 -29.09
CA SER J 28 45.74 -7.46 -28.89
C SER J 28 44.68 -6.80 -29.76
N ILE J 29 43.93 -7.62 -30.50
CA ILE J 29 42.87 -7.16 -31.39
C ILE J 29 41.52 -7.77 -31.02
N SER J 30 41.39 -8.26 -29.78
CA SER J 30 40.19 -8.94 -29.31
C SER J 30 39.83 -10.09 -30.23
N SER J 31 38.54 -10.29 -30.49
CA SER J 31 38.06 -11.38 -31.34
C SER J 31 37.76 -10.90 -32.75
N TRP J 32 38.14 -9.67 -33.09
CA TRP J 32 37.84 -9.09 -34.40
C TRP J 32 38.90 -9.58 -35.40
N LEU J 33 38.49 -10.42 -36.34
CA LEU J 33 39.38 -10.89 -37.39
C LEU J 33 38.54 -11.39 -38.56
N ALA J 34 39.13 -11.35 -39.75
CA ALA J 34 38.45 -11.80 -40.95
C ALA J 34 39.45 -12.54 -41.84
N TRP J 35 38.93 -13.45 -42.65
CA TRP J 35 39.73 -14.24 -43.58
C TRP J 35 39.16 -14.09 -44.99
N TYR J 36 40.02 -13.80 -45.95
CA TYR J 36 39.63 -13.67 -47.35
C TYR J 36 40.43 -14.62 -48.21
N GLN J 37 39.77 -15.23 -49.18
CA GLN J 37 40.42 -16.07 -50.19
C GLN J 37 40.25 -15.42 -51.55
N GLN J 38 41.36 -15.23 -52.25
CA GLN J 38 41.35 -14.54 -53.55
C GLN J 38 41.99 -15.43 -54.61
N LYS J 39 41.24 -15.67 -55.68
CA LYS J 39 41.78 -16.39 -56.82
C LYS J 39 42.68 -15.46 -57.64
N PRO J 40 43.66 -16.02 -58.35
CA PRO J 40 44.54 -15.19 -59.18
C PRO J 40 43.75 -14.49 -60.29
N GLY J 41 43.74 -13.16 -60.23
CA GLY J 41 43.04 -12.37 -61.22
C GLY J 41 41.56 -12.16 -60.97
N LYS J 42 41.05 -12.61 -59.83
CA LYS J 42 39.64 -12.47 -59.48
C LYS J 42 39.49 -11.77 -58.13
N ALA J 43 38.29 -11.26 -57.89
CA ALA J 43 38.02 -10.56 -56.65
C ALA J 43 38.07 -11.52 -55.46
N PRO J 44 38.58 -11.08 -54.31
CA PRO J 44 38.60 -11.95 -53.13
C PRO J 44 37.19 -12.25 -52.63
N LYS J 45 37.07 -13.41 -51.98
CA LYS J 45 35.82 -13.84 -51.40
C LYS J 45 35.98 -13.97 -49.88
N LEU J 46 34.90 -13.72 -49.16
CA LEU J 46 34.91 -13.77 -47.71
C LEU J 46 34.58 -15.18 -47.22
N LEU J 47 35.39 -15.67 -46.28
CA LEU J 47 35.22 -16.99 -45.71
C LEU J 47 34.79 -16.97 -44.25
N ILE J 48 35.58 -16.31 -43.39
CA ILE J 48 35.34 -16.30 -41.96
C ILE J 48 35.47 -14.87 -41.44
N TYR J 49 34.47 -14.43 -40.70
CA TYR J 49 34.53 -13.16 -39.97
C TYR J 49 34.29 -13.45 -38.49
N LYS J 50 34.71 -12.50 -37.65
CA LYS J 50 34.71 -12.64 -36.19
C LYS J 50 35.67 -13.73 -35.72
N ALA J 51 36.46 -14.31 -36.63
CA ALA J 51 37.51 -15.28 -36.35
C ALA J 51 36.93 -16.64 -35.94
N SER J 52 35.62 -16.72 -35.77
CA SER J 52 34.98 -17.99 -35.42
C SER J 52 33.78 -18.27 -36.32
N SER J 53 33.09 -17.22 -36.75
CA SER J 53 31.88 -17.37 -37.54
C SER J 53 32.22 -17.54 -39.01
N LEU J 54 31.39 -18.33 -39.70
CA LEU J 54 31.59 -18.60 -41.12
C LEU J 54 30.51 -17.90 -41.95
N GLU J 55 30.91 -17.32 -43.07
CA GLU J 55 29.96 -16.70 -43.98
C GLU J 55 29.03 -17.74 -44.58
N SER J 56 27.78 -17.35 -44.82
CA SER J 56 26.81 -18.26 -45.38
C SER J 56 27.20 -18.67 -46.79
N GLY J 57 27.07 -19.97 -47.09
CA GLY J 57 27.33 -20.51 -48.39
C GLY J 57 28.70 -21.15 -48.57
N VAL J 58 29.65 -20.85 -47.70
CA VAL J 58 31.00 -21.41 -47.81
C VAL J 58 30.98 -22.87 -47.38
N PRO J 59 31.91 -23.69 -47.86
CA PRO J 59 31.98 -25.08 -47.38
C PRO J 59 32.35 -25.13 -45.90
N SER J 60 31.88 -26.18 -45.23
CA SER J 60 32.10 -26.35 -43.80
C SER J 60 33.51 -26.83 -43.46
N ARG J 61 34.31 -27.21 -44.46
CA ARG J 61 35.65 -27.70 -44.19
C ARG J 61 36.57 -26.63 -43.62
N PHE J 62 36.26 -25.35 -43.84
CA PHE J 62 37.05 -24.26 -43.28
C PHE J 62 36.61 -23.96 -41.85
N SER J 63 37.58 -23.71 -40.99
CA SER J 63 37.30 -23.39 -39.59
C SER J 63 38.49 -22.63 -39.01
N GLY J 64 38.20 -21.62 -38.20
CA GLY J 64 39.24 -20.83 -37.58
C GLY J 64 39.09 -20.71 -36.08
N SER J 65 40.18 -20.41 -35.37
CA SER J 65 40.14 -20.26 -33.93
C SER J 65 41.22 -19.27 -33.51
N GLY J 66 40.96 -18.56 -32.42
CA GLY J 66 41.93 -17.61 -31.91
C GLY J 66 41.26 -16.66 -30.93
N SER J 67 42.06 -16.22 -29.95
CA SER J 67 41.59 -15.31 -28.92
C SER J 67 42.25 -13.94 -29.01
N GLY J 68 43.58 -13.88 -29.09
CA GLY J 68 44.28 -12.63 -29.21
C GLY J 68 45.74 -12.81 -29.54
N THR J 69 46.22 -12.09 -30.56
CA THR J 69 47.59 -12.16 -31.06
C THR J 69 47.99 -13.55 -31.52
N GLU J 70 47.04 -14.48 -31.64
CA GLU J 70 47.33 -15.84 -32.05
C GLU J 70 46.07 -16.41 -32.70
N PHE J 71 46.04 -16.45 -34.03
CA PHE J 71 44.89 -16.91 -34.77
C PHE J 71 45.33 -17.89 -35.83
N THR J 72 44.42 -18.80 -36.19
CA THR J 72 44.74 -19.85 -37.15
C THR J 72 43.52 -20.19 -37.98
N LEU J 73 43.76 -20.71 -39.18
CA LEU J 73 42.73 -21.21 -40.06
C LEU J 73 43.13 -22.58 -40.58
N THR J 74 42.20 -23.52 -40.55
CA THR J 74 42.50 -24.89 -40.93
C THR J 74 41.43 -25.40 -41.88
N ILE J 75 41.82 -26.35 -42.73
CA ILE J 75 40.93 -27.01 -43.68
C ILE J 75 41.01 -28.51 -43.43
N SER J 76 39.87 -29.12 -43.16
CA SER J 76 39.86 -30.56 -42.85
C SER J 76 40.27 -31.40 -44.04
N SER J 77 39.69 -31.12 -45.22
CA SER J 77 40.00 -31.85 -46.44
C SER J 77 40.30 -30.85 -47.55
N LEU J 78 41.46 -31.01 -48.18
CA LEU J 78 41.87 -30.10 -49.24
C LEU J 78 41.22 -30.49 -50.55
N GLN J 79 40.72 -29.50 -51.29
CA GLN J 79 40.04 -29.69 -52.56
C GLN J 79 40.80 -28.99 -53.68
N PRO J 80 40.64 -29.45 -54.92
CA PRO J 80 41.36 -28.80 -56.04
C PRO J 80 41.01 -27.33 -56.22
N ASP J 81 39.80 -26.92 -55.88
CA ASP J 81 39.39 -25.53 -56.00
C ASP J 81 39.77 -24.69 -54.80
N ASP J 82 40.39 -25.28 -53.78
CA ASP J 82 40.81 -24.57 -52.58
C ASP J 82 42.22 -24.00 -52.69
N PHE J 83 42.91 -24.22 -53.80
CA PHE J 83 44.27 -23.72 -53.98
C PHE J 83 44.19 -22.27 -54.46
N ALA J 84 44.42 -21.34 -53.55
CA ALA J 84 44.38 -19.91 -53.86
C ALA J 84 45.15 -19.16 -52.78
N THR J 85 45.04 -17.83 -52.79
CA THR J 85 45.69 -16.98 -51.81
C THR J 85 44.73 -16.64 -50.69
N TYR J 86 45.25 -16.60 -49.46
CA TYR J 86 44.45 -16.35 -48.27
C TYR J 86 45.02 -15.15 -47.52
N TYR J 87 44.16 -14.22 -47.15
CA TYR J 87 44.57 -12.96 -46.55
C TYR J 87 43.89 -12.78 -45.19
N CYS J 88 44.66 -12.26 -44.22
CA CYS J 88 44.10 -11.88 -42.94
C CYS J 88 43.59 -10.44 -42.97
N GLN J 89 42.79 -10.09 -41.97
CA GLN J 89 42.35 -8.72 -41.77
C GLN J 89 41.82 -8.58 -40.36
N GLN J 90 42.15 -7.46 -39.72
CA GLN J 90 41.65 -7.14 -38.39
C GLN J 90 40.98 -5.78 -38.44
N TYR J 91 39.82 -5.67 -37.78
CA TYR J 91 39.04 -4.44 -37.80
C TYR J 91 38.87 -3.88 -36.39
N ASN J 92 39.83 -4.16 -35.52
CA ASN J 92 39.91 -3.52 -34.20
C ASN J 92 40.90 -2.36 -34.31
N SER J 93 40.44 -1.17 -33.93
CA SER J 93 41.17 0.09 -34.11
C SER J 93 41.27 0.43 -35.59
N TYR J 94 41.32 1.71 -35.91
CA TYR J 94 41.29 2.14 -37.30
C TYR J 94 42.59 1.73 -38.02
N SER J 95 42.65 2.04 -39.32
CA SER J 95 43.73 1.61 -40.19
C SER J 95 43.81 0.08 -40.23
N HIS J 96 42.75 -0.51 -40.77
CA HIS J 96 42.63 -1.97 -40.84
C HIS J 96 43.61 -2.53 -41.86
N THR J 97 44.79 -2.93 -41.41
CA THR J 97 45.80 -3.47 -42.30
C THR J 97 45.49 -4.92 -42.67
N PHE J 98 45.92 -5.31 -43.86
CA PHE J 98 45.76 -6.67 -44.34
C PHE J 98 47.00 -7.48 -43.97
N GLY J 99 47.09 -8.71 -44.49
CA GLY J 99 48.24 -9.56 -44.28
C GLY J 99 49.07 -9.70 -45.55
N GLN J 100 50.21 -10.39 -45.41
CA GLN J 100 51.07 -10.64 -46.55
C GLN J 100 50.36 -11.51 -47.59
N GLY J 101 49.64 -12.53 -47.15
CA GLY J 101 48.93 -13.41 -48.05
C GLY J 101 49.64 -14.74 -48.25
N THR J 102 49.01 -15.82 -47.78
CA THR J 102 49.57 -17.15 -47.93
C THR J 102 49.07 -17.78 -49.23
N LYS J 103 50.01 -18.27 -50.03
CA LYS J 103 49.71 -18.89 -51.32
C LYS J 103 49.73 -20.41 -51.16
N LEU J 104 48.67 -21.05 -51.61
CA LEU J 104 48.53 -22.50 -51.51
C LEU J 104 48.77 -23.13 -52.87
N GLU J 105 49.61 -24.16 -52.92
CA GLU J 105 49.96 -24.81 -54.18
C GLU J 105 49.87 -26.32 -54.04
N ILE J 106 50.34 -27.05 -55.07
CA ILE J 106 50.30 -28.50 -55.09
C ILE J 106 51.72 -29.02 -55.16
N LYS J 107 51.97 -30.12 -54.45
CA LYS J 107 53.27 -30.78 -54.52
C LYS J 107 53.42 -31.50 -55.86
N ARG J 108 54.63 -31.47 -56.40
CA ARG J 108 54.91 -32.11 -57.68
C ARG J 108 56.08 -33.09 -57.56
N GLN K 1 21.98 -12.50 -54.92
CA GLN K 1 20.94 -11.56 -54.52
C GLN K 1 21.39 -10.12 -54.77
N VAL K 2 22.52 -9.74 -54.19
CA VAL K 2 23.07 -8.41 -54.33
C VAL K 2 24.36 -8.52 -55.15
N GLN K 3 24.46 -7.69 -56.20
CA GLN K 3 25.61 -7.69 -57.08
C GLN K 3 26.18 -6.28 -57.19
N LEU K 4 27.49 -6.21 -57.42
CA LEU K 4 28.21 -4.94 -57.51
C LEU K 4 28.75 -4.75 -58.92
N VAL K 5 28.58 -3.54 -59.44
CA VAL K 5 29.06 -3.17 -60.76
C VAL K 5 29.98 -1.96 -60.64
N GLN K 6 31.17 -2.05 -61.20
CA GLN K 6 32.14 -0.98 -61.17
C GLN K 6 32.38 -0.44 -62.58
N SER K 7 33.13 0.65 -62.65
CA SER K 7 33.40 1.32 -63.92
C SER K 7 34.56 0.61 -64.64
N GLY K 8 34.95 1.15 -65.80
CA GLY K 8 36.01 0.55 -66.59
C GLY K 8 37.39 1.02 -66.18
N ALA K 9 38.38 0.53 -66.92
CA ALA K 9 39.78 0.89 -66.66
C ALA K 9 40.03 2.34 -67.04
N GLU K 10 40.92 2.98 -66.27
CA GLU K 10 41.26 4.38 -66.46
C GLU K 10 42.76 4.54 -66.67
N VAL K 11 43.13 5.39 -67.62
CA VAL K 11 44.51 5.79 -67.85
C VAL K 11 44.58 7.30 -67.67
N LYS K 12 45.37 7.76 -66.71
CA LYS K 12 45.37 9.17 -66.34
C LYS K 12 46.80 9.66 -66.14
N LYS K 13 46.99 10.95 -66.38
CA LYS K 13 48.27 11.59 -66.15
C LYS K 13 48.53 11.72 -64.65
N PRO K 14 49.81 11.83 -64.25
CA PRO K 14 50.09 12.01 -62.82
C PRO K 14 49.44 13.24 -62.21
N GLY K 15 49.35 14.33 -62.95
CA GLY K 15 48.71 15.53 -62.45
C GLY K 15 47.23 15.61 -62.77
N SER K 16 46.44 14.73 -62.16
CA SER K 16 45.01 14.68 -62.43
C SER K 16 44.32 14.03 -61.24
N SER K 17 43.03 13.74 -61.39
CA SER K 17 42.24 13.09 -60.36
C SER K 17 41.40 11.99 -61.00
N VAL K 18 41.04 10.99 -60.20
CA VAL K 18 40.33 9.81 -60.67
C VAL K 18 39.06 9.63 -59.85
N LYS K 19 37.94 9.41 -60.53
CA LYS K 19 36.67 9.11 -59.91
C LYS K 19 36.21 7.72 -60.33
N VAL K 20 35.82 6.90 -59.36
CA VAL K 20 35.38 5.54 -59.60
C VAL K 20 33.96 5.39 -59.08
N SER K 21 33.08 4.87 -59.93
CA SER K 21 31.68 4.65 -59.57
C SER K 21 31.45 3.18 -59.25
N CYS K 22 30.51 2.92 -58.35
CA CYS K 22 30.18 1.58 -57.92
C CYS K 22 28.67 1.49 -57.71
N LYS K 23 28.02 0.58 -58.44
CA LYS K 23 26.57 0.42 -58.40
C LYS K 23 26.21 -0.85 -57.65
N ALA K 24 25.27 -0.73 -56.71
CA ALA K 24 24.78 -1.85 -55.92
C ALA K 24 23.29 -2.03 -56.17
N SER K 25 22.89 -3.26 -56.52
CA SER K 25 21.49 -3.58 -56.77
C SER K 25 21.09 -4.79 -55.96
N GLY K 26 19.97 -4.70 -55.27
CA GLY K 26 19.47 -5.79 -54.45
C GLY K 26 19.36 -5.39 -53.00
N GLY K 27 18.23 -5.69 -52.38
CA GLY K 27 17.99 -5.36 -50.99
C GLY K 27 17.72 -3.88 -50.79
N THR K 28 17.79 -3.46 -49.53
CA THR K 28 17.58 -2.09 -49.15
C THR K 28 18.91 -1.35 -49.04
N PHE K 29 18.96 -0.14 -49.58
CA PHE K 29 20.18 0.65 -49.62
C PHE K 29 20.49 1.36 -48.31
N SER K 30 19.51 1.45 -47.40
CA SER K 30 19.73 2.16 -46.14
C SER K 30 20.64 1.39 -45.20
N SER K 31 20.61 0.05 -45.24
CA SER K 31 21.41 -0.78 -44.35
C SER K 31 22.67 -1.30 -45.03
N TYR K 32 23.31 -0.50 -45.88
CA TYR K 32 24.50 -0.92 -46.60
C TYR K 32 25.69 -0.06 -46.21
N SER K 33 26.83 -0.71 -46.05
CA SER K 33 28.10 -0.04 -45.79
C SER K 33 29.02 -0.27 -46.98
N PHE K 34 29.79 0.75 -47.35
CA PHE K 34 30.68 0.69 -48.50
C PHE K 34 32.13 0.83 -48.05
N ILE K 35 32.97 -0.09 -48.52
CA ILE K 35 34.40 -0.10 -48.22
C ILE K 35 35.15 -0.28 -49.53
N TRP K 36 36.22 0.47 -49.71
CA TRP K 36 37.05 0.38 -50.90
C TRP K 36 38.38 -0.28 -50.53
N VAL K 37 38.88 -1.15 -51.41
CA VAL K 37 40.19 -1.79 -51.23
C VAL K 37 41.03 -1.56 -52.47
N ARG K 38 42.32 -1.27 -52.27
CA ARG K 38 43.29 -1.14 -53.35
C ARG K 38 44.23 -2.32 -53.32
N GLN K 39 44.52 -2.89 -54.48
CA GLN K 39 45.44 -4.00 -54.62
C GLN K 39 46.52 -3.63 -55.61
N ALA K 40 47.77 -3.67 -55.16
CA ALA K 40 48.89 -3.36 -56.04
C ALA K 40 49.04 -4.45 -57.10
N PRO K 41 49.61 -4.10 -58.26
CA PRO K 41 49.74 -5.11 -59.34
C PRO K 41 50.52 -6.35 -58.94
N GLY K 42 51.47 -6.23 -58.02
CA GLY K 42 52.26 -7.38 -57.62
C GLY K 42 52.28 -7.63 -56.13
N GLN K 43 51.51 -6.86 -55.37
CA GLN K 43 51.48 -6.94 -53.93
C GLN K 43 50.05 -7.22 -53.44
N GLY K 44 49.87 -7.23 -52.13
CA GLY K 44 48.61 -7.58 -51.52
C GLY K 44 47.63 -6.42 -51.46
N LEU K 45 46.54 -6.66 -50.73
CA LEU K 45 45.44 -5.71 -50.63
C LEU K 45 45.83 -4.56 -49.69
N GLU K 46 45.17 -3.42 -49.90
CA GLU K 46 45.42 -2.23 -49.10
C GLU K 46 44.11 -1.50 -48.83
N TRP K 47 43.79 -1.31 -47.55
CA TRP K 47 42.59 -0.58 -47.14
C TRP K 47 42.88 0.91 -47.01
N MET K 48 41.93 1.75 -47.41
CA MET K 48 42.04 3.18 -47.12
C MET K 48 40.88 3.70 -46.27
N GLY K 49 39.63 3.36 -46.59
CA GLY K 49 38.55 4.00 -45.86
C GLY K 49 37.28 3.18 -45.88
N ARG K 50 36.39 3.55 -44.97
CA ARG K 50 35.03 3.02 -44.84
C ARG K 50 34.07 4.18 -44.69
N ILE K 51 32.90 4.06 -45.32
CA ILE K 51 31.88 5.11 -45.29
C ILE K 51 30.55 4.51 -44.87
N ILE K 52 29.85 5.20 -43.96
CA ILE K 52 28.47 4.83 -43.63
C ILE K 52 27.57 5.93 -44.17
N PRO K 53 26.60 5.61 -45.03
CA PRO K 53 25.65 6.64 -45.49
C PRO K 53 24.54 6.89 -44.51
N ILE K 54 24.09 5.85 -43.80
CA ILE K 54 22.87 5.96 -43.00
C ILE K 54 23.10 6.80 -41.75
N LEU K 55 24.29 6.69 -41.14
CA LEU K 55 24.66 7.53 -40.01
C LEU K 55 25.55 8.70 -40.41
N GLY K 56 26.04 8.72 -41.64
CA GLY K 56 26.80 9.86 -42.14
C GLY K 56 28.13 10.12 -41.47
N ILE K 57 28.93 9.09 -41.25
CA ILE K 57 30.28 9.23 -40.74
C ILE K 57 31.26 8.70 -41.78
N ALA K 58 32.41 9.35 -41.88
CA ALA K 58 33.42 9.00 -42.87
C ALA K 58 34.79 8.87 -42.21
N ASN K 59 35.61 8.00 -42.78
CA ASN K 59 36.96 7.77 -42.26
C ASN K 59 37.85 7.29 -43.40
N TYR K 60 39.11 7.71 -43.37
CA TYR K 60 40.08 7.34 -44.39
C TYR K 60 41.41 6.98 -43.74
N ALA K 61 42.30 6.39 -44.53
CA ALA K 61 43.59 5.95 -44.02
C ALA K 61 44.48 7.13 -43.68
N GLN K 62 45.50 6.86 -42.87
CA GLN K 62 46.44 7.91 -42.47
C GLN K 62 47.21 8.46 -43.66
N LYS K 63 47.66 7.58 -44.55
CA LYS K 63 48.48 8.00 -45.68
C LYS K 63 47.65 8.44 -46.89
N PHE K 64 46.33 8.43 -46.78
CA PHE K 64 45.46 8.99 -47.82
C PHE K 64 44.59 10.12 -47.30
N GLN K 65 44.94 10.72 -46.16
CA GLN K 65 44.14 11.81 -45.63
C GLN K 65 44.27 13.05 -46.52
N GLY K 66 43.15 13.70 -46.76
CA GLY K 66 43.11 14.90 -47.58
C GLY K 66 43.21 14.66 -49.07
N ARG K 67 43.39 13.42 -49.51
CA ARG K 67 43.50 13.10 -50.93
C ARG K 67 42.37 12.22 -51.45
N VAL K 68 41.75 11.43 -50.59
CA VAL K 68 40.68 10.52 -51.00
C VAL K 68 39.38 10.98 -50.37
N THR K 69 38.27 10.77 -51.08
CA THR K 69 36.94 11.14 -50.61
C THR K 69 35.95 10.14 -51.16
N ILE K 70 35.14 9.56 -50.28
CA ILE K 70 34.14 8.57 -50.65
C ILE K 70 32.76 9.15 -50.34
N THR K 71 31.88 9.12 -51.33
CA THR K 71 30.52 9.67 -51.20
C THR K 71 29.51 8.62 -51.65
N ALA K 72 28.32 8.69 -51.04
CA ALA K 72 27.23 7.78 -51.35
C ALA K 72 26.01 8.59 -51.76
N ASP K 73 25.35 8.13 -52.82
CA ASP K 73 24.17 8.79 -53.37
C ASP K 73 22.96 7.90 -53.19
N LYS K 74 21.91 8.42 -52.56
CA LYS K 74 20.71 7.64 -52.31
C LYS K 74 19.84 7.49 -53.56
N SER K 75 19.82 8.51 -54.42
CA SER K 75 18.90 8.50 -55.55
C SER K 75 19.18 7.35 -56.51
N THR K 76 20.42 7.20 -56.94
CA THR K 76 20.80 6.15 -57.87
C THR K 76 21.52 4.99 -57.20
N THR K 77 21.66 5.01 -55.87
CA THR K 77 22.26 3.93 -55.11
C THR K 77 23.66 3.58 -55.63
N THR K 78 24.54 4.58 -55.62
CA THR K 78 25.91 4.44 -56.09
C THR K 78 26.87 5.01 -55.06
N ALA K 79 28.12 4.55 -55.15
CA ALA K 79 29.20 5.05 -54.31
C ALA K 79 30.30 5.60 -55.19
N TYR K 80 30.78 6.80 -54.86
CA TYR K 80 31.81 7.48 -55.63
C TYR K 80 33.06 7.65 -54.79
N MET K 81 34.22 7.40 -55.41
CA MET K 81 35.51 7.57 -54.76
C MET K 81 36.34 8.53 -55.59
N GLU K 82 36.81 9.61 -54.96
CA GLU K 82 37.62 10.62 -55.62
C GLU K 82 39.01 10.66 -55.01
N LEU K 83 40.04 10.56 -55.85
CA LEU K 83 41.42 10.60 -55.41
C LEU K 83 42.14 11.69 -56.19
N SER K 84 42.87 12.54 -55.48
CA SER K 84 43.60 13.64 -56.08
C SER K 84 45.10 13.47 -55.82
N SER K 85 45.89 14.24 -56.57
CA SER K 85 47.35 14.21 -56.49
C SER K 85 47.88 12.79 -56.75
N LEU K 86 47.54 12.28 -57.94
CA LEU K 86 47.97 10.95 -58.33
C LEU K 86 49.48 10.90 -58.53
N ARG K 87 50.04 9.71 -58.38
CA ARG K 87 51.47 9.49 -58.51
C ARG K 87 51.71 8.23 -59.32
N SER K 88 52.99 7.96 -59.61
CA SER K 88 53.34 6.82 -60.45
C SER K 88 52.95 5.50 -59.82
N GLU K 89 53.16 5.35 -58.51
CA GLU K 89 52.87 4.11 -57.82
C GLU K 89 51.38 3.91 -57.55
N ASP K 90 50.55 4.90 -57.83
CA ASP K 90 49.11 4.79 -57.62
C ASP K 90 48.44 3.81 -58.58
N THR K 91 49.14 3.36 -59.63
CA THR K 91 48.56 2.39 -60.54
C THR K 91 48.32 1.06 -59.83
N ALA K 92 47.06 0.69 -59.68
CA ALA K 92 46.67 -0.50 -58.94
C ALA K 92 45.22 -0.81 -59.25
N VAL K 93 44.70 -1.88 -58.64
CA VAL K 93 43.32 -2.30 -58.81
C VAL K 93 42.51 -1.82 -57.62
N TYR K 94 41.43 -1.10 -57.90
CA TYR K 94 40.56 -0.56 -56.86
C TYR K 94 39.29 -1.40 -56.79
N TYR K 95 38.94 -1.86 -55.59
CA TYR K 95 37.82 -2.75 -55.38
C TYR K 95 36.74 -2.02 -54.57
N CYS K 96 35.49 -2.21 -54.95
CA CYS K 96 34.35 -1.69 -54.21
C CYS K 96 33.67 -2.85 -53.47
N ALA K 97 33.49 -2.68 -52.17
CA ALA K 97 32.93 -3.73 -51.32
C ALA K 97 31.73 -3.18 -50.54
N ARG K 98 30.83 -4.09 -50.17
CA ARG K 98 29.60 -3.73 -49.48
C ARG K 98 29.41 -4.60 -48.26
N GLY K 99 28.84 -4.01 -47.21
CA GLY K 99 28.55 -4.74 -45.99
C GLY K 99 27.13 -4.51 -45.54
N THR K 100 26.62 -5.45 -44.75
CA THR K 100 25.24 -5.41 -44.28
C THR K 100 25.16 -4.89 -42.85
N GLU K 101 23.95 -4.50 -42.46
CA GLU K 101 23.72 -4.03 -41.09
C GLU K 101 23.83 -5.19 -40.10
N TYR K 102 23.22 -6.33 -40.43
CA TYR K 102 23.25 -7.48 -39.52
C TYR K 102 24.67 -7.98 -39.33
N GLY K 103 25.46 -8.03 -40.41
CA GLY K 103 26.87 -8.33 -40.29
C GLY K 103 27.66 -7.11 -39.85
N ASP K 104 28.96 -7.32 -39.66
CA ASP K 104 29.83 -6.23 -39.24
C ASP K 104 29.93 -5.18 -40.35
N TYR K 105 29.86 -3.91 -39.96
CA TYR K 105 30.01 -2.83 -40.93
C TYR K 105 31.44 -2.77 -41.45
N ASP K 106 32.42 -3.06 -40.60
CA ASP K 106 33.82 -2.96 -40.98
C ASP K 106 34.26 -4.10 -41.89
N VAL K 107 33.50 -5.19 -41.97
CA VAL K 107 33.86 -6.31 -42.82
C VAL K 107 33.15 -6.16 -44.15
N SER K 108 33.69 -6.81 -45.18
CA SER K 108 33.16 -6.73 -46.54
C SER K 108 32.48 -8.06 -46.88
N HIS K 109 31.21 -7.99 -47.25
CA HIS K 109 30.45 -9.19 -47.62
C HIS K 109 30.48 -9.45 -49.12
N ASP K 110 30.20 -8.43 -49.92
CA ASP K 110 30.17 -8.54 -51.37
C ASP K 110 31.26 -7.67 -51.99
N TRP K 111 31.78 -8.12 -53.13
CA TRP K 111 32.87 -7.44 -53.81
C TRP K 111 32.52 -7.23 -55.28
N GLY K 112 33.09 -6.16 -55.84
CA GLY K 112 32.92 -5.87 -57.26
C GLY K 112 34.03 -6.46 -58.10
N GLN K 113 33.92 -6.24 -59.42
CA GLN K 113 34.92 -6.76 -60.34
C GLN K 113 36.23 -5.97 -60.25
N GLY K 114 36.16 -4.72 -59.84
CA GLY K 114 37.36 -3.91 -59.70
C GLY K 114 37.70 -3.14 -60.95
N THR K 115 38.36 -2.00 -60.75
CA THR K 115 38.79 -1.12 -61.84
C THR K 115 40.30 -1.00 -61.81
N LEU K 116 40.93 -1.17 -62.97
CA LEU K 116 42.38 -1.03 -63.10
C LEU K 116 42.69 0.38 -63.58
N VAL K 117 43.23 1.20 -62.69
CA VAL K 117 43.62 2.57 -62.99
C VAL K 117 45.14 2.64 -63.06
N THR K 118 45.66 3.20 -64.16
CA THR K 118 47.09 3.26 -64.39
C THR K 118 47.52 4.72 -64.55
N VAL K 119 48.70 5.03 -64.04
CA VAL K 119 49.28 6.37 -64.12
C VAL K 119 50.56 6.29 -64.95
N SER K 120 50.63 7.08 -66.01
CA SER K 120 51.79 7.08 -66.89
C SER K 120 51.84 8.41 -67.63
N SER K 121 52.85 8.56 -68.49
CA SER K 121 53.02 9.78 -69.26
C SER K 121 52.50 9.60 -70.69
#